data_2KQL
#
_entry.id   2KQL
#
_entity_poly.entity_id   1
_entity_poly.type   'polypeptide(D)'
_entity_poly.pdbx_seq_one_letter_code
;G(DAS)(DCY)(DLE)(DPR)(DHI)(DLE)(DLY)(DLE)(DCY)(DLY)(DGL)(DSG)(DLY)(DAS)(DCY)
(DCY)(DSN)(DLY)(DLY)(DCY)(DLY)(DAR)(DAR)G(DTH)(DSG)(DIL)(DGL)(DLY)(DAR)(DCY)
(DAR)
;
_entity_poly.pdbx_strand_id   A
#
# COMPACT_ATOMS: atom_id res chain seq x y z
N GLY A 1 11.96 4.14 9.26
CA GLY A 1 12.17 3.85 7.86
C GLY A 1 11.36 2.67 7.44
N DAS A 2 11.68 2.11 6.29
CA DAS A 2 10.98 0.95 5.79
C DAS A 2 9.59 1.35 5.35
O DAS A 2 9.43 2.34 4.63
CB DAS A 2 11.74 0.31 4.62
CG DAS A 2 11.06 -0.92 4.07
OD1 DAS A 2 10.31 -0.82 3.09
OD2 DAS A 2 11.28 -2.04 4.61
H DAS A 2 12.41 2.50 5.77
HA DAS A 2 10.90 0.23 6.59
HB2 DAS A 2 11.82 1.04 3.82
HB3 DAS A 2 12.74 0.04 4.96
N DCY A 3 8.61 0.64 5.80
CA DCY A 3 7.26 0.95 5.45
C DCY A 3 6.75 -0.03 4.41
O DCY A 3 7.25 -1.16 4.33
CB DCY A 3 6.36 0.98 6.70
SG DCY A 3 6.31 -0.58 7.65
H DCY A 3 8.78 -0.14 6.36
HA DCY A 3 7.26 1.93 4.99
HB2 DCY A 3 6.70 1.76 7.36
HB3 DCY A 3 5.34 1.21 6.39
N DLE A 4 5.82 0.41 3.61
CA DLE A 4 5.23 -0.44 2.59
CB DLE A 4 4.52 0.42 1.54
CG DLE A 4 5.36 1.55 0.92
CD1 DLE A 4 6.57 0.99 0.19
CD2 DLE A 4 4.53 2.42 0.02
C DLE A 4 4.22 -1.39 3.27
O DLE A 4 3.21 -0.94 3.83
H DLE A 4 5.51 1.34 3.69
HA DLE A 4 6.02 -1.00 2.12
HB2 DLE A 4 4.21 -0.24 0.74
HB3 DLE A 4 3.63 0.86 1.97
HG DLE A 4 5.74 2.16 1.73
HD11 DLE A 4 6.24 0.33 -0.59
HD12 DLE A 4 7.20 0.46 0.88
HD13 DLE A 4 7.13 1.81 -0.25
HD21 DLE A 4 3.72 2.86 0.58
HD22 DLE A 4 4.11 1.82 -0.78
HD23 DLE A 4 5.14 3.20 -0.40
N DPR A 5 4.49 -2.70 3.29
CA DPR A 5 3.65 -3.66 4.00
CB DPR A 5 4.51 -4.94 4.04
CG DPR A 5 5.84 -4.55 3.49
CD DPR A 5 5.59 -3.38 2.61
C DPR A 5 2.34 -3.92 3.29
O DPR A 5 2.10 -3.44 2.19
HA DPR A 5 3.45 -3.34 5.01
HB2 DPR A 5 4.59 -5.29 5.05
HB3 DPR A 5 4.03 -5.70 3.43
HG2 DPR A 5 6.50 -4.29 4.29
HG3 DPR A 5 6.25 -5.37 2.91
HD2 DPR A 5 6.48 -2.77 2.54
HD3 DPR A 5 5.29 -3.71 1.63
N DHI A 6 1.50 -4.71 3.90
CA DHI A 6 0.23 -5.04 3.30
C DHI A 6 0.45 -6.06 2.19
O DHI A 6 1.30 -6.94 2.34
CB DHI A 6 -0.83 -5.50 4.34
CG DHI A 6 -0.61 -6.85 4.98
ND1 DHI A 6 -1.60 -7.79 5.08
CD2 DHI A 6 0.47 -7.41 5.56
CE1 DHI A 6 -1.14 -8.85 5.70
NE2 DHI A 6 0.12 -8.64 6.00
H DHI A 6 1.75 -5.08 4.78
HA DHI A 6 -0.13 -4.13 2.84
HB2 DHI A 6 -0.86 -4.79 5.14
HB3 DHI A 6 -1.79 -5.52 3.86
HD1 DHI A 6 -2.54 -7.68 4.78
HD2 DHI A 6 1.44 -6.94 5.67
HE1 DHI A 6 -1.71 -9.75 5.90
HE2 DHI A 6 0.58 -9.13 6.72
N DLE A 7 -0.28 -5.89 1.10
CA DLE A 7 -0.18 -6.69 -0.13
CB DLE A 7 -0.22 -8.24 0.11
CG DLE A 7 -1.58 -8.88 0.47
CD1 DLE A 7 -2.13 -8.40 1.80
CD2 DLE A 7 -2.59 -8.65 -0.63
C DLE A 7 1.05 -6.26 -0.94
O DLE A 7 1.52 -7.01 -1.80
H DLE A 7 -0.89 -5.12 1.10
HA DLE A 7 -1.04 -6.42 -0.71
HB2 DLE A 7 0.15 -8.71 -0.78
HB3 DLE A 7 0.47 -8.45 0.92
HG DLE A 7 -1.44 -9.95 0.57
HD11 DLE A 7 -2.28 -7.33 1.75
HD12 DLE A 7 -1.44 -8.63 2.59
HD13 DLE A 7 -3.08 -8.89 1.99
HD21 DLE A 7 -3.52 -9.14 -0.37
HD22 DLE A 7 -2.21 -9.07 -1.56
HD23 DLE A 7 -2.76 -7.60 -0.76
N DLY A 8 1.49 -5.05 -0.72
CA DLY A 8 2.67 -4.55 -1.42
C DLY A 8 2.31 -3.23 -2.12
O DLY A 8 1.24 -2.69 -1.87
CB DLY A 8 3.83 -4.34 -0.43
CG DLY A 8 5.23 -4.26 -1.05
CD DLY A 8 5.65 -5.61 -1.65
CE DLY A 8 7.08 -5.56 -2.17
NZ DLY A 8 7.51 -6.87 -2.70
H DLY A 8 1.02 -4.43 -0.11
HA DLY A 8 2.95 -5.28 -2.16
HB2 DLY A 8 3.65 -3.41 0.09
HB3 DLY A 8 3.81 -5.15 0.29
HG2 DLY A 8 5.24 -3.51 -1.82
HG3 DLY A 8 5.94 -4.00 -0.28
HD2 DLY A 8 5.58 -6.36 -0.88
HD3 DLY A 8 4.98 -5.85 -2.47
HE2 DLY A 8 7.13 -4.83 -2.97
HE3 DLY A 8 7.73 -5.26 -1.37
HZ1 DLY A 8 6.92 -7.18 -3.50
HZ2 DLY A 8 7.46 -7.60 -1.96
HZ3 DLY A 8 8.51 -6.84 -3.02
N DLE A 9 3.16 -2.76 -3.00
CA DLE A 9 2.99 -1.50 -3.73
CB DLE A 9 4.18 -1.27 -4.69
CG DLE A 9 5.63 -1.59 -4.18
CD1 DLE A 9 6.66 -1.38 -5.27
CD2 DLE A 9 6.01 -0.77 -2.96
C DLE A 9 2.73 -0.27 -2.84
O DLE A 9 3.22 -0.20 -1.71
H DLE A 9 3.97 -3.30 -3.20
HA DLE A 9 2.10 -1.64 -4.34
HB2 DLE A 9 4.02 -1.87 -5.59
HB3 DLE A 9 4.16 -0.24 -5.00
HG DLE A 9 5.67 -2.63 -3.91
HD11 DLE A 9 7.64 -1.61 -4.89
HD12 DLE A 9 6.64 -0.35 -5.59
HD13 DLE A 9 6.43 -2.03 -6.10
HD21 DLE A 9 5.33 -0.98 -2.15
HD22 DLE A 9 5.97 0.29 -3.19
HD23 DLE A 9 7.02 -1.02 -2.65
N DCY A 10 1.94 0.66 -3.34
CA DCY A 10 1.67 1.92 -2.66
C DCY A 10 2.56 3.01 -3.18
O DCY A 10 3.24 2.87 -4.23
CB DCY A 10 0.24 2.39 -2.87
SG DCY A 10 -0.94 2.02 -1.55
H DCY A 10 1.50 0.51 -4.20
HA DCY A 10 1.85 1.79 -1.60
HB2 DCY A 10 0.23 3.46 -2.99
HB3 DCY A 10 -0.13 1.95 -3.78
N DLY A 11 2.51 4.14 -2.50
CA DLY A 11 3.22 5.33 -2.86
C DLY A 11 2.62 6.46 -2.02
O DLY A 11 2.28 7.52 -2.53
CB DLY A 11 4.72 5.17 -2.56
CG DLY A 11 5.63 6.14 -3.29
CD DLY A 11 5.59 5.89 -4.79
CE DLY A 11 6.49 6.85 -5.55
NZ DLY A 11 6.48 6.56 -6.99
H DLY A 11 1.94 4.17 -1.70
HA DLY A 11 3.06 5.52 -3.91
HB2 DLY A 11 4.88 5.28 -1.50
HB3 DLY A 11 5.00 4.16 -2.84
HG2 DLY A 11 5.28 7.15 -3.10
HG3 DLY A 11 6.63 6.03 -2.94
HD2 DLY A 11 5.93 4.88 -4.98
HD3 DLY A 11 4.58 6.00 -5.16
HE2 DLY A 11 6.15 7.86 -5.37
HE3 DLY A 11 7.50 6.74 -5.17
HZ1 DLY A 11 5.50 6.62 -7.37
HZ2 DLY A 11 6.86 5.62 -7.21
HZ3 DLY A 11 7.05 7.26 -7.51
N DGL A 12 2.48 6.18 -0.74
CA DGL A 12 1.88 7.06 0.23
C DGL A 12 1.30 6.17 1.32
O DGL A 12 1.97 5.23 1.74
CB DGL A 12 2.96 7.98 0.82
CG DGL A 12 2.49 8.93 1.92
CD DGL A 12 1.52 9.99 1.45
OE1 DGL A 12 1.93 11.14 1.27
OE2 DGL A 12 0.34 9.67 1.26
H DGL A 12 2.81 5.32 -0.39
HA DGL A 12 1.10 7.64 -0.23
HB2 DGL A 12 3.76 7.37 1.22
HB3 DGL A 12 3.37 8.58 0.02
HG2 DGL A 12 1.99 8.34 2.68
HG3 DGL A 12 3.35 9.41 2.36
N DSG A 13 0.08 6.43 1.77
CA DSG A 13 -0.56 5.58 2.78
C DSG A 13 0.18 5.67 4.09
O DSG A 13 0.31 4.70 4.81
CB DSG A 13 -2.07 5.86 2.97
CG DSG A 13 -2.41 7.19 3.64
OD1 DSG A 13 -1.71 8.20 3.47
ND2 DSG A 13 -3.48 7.19 4.38
H DSG A 13 -0.41 7.21 1.43
HA DSG A 13 -0.45 4.56 2.43
HB2 DSG A 13 -2.54 5.86 2.00
HB3 DSG A 13 -2.49 5.07 3.56
HD21 DSG A 13 -3.98 6.34 4.47
HD22 DSG A 13 -3.76 8.03 4.82
N DLY A 14 0.70 6.86 4.38
CA DLY A 14 1.51 7.11 5.56
C DLY A 14 2.75 6.23 5.54
O DLY A 14 3.24 5.79 6.57
CB DLY A 14 1.99 8.57 5.53
CG DLY A 14 0.87 9.60 5.49
CD DLY A 14 1.43 10.98 5.13
CE DLY A 14 2.46 11.46 6.12
NZ DLY A 14 3.08 12.73 5.71
H DLY A 14 0.48 7.59 3.77
HA DLY A 14 0.93 6.94 6.45
HB2 DLY A 14 2.56 8.74 6.43
HB3 DLY A 14 2.62 8.70 4.67
HG2 DLY A 14 0.15 9.31 4.74
HG3 DLY A 14 0.41 9.65 6.46
HD2 DLY A 14 1.88 10.93 4.16
HD3 DLY A 14 0.61 11.68 5.11
HE2 DLY A 14 1.98 11.59 7.08
HE3 DLY A 14 3.23 10.70 6.21
HZ1 DLY A 14 3.60 12.63 4.82
HZ2 DLY A 14 3.76 13.04 6.43
HZ3 DLY A 14 2.36 13.46 5.61
N DAS A 15 3.22 5.95 4.34
CA DAS A 15 4.42 5.18 4.16
C DAS A 15 4.11 3.70 4.29
O DAS A 15 4.95 2.89 4.64
CB DAS A 15 5.06 5.48 2.81
CG DAS A 15 6.52 5.11 2.77
OD1 DAS A 15 6.88 4.07 2.25
OD2 DAS A 15 7.35 5.90 3.30
H DAS A 15 2.73 6.26 3.55
HA DAS A 15 5.11 5.45 4.95
HB2 DAS A 15 4.55 4.93 2.04
HB3 DAS A 15 4.97 6.55 2.62
N DCY A 16 2.85 3.35 4.03
CA DCY A 16 2.37 1.99 4.22
C DCY A 16 2.34 1.71 5.73
O DCY A 16 1.96 2.57 6.52
CB DCY A 16 0.95 1.82 3.66
SG DCY A 16 0.67 2.40 1.94
H DCY A 16 2.22 4.03 3.71
HA DCY A 16 3.06 1.30 3.74
HB2 DCY A 16 0.70 0.77 3.70
HB3 DCY A 16 0.26 2.35 4.30
N DCY A 17 2.74 0.51 6.10
CA DCY A 17 2.78 0.11 7.52
C DCY A 17 1.38 0.17 8.13
O DCY A 17 1.20 0.63 9.26
CB DCY A 17 3.32 -1.33 7.66
SG DCY A 17 4.86 -1.68 6.75
H DCY A 17 3.03 -0.13 5.42
HA DCY A 17 3.44 0.79 8.05
HB2 DCY A 17 3.50 -1.53 8.70
HB3 DCY A 17 2.56 -2.01 7.31
N DSN A 18 0.40 -0.23 7.35
CA DSN A 18 -0.97 -0.29 7.79
C DSN A 18 -1.72 1.02 7.53
O DSN A 18 -2.82 1.22 8.02
CB DSN A 18 -1.62 -1.42 7.03
OG DSN A 18 -1.38 -1.27 5.63
H DSN A 18 0.56 -0.52 6.43
HA DSN A 18 -0.98 -0.52 8.85
HB2 DSN A 18 -1.21 -2.37 7.36
HB3 DSN A 18 -2.68 -1.41 7.20
HG DSN A 18 -1.94 -1.93 5.17
N DLY A 19 -1.11 1.91 6.73
CA DLY A 19 -1.71 3.19 6.29
C DLY A 19 -2.96 3.00 5.43
O DLY A 19 -3.67 3.96 5.14
CB DLY A 19 -1.97 4.16 7.46
CG DLY A 19 -0.70 4.65 8.16
CD DLY A 19 -1.03 5.61 9.28
CE DLY A 19 0.21 6.01 10.07
NZ DLY A 19 0.82 4.86 10.75
H DLY A 19 -0.19 1.70 6.45
HA DLY A 19 -0.97 3.65 5.65
HB2 DLY A 19 -2.50 5.02 7.08
HB3 DLY A 19 -2.58 3.66 8.19
HG2 DLY A 19 -0.16 3.80 8.55
HG3 DLY A 19 -0.09 5.15 7.43
HD2 DLY A 19 -1.48 6.50 8.86
HD3 DLY A 19 -1.74 5.14 9.94
HE2 DLY A 19 0.93 6.44 9.39
HE3 DLY A 19 -0.07 6.75 10.80
HZ1 DLY A 19 1.14 4.14 10.07
HZ2 DLY A 19 0.15 4.40 11.39
HZ3 DLY A 19 1.64 5.14 11.32
N DLY A 20 -3.20 1.78 5.00
CA DLY A 20 -4.33 1.48 4.16
C DLY A 20 -3.87 1.30 2.73
O DLY A 20 -3.45 0.23 2.33
CB DLY A 20 -5.06 0.21 4.64
CG DLY A 20 -5.70 0.33 6.02
CD DLY A 20 -6.30 -0.99 6.49
CE DLY A 20 -5.23 -2.03 6.78
NZ DLY A 20 -5.79 -3.35 7.16
H DLY A 20 -2.58 1.07 5.23
HA DLY A 20 -5.01 2.32 4.20
HB2 DLY A 20 -5.83 -0.03 3.93
HB3 DLY A 20 -4.34 -0.59 4.67
HG2 DLY A 20 -4.94 0.63 6.74
HG3 DLY A 20 -6.47 1.08 5.98
HD2 DLY A 20 -6.86 -0.82 7.39
HD3 DLY A 20 -6.96 -1.37 5.72
HE2 DLY A 20 -4.61 -2.17 5.90
HE3 DLY A 20 -4.63 -1.66 7.59
HZ1 DLY A 20 -6.33 -3.75 6.37
HZ2 DLY A 20 -6.41 -3.26 7.98
HZ3 DLY A 20 -5.02 -4.00 7.40
N DCY A 21 -3.90 2.37 1.99
CA DCY A 21 -3.46 2.36 0.62
C DCY A 21 -4.68 2.22 -0.28
O DCY A 21 -5.51 3.14 -0.38
CB DCY A 21 -2.69 3.64 0.33
SG DCY A 21 -1.93 3.77 -1.31
H DCY A 21 -4.23 3.21 2.37
HA DCY A 21 -2.82 1.51 0.47
HB2 DCY A 21 -3.36 4.48 0.43
HB3 DCY A 21 -1.91 3.74 1.07
N DLY A 22 -4.83 1.08 -0.90
CA DLY A 22 -5.99 0.79 -1.72
C DLY A 22 -5.52 0.38 -3.10
O DLY A 22 -4.41 0.66 -3.47
CB DLY A 22 -6.83 -0.32 -1.09
CG DLY A 22 -7.44 0.07 0.25
CD DLY A 22 -8.30 -1.05 0.78
CE DLY A 22 -9.01 -0.65 2.05
NZ DLY A 22 -9.86 -1.76 2.56
H DLY A 22 -4.12 0.40 -0.83
HA DLY A 22 -6.58 1.68 -1.81
HB2 DLY A 22 -7.63 -0.59 -1.77
HB3 DLY A 22 -6.20 -1.18 -0.93
HG2 DLY A 22 -6.66 0.28 0.95
HG3 DLY A 22 -8.06 0.95 0.11
HD2 DLY A 22 -9.03 -1.33 0.03
HD3 DLY A 22 -7.65 -1.89 0.99
HE2 DLY A 22 -8.28 -0.41 2.80
HE3 DLY A 22 -9.63 0.21 1.85
HZ1 DLY A 22 -9.30 -2.61 2.74
HZ2 DLY A 22 -10.61 -2.00 1.89
HZ3 DLY A 22 -10.31 -1.47 3.46
N DAR A 23 -6.38 -0.23 -3.89
CA DAR A 23 -6.01 -0.72 -5.20
CB DAR A 23 -6.07 0.39 -6.27
CG DAR A 23 -7.41 1.10 -6.39
CD DAR A 23 -7.38 2.08 -7.55
NE DAR A 23 -6.94 1.43 -8.80
CZ DAR A 23 -7.50 1.55 -10.00
NH1 DAR A 23 -8.57 2.31 -10.18
NH2 DAR A 23 -6.96 0.90 -11.02
C DAR A 23 -6.95 -1.83 -5.61
O DAR A 23 -7.85 -2.19 -4.86
H DAR A 23 -7.31 -0.39 -3.60
HA DAR A 23 -5.00 -1.11 -5.15
HB2 DAR A 23 -5.30 1.12 -6.13
HB3 DAR A 23 -5.90 -0.10 -7.21
HG2 DAR A 23 -8.18 0.36 -6.55
HG3 DAR A 23 -7.61 1.63 -5.47
HD2 DAR A 23 -8.38 2.48 -7.69
HD3 DAR A 23 -6.71 2.89 -7.31
HE DAR A 23 -6.14 0.85 -8.71
HH11 DAR A 23 -9.00 2.82 -9.43
HH12 DAR A 23 -9.01 2.43 -11.07
HH21 DAR A 23 -6.15 0.32 -10.89
HH22 DAR A 23 -7.33 0.93 -11.96
N DAR A 24 -6.68 -2.36 -6.80
CA DAR A 24 -7.57 -3.28 -7.50
CB DAR A 24 -8.93 -2.64 -7.71
CG DAR A 24 -8.89 -1.46 -8.64
CD DAR A 24 -10.22 -0.76 -8.72
NE DAR A 24 -11.29 -1.64 -9.20
CZ DAR A 24 -12.57 -1.28 -9.32
NH1 DAR A 24 -12.96 -0.04 -9.02
NH2 DAR A 24 -13.46 -2.17 -9.75
C DAR A 24 -7.66 -4.66 -6.87
O DAR A 24 -7.11 -4.93 -5.81
H DAR A 24 -5.82 -2.15 -7.22
HA DAR A 24 -7.13 -3.42 -8.47
HB2 DAR A 24 -9.60 -3.39 -8.11
HB3 DAR A 24 -9.31 -2.31 -6.76
HG2 DAR A 24 -8.14 -0.77 -8.30
HG3 DAR A 24 -8.62 -1.81 -9.63
HD2 DAR A 24 -10.45 -0.40 -7.73
HD3 DAR A 24 -10.11 0.08 -9.39
HE DAR A 24 -11.01 -2.55 -9.43
HH11 DAR A 24 -12.31 0.65 -8.69
HH12 DAR A 24 -13.91 0.24 -9.09
HH21 DAR A 24 -13.23 -3.11 -9.99
HH22 DAR A 24 -14.42 -1.93 -9.87
N GLY A 25 -8.32 -5.53 -7.58
CA GLY A 25 -8.45 -6.89 -7.16
C GLY A 25 -7.74 -7.78 -8.12
N DTH A 26 -6.63 -8.34 -7.70
CA DTH A 26 -5.85 -9.20 -8.57
CB DTH A 26 -5.14 -10.29 -7.73
CG2 DTH A 26 -3.92 -9.76 -7.01
OG1 DTH A 26 -6.07 -10.83 -6.76
C DTH A 26 -4.81 -8.34 -9.34
O DTH A 26 -4.23 -8.78 -10.34
H DTH A 26 -6.34 -8.21 -6.78
HA DTH A 26 -6.51 -9.67 -9.28
HB DTH A 26 -4.86 -11.10 -8.40
HG21 DTH A 26 -4.20 -8.96 -6.36
HG22 DTH A 26 -3.20 -9.40 -7.74
HG23 DTH A 26 -3.46 -10.56 -6.43
HG1 DTH A 26 -5.56 -11.18 -6.03
N DSG A 27 -4.62 -7.12 -8.89
CA DSG A 27 -3.69 -6.18 -9.49
C DSG A 27 -4.38 -4.84 -9.47
O DSG A 27 -4.96 -4.47 -8.46
CB DSG A 27 -2.37 -6.12 -8.67
CG DSG A 27 -1.27 -5.26 -9.30
OD1 DSG A 27 -1.53 -4.30 -10.03
ND2 DSG A 27 -0.04 -5.59 -9.01
H DSG A 27 -5.16 -6.80 -8.13
HA DSG A 27 -3.50 -6.48 -10.50
HB2 DSG A 27 -2.60 -5.72 -7.69
HB3 DSG A 27 -2.00 -7.13 -8.56
HD21 DSG A 27 0.15 -6.35 -8.42
HD22 DSG A 27 0.69 -5.05 -9.40
N DIL A 28 -4.32 -4.13 -10.56
CA DIL A 28 -5.05 -2.87 -10.72
C DIL A 28 -4.37 -1.72 -10.01
O DIL A 28 -5.02 -0.70 -9.72
CB DIL A 28 -5.25 -2.48 -12.23
CG1 DIL A 28 -6.12 -3.50 -13.03
CG2 DIL A 28 -3.90 -2.26 -12.92
CD1 DIL A 28 -5.50 -4.87 -13.29
H DIL A 28 -3.76 -4.45 -11.29
HA DIL A 28 -6.03 -2.97 -10.27
HB DIL A 28 -5.75 -1.52 -12.23
HG12 DIL A 28 -7.04 -3.66 -12.50
HG13 DIL A 28 -6.35 -3.07 -13.99
HG21 DIL A 28 -3.35 -1.50 -12.40
HG22 DIL A 28 -4.07 -1.96 -13.94
HG23 DIL A 28 -3.35 -3.19 -12.91
HD11 DIL A 28 -4.57 -4.75 -13.83
HD12 DIL A 28 -6.18 -5.47 -13.87
HD13 DIL A 28 -5.30 -5.35 -12.34
N DGL A 29 -3.11 -1.86 -9.72
CA DGL A 29 -2.33 -0.80 -9.15
C DGL A 29 -2.65 -0.53 -7.69
O DGL A 29 -3.31 -1.34 -7.01
CB DGL A 29 -0.84 -1.02 -9.36
CG DGL A 29 -0.45 -0.98 -10.82
CD DGL A 29 1.03 -1.12 -11.04
OE1 DGL A 29 1.76 -0.12 -10.91
OE2 DGL A 29 1.49 -2.22 -11.39
H DGL A 29 -2.67 -2.74 -9.87
HA DGL A 29 -2.61 0.09 -9.69
HB2 DGL A 29 -0.29 -0.25 -8.84
HB3 DGL A 29 -0.57 -1.99 -8.97
HG2 DGL A 29 -0.94 -1.79 -11.34
HG3 DGL A 29 -0.77 -0.04 -11.25
N DLY A 30 -2.21 0.62 -7.24
CA DLY A 30 -2.40 1.08 -5.89
C DLY A 30 -1.45 0.28 -5.00
O DLY A 30 -0.23 0.28 -5.21
CB DLY A 30 -2.05 2.59 -5.86
CG DLY A 30 -2.54 3.39 -4.65
CD DLY A 30 -4.04 3.73 -4.70
CE DLY A 30 -4.41 4.61 -3.52
NZ DLY A 30 -5.82 5.09 -3.54
H DLY A 30 -1.66 1.18 -7.84
HA DLY A 30 -3.42 0.92 -5.59
HB2 DLY A 30 -0.98 2.68 -5.89
HB3 DLY A 30 -2.45 3.05 -6.75
HG2 DLY A 30 -2.36 2.81 -3.77
HG3 DLY A 30 -1.97 4.31 -4.60
HD2 DLY A 30 -4.26 4.25 -5.63
HD3 DLY A 30 -4.61 2.81 -4.67
HE2 DLY A 30 -4.26 4.05 -2.60
HE3 DLY A 30 -3.75 5.47 -3.52
HZ1 DLY A 30 -6.50 4.32 -3.62
HZ2 DLY A 30 -5.98 5.77 -4.31
HZ3 DLY A 30 -6.02 5.60 -2.66
N DAR A 31 -2.00 -0.41 -4.04
CA DAR A 31 -1.26 -1.30 -3.17
CB DAR A 31 -1.50 -2.76 -3.60
CG DAR A 31 -1.11 -3.06 -5.03
CD DAR A 31 -1.44 -4.48 -5.42
NE DAR A 31 -0.67 -5.48 -4.68
CZ DAR A 31 -0.98 -6.77 -4.59
NH1 DAR A 31 -2.13 -7.22 -5.08
NH2 DAR A 31 -0.17 -7.61 -3.97
C DAR A 31 -1.68 -1.11 -1.74
O DAR A 31 -2.89 -0.96 -1.46
H DAR A 31 -2.95 -0.30 -3.86
HA DAR A 31 -0.20 -1.08 -3.27
HB2 DAR A 31 -0.94 -3.41 -2.95
HB3 DAR A 31 -2.55 -2.97 -3.48
HG2 DAR A 31 -1.64 -2.39 -5.69
HG3 DAR A 31 -0.04 -2.90 -5.13
HD2 DAR A 31 -2.49 -4.66 -5.25
HD3 DAR A 31 -1.25 -4.59 -6.48
HE DAR A 31 0.17 -5.14 -4.28
HH11 DAR A 31 -2.80 -6.64 -5.54
HH12 DAR A 31 -2.37 -8.20 -5.02
HH21 DAR A 31 0.70 -7.31 -3.54
HH22 DAR A 31 -0.37 -8.59 -3.91
N DCY A 32 -0.73 -1.10 -0.85
CA DCY A 32 -0.99 -0.96 0.57
C DCY A 32 -1.47 -2.30 1.06
O DCY A 32 -0.84 -3.31 0.79
CB DCY A 32 0.29 -0.61 1.33
SG DCY A 32 1.20 0.85 0.73
H DCY A 32 0.20 -1.22 -1.13
HA DCY A 32 -1.74 -0.21 0.72
HB2 DCY A 32 0.02 -0.43 2.36
HB3 DCY A 32 0.96 -1.46 1.29
N DAR A 33 -2.62 -2.32 1.71
CA DAR A 33 -3.17 -3.53 2.25
CB DAR A 33 -4.21 -4.18 1.30
CG DAR A 33 -3.65 -4.62 -0.04
CD DAR A 33 -4.66 -5.37 -0.87
NE DAR A 33 -5.87 -4.59 -1.12
CZ DAR A 33 -6.48 -4.45 -2.31
NH1 DAR A 33 -5.99 -5.04 -3.38
NH2 DAR A 33 -7.60 -3.75 -2.40
C DAR A 33 -3.78 -3.23 3.61
O DAR A 33 -3.01 -3.07 4.58
OXT DAR A 33 -5.01 -3.18 3.73
H DAR A 33 -3.09 -1.48 1.87
HA DAR A 33 -2.34 -4.22 2.39
HB2 DAR A 33 -4.64 -5.04 1.80
HB3 DAR A 33 -4.99 -3.46 1.13
HG2 DAR A 33 -3.33 -3.75 -0.59
HG3 DAR A 33 -2.79 -5.26 0.14
HD2 DAR A 33 -4.21 -5.64 -1.81
HD3 DAR A 33 -4.93 -6.27 -0.34
HE DAR A 33 -6.26 -4.17 -0.32
HH11 DAR A 33 -5.17 -5.63 -3.37
HH12 DAR A 33 -6.43 -4.96 -4.28
HH21 DAR A 33 -8.01 -3.34 -1.58
HH22 DAR A 33 -8.06 -3.60 -3.27
N GLY A 1 13.21 5.07 2.86
CA GLY A 1 13.25 5.52 4.26
C GLY A 1 12.42 4.66 5.17
N DAS A 2 11.34 4.09 4.65
CA DAS A 2 10.45 3.24 5.43
C DAS A 2 9.10 3.19 4.78
O DAS A 2 8.95 3.60 3.63
CB DAS A 2 11.03 1.81 5.66
CG DAS A 2 11.17 0.97 4.40
OD1 DAS A 2 11.94 1.34 3.48
OD2 DAS A 2 10.57 -0.13 4.32
H DAS A 2 11.07 4.23 3.71
HA DAS A 2 10.35 3.73 6.40
HB2 DAS A 2 12.01 1.89 6.09
HB3 DAS A 2 10.38 1.28 6.35
N DCY A 3 8.13 2.74 5.51
CA DCY A 3 6.78 2.65 5.00
C DCY A 3 6.55 1.34 4.29
O DCY A 3 7.24 0.35 4.56
CB DCY A 3 5.77 2.85 6.13
SG DCY A 3 5.97 1.71 7.55
H DCY A 3 8.29 2.42 6.41
HA DCY A 3 6.65 3.45 4.28
HB2 DCY A 3 5.86 3.86 6.53
HB3 DCY A 3 4.77 2.72 5.74
N DLE A 4 5.63 1.34 3.37
CA DLE A 4 5.30 0.14 2.65
CB DLE A 4 4.74 0.42 1.24
CG DLE A 4 5.75 0.87 0.15
CD1 DLE A 4 6.45 2.18 0.50
CD2 DLE A 4 6.79 -0.21 -0.10
C DLE A 4 4.38 -0.73 3.49
O DLE A 4 3.42 -0.22 4.11
H DLE A 4 5.14 2.16 3.15
HA DLE A 4 6.25 -0.38 2.55
HB2 DLE A 4 4.25 -0.48 0.89
HB3 DLE A 4 3.99 1.19 1.34
HG DLE A 4 5.22 1.03 -0.77
HD11 DLE A 4 6.97 2.07 1.44
HD12 DLE A 4 5.70 2.97 0.59
HD13 DLE A 4 7.14 2.44 -0.28
HD21 DLE A 4 7.45 0.11 -0.89
HD22 DLE A 4 6.29 -1.12 -0.39
HD23 DLE A 4 7.36 -0.39 0.80
N DPR A 5 4.62 -2.04 3.55
CA DPR A 5 3.93 -2.93 4.46
CB DPR A 5 4.97 -4.06 4.67
CG DPR A 5 6.09 -3.80 3.68
CD DPR A 5 5.54 -2.80 2.71
C DPR A 5 2.63 -3.50 3.87
O DPR A 5 2.18 -3.08 2.80
HA DPR A 5 3.72 -2.46 5.40
HB2 DPR A 5 5.33 -4.04 5.69
HB3 DPR A 5 4.49 -5.01 4.47
HG2 DPR A 5 6.94 -3.39 4.18
HG3 DPR A 5 6.35 -4.71 3.16
HD2 DPR A 5 6.32 -2.21 2.24
HD3 DPR A 5 4.99 -3.32 1.94
N DHI A 6 2.06 -4.45 4.58
CA DHI A 6 0.83 -5.10 4.17
C DHI A 6 1.08 -5.90 2.91
O DHI A 6 2.03 -6.71 2.86
CB DHI A 6 0.33 -6.04 5.28
CG DHI A 6 -0.90 -6.83 4.94
ND1 DHI A 6 -0.85 -8.05 4.27
CD2 DHI A 6 -2.19 -6.61 5.21
CE1 DHI A 6 -2.07 -8.51 4.14
NE2 DHI A 6 -2.90 -7.66 4.69
H DHI A 6 2.49 -4.73 5.41
HA DHI A 6 0.08 -4.35 3.97
HB2 DHI A 6 1.11 -6.75 5.51
HB3 DHI A 6 0.11 -5.45 6.17
HD1 DHI A 6 -0.06 -8.52 3.93
HD2 DHI A 6 -2.60 -5.76 5.72
HE1 DHI A 6 -2.34 -9.44 3.65
HE2 DHI A 6 -3.88 -7.77 4.73
N DLE A 7 0.23 -5.70 1.91
CA DLE A 7 0.29 -6.41 0.65
CB DLE A 7 0.10 -7.94 0.83
CG DLE A 7 0.11 -8.80 -0.44
CD1 DLE A 7 -0.06 -10.27 -0.08
CD2 DLE A 7 -0.97 -8.35 -1.41
C DLE A 7 1.57 -6.04 -0.08
O DLE A 7 2.54 -6.80 -0.11
H DLE A 7 -0.44 -5.00 1.97
HA DLE A 7 -0.53 -6.03 0.06
HB2 DLE A 7 0.90 -8.30 1.47
HB3 DLE A 7 -0.83 -8.10 1.34
HG DLE A 7 1.08 -8.68 -0.90
HD11 DLE A 7 -0.05 -10.86 -0.98
HD12 DLE A 7 -1.01 -10.41 0.43
HD13 DLE A 7 0.74 -10.58 0.57
HD21 DLE A 7 -1.94 -8.41 -0.94
HD22 DLE A 7 -0.95 -8.98 -2.29
HD23 DLE A 7 -0.79 -7.33 -1.71
N DLY A 8 1.61 -4.83 -0.57
CA DLY A 8 2.77 -4.32 -1.26
C DLY A 8 2.31 -3.13 -2.06
O DLY A 8 1.20 -2.70 -1.87
CB DLY A 8 3.85 -3.89 -0.25
CG DLY A 8 5.25 -3.73 -0.81
CD DLY A 8 5.76 -5.05 -1.34
CE DLY A 8 7.18 -4.95 -1.85
NZ DLY A 8 7.66 -6.25 -2.37
H DLY A 8 0.83 -4.25 -0.46
HA DLY A 8 3.15 -5.08 -1.93
HB2 DLY A 8 3.55 -2.94 0.16
HB3 DLY A 8 3.88 -4.63 0.54
HG2 DLY A 8 5.23 -3.00 -1.62
HG3 DLY A 8 5.91 -3.38 -0.03
HD2 DLY A 8 5.72 -5.77 -0.55
HD3 DLY A 8 5.12 -5.36 -2.15
HE2 DLY A 8 7.22 -4.22 -2.65
HE3 DLY A 8 7.82 -4.63 -1.04
HZ1 DLY A 8 7.06 -6.57 -3.16
HZ2 DLY A 8 7.65 -6.96 -1.62
HZ3 DLY A 8 8.64 -6.15 -2.72
N DLE A 9 3.12 -2.62 -2.93
CA DLE A 9 2.78 -1.42 -3.69
CB DLE A 9 3.71 -1.21 -4.95
CG DLE A 9 5.28 -1.30 -4.81
CD1 DLE A 9 5.87 -0.48 -3.68
CD2 DLE A 9 5.80 -2.75 -4.80
C DLE A 9 2.76 -0.17 -2.78
O DLE A 9 3.33 -0.21 -1.69
H DLE A 9 3.98 -3.04 -3.06
HA DLE A 9 1.77 -1.56 -4.04
HB2 DLE A 9 3.41 -1.94 -5.68
HB3 DLE A 9 3.47 -0.24 -5.35
HG DLE A 9 5.67 -0.83 -5.71
HD11 DLE A 9 5.48 -0.85 -2.73
HD12 DLE A 9 5.59 0.56 -3.79
HD13 DLE A 9 6.94 -0.59 -3.67
HD21 DLE A 9 5.39 -3.29 -5.64
HD22 DLE A 9 5.58 -3.25 -3.87
HD23 DLE A 9 6.87 -2.71 -4.91
N DCY A 10 2.12 0.88 -3.21
CA DCY A 10 2.08 2.10 -2.47
C DCY A 10 2.00 3.26 -3.38
O DCY A 10 1.49 3.15 -4.51
CB DCY A 10 0.94 2.16 -1.46
SG DCY A 10 -0.74 1.77 -2.10
H DCY A 10 1.65 0.89 -4.07
HA DCY A 10 3.02 2.17 -1.93
HB2 DCY A 10 1.13 1.44 -0.67
HB3 DCY A 10 0.90 3.14 -1.02
N DLY A 11 2.55 4.34 -2.95
CA DLY A 11 2.45 5.54 -3.68
C DLY A 11 1.33 6.39 -3.07
O DLY A 11 0.65 7.14 -3.78
CB DLY A 11 3.83 6.22 -3.70
CG DLY A 11 3.94 7.56 -4.45
CD DLY A 11 3.49 8.75 -3.60
CE DLY A 11 3.51 10.05 -4.38
NZ DLY A 11 2.53 10.06 -5.48
H DLY A 11 3.08 4.32 -2.13
HA DLY A 11 2.16 5.28 -4.69
HB2 DLY A 11 4.15 6.36 -2.69
HB3 DLY A 11 4.49 5.51 -4.17
HG2 DLY A 11 4.97 7.72 -4.75
HG3 DLY A 11 3.32 7.52 -5.34
HD2 DLY A 11 2.48 8.55 -3.26
HD3 DLY A 11 4.13 8.83 -2.74
HE2 DLY A 11 3.29 10.86 -3.70
HE3 DLY A 11 4.50 10.19 -4.77
HZ1 DLY A 11 1.57 9.86 -5.15
HZ2 DLY A 11 2.78 9.38 -6.23
HZ3 DLY A 11 2.51 11.00 -5.91
N DGL A 12 1.11 6.23 -1.77
CA DGL A 12 0.10 6.99 -1.08
C DGL A 12 -0.29 6.28 0.23
O DGL A 12 0.43 5.38 0.70
CB DGL A 12 0.63 8.43 -0.77
CG DGL A 12 -0.41 9.37 -0.16
CD DGL A 12 -1.62 9.49 -1.04
OE1 DGL A 12 -1.68 10.39 -1.90
OE2 DGL A 12 -2.52 8.62 -0.92
H DGL A 12 1.62 5.57 -1.26
HA DGL A 12 -0.76 7.07 -1.71
HB2 DGL A 12 1.45 8.35 -0.07
HB3 DGL A 12 1.00 8.86 -1.68
HG2 DGL A 12 -0.70 8.99 0.80
HG3 DGL A 12 0.03 10.36 -0.04
N DSG A 13 -1.43 6.66 0.79
CA DSG A 13 -1.88 6.11 2.07
C DSG A 13 -0.84 6.40 3.15
O DSG A 13 -0.49 5.52 3.92
CB DSG A 13 -3.28 6.66 2.47
CG DSG A 13 -3.31 8.16 2.78
OD1 DSG A 13 -3.13 8.57 3.94
ND2 DSG A 13 -3.55 8.96 1.78
H DSG A 13 -1.97 7.33 0.30
HA DSG A 13 -1.94 5.05 1.96
HB2 DSG A 13 -3.96 6.47 1.66
HB3 DSG A 13 -3.61 6.12 3.34
HD21 DSG A 13 -3.69 8.61 0.87
HD22 DSG A 13 -3.56 9.93 1.93
N DLY A 14 -0.25 7.60 3.12
CA DLY A 14 0.77 8.01 4.08
C DLY A 14 2.11 7.30 3.79
O DLY A 14 3.08 7.46 4.52
CB DLY A 14 1.00 9.52 4.02
CG DLY A 14 -0.19 10.40 4.40
CD DLY A 14 -0.69 10.09 5.80
CE DLY A 14 -1.61 11.19 6.32
NZ DLY A 14 -0.87 12.45 6.56
H DLY A 14 -0.53 8.23 2.42
HA DLY A 14 0.44 7.74 5.07
HB2 DLY A 14 1.81 9.77 4.68
HB3 DLY A 14 1.29 9.78 3.01
HG2 DLY A 14 0.10 11.44 4.34
HG3 DLY A 14 -1.00 10.21 3.69
HD2 DLY A 14 -1.24 9.16 5.78
HD3 DLY A 14 0.16 9.99 6.45
HE2 DLY A 14 -2.38 11.37 5.60
HE3 DLY A 14 -2.05 10.85 7.25
HZ1 DLY A 14 -0.46 12.84 5.70
HZ2 DLY A 14 -0.09 12.27 7.23
HZ3 DLY A 14 -1.48 13.17 7.01
N DAS A 15 2.13 6.57 2.71
CA DAS A 15 3.31 5.85 2.28
C DAS A 15 3.22 4.40 2.79
O DAS A 15 4.22 3.73 3.00
CB DAS A 15 3.40 5.95 0.75
CG DAS A 15 4.61 5.32 0.13
OD1 DAS A 15 4.43 4.48 -0.79
OD2 DAS A 15 5.76 5.72 0.46
H DAS A 15 1.32 6.48 2.18
HA DAS A 15 4.17 6.32 2.72
HB2 DAS A 15 2.53 5.47 0.33
HB3 DAS A 15 3.37 6.99 0.48
N DCY A 16 1.99 3.95 3.02
CA DCY A 16 1.75 2.64 3.66
C DCY A 16 1.91 2.76 5.17
O DCY A 16 1.57 3.79 5.75
CB DCY A 16 0.33 2.17 3.37
SG DCY A 16 -0.04 1.92 1.63
H DCY A 16 1.23 4.50 2.74
HA DCY A 16 2.46 1.93 3.26
HB2 DCY A 16 0.16 1.23 3.87
HB3 DCY A 16 -0.36 2.91 3.75
N DCY A 17 2.40 1.70 5.81
CA DCY A 17 2.56 1.68 7.28
C DCY A 17 1.19 1.79 7.96
O DCY A 17 1.01 2.56 8.90
CB DCY A 17 3.24 0.39 7.74
SG DCY A 17 4.89 0.08 7.03
H DCY A 17 2.70 0.93 5.29
HA DCY A 17 3.17 2.52 7.57
HB2 DCY A 17 3.35 0.41 8.81
HB3 DCY A 17 2.60 -0.45 7.47
N DSN A 18 0.24 1.03 7.47
CA DSN A 18 -1.09 1.00 8.05
C DSN A 18 -1.99 2.06 7.39
O DSN A 18 -3.20 2.11 7.65
CB DSN A 18 -1.68 -0.40 7.85
OG DSN A 18 -0.82 -1.38 8.43
H DSN A 18 0.42 0.44 6.71
HA DSN A 18 -1.02 1.21 9.10
HB2 DSN A 18 -2.65 -0.45 8.33
HB3 DSN A 18 -1.78 -0.60 6.80
HG DSN A 18 -1.25 -1.70 9.23
N DLY A 19 -1.39 2.90 6.53
CA DLY A 19 -2.10 3.95 5.79
C DLY A 19 -3.19 3.42 4.87
O DLY A 19 -4.04 4.17 4.40
CB DLY A 19 -2.66 5.03 6.72
CG DLY A 19 -1.61 6.00 7.23
CD DLY A 19 -2.16 7.00 8.27
CE DLY A 19 -3.27 7.92 7.76
NZ DLY A 19 -4.61 7.26 7.68
H DLY A 19 -0.42 2.82 6.42
HA DLY A 19 -1.35 4.41 5.16
HB2 DLY A 19 -3.40 5.60 6.16
HB3 DLY A 19 -3.14 4.56 7.56
HG2 DLY A 19 -0.81 5.44 7.67
HG3 DLY A 19 -1.24 6.55 6.38
HD2 DLY A 19 -2.55 6.43 9.11
HD3 DLY A 19 -1.32 7.61 8.61
HE2 DLY A 19 -3.36 8.77 8.43
HE3 DLY A 19 -3.01 8.27 6.78
HZ1 DLY A 19 -4.88 6.90 8.62
HZ2 DLY A 19 -4.67 6.47 7.02
HZ3 DLY A 19 -5.34 7.96 7.43
N DLY A 20 -3.13 2.16 4.55
CA DLY A 20 -4.14 1.58 3.71
C DLY A 20 -3.61 1.32 2.33
O DLY A 20 -3.13 0.24 2.04
CB DLY A 20 -4.65 0.28 4.28
CG DLY A 20 -5.28 0.39 5.65
CD DLY A 20 -5.76 -0.98 6.10
CE DLY A 20 -6.91 -1.46 5.23
NZ DLY A 20 -7.17 -2.89 5.44
H DLY A 20 -2.41 1.60 4.89
HA DLY A 20 -4.96 2.27 3.65
HB2 DLY A 20 -5.38 -0.11 3.58
HB3 DLY A 20 -3.83 -0.43 4.34
HG2 DLY A 20 -4.55 0.76 6.34
HG3 DLY A 20 -6.12 1.06 5.60
HD2 DLY A 20 -4.95 -1.68 6.03
HD3 DLY A 20 -6.10 -0.90 7.13
HE2 DLY A 20 -7.81 -0.91 5.49
HE3 DLY A 20 -6.69 -1.30 4.19
HZ1 DLY A 20 -6.32 -3.40 5.08
HZ2 DLY A 20 -7.99 -3.21 4.89
HZ3 DLY A 20 -7.31 -3.13 6.43
N DCY A 21 -3.66 2.32 1.51
CA DCY A 21 -3.23 2.19 0.14
C DCY A 21 -4.50 1.91 -0.65
O DCY A 21 -5.34 2.80 -0.83
CB DCY A 21 -2.54 3.50 -0.31
SG DCY A 21 -1.80 3.51 -1.98
H DCY A 21 -4.01 3.17 1.83
HA DCY A 21 -2.56 1.36 0.06
HB2 DCY A 21 -3.26 4.30 -0.28
HB3 DCY A 21 -1.75 3.71 0.40
N DLY A 22 -4.69 0.68 -1.02
CA DLY A 22 -5.93 0.27 -1.64
C DLY A 22 -5.69 -0.19 -3.06
O DLY A 22 -4.90 -1.12 -3.29
CB DLY A 22 -6.55 -0.90 -0.86
CG DLY A 22 -6.91 -0.64 0.59
CD DLY A 22 -7.42 -1.90 1.28
CE DLY A 22 -8.67 -2.47 0.61
NZ DLY A 22 -9.18 -3.70 1.28
H DLY A 22 -3.99 0.00 -0.88
HA DLY A 22 -6.61 1.09 -1.63
HB2 DLY A 22 -7.46 -1.19 -1.39
HB3 DLY A 22 -5.86 -1.74 -0.90
HG2 DLY A 22 -6.03 -0.27 1.10
HG3 DLY A 22 -7.68 0.12 0.61
HD2 DLY A 22 -6.64 -2.65 1.25
HD3 DLY A 22 -7.65 -1.67 2.31
HE2 DLY A 22 -9.45 -1.73 0.61
HE3 DLY A 22 -8.43 -2.72 -0.42
HZ1 DLY A 22 -9.45 -3.50 2.26
HZ2 DLY A 22 -8.47 -4.46 1.31
HZ3 DLY A 22 -10.02 -4.06 0.79
N DAR A 23 -6.35 0.43 -4.00
CA DAR A 23 -6.29 -0.01 -5.38
CB DAR A 23 -6.73 1.08 -6.36
CG DAR A 23 -5.87 2.32 -6.38
CD DAR A 23 -6.32 3.30 -7.45
NE DAR A 23 -6.19 2.74 -8.80
CZ DAR A 23 -6.42 3.43 -9.94
NH1 DAR A 23 -6.81 4.71 -9.88
NH2 DAR A 23 -6.25 2.84 -11.11
C DAR A 23 -7.20 -1.21 -5.56
O DAR A 23 -6.76 -2.28 -5.94
H DAR A 23 -6.90 1.21 -3.75
HA DAR A 23 -5.27 -0.30 -5.60
HB2 DAR A 23 -6.73 0.67 -7.36
HB3 DAR A 23 -7.74 1.38 -6.11
HG2 DAR A 23 -5.94 2.79 -5.41
HG3 DAR A 23 -4.84 2.02 -6.56
HD2 DAR A 23 -7.36 3.54 -7.27
HD3 DAR A 23 -5.72 4.18 -7.38
HE DAR A 23 -5.90 1.80 -8.87
HH11 DAR A 23 -6.93 5.18 -9.01
HH12 DAR A 23 -6.98 5.25 -10.71
HH21 DAR A 23 -5.94 1.88 -11.19
HH22 DAR A 23 -6.41 3.30 -11.98
N DAR A 24 -8.45 -1.00 -5.20
CA DAR A 24 -9.52 -1.98 -5.42
CB DAR A 24 -10.91 -1.41 -5.03
CG DAR A 24 -11.44 -0.23 -5.87
CD DAR A 24 -10.70 1.06 -5.60
NE DAR A 24 -11.20 2.20 -6.37
CZ DAR A 24 -10.74 3.45 -6.30
NH1 DAR A 24 -9.72 3.75 -5.48
NH2 DAR A 24 -11.28 4.40 -7.05
C DAR A 24 -9.27 -3.25 -4.61
O DAR A 24 -8.84 -3.18 -3.45
H DAR A 24 -8.66 -0.17 -4.73
HA DAR A 24 -9.53 -2.22 -6.47
HB2 DAR A 24 -11.65 -2.20 -5.08
HB3 DAR A 24 -10.86 -1.09 -4.00
HG2 DAR A 24 -11.32 -0.48 -6.91
HG3 DAR A 24 -12.49 -0.09 -5.67
HD2 DAR A 24 -10.80 1.30 -4.55
HD3 DAR A 24 -9.66 0.92 -5.82
HE DAR A 24 -11.95 1.98 -6.99
HH11 DAR A 24 -9.30 3.05 -4.90
HH12 DAR A 24 -9.34 4.67 -5.41
HH21 DAR A 24 -12.05 4.21 -7.67
HH22 DAR A 24 -10.94 5.34 -7.04
N GLY A 25 -9.47 -4.38 -5.24
CA GLY A 25 -9.32 -5.63 -4.55
C GLY A 25 -8.40 -6.59 -5.26
N DTH A 26 -7.16 -6.65 -4.79
CA DTH A 26 -6.18 -7.60 -5.28
CB DTH A 26 -4.95 -7.60 -4.35
CG2 DTH A 26 -4.15 -6.30 -4.45
OG1 DTH A 26 -5.41 -7.76 -2.99
C DTH A 26 -5.77 -7.33 -6.74
O DTH A 26 -5.25 -8.23 -7.42
H DTH A 26 -6.90 -6.05 -4.06
HA DTH A 26 -6.63 -8.58 -5.23
HB DTH A 26 -4.32 -8.44 -4.60
HG21 DTH A 26 -3.81 -6.16 -5.46
HG22 DTH A 26 -3.30 -6.34 -3.78
HG23 DTH A 26 -4.78 -5.47 -4.16
HG1 DTH A 26 -6.12 -8.41 -2.99
N DSG A 27 -6.02 -6.14 -7.21
CA DSG A 27 -5.67 -5.70 -8.55
C DSG A 27 -6.35 -4.33 -8.70
O DSG A 27 -7.29 -4.07 -7.97
CB DSG A 27 -4.11 -5.61 -8.69
CG DSG A 27 -3.59 -5.56 -10.14
OD1 DSG A 27 -4.22 -5.02 -11.02
ND2 DSG A 27 -2.45 -6.13 -10.37
H DSG A 27 -6.50 -5.48 -6.67
HA DSG A 27 -6.08 -6.40 -9.27
HB2 DSG A 27 -3.77 -4.72 -8.18
HB3 DSG A 27 -3.68 -6.47 -8.20
HD21 DSG A 27 -1.96 -6.56 -9.63
HD22 DSG A 27 -2.09 -6.10 -11.28
N DIL A 28 -5.93 -3.53 -9.63
CA DIL A 28 -6.44 -2.18 -9.80
C DIL A 28 -5.38 -1.16 -9.32
O DIL A 28 -5.60 0.06 -9.27
CB DIL A 28 -6.79 -1.94 -11.32
CG1 DIL A 28 -5.52 -2.02 -12.19
CG2 DIL A 28 -7.54 -0.63 -11.53
CD1 DIL A 28 -5.77 -1.86 -13.67
H DIL A 28 -5.25 -3.87 -10.27
HA DIL A 28 -7.34 -2.07 -9.21
HB DIL A 28 -7.45 -2.73 -11.61
HG12 DIL A 28 -4.84 -1.22 -11.89
HG13 DIL A 28 -5.04 -2.97 -12.03
HG21 DIL A 28 -8.46 -0.65 -10.97
HG22 DIL A 28 -7.75 -0.50 -12.58
HG23 DIL A 28 -6.93 0.20 -11.19
HD11 DIL A 28 -6.21 -0.89 -13.86
HD12 DIL A 28 -6.43 -2.64 -14.01
HD13 DIL A 28 -4.83 -1.93 -14.21
N DGL A 29 -4.24 -1.70 -8.94
CA DGL A 29 -3.10 -0.88 -8.58
C DGL A 29 -3.13 -0.48 -7.13
O DGL A 29 -3.67 -1.20 -6.28
CB DGL A 29 -1.83 -1.68 -8.78
CG DGL A 29 -1.63 -2.25 -10.14
CD DGL A 29 -0.31 -2.92 -10.25
OE1 DGL A 29 -0.19 -4.11 -9.89
OE2 DGL A 29 0.65 -2.27 -10.66
H DGL A 29 -4.18 -2.67 -8.88
HA DGL A 29 -3.07 -0.02 -9.22
HB2 DGL A 29 -0.98 -1.03 -8.58
HB3 DGL A 29 -1.81 -2.48 -8.07
HG2 DGL A 29 -2.42 -2.98 -10.33
HG3 DGL A 29 -1.69 -1.46 -10.88
N DLY A 30 -2.56 0.68 -6.85
CA DLY A 30 -2.33 1.17 -5.49
C DLY A 30 -1.46 0.15 -4.74
O DLY A 30 -0.25 0.01 -5.03
CB DLY A 30 -1.53 2.48 -5.54
CG DLY A 30 -2.26 3.71 -6.05
CD DLY A 30 -3.22 4.28 -5.02
CE DLY A 30 -3.83 5.58 -5.48
NZ DLY A 30 -4.71 6.18 -4.45
H DLY A 30 -2.28 1.25 -7.60
HA DLY A 30 -3.27 1.32 -4.98
HB2 DLY A 30 -1.19 2.71 -4.55
HB3 DLY A 30 -0.66 2.32 -6.16
HG2 DLY A 30 -1.54 4.48 -6.31
HG3 DLY A 30 -2.83 3.44 -6.93
HD2 DLY A 30 -4.01 3.56 -4.83
HD3 DLY A 30 -2.67 4.45 -4.10
HE2 DLY A 30 -3.04 6.27 -5.71
HE3 DLY A 30 -4.41 5.39 -6.37
HZ1 DLY A 30 -5.13 7.07 -4.81
HZ2 DLY A 30 -4.14 6.44 -3.61
HZ3 DLY A 30 -5.47 5.53 -4.17
N DAR A 31 -2.06 -0.62 -3.82
CA DAR A 31 -1.31 -1.56 -3.02
CB DAR A 31 -1.38 -3.00 -3.57
CG DAR A 31 -1.15 -3.11 -5.07
CD DAR A 31 -0.82 -4.50 -5.54
NE DAR A 31 0.54 -4.91 -5.14
CZ DAR A 31 1.63 -4.79 -5.93
NH1 DAR A 31 1.54 -4.22 -7.13
NH2 DAR A 31 2.81 -5.25 -5.49
C DAR A 31 -1.76 -1.51 -1.56
O DAR A 31 -2.97 -1.57 -1.26
H DAR A 31 -3.04 -0.57 -3.69
HA DAR A 31 -0.27 -1.23 -3.06
HB2 DAR A 31 -0.61 -3.58 -3.07
HB3 DAR A 31 -2.35 -3.43 -3.32
HG2 DAR A 31 -2.05 -2.78 -5.58
HG3 DAR A 31 -0.33 -2.44 -5.33
HD2 DAR A 31 -1.53 -5.19 -5.11
HD3 DAR A 31 -0.89 -4.54 -6.62
HE DAR A 31 0.62 -5.33 -4.25
HH11 DAR A 31 0.69 -3.86 -7.52
HH12 DAR A 31 2.33 -4.12 -7.74
HH21 DAR A 31 2.92 -5.70 -4.61
HH22 DAR A 31 3.65 -5.18 -6.06
N DCY A 32 -0.81 -1.39 -0.65
CA DCY A 32 -1.06 -1.37 0.78
C DCY A 32 -1.59 -2.72 1.19
O DCY A 32 -1.13 -3.74 0.66
CB DCY A 32 0.22 -1.12 1.56
SG DCY A 32 1.17 0.36 1.12
H DCY A 32 0.12 -1.34 -0.96
HA DCY A 32 -1.78 -0.61 1.00
HB2 DCY A 32 -0.03 -1.03 2.61
HB3 DCY A 32 0.87 -1.97 1.44
N DAR A 33 -2.54 -2.73 2.10
CA DAR A 33 -3.12 -3.96 2.64
CB DAR A 33 -4.18 -4.55 1.71
CG DAR A 33 -3.62 -5.48 0.63
CD DAR A 33 -4.66 -5.83 -0.40
NE DAR A 33 -5.01 -4.66 -1.22
CZ DAR A 33 -6.18 -4.46 -1.82
NH1 DAR A 33 -7.22 -5.24 -1.53
NH2 DAR A 33 -6.33 -3.47 -2.67
C DAR A 33 -3.69 -3.70 4.02
O DAR A 33 -2.92 -3.61 4.96
OXT DAR A 33 -4.92 -3.63 4.16
H DAR A 33 -2.87 -1.88 2.44
HA DAR A 33 -2.31 -4.67 2.74
HB2 DAR A 33 -4.90 -5.09 2.29
HB3 DAR A 33 -4.69 -3.74 1.21
HG2 DAR A 33 -2.80 -4.99 0.15
HG3 DAR A 33 -3.27 -6.39 1.11
HD2 DAR A 33 -4.28 -6.61 -1.03
HD3 DAR A 33 -5.56 -6.17 0.11
HE DAR A 33 -4.27 -4.02 -1.35
HH11 DAR A 33 -7.14 -5.99 -0.88
HH12 DAR A 33 -8.14 -5.10 -1.91
HH21 DAR A 33 -5.60 -2.83 -2.92
HH22 DAR A 33 -7.22 -3.30 -3.11
N GLY A 1 8.60 9.91 2.80
CA GLY A 1 9.73 8.99 2.69
C GLY A 1 9.51 7.77 3.54
N DAS A 2 10.20 6.71 3.24
CA DAS A 2 10.04 5.45 3.94
C DAS A 2 8.80 4.76 3.37
O DAS A 2 8.52 4.88 2.16
CB DAS A 2 11.30 4.59 3.78
CG DAS A 2 11.28 3.32 4.62
OD1 DAS A 2 11.48 2.23 4.07
OD2 DAS A 2 11.08 3.42 5.84
H DAS A 2 10.87 6.77 2.51
HA DAS A 2 9.87 5.68 4.98
HB2 DAS A 2 11.41 4.31 2.75
HB3 DAS A 2 12.17 5.18 4.07
N DCY A 3 8.06 4.08 4.21
CA DCY A 3 6.81 3.47 3.76
C DCY A 3 7.02 2.07 3.20
O DCY A 3 7.99 1.38 3.51
CB DCY A 3 5.74 3.46 4.87
SG DCY A 3 6.17 2.52 6.37
H DCY A 3 8.32 3.95 5.14
HA DCY A 3 6.45 4.08 2.96
HB2 DCY A 3 5.53 4.48 5.17
HB3 DCY A 3 4.83 3.04 4.46
N DLE A 4 6.10 1.69 2.37
CA DLE A 4 6.07 0.41 1.73
CB DLE A 4 5.48 0.63 0.34
CG DLE A 4 6.24 1.68 -0.49
CD1 DLE A 4 7.59 1.16 -0.94
CD2 DLE A 4 5.43 2.18 -1.65
C DLE A 4 5.20 -0.51 2.60
O DLE A 4 4.22 -0.04 3.20
H DLE A 4 5.37 2.30 2.18
HA DLE A 4 7.08 0.05 1.66
HB2 DLE A 4 5.49 -0.31 -0.17
HB3 DLE A 4 4.46 0.97 0.46
HG DLE A 4 6.46 2.51 0.18
HD11 DLE A 4 8.10 1.92 -1.51
HD12 DLE A 4 7.46 0.28 -1.54
HD13 DLE A 4 8.20 0.91 -0.07
HD21 DLE A 4 6.02 2.90 -2.21
HD22 DLE A 4 4.56 2.69 -1.26
HD23 DLE A 4 5.13 1.36 -2.27
N DPR A 5 5.54 -1.81 2.67
CA DPR A 5 4.97 -2.71 3.65
CB DPR A 5 6.03 -3.85 3.73
CG DPR A 5 7.09 -3.49 2.73
CD DPR A 5 6.45 -2.53 1.78
C DPR A 5 3.59 -3.30 3.31
O DPR A 5 3.00 -3.02 2.28
HA DPR A 5 4.91 -2.24 4.62
HB2 DPR A 5 6.43 -3.88 4.73
HB3 DPR A 5 5.56 -4.79 3.49
HG2 DPR A 5 7.92 -3.03 3.22
HG3 DPR A 5 7.41 -4.37 2.20
HD2 DPR A 5 7.18 -1.89 1.29
HD3 DPR A 5 5.88 -3.08 1.03
N DHI A 6 3.15 -4.14 4.24
CA DHI A 6 1.90 -4.87 4.21
C DHI A 6 1.82 -5.76 2.96
O DHI A 6 2.65 -6.64 2.76
CB DHI A 6 1.86 -5.71 5.50
CG DHI A 6 0.62 -6.48 5.82
ND1 DHI A 6 -0.64 -5.96 5.76
CD2 DHI A 6 0.47 -7.74 6.29
CE1 DHI A 6 -1.51 -6.84 6.20
NE2 DHI A 6 -0.86 -7.93 6.52
H DHI A 6 3.74 -4.27 5.02
HA DHI A 6 1.07 -4.16 4.22
HB2 DHI A 6 2.66 -6.42 5.47
HB3 DHI A 6 2.05 -5.04 6.34
HD1 DHI A 6 -0.91 -5.07 5.42
HD2 DHI A 6 1.26 -8.45 6.45
HE1 DHI A 6 -2.58 -6.69 6.29
HE2 DHI A 6 -1.23 -8.69 7.02
N DLE A 7 0.83 -5.46 2.11
CA DLE A 7 0.60 -6.13 0.84
CB DLE A 7 0.08 -7.58 0.89
CG DLE A 7 -1.35 -7.77 1.41
CD1 DLE A 7 -1.87 -9.14 1.03
CD2 DLE A 7 -1.41 -7.63 2.90
C DLE A 7 1.73 -5.95 -0.13
O DLE A 7 2.47 -6.88 -0.45
H DLE A 7 0.23 -4.72 2.30
HA DLE A 7 -0.19 -5.53 0.41
HB2 DLE A 7 0.14 -7.99 -0.10
HB3 DLE A 7 0.75 -8.13 1.54
HG DLE A 7 -1.98 -7.00 0.97
HD11 DLE A 7 -1.21 -9.89 1.43
HD12 DLE A 7 -1.90 -9.23 -0.05
HD13 DLE A 7 -2.86 -9.26 1.43
HD21 DLE A 7 -1.05 -6.65 3.19
HD22 DLE A 7 -0.80 -8.39 3.37
HD23 DLE A 7 -2.44 -7.74 3.22
N DLY A 8 1.89 -4.74 -0.55
CA DLY A 8 2.90 -4.35 -1.49
C DLY A 8 2.35 -3.13 -2.16
O DLY A 8 1.35 -2.61 -1.72
CB DLY A 8 4.20 -4.01 -0.74
CG DLY A 8 5.46 -3.95 -1.62
CD DLY A 8 5.73 -5.30 -2.26
CE DLY A 8 7.00 -5.28 -3.07
NZ DLY A 8 8.20 -5.08 -2.24
H DLY A 8 1.29 -4.04 -0.21
HA DLY A 8 3.05 -5.15 -2.20
HB2 DLY A 8 4.09 -3.02 -0.33
HB3 DLY A 8 4.38 -4.72 0.05
HG2 DLY A 8 5.31 -3.21 -2.39
HG3 DLY A 8 6.30 -3.66 -1.00
HD2 DLY A 8 5.83 -6.01 -1.46
HD3 DLY A 8 4.90 -5.56 -2.89
HE2 DLY A 8 7.11 -6.23 -3.57
HE3 DLY A 8 6.95 -4.49 -3.81
HZ1 DLY A 8 8.31 -5.84 -1.55
HZ2 DLY A 8 8.16 -4.17 -1.73
HZ3 DLY A 8 9.05 -5.07 -2.84
N DLE A 9 2.98 -2.69 -3.20
CA DLE A 9 2.55 -1.48 -3.89
CB DLE A 9 3.32 -1.31 -5.21
CG DLE A 9 4.85 -1.65 -5.22
CD1 DLE A 9 5.40 -1.49 -6.61
CD2 DLE A 9 5.65 -0.82 -4.23
C DLE A 9 2.66 -0.24 -2.99
O DLE A 9 3.41 -0.22 -2.01
H DLE A 9 3.75 -3.18 -3.55
HA DLE A 9 1.51 -1.61 -4.13
HB2 DLE A 9 2.85 -1.93 -5.95
HB3 DLE A 9 3.22 -0.29 -5.53
HG DLE A 9 4.95 -2.70 -4.97
HD11 DLE A 9 5.29 -0.47 -6.93
HD12 DLE A 9 4.89 -2.15 -7.29
HD13 DLE A 9 6.46 -1.74 -6.60
HD21 DLE A 9 5.29 -1.01 -3.23
HD22 DLE A 9 5.54 0.23 -4.46
HD23 DLE A 9 6.69 -1.09 -4.29
N DCY A 10 1.89 0.76 -3.29
CA DCY A 10 1.94 2.03 -2.61
C DCY A 10 1.52 3.10 -3.59
O DCY A 10 1.21 2.78 -4.76
CB DCY A 10 1.05 2.06 -1.36
SG DCY A 10 -0.74 1.83 -1.67
H DCY A 10 1.23 0.67 -4.01
HA DCY A 10 2.97 2.22 -2.34
HB2 DCY A 10 1.37 1.28 -0.70
HB3 DCY A 10 1.18 3.02 -0.87
N DLY A 11 1.53 4.32 -3.18
CA DLY A 11 1.10 5.38 -4.01
C DLY A 11 0.19 6.26 -3.17
O DLY A 11 -0.99 6.45 -3.49
CB DLY A 11 2.31 6.16 -4.49
CG DLY A 11 2.06 7.15 -5.60
CD DLY A 11 3.33 7.91 -5.92
CE DLY A 11 4.46 6.99 -6.39
NZ DLY A 11 4.13 6.25 -7.64
H DLY A 11 1.84 4.54 -2.28
HA DLY A 11 0.55 4.99 -4.85
HB2 DLY A 11 2.73 6.68 -3.65
HB3 DLY A 11 3.03 5.42 -4.84
HG2 DLY A 11 1.72 6.63 -6.47
HG3 DLY A 11 1.30 7.85 -5.26
HD2 DLY A 11 3.12 8.64 -6.70
HD3 DLY A 11 3.64 8.41 -5.02
HE2 DLY A 11 5.34 7.61 -6.58
HE3 DLY A 11 4.70 6.30 -5.61
HZ1 DLY A 11 4.93 5.63 -7.90
HZ2 DLY A 11 3.97 6.90 -8.43
HZ3 DLY A 11 3.29 5.65 -7.54
N DGL A 12 0.73 6.77 -2.08
CA DGL A 12 -0.03 7.56 -1.15
C DGL A 12 -0.37 6.72 0.11
O DGL A 12 0.31 5.73 0.44
CB DGL A 12 0.75 8.82 -0.76
CG DGL A 12 0.00 9.77 0.17
CD DGL A 12 0.82 10.95 0.58
OE1 DGL A 12 1.00 11.87 -0.23
OE2 DGL A 12 1.28 11.00 1.72
H DGL A 12 1.69 6.66 -1.89
HA DGL A 12 -0.95 7.86 -1.63
HB2 DGL A 12 1.66 8.51 -0.25
HB3 DGL A 12 1.01 9.35 -1.65
HG2 DGL A 12 -0.89 10.11 -0.34
HG3 DGL A 12 -0.29 9.22 1.05
N DSG A 13 -1.44 7.14 0.78
CA DSG A 13 -1.88 6.55 2.05
C DSG A 13 -0.73 6.45 3.06
O DSG A 13 -0.54 5.41 3.65
CB DSG A 13 -3.07 7.36 2.63
CG DSG A 13 -2.79 8.86 2.83
OD1 DSG A 13 -2.94 9.67 1.91
ND2 DSG A 13 -2.39 9.23 4.02
H DSG A 13 -1.97 7.85 0.38
HA DSG A 13 -2.21 5.55 1.83
HB2 DSG A 13 -3.92 7.28 1.94
HB3 DSG A 13 -3.35 6.93 3.58
HD21 DSG A 13 -2.28 8.56 4.73
HD22 DSG A 13 -2.21 10.18 4.19
N DLY A 14 0.06 7.52 3.16
CA DLY A 14 1.17 7.57 4.12
C DLY A 14 2.28 6.62 3.66
O DLY A 14 3.00 6.04 4.49
CB DLY A 14 1.67 9.03 4.23
CG DLY A 14 2.36 9.43 5.54
CD DLY A 14 3.68 8.73 5.79
CE DLY A 14 4.31 9.17 7.11
NZ DLY A 14 4.67 10.60 7.10
H DLY A 14 -0.09 8.29 2.59
HA DLY A 14 0.80 7.25 5.08
HB2 DLY A 14 2.37 9.20 3.42
HB3 DLY A 14 0.82 9.68 4.08
HG2 DLY A 14 2.54 10.50 5.52
HG3 DLY A 14 1.69 9.20 6.36
HD2 DLY A 14 3.51 7.66 5.81
HD3 DLY A 14 4.35 8.97 4.98
HE2 DLY A 14 3.59 9.00 7.89
HE3 DLY A 14 5.20 8.57 7.28
HZ1 DLY A 14 5.08 10.89 8.01
HZ2 DLY A 14 3.87 11.21 6.88
HZ3 DLY A 14 5.40 10.78 6.37
N DAS A 15 2.40 6.43 2.34
CA DAS A 15 3.38 5.49 1.77
C DAS A 15 3.07 4.12 2.19
O DAS A 15 3.92 3.28 2.21
CB DAS A 15 3.44 5.49 0.24
CG DAS A 15 3.94 6.75 -0.36
OD1 DAS A 15 4.86 7.38 0.21
OD2 DAS A 15 3.50 7.09 -1.47
H DAS A 15 1.78 6.90 1.75
HA DAS A 15 4.36 5.77 2.16
HB2 DAS A 15 4.08 4.70 -0.08
HB3 DAS A 15 2.45 5.31 -0.13
N DCY A 16 1.84 3.86 2.45
CA DCY A 16 1.48 2.58 2.97
C DCY A 16 1.77 2.58 4.47
O DCY A 16 1.24 3.43 5.19
CB DCY A 16 0.00 2.32 2.72
SG DCY A 16 -0.65 0.81 3.50
H DCY A 16 1.16 4.55 2.30
HA DCY A 16 2.08 1.83 2.49
HB2 DCY A 16 -0.58 3.15 3.08
HB3 DCY A 16 -0.15 2.22 1.65
N DCY A 17 2.60 1.64 4.95
CA DCY A 17 2.90 1.56 6.39
C DCY A 17 1.62 1.33 7.20
O DCY A 17 1.50 1.78 8.33
CB DCY A 17 3.91 0.45 6.71
SG DCY A 17 5.58 0.63 5.96
H DCY A 17 3.03 1.01 4.33
HA DCY A 17 3.32 2.52 6.69
HB2 DCY A 17 4.06 0.42 7.78
HB3 DCY A 17 3.50 -0.50 6.39
N DSN A 18 0.66 0.66 6.60
CA DSN A 18 -0.59 0.38 7.26
C DSN A 18 -1.58 1.54 7.07
O DSN A 18 -2.61 1.60 7.72
CB DSN A 18 -1.20 -0.87 6.63
OG DSN A 18 -0.22 -1.89 6.46
H DSN A 18 0.78 0.33 5.68
HA DSN A 18 -0.41 0.20 8.31
HB2 DSN A 18 -1.99 -1.25 7.26
HB3 DSN A 18 -1.61 -0.62 5.65
HG DSN A 18 -0.60 -2.53 5.82
N DLY A 19 -1.24 2.48 6.16
CA DLY A 19 -2.11 3.60 5.71
C DLY A 19 -3.30 3.12 4.88
O DLY A 19 -4.07 3.92 4.37
CB DLY A 19 -2.53 4.57 6.84
CG DLY A 19 -1.47 5.63 7.19
CD DLY A 19 -0.20 5.05 7.81
CE DLY A 19 -0.43 4.48 9.20
NZ DLY A 19 0.82 3.96 9.79
H DLY A 19 -0.33 2.44 5.78
HA DLY A 19 -1.48 4.16 5.02
HB2 DLY A 19 -3.43 5.09 6.52
HB3 DLY A 19 -2.75 4.01 7.73
HG2 DLY A 19 -1.21 6.16 6.29
HG3 DLY A 19 -1.91 6.34 7.89
HD2 DLY A 19 0.16 4.28 7.16
HD3 DLY A 19 0.53 5.85 7.86
HE2 DLY A 19 -0.82 5.26 9.84
HE3 DLY A 19 -1.15 3.68 9.13
HZ1 DLY A 19 1.21 3.19 9.21
HZ2 DLY A 19 0.67 3.57 10.74
HZ3 DLY A 19 1.55 4.70 9.86
N DLY A 20 -3.38 1.83 4.68
CA DLY A 20 -4.44 1.20 3.93
C DLY A 20 -4.01 1.06 2.48
O DLY A 20 -3.87 -0.04 1.96
CB DLY A 20 -4.75 -0.17 4.53
CG DLY A 20 -5.07 -0.15 6.02
CD DLY A 20 -5.23 -1.55 6.58
CE DLY A 20 -6.48 -2.25 6.05
NZ DLY A 20 -7.71 -1.63 6.59
H DLY A 20 -2.67 1.27 5.06
HA DLY A 20 -5.33 1.82 4.00
HB2 DLY A 20 -5.60 -0.59 4.00
HB3 DLY A 20 -3.89 -0.81 4.37
HG2 DLY A 20 -4.26 0.34 6.54
HG3 DLY A 20 -5.99 0.40 6.17
HD2 DLY A 20 -4.37 -2.14 6.30
HD3 DLY A 20 -5.28 -1.49 7.66
HE2 DLY A 20 -6.49 -2.19 4.98
HE3 DLY A 20 -6.45 -3.29 6.35
HZ1 DLY A 20 -7.79 -0.63 6.34
HZ2 DLY A 20 -7.71 -1.72 7.63
HZ3 DLY A 20 -8.56 -2.13 6.24
N DCY A 21 -3.74 2.18 1.87
CA DCY A 21 -3.28 2.21 0.49
C DCY A 21 -4.50 2.24 -0.41
O DCY A 21 -5.18 3.25 -0.53
CB DCY A 21 -2.42 3.48 0.28
SG DCY A 21 -1.60 3.64 -1.34
H DCY A 21 -3.89 3.01 2.35
HA DCY A 21 -2.70 1.33 0.30
HB2 DCY A 21 -3.06 4.33 0.38
HB3 DCY A 21 -1.66 3.51 1.05
N DLY A 22 -4.81 1.10 -1.00
CA DLY A 22 -5.97 0.98 -1.84
C DLY A 22 -5.64 0.19 -3.09
O DLY A 22 -4.85 -0.77 -3.04
CB DLY A 22 -7.11 0.27 -1.09
CG DLY A 22 -7.65 1.04 0.13
CD DLY A 22 -8.86 0.36 0.74
CE DLY A 22 -8.54 -1.03 1.26
NZ DLY A 22 -9.73 -1.72 1.76
H DLY A 22 -4.21 0.33 -0.88
HA DLY A 22 -6.30 1.96 -2.13
HB2 DLY A 22 -7.94 0.08 -1.76
HB3 DLY A 22 -6.74 -0.68 -0.74
HG2 DLY A 22 -6.87 1.10 0.88
HG3 DLY A 22 -7.92 2.04 -0.18
HD2 DLY A 22 -9.23 0.96 1.57
HD3 DLY A 22 -9.63 0.27 -0.01
HE2 DLY A 22 -8.11 -1.61 0.45
HE3 DLY A 22 -7.81 -0.94 2.06
HZ1 DLY A 22 -10.44 -1.82 1.01
HZ2 DLY A 22 -10.16 -1.20 2.56
HZ3 DLY A 22 -9.50 -2.67 2.12
N DAR A 23 -6.20 0.58 -4.20
CA DAR A 23 -5.96 -0.08 -5.46
CB DAR A 23 -5.96 0.92 -6.61
CG DAR A 23 -5.80 0.30 -7.99
CD DAR A 23 -5.60 1.36 -9.05
NE DAR A 23 -4.36 2.12 -8.83
CZ DAR A 23 -4.15 3.40 -9.17
NH1 DAR A 23 -5.13 4.11 -9.71
NH2 DAR A 23 -2.98 3.96 -8.94
C DAR A 23 -6.98 -1.16 -5.69
O DAR A 23 -6.64 -2.24 -6.16
H DAR A 23 -6.82 1.35 -4.16
HA DAR A 23 -4.99 -0.55 -5.40
HB2 DAR A 23 -6.88 1.46 -6.61
HB3 DAR A 23 -5.14 1.62 -6.47
HG2 DAR A 23 -4.94 -0.35 -7.99
HG3 DAR A 23 -6.68 -0.27 -8.22
HD2 DAR A 23 -5.54 0.88 -10.02
HD3 DAR A 23 -6.43 2.04 -9.03
HE DAR A 23 -3.64 1.59 -8.40
HH11 DAR A 23 -6.04 3.74 -9.90
HH12 DAR A 23 -5.01 5.08 -9.96
HH21 DAR A 23 -2.20 3.49 -8.52
HH22 DAR A 23 -2.81 4.92 -9.18
N DAR A 24 -8.23 -0.87 -5.34
CA DAR A 24 -9.32 -1.81 -5.55
CB DAR A 24 -10.70 -1.21 -5.24
CG DAR A 24 -11.27 -0.28 -6.32
CD DAR A 24 -10.47 1.01 -6.49
NE DAR A 24 -11.01 1.84 -7.57
CZ DAR A 24 -11.01 3.20 -7.59
NH1 DAR A 24 -10.52 3.89 -6.56
NH2 DAR A 24 -11.51 3.85 -8.63
C DAR A 24 -9.08 -3.07 -4.76
O DAR A 24 -9.03 -3.07 -3.52
H DAR A 24 -8.40 -0.03 -4.90
HA DAR A 24 -9.29 -2.09 -6.59
HB2 DAR A 24 -11.41 -2.02 -5.10
HB3 DAR A 24 -10.64 -0.66 -4.31
HG2 DAR A 24 -11.27 -0.81 -7.27
HG3 DAR A 24 -12.29 -0.03 -6.06
HD2 DAR A 24 -10.53 1.57 -5.57
HD3 DAR A 24 -9.44 0.76 -6.71
HE DAR A 24 -11.37 1.33 -8.33
HH11 DAR A 24 -10.14 3.45 -5.74
HH12 DAR A 24 -10.50 4.89 -6.55
HH21 DAR A 24 -11.89 3.39 -9.43
HH22 DAR A 24 -11.53 4.86 -8.66
N GLY A 25 -8.90 -4.14 -5.47
CA GLY A 25 -8.66 -5.40 -4.88
C GLY A 25 -8.39 -6.41 -5.94
N DTH A 26 -7.48 -7.30 -5.68
CA DTH A 26 -7.10 -8.33 -6.60
CB DTH A 26 -6.31 -9.42 -5.83
CG2 DTH A 26 -5.72 -10.47 -6.76
OG1 DTH A 26 -5.26 -8.79 -5.05
C DTH A 26 -6.27 -7.73 -7.77
O DTH A 26 -6.65 -7.84 -8.94
H DTH A 26 -7.03 -7.30 -4.80
HA DTH A 26 -8.01 -8.77 -7.01
HB DTH A 26 -7.00 -9.88 -5.14
HG21 DTH A 26 -5.18 -11.21 -6.17
HG22 DTH A 26 -5.04 -9.99 -7.44
HG23 DTH A 26 -6.51 -10.95 -7.30
HG1 DTH A 26 -4.99 -9.40 -4.36
N DSG A 27 -5.19 -7.06 -7.43
CA DSG A 27 -4.31 -6.43 -8.41
C DSG A 27 -4.82 -5.06 -8.76
O DSG A 27 -5.49 -4.42 -7.97
CB DSG A 27 -2.88 -6.27 -7.87
CG DSG A 27 -2.12 -7.56 -7.63
OD1 DSG A 27 -2.69 -8.62 -7.33
ND2 DSG A 27 -0.82 -7.51 -7.76
H DSG A 27 -4.99 -7.01 -6.47
HA DSG A 27 -4.29 -7.04 -9.30
HB2 DSG A 27 -2.30 -5.67 -8.56
HB3 DSG A 27 -2.95 -5.74 -6.93
HD21 DSG A 27 -0.38 -6.66 -8.00
HD22 DSG A 27 -0.30 -8.33 -7.62
N DIL A 28 -4.47 -4.59 -9.94
CA DIL A 28 -4.87 -3.25 -10.41
C DIL A 28 -3.83 -2.20 -9.95
O DIL A 28 -3.83 -1.03 -10.36
CB DIL A 28 -5.07 -3.21 -11.98
CG1 DIL A 28 -3.72 -3.22 -12.78
CG2 DIL A 28 -5.95 -2.05 -12.42
CD1 DIL A 28 -2.91 -4.50 -12.69
H DIL A 28 -3.94 -5.16 -10.55
HA DIL A 28 -5.81 -3.01 -9.94
HB DIL A 28 -5.62 -4.10 -12.23
HG12 DIL A 28 -3.94 -3.06 -13.83
HG13 DIL A 28 -3.11 -2.40 -12.43
HG21 DIL A 28 -6.06 -2.05 -13.49
HG22 DIL A 28 -5.51 -1.12 -12.10
HG23 DIL A 28 -6.92 -2.15 -11.96
HD11 DIL A 28 -2.59 -4.65 -11.67
HD12 DIL A 28 -2.04 -4.42 -13.32
HD13 DIL A 28 -3.52 -5.33 -13.01
N DGL A 29 -2.98 -2.61 -9.06
CA DGL A 29 -1.96 -1.77 -8.49
C DGL A 29 -2.49 -1.12 -7.25
O DGL A 29 -3.39 -1.65 -6.60
CB DGL A 29 -0.73 -2.59 -8.12
CG DGL A 29 -0.08 -3.31 -9.29
CD DGL A 29 1.03 -4.22 -8.83
OE1 DGL A 29 0.76 -5.43 -8.62
OE2 DGL A 29 2.17 -3.78 -8.65
H DGL A 29 -3.07 -3.54 -8.75
HA DGL A 29 -1.67 -1.02 -9.22
HB2 DGL A 29 0.01 -1.94 -7.68
HB3 DGL A 29 -1.03 -3.34 -7.40
HG2 DGL A 29 -0.83 -3.90 -9.80
HG3 DGL A 29 0.33 -2.59 -9.96
N DLY A 30 -1.97 0.04 -6.91
CA DLY A 30 -2.32 0.70 -5.68
C DLY A 30 -1.52 -0.02 -4.63
O DLY A 30 -0.30 0.00 -4.67
CB DLY A 30 -1.89 2.18 -5.78
CG DLY A 30 -2.34 3.09 -4.66
CD DLY A 30 -3.85 3.30 -4.66
CE DLY A 30 -4.29 4.28 -3.58
NZ DLY A 30 -3.69 5.62 -3.76
H DLY A 30 -1.28 0.44 -7.49
HA DLY A 30 -3.38 0.61 -5.50
HB2 DLY A 30 -0.81 2.22 -5.81
HB3 DLY A 30 -2.27 2.57 -6.71
HG2 DLY A 30 -2.06 2.65 -3.71
HG3 DLY A 30 -1.85 4.05 -4.76
HD2 DLY A 30 -4.14 3.68 -5.63
HD3 DLY A 30 -4.34 2.34 -4.49
HE2 DLY A 30 -5.36 4.37 -3.63
HE3 DLY A 30 -4.01 3.88 -2.62
HZ1 DLY A 30 -3.93 6.01 -4.70
HZ2 DLY A 30 -2.65 5.62 -3.67
HZ3 DLY A 30 -4.06 6.27 -3.04
N DAR A 31 -2.17 -0.74 -3.73
CA DAR A 31 -1.41 -1.55 -2.79
CB DAR A 31 -1.64 -3.05 -2.99
CG DAR A 31 -1.52 -3.53 -4.43
CD DAR A 31 -1.56 -5.04 -4.52
NE DAR A 31 -0.29 -5.65 -4.06
CZ DAR A 31 -0.18 -6.83 -3.44
NH1 DAR A 31 -1.26 -7.44 -2.94
NH2 DAR A 31 1.02 -7.37 -3.28
C DAR A 31 -1.70 -1.23 -1.36
O DAR A 31 -2.86 -0.95 -0.97
H DAR A 31 -3.15 -0.73 -3.67
HA DAR A 31 -0.37 -1.36 -2.98
HB2 DAR A 31 -0.89 -3.59 -2.42
HB3 DAR A 31 -2.61 -3.33 -2.61
HG2 DAR A 31 -2.34 -3.12 -5.01
HG3 DAR A 31 -0.58 -3.17 -4.84
HD2 DAR A 31 -2.37 -5.41 -3.92
HD3 DAR A 31 -1.71 -5.32 -5.55
HE DAR A 31 0.51 -5.15 -4.34
HH11 DAR A 31 -2.19 -7.04 -3.00
HH12 DAR A 31 -1.21 -8.32 -2.47
HH21 DAR A 31 1.87 -6.94 -3.61
HH22 DAR A 31 1.17 -8.25 -2.82
N DCY A 32 -0.67 -1.25 -0.59
CA DCY A 32 -0.71 -1.11 0.81
C DCY A 32 -1.11 -2.44 1.32
O DCY A 32 -0.59 -3.45 0.85
CB DCY A 32 0.69 -0.77 1.34
SG DCY A 32 0.77 -0.57 3.14
H DCY A 32 0.20 -1.43 -1.01
HA DCY A 32 -1.42 -0.34 1.10
HB2 DCY A 32 1.37 -1.57 1.06
HB3 DCY A 32 1.03 0.15 0.90
N DAR A 33 -2.04 -2.49 2.21
CA DAR A 33 -2.44 -3.75 2.73
CB DAR A 33 -3.74 -4.20 2.03
CG DAR A 33 -4.91 -3.22 2.11
CD DAR A 33 -5.98 -3.57 1.10
NE DAR A 33 -5.56 -3.23 -0.28
CZ DAR A 33 -5.94 -3.88 -1.39
NH1 DAR A 33 -6.59 -5.04 -1.30
NH2 DAR A 33 -5.65 -3.38 -2.60
C DAR A 33 -2.53 -3.67 4.24
O DAR A 33 -1.47 -3.66 4.89
OXT DAR A 33 -3.62 -3.65 4.82
H DAR A 33 -2.45 -1.66 2.53
HA DAR A 33 -1.67 -4.44 2.49
HB2 DAR A 33 -3.52 -4.37 0.99
HB3 DAR A 33 -4.05 -5.14 2.48
HG2 DAR A 33 -5.33 -3.26 3.11
HG3 DAR A 33 -4.54 -2.23 1.91
HD2 DAR A 33 -6.18 -4.63 1.15
HD3 DAR A 33 -6.87 -3.02 1.34
HE DAR A 33 -4.99 -2.43 -0.34
HH11 DAR A 33 -6.79 -5.45 -0.40
HH12 DAR A 33 -6.91 -5.59 -2.07
HH21 DAR A 33 -5.13 -2.53 -2.72
HH22 DAR A 33 -5.92 -3.84 -3.46
N GLY A 1 13.64 4.97 7.09
CA GLY A 1 13.06 4.40 5.88
C GLY A 1 12.43 3.07 6.16
N DAS A 2 12.50 2.17 5.20
CA DAS A 2 11.88 0.88 5.29
C DAS A 2 10.47 1.00 4.74
O DAS A 2 10.29 1.25 3.53
CB DAS A 2 12.70 -0.17 4.50
CG DAS A 2 12.16 -1.57 4.62
OD1 DAS A 2 11.45 -2.03 3.70
OD2 DAS A 2 12.46 -2.27 5.61
H DAS A 2 12.97 2.41 4.37
HA DAS A 2 11.85 0.59 6.33
HB2 DAS A 2 12.69 0.10 3.45
HB3 DAS A 2 13.73 -0.16 4.84
N DCY A 3 9.51 0.91 5.63
CA DCY A 3 8.11 1.12 5.29
C DCY A 3 7.61 0.08 4.30
O DCY A 3 8.09 -1.06 4.29
CB DCY A 3 7.23 1.16 6.56
SG DCY A 3 7.26 -0.34 7.62
H DCY A 3 9.73 0.69 6.56
HA DCY A 3 8.05 2.08 4.80
HB2 DCY A 3 7.53 1.98 7.18
HB3 DCY A 3 6.20 1.32 6.25
N DLE A 4 6.69 0.47 3.46
CA DLE A 4 6.12 -0.45 2.48
CB DLE A 4 5.40 0.32 1.37
CG DLE A 4 6.27 0.94 0.24
CD1 DLE A 4 5.42 1.80 -0.65
CD2 DLE A 4 7.43 1.74 0.77
C DLE A 4 5.22 -1.44 3.18
O DLE A 4 4.33 -1.05 3.94
H DLE A 4 6.37 1.39 3.50
HA DLE A 4 6.98 -0.95 2.05
HB2 DLE A 4 4.70 -0.36 0.91
HB3 DLE A 4 4.83 1.12 1.82
HG DLE A 4 6.65 0.13 -0.37
HD11 DLE A 4 5.00 2.61 -0.09
HD12 DLE A 4 4.63 1.20 -1.08
HD13 DLE A 4 6.04 2.20 -1.45
HD21 DLE A 4 7.07 2.56 1.39
HD22 DLE A 4 8.00 2.14 -0.06
HD23 DLE A 4 8.07 1.09 1.36
N DPR A 5 5.43 -2.74 2.98
CA DPR A 5 4.71 -3.78 3.70
CB DPR A 5 5.51 -5.07 3.39
CG DPR A 5 6.72 -4.61 2.66
CD DPR A 5 6.34 -3.33 2.00
C DPR A 5 3.25 -3.93 3.25
O DPR A 5 2.79 -3.23 2.34
HA DPR A 5 4.73 -3.58 4.77
HB2 DPR A 5 5.76 -5.56 4.32
HB3 DPR A 5 4.90 -5.72 2.79
HG2 DPR A 5 7.54 -4.45 3.35
HG3 DPR A 5 7.01 -5.36 1.91
HD2 DPR A 5 7.20 -2.73 1.75
HD3 DPR A 5 5.79 -3.56 1.09
N DHI A 6 2.56 -4.83 3.87
CA DHI A 6 1.19 -5.10 3.54
C DHI A 6 1.16 -5.99 2.30
O DHI A 6 2.00 -6.87 2.15
CB DHI A 6 0.43 -5.74 4.74
CG DHI A 6 0.68 -7.21 5.00
ND1 DHI A 6 -0.32 -8.14 4.99
CD2 DHI A 6 1.81 -7.90 5.28
CE1 DHI A 6 0.17 -9.32 5.24
NE2 DHI A 6 1.47 -9.21 5.43
H DHI A 6 3.00 -5.32 4.60
HA DHI A 6 0.74 -4.15 3.29
HB2 DHI A 6 0.70 -5.21 5.64
HB3 DHI A 6 -0.64 -5.62 4.57
HD1 DHI A 6 -1.27 -7.95 4.83
HD2 DHI A 6 2.81 -7.49 5.38
HE1 DHI A 6 -0.41 -10.24 5.26
HE2 DHI A 6 2.07 -9.94 5.69
N DLE A 7 0.19 -5.73 1.43
CA DLE A 7 0.01 -6.42 0.14
CB DLE A 7 -0.07 -7.97 0.27
CG DLE A 7 -1.41 -8.58 0.74
CD1 DLE A 7 -1.32 -10.08 0.76
CD2 DLE A 7 -1.84 -8.07 2.10
C DLE A 7 1.11 -6.00 -0.84
O DLE A 7 1.40 -6.71 -1.80
H DLE A 7 -0.40 -4.97 1.61
HA DLE A 7 -0.92 -6.05 -0.26
HB2 DLE A 7 0.16 -8.39 -0.70
HB3 DLE A 7 0.69 -8.27 0.97
HG DLE A 7 -2.18 -8.33 0.02
HD11 DLE A 7 -2.25 -10.49 1.10
HD12 DLE A 7 -0.52 -10.39 1.42
HD13 DLE A 7 -1.12 -10.44 -0.25
HD21 DLE A 7 -1.95 -6.99 2.06
HD22 DLE A 7 -1.10 -8.32 2.83
HD23 DLE A 7 -2.79 -8.51 2.36
N DLY A 8 1.64 -4.82 -0.64
CA DLY A 8 2.74 -4.34 -1.44
C DLY A 8 2.35 -2.96 -1.98
O DLY A 8 1.49 -2.32 -1.39
CB DLY A 8 4.00 -4.27 -0.59
CG DLY A 8 5.32 -4.27 -1.37
CD DLY A 8 5.57 -5.62 -2.02
CE DLY A 8 6.88 -5.63 -2.78
NZ DLY A 8 7.15 -6.95 -3.41
H DLY A 8 1.26 -4.23 0.05
HA DLY A 8 2.88 -5.02 -2.27
HB2 DLY A 8 3.97 -3.35 -0.02
HB3 DLY A 8 4.01 -5.10 0.09
HG2 DLY A 8 5.26 -3.51 -2.12
HG3 DLY A 8 6.15 -4.05 -0.71
HD2 DLY A 8 5.60 -6.38 -1.25
HD3 DLY A 8 4.76 -5.84 -2.71
HE2 DLY A 8 6.85 -4.88 -3.55
HE3 DLY A 8 7.69 -5.40 -2.09
HZ1 DLY A 8 6.40 -7.19 -4.09
HZ2 DLY A 8 7.19 -7.71 -2.70
HZ3 DLY A 8 8.06 -6.95 -3.91
N DLE A 9 2.96 -2.54 -3.10
CA DLE A 9 2.66 -1.23 -3.76
CB DLE A 9 3.59 -0.96 -5.00
CG DLE A 9 5.15 -0.96 -4.87
CD1 DLE A 9 5.69 -0.05 -3.77
CD2 DLE A 9 5.73 -2.35 -4.74
C DLE A 9 2.59 0.00 -2.83
O DLE A 9 3.11 0.00 -1.71
H DLE A 9 3.61 -3.14 -3.52
HA DLE A 9 1.66 -1.36 -4.14
HB2 DLE A 9 3.35 -1.69 -5.76
HB3 DLE A 9 3.29 0.01 -5.40
HG DLE A 9 5.53 -0.53 -5.78
HD11 DLE A 9 5.31 -0.37 -2.81
HD12 DLE A 9 5.38 0.97 -3.95
HD13 DLE A 9 6.77 -0.09 -3.75
HD21 DLE A 9 5.45 -2.94 -5.60
HD22 DLE A 9 5.37 -2.81 -3.84
HD23 DLE A 9 6.81 -2.29 -4.70
N DCY A 10 1.96 1.04 -3.32
CA DCY A 10 1.81 2.28 -2.59
C DCY A 10 2.69 3.32 -3.19
O DCY A 10 2.61 3.58 -4.40
CB DCY A 10 0.40 2.84 -2.71
SG DCY A 10 -0.96 1.82 -2.12
H DCY A 10 1.57 0.98 -4.22
HA DCY A 10 2.05 2.12 -1.54
HB2 DCY A 10 0.34 3.77 -2.18
HB3 DCY A 10 0.21 3.05 -3.76
N DLY A 11 3.54 3.93 -2.42
CA DLY A 11 4.22 5.11 -2.92
C DLY A 11 3.85 6.28 -2.04
O DLY A 11 4.05 7.44 -2.38
CB DLY A 11 5.74 4.93 -3.04
CG DLY A 11 6.56 5.12 -1.77
CD DLY A 11 8.04 5.18 -2.13
CE DLY A 11 8.92 5.68 -0.98
NZ DLY A 11 9.07 4.71 0.11
H DLY A 11 3.74 3.55 -1.53
HA DLY A 11 3.81 5.29 -3.89
HB2 DLY A 11 5.89 3.91 -3.38
HB3 DLY A 11 6.10 5.60 -3.81
HG2 DLY A 11 6.27 6.04 -1.29
HG3 DLY A 11 6.39 4.28 -1.10
HD2 DLY A 11 8.36 4.19 -2.40
HD3 DLY A 11 8.16 5.84 -2.98
HE2 DLY A 11 9.90 5.91 -1.38
HE3 DLY A 11 8.48 6.59 -0.60
HZ1 DLY A 11 9.39 3.78 -0.21
HZ2 DLY A 11 8.24 4.63 0.74
HZ3 DLY A 11 9.83 5.06 0.73
N DGL A 12 3.26 5.95 -0.89
CA DGL A 12 2.81 6.86 0.12
C DGL A 12 2.14 6.02 1.21
O DGL A 12 2.79 5.15 1.80
CB DGL A 12 3.99 7.70 0.68
CG DGL A 12 3.67 8.57 1.89
CD DGL A 12 2.54 9.54 1.67
OE1 DGL A 12 2.77 10.64 1.14
OE2 DGL A 12 1.41 9.23 2.05
H DGL A 12 3.12 5.00 -0.69
HA DGL A 12 2.06 7.51 -0.31
HB2 DGL A 12 4.78 7.02 0.95
HB3 DGL A 12 4.34 8.34 -0.11
HG2 DGL A 12 3.39 7.92 2.71
HG3 DGL A 12 4.55 9.13 2.16
N DSG A 13 0.86 6.25 1.42
CA DSG A 13 0.05 5.47 2.38
C DSG A 13 0.69 5.43 3.77
O DSG A 13 0.81 4.38 4.36
CB DSG A 13 -1.43 5.92 2.44
CG DSG A 13 -1.70 7.42 2.74
OD1 DSG A 13 -0.94 8.09 3.44
ND2 DSG A 13 -2.76 7.93 2.21
H DSG A 13 0.42 6.97 0.91
HA DSG A 13 0.07 4.46 2.02
HB2 DSG A 13 -1.90 5.71 1.48
HB3 DSG A 13 -1.92 5.34 3.19
HD21 DSG A 13 -3.33 7.36 1.65
HD22 DSG A 13 -2.98 8.88 2.38
N DLY A 14 1.14 6.55 4.24
CA DLY A 14 1.72 6.66 5.58
C DLY A 14 3.16 6.18 5.60
O DLY A 14 3.76 6.07 6.66
CB DLY A 14 1.57 8.08 6.10
CG DLY A 14 2.26 9.14 5.25
CD DLY A 14 1.82 10.54 5.64
CE DLY A 14 0.35 10.79 5.29
NZ DLY A 14 0.11 10.79 3.83
H DLY A 14 1.07 7.35 3.66
HA DLY A 14 1.15 5.99 6.21
HB2 DLY A 14 0.52 8.32 6.15
HB3 DLY A 14 1.98 8.12 7.10
HG2 DLY A 14 3.34 9.06 5.39
HG3 DLY A 14 2.02 8.98 4.21
HD2 DLY A 14 1.96 10.67 6.71
HD3 DLY A 14 2.43 11.26 5.12
HE2 DLY A 14 -0.27 10.04 5.75
HE3 DLY A 14 0.07 11.75 5.69
HZ1 DLY A 14 0.49 9.94 3.35
HZ2 DLY A 14 0.53 11.61 3.36
HZ3 DLY A 14 -0.91 10.81 3.63
N DAS A 15 3.68 5.86 4.44
CA DAS A 15 5.02 5.32 4.34
C DAS A 15 4.91 3.80 4.34
O DAS A 15 5.87 3.08 4.57
CB DAS A 15 5.68 5.81 3.07
CG DAS A 15 7.14 5.48 3.00
OD1 DAS A 15 7.53 4.61 2.21
OD2 DAS A 15 7.94 6.13 3.69
H DAS A 15 3.14 5.98 3.63
HA DAS A 15 5.58 5.63 5.21
HB2 DAS A 15 5.20 5.36 2.22
HB3 DAS A 15 5.57 6.89 3.00
N DCY A 16 3.71 3.33 4.07
CA DCY A 16 3.39 1.93 4.18
C DCY A 16 3.19 1.59 5.66
O DCY A 16 2.55 2.36 6.37
CB DCY A 16 2.12 1.62 3.39
SG DCY A 16 2.22 2.05 1.61
H DCY A 16 3.01 3.95 3.77
HA DCY A 16 4.22 1.35 3.79
HB2 DCY A 16 1.88 0.57 3.47
HB3 DCY A 16 1.31 2.19 3.81
N DCY A 17 3.73 0.47 6.09
CA DCY A 17 3.71 0.06 7.51
C DCY A 17 2.26 0.01 8.05
O DCY A 17 1.98 0.53 9.11
CB DCY A 17 4.33 -1.34 7.66
SG DCY A 17 5.92 -1.60 6.76
H DCY A 17 4.18 -0.12 5.44
HA DCY A 17 4.28 0.76 8.08
HB2 DCY A 17 4.53 -1.53 8.70
HB3 DCY A 17 3.63 -2.07 7.29
N DSN A 18 1.37 -0.57 7.27
CA DSN A 18 -0.01 -0.75 7.70
C DSN A 18 -0.90 0.44 7.25
O DSN A 18 -2.07 0.56 7.61
CB DSN A 18 -0.49 -2.09 7.15
OG DSN A 18 -1.77 -2.47 7.62
H DSN A 18 1.63 -0.89 6.39
HA DSN A 18 -0.01 -0.79 8.77
HB2 DSN A 18 -0.55 -2.03 6.07
HB3 DSN A 18 0.21 -2.86 7.42
HG DSN A 18 -2.15 -2.99 6.89
N DLY A 19 -0.30 1.33 6.44
CA DLY A 19 -0.88 2.63 6.02
C DLY A 19 -2.14 2.57 5.10
O DLY A 19 -2.54 3.58 4.51
CB DLY A 19 -1.10 3.51 7.26
CG DLY A 19 -1.49 4.95 6.98
CD DLY A 19 -1.58 5.73 8.27
CE DLY A 19 -1.88 7.20 8.02
NZ DLY A 19 -1.94 7.97 9.27
H DLY A 19 0.62 1.14 6.15
HA DLY A 19 -0.10 3.10 5.43
HB2 DLY A 19 -1.89 3.08 7.85
HB3 DLY A 19 -0.19 3.51 7.85
HG2 DLY A 19 -0.75 5.41 6.33
HG3 DLY A 19 -2.44 4.96 6.49
HD2 DLY A 19 -2.37 5.31 8.86
HD3 DLY A 19 -0.64 5.65 8.80
HE2 DLY A 19 -1.10 7.62 7.40
HE3 DLY A 19 -2.83 7.30 7.50
HZ1 DLY A 19 -1.05 7.89 9.79
HZ2 DLY A 19 -2.70 7.61 9.90
HZ3 DLY A 19 -2.12 8.98 9.09
N DLY A 20 -2.75 1.41 4.92
CA DLY A 20 -3.99 1.37 4.12
C DLY A 20 -3.73 1.11 2.67
O DLY A 20 -3.58 -0.03 2.25
CB DLY A 20 -4.99 0.35 4.65
CG DLY A 20 -5.39 0.54 6.10
CD DLY A 20 -6.50 -0.42 6.50
CE DLY A 20 -6.15 -1.89 6.27
NZ DLY A 20 -4.89 -2.28 6.92
H DLY A 20 -2.37 0.60 5.30
HA DLY A 20 -4.44 2.35 4.22
HB2 DLY A 20 -5.89 0.39 4.05
HB3 DLY A 20 -4.56 -0.63 4.55
HG2 DLY A 20 -4.52 0.35 6.73
HG3 DLY A 20 -5.73 1.55 6.23
HD2 DLY A 20 -6.70 -0.29 7.56
HD3 DLY A 20 -7.40 -0.17 5.95
HE2 DLY A 20 -6.94 -2.50 6.68
HE3 DLY A 20 -6.07 -2.07 5.20
HZ1 DLY A 20 -4.82 -1.86 7.87
HZ2 DLY A 20 -4.06 -2.01 6.33
HZ3 DLY A 20 -4.87 -3.31 7.03
N DCY A 21 -3.65 2.15 1.91
CA DCY A 21 -3.46 2.03 0.48
C DCY A 21 -4.80 1.94 -0.24
O DCY A 21 -5.73 2.71 0.05
CB DCY A 21 -2.66 3.22 -0.05
SG DCY A 21 -2.42 3.18 -1.84
H DCY A 21 -3.71 3.06 2.30
HA DCY A 21 -2.91 1.13 0.28
HB2 DCY A 21 -3.18 4.13 0.20
HB3 DCY A 21 -1.68 3.23 0.42
N DLY A 22 -4.92 0.99 -1.16
CA DLY A 22 -6.15 0.79 -1.94
C DLY A 22 -5.77 0.37 -3.36
O DLY A 22 -4.75 -0.31 -3.55
CB DLY A 22 -7.01 -0.32 -1.33
CG DLY A 22 -7.55 -0.05 0.06
CD DLY A 22 -8.17 -1.30 0.66
CE DLY A 22 -9.38 -1.81 -0.12
NZ DLY A 22 -9.88 -3.09 0.42
H DLY A 22 -4.16 0.39 -1.34
HA DLY A 22 -6.70 1.73 -1.97
HB2 DLY A 22 -7.86 -0.49 -1.98
HB3 DLY A 22 -6.43 -1.22 -1.30
HG2 DLY A 22 -6.74 0.28 0.68
HG3 DLY A 22 -8.31 0.73 0.00
HD2 DLY A 22 -7.42 -2.09 0.66
HD3 DLY A 22 -8.46 -1.09 1.67
HE2 DLY A 22 -10.17 -1.07 -0.05
HE3 DLY A 22 -9.11 -1.94 -1.15
HZ1 DLY A 22 -10.11 -3.03 1.44
HZ2 DLY A 22 -9.18 -3.84 0.31
HZ3 DLY A 22 -10.74 -3.40 -0.08
N DAR A 23 -6.56 0.78 -4.34
CA DAR A 23 -6.31 0.40 -5.73
CB DAR A 23 -7.10 1.26 -6.74
CG DAR A 23 -7.08 0.70 -8.15
CD DAR A 23 -7.68 1.63 -9.19
NE DAR A 23 -6.81 2.77 -9.48
CZ DAR A 23 -6.65 3.33 -10.69
NH1 DAR A 23 -7.23 2.80 -11.76
NH2 DAR A 23 -5.88 4.41 -10.83
C DAR A 23 -6.62 -1.07 -5.94
O DAR A 23 -5.83 -1.81 -6.55
H DAR A 23 -7.32 1.36 -4.13
HA DAR A 23 -5.26 0.54 -5.92
HB2 DAR A 23 -8.12 1.33 -6.41
HB3 DAR A 23 -6.66 2.26 -6.75
HG2 DAR A 23 -6.05 0.51 -8.43
HG3 DAR A 23 -7.62 -0.24 -8.15
HD2 DAR A 23 -7.84 1.07 -10.10
HD3 DAR A 23 -8.63 2.00 -8.82
HE DAR A 23 -6.32 3.13 -8.70
HH11 DAR A 23 -7.81 1.98 -11.71
HH12 DAR A 23 -7.15 3.19 -12.68
HH21 DAR A 23 -5.40 4.82 -10.06
HH22 DAR A 23 -5.75 4.83 -11.73
N DAR A 24 -7.75 -1.49 -5.44
CA DAR A 24 -8.20 -2.85 -5.60
CB DAR A 24 -9.71 -2.94 -5.43
CG DAR A 24 -10.50 -1.95 -6.29
CD DAR A 24 -10.29 -2.19 -7.79
NE DAR A 24 -10.97 -1.18 -8.59
CZ DAR A 24 -11.33 -1.32 -9.88
NH1 DAR A 24 -11.04 -2.44 -10.53
NH2 DAR A 24 -11.97 -0.33 -10.50
C DAR A 24 -7.52 -3.71 -4.55
O DAR A 24 -7.49 -3.35 -3.39
H DAR A 24 -8.30 -0.88 -4.90
HA DAR A 24 -7.92 -3.20 -6.58
HB2 DAR A 24 -10.04 -3.94 -5.67
HB3 DAR A 24 -9.96 -2.74 -4.39
HG2 DAR A 24 -11.56 -2.06 -6.08
HG3 DAR A 24 -10.19 -0.96 -6.05
HD2 DAR A 24 -9.23 -2.16 -7.99
HD3 DAR A 24 -10.68 -3.16 -8.04
HE DAR A 24 -11.18 -0.34 -8.11
HH11 DAR A 24 -10.56 -3.20 -10.09
HH12 DAR A 24 -11.30 -2.58 -11.49
HH21 DAR A 24 -12.20 0.53 -10.06
HH22 DAR A 24 -12.27 -0.44 -11.46
N GLY A 25 -6.94 -4.79 -4.96
CA GLY A 25 -6.29 -5.68 -4.05
C GLY A 25 -6.15 -7.01 -4.68
N DTH A 26 -4.95 -7.53 -4.70
CA DTH A 26 -4.68 -8.74 -5.41
CB DTH A 26 -3.28 -9.31 -5.01
CG2 DTH A 26 -2.12 -8.50 -5.59
OG1 DTH A 26 -3.18 -9.29 -3.57
C DTH A 26 -4.77 -8.44 -6.93
O DTH A 26 -5.17 -9.27 -7.74
H DTH A 26 -4.22 -7.12 -4.18
HA DTH A 26 -5.45 -9.46 -5.16
HB DTH A 26 -3.22 -10.34 -5.34
HG21 DTH A 26 -2.19 -8.52 -6.67
HG22 DTH A 26 -1.19 -8.93 -5.28
HG23 DTH A 26 -2.18 -7.49 -5.24
HG1 DTH A 26 -3.52 -10.14 -3.27
N DSG A 27 -4.46 -7.19 -7.25
CA DSG A 27 -4.52 -6.63 -8.58
C DSG A 27 -4.78 -5.15 -8.43
O DSG A 27 -4.62 -4.62 -7.31
CB DSG A 27 -3.21 -6.84 -9.37
CG DSG A 27 -2.87 -8.29 -9.69
OD1 DSG A 27 -2.19 -8.96 -8.92
ND2 DSG A 27 -3.30 -8.76 -10.85
H DSG A 27 -4.18 -6.57 -6.54
HA DSG A 27 -5.34 -7.11 -9.10
HB2 DSG A 27 -3.27 -6.31 -10.31
HB3 DSG A 27 -2.39 -6.42 -8.80
HD21 DSG A 27 -3.81 -8.18 -11.44
HD22 DSG A 27 -3.09 -9.70 -11.06
N DIL A 28 -5.11 -4.50 -9.51
CA DIL A 28 -5.41 -3.05 -9.58
C DIL A 28 -4.08 -2.21 -9.55
O DIL A 28 -3.99 -1.09 -10.04
CB DIL A 28 -6.19 -2.81 -10.93
CG1 DIL A 28 -5.30 -3.08 -12.16
CG2 DIL A 28 -6.86 -1.43 -10.99
CD1 DIL A 28 -6.00 -2.95 -13.50
H DIL A 28 -5.20 -5.01 -10.34
HA DIL A 28 -6.02 -2.73 -8.75
HB DIL A 28 -7.00 -3.53 -10.93
HG12 DIL A 28 -4.48 -2.39 -12.15
HG13 DIL A 28 -4.90 -4.09 -12.09
HG21 DIL A 28 -6.11 -0.66 -10.90
HG22 DIL A 28 -7.58 -1.34 -10.19
HG23 DIL A 28 -7.36 -1.33 -11.94
HD11 DIL A 28 -6.39 -1.95 -13.59
HD12 DIL A 28 -6.81 -3.66 -13.55
HD13 DIL A 28 -5.30 -3.15 -14.29
N DGL A 29 -3.08 -2.75 -8.87
CA DGL A 29 -1.74 -2.18 -8.86
C DGL A 29 -1.51 -1.12 -7.79
O DGL A 29 -0.40 -0.59 -7.68
CB DGL A 29 -0.70 -3.28 -8.69
CG DGL A 29 -0.70 -4.30 -9.80
CD DGL A 29 0.33 -5.36 -9.60
OE1 DGL A 29 1.40 -5.28 -10.22
OE2 DGL A 29 0.12 -6.27 -8.81
H DGL A 29 -3.28 -3.55 -8.33
HA DGL A 29 -1.58 -1.71 -9.82
HB2 DGL A 29 0.28 -2.82 -8.66
HB3 DGL A 29 -0.88 -3.79 -7.76
HG2 DGL A 29 -1.69 -4.76 -9.85
HG3 DGL A 29 -0.52 -3.79 -10.74
N DLY A 30 -2.56 -0.82 -7.01
CA DLY A 30 -2.50 0.20 -5.93
C DLY A 30 -1.51 -0.25 -4.85
O DLY A 30 -0.32 0.03 -4.90
CB DLY A 30 -2.12 1.59 -6.52
CG DLY A 30 -2.38 2.82 -5.64
CD DLY A 30 -3.86 2.98 -5.34
CE DLY A 30 -4.24 4.43 -5.01
NZ DLY A 30 -3.53 5.00 -3.88
H DLY A 30 -3.40 -1.30 -7.19
HA DLY A 30 -3.48 0.26 -5.47
HB2 DLY A 30 -1.07 1.58 -6.75
HB3 DLY A 30 -2.66 1.72 -7.45
HG2 DLY A 30 -1.85 2.71 -4.72
HG3 DLY A 30 -2.03 3.70 -6.17
HD2 DLY A 30 -4.43 2.66 -6.20
HD3 DLY A 30 -4.11 2.36 -4.50
HE2 DLY A 30 -4.01 5.04 -5.87
HE3 DLY A 30 -5.30 4.47 -4.82
HZ1 DLY A 30 -2.50 5.01 -4.04
HZ2 DLY A 30 -3.73 4.46 -3.00
HZ3 DLY A 30 -3.84 5.97 -3.71
N DAR A 31 -2.04 -1.00 -3.88
CA DAR A 31 -1.21 -1.61 -2.85
CB DAR A 31 -1.15 -3.13 -3.01
CG DAR A 31 -0.51 -3.63 -4.29
CD DAR A 31 -0.37 -5.14 -4.27
NE DAR A 31 0.22 -5.68 -5.50
CZ DAR A 31 1.01 -6.77 -5.56
NH1 DAR A 31 1.45 -7.34 -4.45
NH2 DAR A 31 1.38 -7.25 -6.72
C DAR A 31 -1.71 -1.29 -1.44
O DAR A 31 -2.94 -1.21 -1.21
H DAR A 31 -3.01 -1.09 -3.84
HA DAR A 31 -0.21 -1.22 -2.96
HB2 DAR A 31 -0.59 -3.55 -2.19
HB3 DAR A 31 -2.16 -3.52 -2.97
HG2 DAR A 31 -1.13 -3.35 -5.13
HG3 DAR A 31 0.47 -3.19 -4.40
HD2 DAR A 31 0.27 -5.40 -3.43
HD3 DAR A 31 -1.35 -5.57 -4.12
HE DAR A 31 -0.03 -5.23 -6.34
HH11 DAR A 31 1.25 -7.01 -3.52
HH12 DAR A 31 2.04 -8.16 -4.47
HH21 DAR A 31 1.06 -6.82 -7.59
HH22 DAR A 31 1.98 -8.05 -6.82
N DCY A 32 -0.77 -1.12 -0.54
CA DCY A 32 -1.01 -0.91 0.87
C DCY A 32 -1.17 -2.25 1.53
O DCY A 32 -0.59 -3.22 1.06
CB DCY A 32 0.15 -0.14 1.52
SG DCY A 32 0.39 1.55 0.91
H DCY A 32 0.17 -1.18 -0.83
HA DCY A 32 -1.93 -0.35 0.99
HB2 DCY A 32 -0.03 -0.08 2.58
HB3 DCY A 32 1.06 -0.69 1.34
N DAR A 33 -1.95 -2.33 2.59
CA DAR A 33 -2.20 -3.57 3.27
CB DAR A 33 -3.35 -4.30 2.58
CG DAR A 33 -4.69 -3.62 2.75
CD DAR A 33 -5.58 -3.99 1.61
NE DAR A 33 -5.06 -3.41 0.37
CZ DAR A 33 -5.61 -3.55 -0.82
NH1 DAR A 33 -6.62 -4.36 -0.98
NH2 DAR A 33 -5.09 -2.89 -1.85
C DAR A 33 -2.56 -3.29 4.71
O DAR A 33 -2.33 -4.15 5.58
OXT DAR A 33 -2.99 -2.16 4.99
H DAR A 33 -2.39 -1.53 2.97
HA DAR A 33 -1.31 -4.18 3.22
HB2 DAR A 33 -3.12 -4.36 1.52
HB3 DAR A 33 -3.42 -5.30 2.97
HG2 DAR A 33 -5.12 -3.94 3.67
HG3 DAR A 33 -4.54 -2.55 2.75
HD2 DAR A 33 -5.62 -5.07 1.53
HD3 DAR A 33 -6.58 -3.59 1.80
HE DAR A 33 -4.25 -2.86 0.49
HH11 DAR A 33 -6.99 -4.91 -0.24
HH12 DAR A 33 -7.10 -4.44 -1.86
HH21 DAR A 33 -4.30 -2.29 -1.76
HH22 DAR A 33 -5.52 -2.96 -2.76
N GLY A 1 12.17 3.51 1.99
CA GLY A 1 12.79 3.55 3.31
C GLY A 1 12.02 2.72 4.28
N DAS A 2 12.17 3.02 5.58
CA DAS A 2 11.45 2.34 6.68
C DAS A 2 9.96 2.61 6.57
O DAS A 2 9.45 3.58 7.14
CB DAS A 2 11.71 0.80 6.76
CG DAS A 2 13.14 0.42 7.07
OD1 DAS A 2 13.96 0.31 6.13
OD2 DAS A 2 13.50 0.23 8.26
H DAS A 2 12.79 3.74 5.81
HA DAS A 2 11.79 2.80 7.60
HB2 DAS A 2 11.09 0.38 7.54
HB3 DAS A 2 11.43 0.36 5.83
N DCY A 3 9.30 1.79 5.80
CA DCY A 3 7.91 1.88 5.49
C DCY A 3 7.58 0.70 4.58
O DCY A 3 8.23 -0.35 4.69
CB DCY A 3 7.00 1.89 6.75
SG DCY A 3 7.14 0.44 7.87
H DCY A 3 9.78 1.05 5.38
HA DCY A 3 7.75 2.79 4.92
HB2 DCY A 3 7.27 2.76 7.34
HB3 DCY A 3 5.98 1.98 6.44
N DLE A 4 6.67 0.87 3.66
CA DLE A 4 6.28 -0.23 2.76
CB DLE A 4 5.59 0.29 1.48
CG DLE A 4 6.42 1.07 0.43
CD1 DLE A 4 5.56 1.42 -0.75
CD2 DLE A 4 7.03 2.33 1.00
C DLE A 4 5.35 -1.19 3.50
O DLE A 4 4.45 -0.73 4.23
H DLE A 4 6.27 1.76 3.54
HA DLE A 4 7.19 -0.74 2.49
HB2 DLE A 4 5.17 -0.57 0.97
HB3 DLE A 4 4.78 0.93 1.79
HG DLE A 4 7.22 0.43 0.08
HD11 DLE A 4 4.75 2.08 -0.44
HD12 DLE A 4 5.11 0.52 -1.16
HD13 DLE A 4 6.15 1.91 -1.51
HD21 DLE A 4 7.67 2.09 1.84
HD22 DLE A 4 6.24 2.99 1.34
HD23 DLE A 4 7.60 2.83 0.24
N DPR A 5 5.50 -2.50 3.35
CA DPR A 5 4.71 -3.47 4.08
CB DPR A 5 5.57 -4.75 4.05
CG DPR A 5 6.67 -4.50 3.06
CD DPR A 5 6.42 -3.16 2.41
C DPR A 5 3.33 -3.74 3.43
O DPR A 5 3.07 -3.30 2.31
HA DPR A 5 4.56 -3.16 5.10
HB2 DPR A 5 5.96 -4.94 5.04
HB3 DPR A 5 4.95 -5.58 3.74
HG2 DPR A 5 7.62 -4.50 3.57
HG3 DPR A 5 6.67 -5.28 2.31
HD2 DPR A 5 7.35 -2.63 2.30
HD3 DPR A 5 5.96 -3.30 1.45
N DHI A 6 2.46 -4.42 4.16
CA DHI A 6 1.15 -4.80 3.64
C DHI A 6 1.30 -5.86 2.55
O DHI A 6 2.23 -6.69 2.62
CB DHI A 6 0.19 -5.29 4.77
CG DHI A 6 0.52 -6.65 5.37
ND1 DHI A 6 -0.32 -7.75 5.25
CD2 DHI A 6 1.58 -7.07 6.08
CE1 DHI A 6 0.23 -8.78 5.87
NE2 DHI A 6 1.38 -8.40 6.38
H DHI A 6 2.72 -4.64 5.08
HA DHI A 6 0.73 -3.91 3.19
HB2 DHI A 6 0.20 -4.58 5.58
HB3 DHI A 6 -0.82 -5.35 4.38
HD1 DHI A 6 -1.19 -7.80 4.82
HD2 DHI A 6 2.44 -6.48 6.36
HE1 DHI A 6 -0.19 -9.76 5.91
HE2 DHI A 6 1.81 -8.85 7.14
N DLE A 7 0.41 -5.80 1.57
CA DLE A 7 0.38 -6.72 0.42
CB DLE A 7 0.37 -8.21 0.84
CG DLE A 7 -0.99 -8.84 1.20
CD1 DLE A 7 -0.81 -10.20 1.84
CD2 DLE A 7 -1.86 -7.93 2.06
C DLE A 7 1.48 -6.39 -0.55
O DLE A 7 1.93 -7.24 -1.34
H DLE A 7 -0.22 -5.04 1.57
HA DLE A 7 -0.55 -6.52 -0.10
HB2 DLE A 7 0.81 -8.79 0.04
HB3 DLE A 7 1.02 -8.31 1.70
HG DLE A 7 -1.51 -9.03 0.27
HD11 DLE A 7 -0.25 -10.10 2.77
HD12 DLE A 7 -0.28 -10.85 1.17
HD13 DLE A 7 -1.79 -10.63 2.06
HD21 DLE A 7 -1.34 -7.68 2.97
HD22 DLE A 7 -2.79 -8.42 2.28
HD23 DLE A 7 -2.06 -7.02 1.50
N DLY A 8 1.89 -5.13 -0.52
CA DLY A 8 2.90 -4.60 -1.43
C DLY A 8 2.35 -3.37 -2.09
O DLY A 8 1.21 -3.00 -1.86
CB DLY A 8 4.24 -4.26 -0.72
CG DLY A 8 5.18 -5.44 -0.48
CD DLY A 8 4.62 -6.46 0.50
CE DLY A 8 5.54 -7.65 0.65
NZ DLY A 8 4.95 -8.66 1.54
H DLY A 8 1.48 -4.51 0.12
HA DLY A 8 3.07 -5.35 -2.18
HB2 DLY A 8 4.77 -3.54 -1.32
HB3 DLY A 8 4.01 -3.82 0.24
HG2 DLY A 8 5.37 -5.94 -1.43
HG3 DLY A 8 6.11 -5.05 -0.10
HD2 DLY A 8 4.51 -5.99 1.45
HD3 DLY A 8 3.66 -6.79 0.13
HE2 DLY A 8 5.69 -8.10 -0.33
HE3 DLY A 8 6.48 -7.33 1.06
HZ1 DLY A 8 4.03 -9.00 1.20
HZ2 DLY A 8 4.81 -8.28 2.50
HZ3 DLY A 8 5.58 -9.49 1.62
N DLE A 9 3.16 -2.76 -2.91
CA DLE A 9 2.82 -1.53 -3.62
CB DLE A 9 3.88 -1.21 -4.71
CG DLE A 9 5.36 -1.62 -4.44
CD1 DLE A 9 6.23 -1.20 -5.60
CD2 DLE A 9 5.92 -1.06 -3.14
C DLE A 9 2.59 -0.34 -2.66
O DLE A 9 2.86 -0.42 -1.47
H DLE A 9 4.04 -3.17 -3.07
HA DLE A 9 1.89 -1.72 -4.11
HB2 DLE A 9 3.57 -1.70 -5.61
HB3 DLE A 9 3.85 -0.14 -4.88
HG DLE A 9 5.40 -2.69 -4.40
HD11 DLE A 9 7.25 -1.48 -5.39
HD12 DLE A 9 6.17 -0.13 -5.74
HD13 DLE A 9 5.90 -1.70 -6.50
HD21 DLE A 9 6.93 -1.37 -3.01
HD22 DLE A 9 5.33 -1.44 -2.31
HD23 DLE A 9 5.87 0.03 -3.15
N DCY A 10 2.08 0.74 -3.21
CA DCY A 10 1.77 1.93 -2.45
C DCY A 10 2.51 3.09 -3.00
O DCY A 10 2.43 3.40 -4.19
CB DCY A 10 0.26 2.22 -2.44
SG DCY A 10 -0.24 3.87 -1.78
H DCY A 10 1.91 0.78 -4.18
HA DCY A 10 2.09 1.76 -1.43
HB2 DCY A 10 -0.12 2.13 -3.45
HB3 DCY A 10 -0.20 1.45 -1.81
N DLY A 11 3.25 3.72 -2.15
CA DLY A 11 3.94 4.91 -2.49
C DLY A 11 3.10 6.07 -1.96
O DLY A 11 2.83 7.05 -2.65
CB DLY A 11 5.32 4.88 -1.82
CG DLY A 11 6.27 6.00 -2.24
CD DLY A 11 6.57 5.92 -3.72
CE DLY A 11 7.53 7.01 -4.17
NZ DLY A 11 7.80 6.92 -5.62
H DLY A 11 3.33 3.34 -1.25
HA DLY A 11 4.03 4.97 -3.56
HB2 DLY A 11 5.19 4.90 -0.76
HB3 DLY A 11 5.75 3.93 -2.11
HG2 DLY A 11 5.81 6.95 -2.01
HG3 DLY A 11 7.19 5.90 -1.68
HD2 DLY A 11 7.01 4.96 -3.93
HD3 DLY A 11 5.65 6.02 -4.27
HE2 DLY A 11 7.10 7.97 -3.95
HE3 DLY A 11 8.46 6.89 -3.64
HZ1 DLY A 11 6.93 7.07 -6.17
HZ2 DLY A 11 8.16 5.98 -5.88
HZ3 DLY A 11 8.50 7.62 -5.91
N DGL A 12 2.64 5.87 -0.76
CA DGL A 12 1.75 6.73 -0.04
C DGL A 12 1.31 5.93 1.14
O DGL A 12 2.11 5.14 1.67
CB DGL A 12 2.46 8.01 0.43
CG DGL A 12 1.56 8.95 1.23
CD DGL A 12 2.25 10.23 1.60
OE1 DGL A 12 2.76 10.33 2.71
OE2 DGL A 12 2.26 11.17 0.78
H DGL A 12 2.87 5.04 -0.27
HA DGL A 12 0.91 6.97 -0.66
HB2 DGL A 12 3.30 7.74 1.06
HB3 DGL A 12 2.82 8.55 -0.43
HG2 DGL A 12 0.68 9.18 0.64
HG3 DGL A 12 1.25 8.44 2.14
N DSG A 13 0.07 6.10 1.57
CA DSG A 13 -0.47 5.29 2.65
C DSG A 13 0.38 5.42 3.91
O DSG A 13 0.77 4.44 4.51
CB DSG A 13 -1.96 5.56 2.93
CG DSG A 13 -2.27 6.92 3.56
OD1 DSG A 13 -1.57 7.91 3.33
ND2 DSG A 13 -3.30 6.97 4.34
H DSG A 13 -0.50 6.77 1.12
HA DSG A 13 -0.39 4.27 2.30
HB2 DSG A 13 -2.51 5.51 2.01
HB3 DSG A 13 -2.34 4.80 3.59
HD21 DSG A 13 -3.82 6.14 4.48
HD22 DSG A 13 -3.54 7.82 4.75
N DLY A 14 0.73 6.65 4.25
CA DLY A 14 1.50 6.96 5.45
C DLY A 14 2.93 6.44 5.33
O DLY A 14 3.55 6.11 6.32
CB DLY A 14 1.50 8.47 5.69
CG DLY A 14 2.15 8.88 7.03
CD DLY A 14 2.24 10.39 7.18
CE DLY A 14 0.88 11.06 7.09
NZ DLY A 14 0.98 12.51 7.23
H DLY A 14 0.45 7.39 3.66
HA DLY A 14 1.03 6.47 6.28
HB2 DLY A 14 2.05 8.96 4.89
HB3 DLY A 14 0.48 8.81 5.70
HG2 DLY A 14 1.56 8.47 7.84
HG3 DLY A 14 3.15 8.45 7.06
HD2 DLY A 14 2.67 10.61 8.14
HD3 DLY A 14 2.87 10.78 6.40
HE2 DLY A 14 0.44 10.83 6.13
HE3 DLY A 14 0.24 10.67 7.88
HZ1 DLY A 14 1.55 12.91 6.47
HZ2 DLY A 14 1.38 12.79 8.14
HZ3 DLY A 14 0.02 12.94 7.15
N DAS A 15 3.42 6.33 4.10
CA DAS A 15 4.78 5.88 3.86
C DAS A 15 4.85 4.37 4.00
O DAS A 15 5.90 3.78 4.25
CB DAS A 15 5.24 6.34 2.47
CG DAS A 15 6.71 6.03 2.19
OD1 DAS A 15 7.57 6.35 3.03
OD2 DAS A 15 7.03 5.56 1.09
H DAS A 15 2.83 6.55 3.34
HA DAS A 15 5.41 6.32 4.61
HB2 DAS A 15 4.66 5.83 1.72
HB3 DAS A 15 5.09 7.40 2.38
N DCY A 16 3.71 3.74 3.89
CA DCY A 16 3.58 2.34 4.11
C DCY A 16 3.24 2.10 5.57
O DCY A 16 2.48 2.85 6.14
CB DCY A 16 2.48 1.76 3.24
SG DCY A 16 2.76 1.95 1.48
H DCY A 16 2.90 4.26 3.65
HA DCY A 16 4.51 1.85 3.87
HB2 DCY A 16 2.37 0.70 3.45
HB3 DCY A 16 1.55 2.26 3.48
N DCY A 17 3.76 1.02 6.15
CA DCY A 17 3.51 0.67 7.55
C DCY A 17 2.00 0.44 7.72
O DCY A 17 1.43 0.67 8.77
CB DCY A 17 4.24 -0.64 7.90
SG DCY A 17 5.85 -0.90 7.07
H DCY A 17 4.33 0.42 5.61
HA DCY A 17 3.85 1.47 8.19
HB2 DCY A 17 4.42 -0.67 8.96
HB3 DCY A 17 3.60 -1.47 7.64
N DSN A 18 1.41 0.01 6.63
CA DSN A 18 0.00 -0.29 6.52
C DSN A 18 -0.90 0.95 6.73
O DSN A 18 -1.86 0.90 7.50
CB DSN A 18 -0.23 -0.90 5.12
OG DSN A 18 -1.59 -1.00 4.82
H DSN A 18 1.97 -0.14 5.84
HA DSN A 18 -0.24 -1.03 7.26
HB2 DSN A 18 0.24 -0.27 4.39
HB3 DSN A 18 0.21 -1.88 5.09
HG DSN A 18 -1.86 -1.94 4.82
N DLY A 19 -0.57 2.09 6.06
CA DLY A 19 -1.45 3.29 6.02
C DLY A 19 -2.76 3.01 5.29
O DLY A 19 -3.67 3.84 5.30
CB DLY A 19 -1.73 3.93 7.40
CG DLY A 19 -0.61 4.77 7.98
CD DLY A 19 0.62 3.94 8.31
CE DLY A 19 1.75 4.80 8.83
NZ DLY A 19 1.39 5.46 10.10
H DLY A 19 0.31 2.16 5.64
HA DLY A 19 -0.92 4.02 5.42
HB2 DLY A 19 -2.61 4.56 7.32
HB3 DLY A 19 -1.96 3.14 8.10
HG2 DLY A 19 -0.34 5.51 7.25
HG3 DLY A 19 -0.96 5.26 8.88
HD2 DLY A 19 0.36 3.21 9.07
HD3 DLY A 19 0.95 3.43 7.42
HE2 DLY A 19 2.62 4.19 8.99
HE3 DLY A 19 1.97 5.56 8.10
HZ1 DLY A 19 0.60 6.12 9.98
HZ2 DLY A 19 2.21 5.99 10.47
HZ3 DLY A 19 1.14 4.75 10.81
N DLY A 20 -2.84 1.89 4.62
CA DLY A 20 -4.04 1.48 3.95
C DLY A 20 -3.82 1.21 2.47
O DLY A 20 -3.66 0.05 2.05
CB DLY A 20 -4.61 0.25 4.65
CG DLY A 20 -5.04 0.49 6.09
CD DLY A 20 -5.26 -0.81 6.86
CE DLY A 20 -3.95 -1.56 7.05
NZ DLY A 20 -4.12 -2.77 7.86
H DLY A 20 -2.06 1.29 4.57
HA DLY A 20 -4.76 2.28 4.06
HB2 DLY A 20 -5.47 -0.12 4.09
HB3 DLY A 20 -3.84 -0.52 4.65
HG2 DLY A 20 -4.27 1.06 6.59
HG3 DLY A 20 -5.95 1.05 6.08
HD2 DLY A 20 -5.69 -0.58 7.82
HD3 DLY A 20 -5.94 -1.44 6.29
HE2 DLY A 20 -3.56 -1.86 6.10
HE3 DLY A 20 -3.25 -0.91 7.55
HZ1 DLY A 20 -4.79 -3.43 7.41
HZ2 DLY A 20 -4.46 -2.56 8.82
HZ3 DLY A 20 -3.20 -3.26 7.95
N DCY A 21 -3.75 2.27 1.68
CA DCY A 21 -3.59 2.14 0.25
C DCY A 21 -4.93 1.92 -0.41
O DCY A 21 -5.87 2.70 -0.22
CB DCY A 21 -2.88 3.36 -0.36
SG DCY A 21 -1.13 3.49 0.01
H DCY A 21 -3.84 3.16 2.07
HA DCY A 21 -2.98 1.26 0.07
HB2 DCY A 21 -2.99 3.36 -1.43
HB3 DCY A 21 -3.35 4.24 0.05
N DLY A 22 -5.02 0.85 -1.16
CA DLY A 22 -6.24 0.50 -1.86
C DLY A 22 -5.91 0.07 -3.27
O DLY A 22 -4.82 -0.48 -3.51
CB DLY A 22 -6.98 -0.61 -1.12
CG DLY A 22 -7.57 -0.16 0.22
CD DLY A 22 -8.22 -1.30 0.97
CE DLY A 22 -7.20 -2.27 1.53
NZ DLY A 22 -6.33 -1.62 2.54
H DLY A 22 -4.24 0.26 -1.27
HA DLY A 22 -6.86 1.38 -1.91
HB2 DLY A 22 -7.79 -0.97 -1.74
HB3 DLY A 22 -6.29 -1.42 -0.94
HG2 DLY A 22 -6.75 0.23 0.81
HG3 DLY A 22 -8.29 0.61 0.04
HD2 DLY A 22 -8.79 -0.89 1.79
HD3 DLY A 22 -8.88 -1.83 0.30
HE2 DLY A 22 -7.71 -3.09 2.01
HE3 DLY A 22 -6.58 -2.64 0.73
HZ1 DLY A 22 -6.91 -1.27 3.32
HZ2 DLY A 22 -5.79 -0.82 2.15
HZ3 DLY A 22 -5.64 -2.30 2.94
N DAR A 23 -6.79 0.37 -4.19
CA DAR A 23 -6.63 -0.04 -5.57
CB DAR A 23 -7.08 1.08 -6.50
CG DAR A 23 -6.74 0.81 -7.94
CD DAR A 23 -7.22 1.89 -8.86
NE DAR A 23 -6.89 1.60 -10.24
CZ DAR A 23 -7.46 2.17 -11.29
NH1 DAR A 23 -8.38 3.12 -11.12
NH2 DAR A 23 -7.11 1.81 -12.52
C DAR A 23 -7.48 -1.28 -5.81
O DAR A 23 -7.30 -1.99 -6.81
H DAR A 23 -7.58 0.90 -3.93
HA DAR A 23 -5.59 -0.25 -5.74
HB2 DAR A 23 -8.16 1.18 -6.42
HB3 DAR A 23 -6.64 2.02 -6.20
HG2 DAR A 23 -5.67 0.73 -8.04
HG3 DAR A 23 -7.20 -0.13 -8.23
HD2 DAR A 23 -8.30 1.96 -8.76
HD3 DAR A 23 -6.77 2.83 -8.57
HE DAR A 23 -6.20 0.90 -10.34
HH11 DAR A 23 -8.66 3.43 -10.20
HH12 DAR A 23 -8.85 3.58 -11.89
HH21 DAR A 23 -6.41 1.11 -12.70
HH22 DAR A 23 -7.53 2.23 -13.33
N DAR A 24 -8.41 -1.52 -4.93
CA DAR A 24 -9.23 -2.69 -5.02
CB DAR A 24 -10.60 -2.50 -4.36
CG DAR A 24 -11.68 -1.81 -5.19
CD DAR A 24 -11.31 -0.40 -5.61
NE DAR A 24 -12.45 0.29 -6.23
CZ DAR A 24 -12.44 0.95 -7.39
NH1 DAR A 24 -11.36 0.93 -8.16
NH2 DAR A 24 -13.52 1.59 -7.77
C DAR A 24 -8.53 -3.86 -4.38
O DAR A 24 -7.62 -3.68 -3.55
H DAR A 24 -8.54 -0.89 -4.18
HA DAR A 24 -9.38 -2.91 -6.07
HB2 DAR A 24 -10.99 -3.48 -4.10
HB3 DAR A 24 -10.46 -1.93 -3.45
HG2 DAR A 24 -11.86 -2.39 -6.10
HG3 DAR A 24 -12.59 -1.77 -4.62
HD2 DAR A 24 -11.03 0.15 -4.73
HD3 DAR A 24 -10.49 -0.43 -6.32
HE DAR A 24 -13.28 0.27 -5.70
HH11 DAR A 24 -10.52 0.44 -7.92
HH12 DAR A 24 -11.34 1.41 -9.05
HH21 DAR A 24 -14.35 1.60 -7.20
HH22 DAR A 24 -13.56 2.10 -8.64
N GLY A 25 -8.91 -5.05 -4.78
CA GLY A 25 -8.32 -6.23 -4.26
C GLY A 25 -8.10 -7.20 -5.37
N DTH A 26 -7.10 -8.02 -5.26
CA DTH A 26 -6.77 -8.97 -6.31
CB DTH A 26 -6.03 -10.20 -5.71
CG2 DTH A 26 -4.65 -9.81 -5.18
OG1 DTH A 26 -6.82 -10.74 -4.63
C DTH A 26 -5.89 -8.30 -7.40
O DTH A 26 -5.51 -8.93 -8.38
H DTH A 26 -6.56 -8.00 -4.43
HA DTH A 26 -7.68 -9.31 -6.75
HB DTH A 26 -5.92 -10.94 -6.48
HG21 DTH A 26 -4.15 -10.68 -4.79
HG22 DTH A 26 -4.75 -9.07 -4.39
HG23 DTH A 26 -4.06 -9.39 -5.98
HG1 DTH A 26 -7.61 -10.21 -4.55
N DSG A 27 -5.65 -7.02 -7.25
CA DSG A 27 -4.77 -6.28 -8.13
C DSG A 27 -5.44 -4.94 -8.41
O DSG A 27 -6.28 -4.51 -7.63
CB DSG A 27 -3.43 -6.09 -7.40
CG DSG A 27 -2.28 -5.57 -8.26
OD1 DSG A 27 -2.49 -4.87 -9.23
ND2 DSG A 27 -1.08 -5.93 -7.92
H DSG A 27 -6.11 -6.51 -6.55
HA DSG A 27 -4.63 -6.84 -9.05
HB2 DSG A 27 -3.58 -5.38 -6.60
HB3 DSG A 27 -3.14 -7.03 -6.97
HD21 DSG A 27 -0.96 -6.52 -7.14
HD22 DSG A 27 -0.32 -5.56 -8.43
N DIL A 28 -5.10 -4.30 -9.52
CA DIL A 28 -5.69 -3.02 -9.92
C DIL A 28 -4.68 -1.85 -9.65
O DIL A 28 -4.93 -0.68 -10.00
CB DIL A 28 -6.10 -3.05 -11.43
CG1 DIL A 28 -4.86 -3.09 -12.36
CG2 DIL A 28 -7.05 -1.92 -11.80
CD1 DIL A 28 -5.18 -3.14 -13.83
H DIL A 28 -4.40 -4.69 -10.09
HA DIL A 28 -6.56 -2.85 -9.32
HB DIL A 28 -6.65 -3.97 -11.56
HG12 DIL A 28 -4.25 -2.21 -12.18
HG13 DIL A 28 -4.26 -3.97 -12.11
HG21 DIL A 28 -7.30 -1.96 -12.85
HG22 DIL A 28 -6.59 -0.97 -11.58
HG23 DIL A 28 -7.96 -2.00 -11.21
HD11 DIL A 28 -5.77 -4.03 -14.04
HD12 DIL A 28 -4.26 -3.19 -14.40
HD13 DIL A 28 -5.74 -2.26 -14.11
N DGL A 29 -3.55 -2.19 -9.06
CA DGL A 29 -2.55 -1.20 -8.68
C DGL A 29 -2.89 -0.63 -7.32
O DGL A 29 -3.73 -1.17 -6.60
CB DGL A 29 -1.16 -1.82 -8.59
CG DGL A 29 -0.60 -2.43 -9.87
CD DGL A 29 0.76 -3.04 -9.65
OE1 DGL A 29 1.78 -2.42 -10.00
OE2 DGL A 29 0.84 -4.15 -9.06
H DGL A 29 -3.39 -3.13 -8.86
HA DGL A 29 -2.55 -0.40 -9.42
HB2 DGL A 29 -0.47 -1.06 -8.28
HB3 DGL A 29 -1.18 -2.59 -7.84
HG2 DGL A 29 -1.28 -3.18 -10.23
HG3 DGL A 29 -0.51 -1.65 -10.61
N DLY A 30 -2.24 0.45 -6.96
CA DLY A 30 -2.38 0.98 -5.64
C DLY A 30 -1.47 0.22 -4.73
O DLY A 30 -0.23 0.25 -4.91
CB DLY A 30 -2.03 2.48 -5.60
CG DLY A 30 -3.00 3.38 -6.36
CD DLY A 30 -4.42 3.32 -5.77
CE DLY A 30 -4.47 3.85 -4.33
NZ DLY A 30 -4.16 5.29 -4.24
H DLY A 30 -1.63 0.88 -7.60
HA DLY A 30 -3.40 0.84 -5.31
HB2 DLY A 30 -2.01 2.80 -4.57
HB3 DLY A 30 -1.05 2.62 -6.02
HG2 DLY A 30 -2.66 4.40 -6.31
HG3 DLY A 30 -3.04 3.06 -7.39
HD2 DLY A 30 -5.07 3.91 -6.39
HD3 DLY A 30 -4.74 2.29 -5.78
HE2 DLY A 30 -5.47 3.69 -3.96
HE3 DLY A 30 -3.78 3.29 -3.72
HZ1 DLY A 30 -4.16 5.59 -3.25
HZ2 DLY A 30 -4.89 5.86 -4.72
HZ3 DLY A 30 -3.25 5.53 -4.66
N DAR A 31 -2.03 -0.52 -3.82
CA DAR A 31 -1.25 -1.33 -2.96
CB DAR A 31 -1.59 -2.81 -3.13
CG DAR A 31 -1.72 -3.28 -4.57
CD DAR A 31 -1.46 -4.76 -4.66
NE DAR A 31 -0.02 -5.03 -4.59
CZ DAR A 31 0.54 -6.13 -4.11
NH1 DAR A 31 -0.21 -7.08 -3.57
NH2 DAR A 31 1.85 -6.26 -4.17
C DAR A 31 -1.50 -0.96 -1.51
O DAR A 31 -2.61 -0.56 -1.15
H DAR A 31 -3.02 -0.51 -3.74
HA DAR A 31 -0.21 -1.18 -3.19
HB2 DAR A 31 -0.82 -3.40 -2.66
HB3 DAR A 31 -2.53 -3.01 -2.64
HG2 DAR A 31 -2.72 -3.07 -4.92
HG3 DAR A 31 -1.00 -2.74 -5.18
HD2 DAR A 31 -1.94 -5.26 -3.83
HD3 DAR A 31 -1.84 -5.14 -5.60
HE DAR A 31 0.53 -4.31 -4.97
HH11 DAR A 31 -1.22 -7.02 -3.50
HH12 DAR A 31 0.18 -7.92 -3.19
HH21 DAR A 31 2.46 -5.58 -4.57
HH22 DAR A 31 2.33 -7.07 -3.80
N DCY A 32 -0.49 -1.09 -0.72
CA DCY A 32 -0.59 -0.91 0.69
C DCY A 32 -0.91 -2.25 1.29
O DCY A 32 -0.09 -3.17 1.24
CB DCY A 32 0.71 -0.34 1.26
SG DCY A 32 1.04 1.34 0.65
H DCY A 32 0.39 -1.37 -1.07
HA DCY A 32 -1.41 -0.23 0.88
HB2 DCY A 32 0.65 -0.30 2.35
HB3 DCY A 32 1.54 -0.97 0.98
N DAR A 33 -2.12 -2.40 1.75
CA DAR A 33 -2.58 -3.65 2.28
CB DAR A 33 -3.53 -4.36 1.32
CG DAR A 33 -2.95 -4.65 -0.06
CD DAR A 33 -3.89 -5.52 -0.90
NE DAR A 33 -5.18 -4.87 -1.21
CZ DAR A 33 -6.35 -5.17 -0.61
NH1 DAR A 33 -6.38 -5.90 0.48
NH2 DAR A 33 -7.48 -4.68 -1.08
C DAR A 33 -3.28 -3.41 3.60
O DAR A 33 -2.60 -3.40 4.63
OXT DAR A 33 -4.50 -3.17 3.60
H DAR A 33 -2.73 -1.62 1.77
HA DAR A 33 -1.72 -4.28 2.46
HB2 DAR A 33 -3.84 -5.30 1.75
HB3 DAR A 33 -4.42 -3.75 1.18
HG2 DAR A 33 -2.79 -3.72 -0.57
HG3 DAR A 33 -2.01 -5.16 0.06
HD2 DAR A 33 -3.40 -5.75 -1.83
HD3 DAR A 33 -4.08 -6.44 -0.36
HE DAR A 33 -5.16 -4.23 -1.96
HH11 DAR A 33 -5.56 -6.28 0.93
HH12 DAR A 33 -7.24 -6.16 0.93
HH21 DAR A 33 -7.53 -4.09 -1.91
HH22 DAR A 33 -8.37 -4.85 -0.65
N GLY A 1 9.87 -0.13 12.79
CA GLY A 1 9.96 0.97 11.85
C GLY A 1 9.98 0.43 10.45
N DAS A 2 10.65 1.11 9.57
CA DAS A 2 10.76 0.68 8.20
C DAS A 2 9.68 1.33 7.38
O DAS A 2 9.59 2.55 7.29
CB DAS A 2 12.14 0.97 7.61
CG DAS A 2 12.25 0.53 6.17
OD1 DAS A 2 12.41 1.40 5.29
OD2 DAS A 2 12.15 -0.67 5.88
H DAS A 2 11.07 1.96 9.82
HA DAS A 2 10.60 -0.39 8.19
HB2 DAS A 2 12.31 2.04 7.65
HB3 DAS A 2 12.89 0.46 8.19
N DCY A 3 8.84 0.51 6.83
CA DCY A 3 7.71 0.96 6.06
C DCY A 3 7.42 -0.06 4.97
O DCY A 3 7.93 -1.19 5.03
CB DCY A 3 6.51 1.16 7.01
SG DCY A 3 6.28 -0.17 8.28
H DCY A 3 8.95 -0.46 6.91
HA DCY A 3 7.96 1.91 5.61
HB2 DCY A 3 6.63 2.09 7.55
HB3 DCY A 3 5.60 1.21 6.43
N DLE A 4 6.64 0.32 3.96
CA DLE A 4 6.27 -0.60 2.89
CB DLE A 4 5.53 0.12 1.73
CG DLE A 4 6.34 1.07 0.81
CD1 DLE A 4 5.45 1.59 -0.30
CD2 DLE A 4 6.91 2.25 1.57
C DLE A 4 5.37 -1.68 3.47
O DLE A 4 4.46 -1.37 4.23
H DLE A 4 6.32 1.25 3.92
HA DLE A 4 7.18 -1.03 2.51
HB2 DLE A 4 5.10 -0.64 1.09
HB3 DLE A 4 4.71 0.69 2.16
HG DLE A 4 7.14 0.52 0.35
HD11 DLE A 4 5.09 0.77 -0.89
HD12 DLE A 4 6.02 2.26 -0.93
HD13 DLE A 4 4.61 2.13 0.12
HD21 DLE A 4 6.11 2.82 2.02
HD22 DLE A 4 7.46 2.88 0.88
HD23 DLE A 4 7.58 1.89 2.34
N DPR A 5 5.61 -2.96 3.15
CA DPR A 5 4.83 -4.05 3.73
CB DPR A 5 5.56 -5.32 3.26
CG DPR A 5 6.83 -4.85 2.65
CD DPR A 5 6.57 -3.46 2.16
C DPR A 5 3.40 -4.04 3.21
O DPR A 5 3.08 -3.38 2.22
HA DPR A 5 4.83 -4.01 4.80
HB2 DPR A 5 5.75 -5.97 4.10
HB3 DPR A 5 4.95 -5.84 2.54
HG2 DPR A 5 7.61 -4.84 3.39
HG3 DPR A 5 7.11 -5.49 1.82
HD2 DPR A 5 7.48 -2.89 2.09
HD3 DPR A 5 6.09 -3.51 1.19
N DHI A 6 2.54 -4.77 3.86
CA DHI A 6 1.17 -4.80 3.43
C DHI A 6 1.02 -5.88 2.35
O DHI A 6 1.69 -6.91 2.39
CB DHI A 6 0.17 -4.95 4.60
CG DHI A 6 -0.03 -6.32 5.17
ND1 DHI A 6 -1.24 -6.94 5.15
CD2 DHI A 6 0.82 -7.17 5.80
CE1 DHI A 6 -1.16 -8.11 5.74
NE2 DHI A 6 0.09 -8.27 6.14
H DHI A 6 2.84 -5.27 4.66
HA DHI A 6 1.00 -3.85 2.95
HB2 DHI A 6 0.51 -4.33 5.41
HB3 DHI A 6 -0.79 -4.58 4.26
HD1 DHI A 6 -2.06 -6.54 4.75
HD2 DHI A 6 1.87 -7.02 5.99
HE1 DHI A 6 -1.96 -8.82 5.86
HE2 DHI A 6 0.44 -9.08 6.59
N DLE A 7 0.15 -5.58 1.39
CA DLE A 7 -0.07 -6.35 0.16
CB DLE A 7 -0.24 -7.88 0.36
CG DLE A 7 -1.61 -8.40 0.84
CD1 DLE A 7 -1.60 -9.90 0.92
CD2 DLE A 7 -2.03 -7.81 2.16
C DLE A 7 1.03 -6.03 -0.82
O DLE A 7 1.27 -6.76 -1.79
H DLE A 7 -0.32 -4.73 1.48
HA DLE A 7 -0.98 -5.95 -0.26
HB2 DLE A 7 -0.01 -8.35 -0.58
HB3 DLE A 7 0.50 -8.20 1.08
HG DLE A 7 -2.35 -8.13 0.09
HD11 DLE A 7 -1.38 -10.32 -0.05
HD12 DLE A 7 -2.56 -10.26 1.26
HD13 DLE A 7 -0.83 -10.22 1.62
HD21 DLE A 7 -2.09 -6.74 2.07
HD22 DLE A 7 -1.30 -8.07 2.92
HD23 DLE A 7 -3.00 -8.20 2.43
N DLY A 8 1.65 -4.88 -0.62
CA DLY A 8 2.76 -4.44 -1.44
C DLY A 8 2.37 -3.08 -2.03
O DLY A 8 1.41 -2.49 -1.58
CB DLY A 8 4.02 -4.31 -0.57
CG DLY A 8 5.34 -4.32 -1.35
CD DLY A 8 5.60 -5.70 -1.93
CE DLY A 8 6.89 -5.74 -2.72
NZ DLY A 8 7.12 -7.08 -3.30
H DLY A 8 1.34 -4.27 0.10
HA DLY A 8 2.91 -5.15 -2.23
HB2 DLY A 8 3.97 -3.38 -0.02
HB3 DLY A 8 4.03 -5.13 0.14
HG2 DLY A 8 5.28 -3.60 -2.14
HG3 DLY A 8 6.16 -4.06 -0.69
HD2 DLY A 8 5.69 -6.38 -1.10
HD3 DLY A 8 4.77 -5.98 -2.56
HE2 DLY A 8 6.83 -5.01 -3.52
HE3 DLY A 8 7.71 -5.49 -2.07
HZ1 DLY A 8 6.35 -7.35 -3.95
HZ2 DLY A 8 7.19 -7.80 -2.56
HZ3 DLY A 8 8.01 -7.09 -3.84
N DLE A 9 3.11 -2.62 -3.03
CA DLE A 9 2.86 -1.34 -3.72
CB DLE A 9 3.91 -1.04 -4.85
CG DLE A 9 5.45 -1.17 -4.57
CD1 DLE A 9 5.92 -0.57 -3.25
CD2 DLE A 9 5.96 -2.60 -4.76
C DLE A 9 2.71 -0.12 -2.79
O DLE A 9 3.11 -0.14 -1.63
H DLE A 9 3.83 -3.20 -3.35
HA DLE A 9 1.90 -1.45 -4.20
HB2 DLE A 9 3.67 -1.68 -5.68
HB3 DLE A 9 3.72 -0.02 -5.17
HG DLE A 9 5.93 -0.57 -5.33
HD11 DLE A 9 5.71 0.49 -3.24
HD12 DLE A 9 6.99 -0.71 -3.13
HD13 DLE A 9 5.42 -1.03 -2.42
HD21 DLE A 9 5.77 -2.92 -5.77
HD22 DLE A 9 5.49 -3.29 -4.07
HD23 DLE A 9 7.03 -2.61 -4.59
N DCY A 10 2.14 0.94 -3.32
CA DCY A 10 1.96 2.17 -2.60
C DCY A 10 2.95 3.18 -3.04
O DCY A 10 3.22 3.32 -4.24
CB DCY A 10 0.60 2.79 -2.87
SG DCY A 10 -0.83 2.00 -2.10
H DCY A 10 1.83 0.89 -4.24
HA DCY A 10 2.06 1.98 -1.54
HB2 DCY A 10 0.61 3.80 -2.51
HB3 DCY A 10 0.43 2.80 -3.94
N DLY A 11 3.50 3.88 -2.11
CA DLY A 11 4.30 5.01 -2.41
C DLY A 11 3.75 6.16 -1.56
O DLY A 11 3.66 7.30 -2.01
CB DLY A 11 5.77 4.74 -2.17
CG DLY A 11 6.71 5.86 -2.60
CD DLY A 11 6.61 6.14 -4.10
CE DLY A 11 7.60 7.19 -4.55
NZ DLY A 11 7.34 8.52 -3.94
H DLY A 11 3.39 3.58 -1.18
HA DLY A 11 4.13 5.26 -3.45
HB2 DLY A 11 5.91 4.54 -1.11
HB3 DLY A 11 6.01 3.85 -2.72
HG2 DLY A 11 6.46 6.76 -2.07
HG3 DLY A 11 7.73 5.58 -2.37
HD2 DLY A 11 6.81 5.22 -4.64
HD3 DLY A 11 5.61 6.48 -4.32
HE2 DLY A 11 8.59 6.87 -4.27
HE3 DLY A 11 7.54 7.29 -5.62
HZ1 DLY A 11 7.24 8.48 -2.90
HZ2 DLY A 11 6.49 8.97 -4.35
HZ3 DLY A 11 8.13 9.16 -4.15
N DGL A 12 3.34 5.83 -0.37
CA DGL A 12 2.67 6.72 0.54
C DGL A 12 1.98 5.88 1.59
O DGL A 12 2.62 5.05 2.24
CB DGL A 12 3.67 7.68 1.18
CG DGL A 12 3.08 8.61 2.22
CD DGL A 12 4.08 9.64 2.70
OE1 DGL A 12 3.92 10.83 2.38
OE2 DGL A 12 5.06 9.25 3.38
H DGL A 12 3.49 4.92 -0.01
HA DGL A 12 1.93 7.28 -0.02
HB2 DGL A 12 4.45 7.10 1.65
HB3 DGL A 12 4.13 8.28 0.40
HG2 DGL A 12 2.24 9.13 1.79
HG3 DGL A 12 2.75 8.03 3.06
N DSG A 13 0.67 6.06 1.73
CA DSG A 13 -0.15 5.29 2.70
C DSG A 13 0.45 5.32 4.09
O DSG A 13 0.56 4.29 4.75
CB DSG A 13 -1.64 5.76 2.72
CG DSG A 13 -1.85 7.19 3.22
OD1 DSG A 13 -1.01 8.06 3.04
ND2 DSG A 13 -2.98 7.43 3.84
H DSG A 13 0.22 6.73 1.17
HA DSG A 13 -0.12 4.26 2.36
HB2 DSG A 13 -2.04 5.70 1.72
HB3 DSG A 13 -2.20 5.08 3.36
HD21 DSG A 13 -3.63 6.69 3.98
HD22 DSG A 13 -3.16 8.34 4.17
N DLY A 14 0.88 6.50 4.50
CA DLY A 14 1.50 6.73 5.79
C DLY A 14 2.82 5.96 5.92
O DLY A 14 3.16 5.48 7.00
CB DLY A 14 1.77 8.24 5.95
CG DLY A 14 2.44 8.64 7.25
CD DLY A 14 2.79 10.12 7.25
CE DLY A 14 1.55 11.00 7.16
NZ DLY A 14 1.89 12.43 7.08
H DLY A 14 0.74 7.25 3.89
HA DLY A 14 0.82 6.42 6.56
HB2 DLY A 14 2.39 8.56 5.13
HB3 DLY A 14 0.82 8.74 5.87
HG2 DLY A 14 1.77 8.43 8.07
HG3 DLY A 14 3.34 8.07 7.37
HD2 DLY A 14 3.31 10.36 8.17
HD3 DLY A 14 3.42 10.33 6.41
HE2 DLY A 14 0.98 10.73 6.29
HE3 DLY A 14 0.94 10.83 8.05
HZ1 DLY A 14 2.48 12.73 7.87
HZ2 DLY A 14 1.02 13.01 7.06
HZ3 DLY A 14 2.41 12.61 6.19
N DAS A 15 3.51 5.80 4.81
CA DAS A 15 4.83 5.17 4.80
C DAS A 15 4.69 3.66 4.67
O DAS A 15 5.67 2.92 4.73
CB DAS A 15 5.70 5.73 3.68
CG DAS A 15 7.18 5.48 3.92
OD1 DAS A 15 7.71 5.88 4.97
OD2 DAS A 15 7.88 4.94 3.03
H DAS A 15 3.13 6.09 3.95
HA DAS A 15 5.29 5.38 5.76
HB2 DAS A 15 5.42 5.25 2.75
HB3 DAS A 15 5.54 6.79 3.59
N DCY A 16 3.49 3.21 4.45
CA DCY A 16 3.20 1.80 4.42
C DCY A 16 2.81 1.32 5.83
O DCY A 16 2.11 2.02 6.55
CB DCY A 16 2.07 1.51 3.46
SG DCY A 16 2.40 2.00 1.74
H DCY A 16 2.77 3.87 4.26
HA DCY A 16 4.09 1.28 4.11
HB2 DCY A 16 1.89 0.45 3.45
HB3 DCY A 16 1.19 2.02 3.79
N DCY A 17 3.26 0.13 6.19
CA DCY A 17 3.06 -0.45 7.52
C DCY A 17 1.58 -0.60 7.89
O DCY A 17 1.23 -0.53 9.06
CB DCY A 17 3.77 -1.80 7.63
SG DCY A 17 5.56 -1.77 7.26
H DCY A 17 3.76 -0.41 5.54
HA DCY A 17 3.52 0.23 8.23
HB2 DCY A 17 3.64 -2.18 8.63
HB3 DCY A 17 3.30 -2.48 6.92
N DSN A 18 0.72 -0.81 6.92
CA DSN A 18 -0.67 -0.98 7.23
C DSN A 18 -1.43 0.34 7.14
O DSN A 18 -2.50 0.51 7.76
CB DSN A 18 -1.27 -2.00 6.29
OG DSN A 18 -1.08 -1.61 4.93
H DSN A 18 1.00 -0.89 5.99
HA DSN A 18 -0.75 -1.35 8.24
HB2 DSN A 18 -0.81 -2.95 6.44
HB3 DSN A 18 -2.33 -2.08 6.48
HG DSN A 18 -1.83 -2.00 4.46
N DLY A 19 -0.87 1.31 6.39
CA DLY A 19 -1.48 2.60 6.14
C DLY A 19 -2.82 2.48 5.38
O DLY A 19 -3.63 3.41 5.37
CB DLY A 19 -1.62 3.44 7.43
CG DLY A 19 -0.31 4.03 7.95
CD DLY A 19 -0.05 3.69 9.42
CE DLY A 19 0.17 2.20 9.61
NZ DLY A 19 0.52 1.83 10.98
H DLY A 19 0.04 1.14 6.05
HA DLY A 19 -0.81 3.12 5.47
HB2 DLY A 19 -2.30 4.27 7.23
HB3 DLY A 19 -2.05 2.82 8.19
HG2 DLY A 19 0.51 3.62 7.37
HG3 DLY A 19 -0.32 5.10 7.84
HD2 DLY A 19 0.83 4.22 9.76
HD3 DLY A 19 -0.90 3.99 10.00
HE2 DLY A 19 -0.73 1.67 9.33
HE3 DLY A 19 0.97 1.89 8.95
HZ1 DLY A 19 -0.23 2.06 11.67
HZ2 DLY A 19 1.38 2.33 11.29
HZ3 DLY A 19 0.72 0.81 11.05
N DLY A 20 -3.04 1.35 4.72
CA DLY A 20 -4.26 1.15 3.94
C DLY A 20 -3.91 1.00 2.46
O DLY A 20 -3.75 -0.12 1.97
CB DLY A 20 -5.09 -0.05 4.42
CG DLY A 20 -5.32 -0.09 5.93
CD DLY A 20 -6.40 -1.10 6.35
CE DLY A 20 -6.15 -2.52 5.83
NZ DLY A 20 -4.85 -3.11 6.26
H DLY A 20 -2.38 0.63 4.74
HA DLY A 20 -4.85 2.05 4.04
HB2 DLY A 20 -6.06 -0.02 3.94
HB3 DLY A 20 -4.59 -0.95 4.12
HG2 DLY A 20 -4.39 -0.37 6.40
HG3 DLY A 20 -5.61 0.89 6.28
HD2 DLY A 20 -6.44 -1.14 7.43
HD3 DLY A 20 -7.35 -0.75 5.98
HE2 DLY A 20 -6.94 -3.17 6.20
HE3 DLY A 20 -6.19 -2.50 4.76
HZ1 DLY A 20 -4.64 -2.92 7.26
HZ2 DLY A 20 -4.08 -2.78 5.63
HZ3 DLY A 20 -4.90 -4.14 6.12
N DCY A 21 -3.74 2.09 1.80
CA DCY A 21 -3.34 2.12 0.41
C DCY A 21 -4.55 2.21 -0.49
O DCY A 21 -5.17 3.28 -0.62
CB DCY A 21 -2.39 3.28 0.17
SG DCY A 21 -1.96 3.59 -1.55
H DCY A 21 -3.91 2.96 2.25
HA DCY A 21 -2.84 1.20 0.17
HB2 DCY A 21 -2.85 4.18 0.55
HB3 DCY A 21 -1.48 3.10 0.72
N DLY A 22 -4.91 1.10 -1.12
CA DLY A 22 -6.09 1.04 -1.94
C DLY A 22 -5.83 0.23 -3.20
O DLY A 22 -4.88 -0.57 -3.24
CB DLY A 22 -7.26 0.38 -1.17
CG DLY A 22 -7.78 1.18 0.02
CD DLY A 22 -8.85 0.42 0.79
CE DLY A 22 -8.26 -0.82 1.49
NZ DLY A 22 -9.29 -1.63 2.15
H DLY A 22 -4.33 0.32 -1.05
HA DLY A 22 -6.38 2.04 -2.21
HB2 DLY A 22 -8.07 0.21 -1.85
HB3 DLY A 22 -6.90 -0.58 -0.81
HG2 DLY A 22 -6.96 1.39 0.69
HG3 DLY A 22 -8.20 2.10 -0.34
HD2 DLY A 22 -9.30 1.06 1.53
HD3 DLY A 22 -9.60 0.10 0.09
HE2 DLY A 22 -7.77 -1.43 0.75
HE3 DLY A 22 -7.54 -0.48 2.22
HZ1 DLY A 22 -9.79 -1.09 2.88
HZ2 DLY A 22 -8.87 -2.45 2.61
HZ3 DLY A 22 -9.99 -1.95 1.46
N DAR A 23 -6.64 0.43 -4.21
CA DAR A 23 -6.54 -0.36 -5.43
CB DAR A 23 -6.39 0.53 -6.67
CG DAR A 23 -6.57 -0.21 -8.00
CD DAR A 23 -6.26 0.69 -9.19
NE DAR A 23 -4.83 0.88 -9.39
CZ DAR A 23 -4.15 2.04 -9.26
NH1 DAR A 23 -4.77 3.15 -8.82
NH2 DAR A 23 -2.87 2.10 -9.57
C DAR A 23 -7.70 -1.33 -5.57
O DAR A 23 -7.49 -2.51 -5.78
H DAR A 23 -7.32 1.13 -4.14
HA DAR A 23 -5.65 -0.95 -5.33
HB2 DAR A 23 -7.14 1.30 -6.64
HB3 DAR A 23 -5.42 0.99 -6.68
HG2 DAR A 23 -5.90 -1.06 -8.03
HG3 DAR A 23 -7.59 -0.57 -8.07
HD2 DAR A 23 -6.68 0.24 -10.08
HD3 DAR A 23 -6.73 1.64 -9.03
HE DAR A 23 -4.37 0.06 -9.69
HH11 DAR A 23 -5.74 3.18 -8.59
HH12 DAR A 23 -4.26 4.01 -8.71
HH21 DAR A 23 -2.33 1.32 -9.91
HH22 DAR A 23 -2.35 2.95 -9.47
N DAR A 24 -8.93 -0.82 -5.38
CA DAR A 24 -10.13 -1.62 -5.61
CB DAR A 24 -11.44 -0.86 -5.43
CG DAR A 24 -11.63 0.35 -6.35
CD DAR A 24 -11.24 0.06 -7.81
NE DAR A 24 -11.90 -1.12 -8.40
CZ DAR A 24 -11.81 -1.46 -9.69
NH1 DAR A 24 -11.22 -0.63 -10.54
NH2 DAR A 24 -12.34 -2.60 -10.12
C DAR A 24 -10.17 -2.93 -4.82
O DAR A 24 -9.90 -2.97 -3.62
H DAR A 24 -9.02 0.11 -5.09
HA DAR A 24 -10.07 -1.90 -6.65
HB2 DAR A 24 -12.25 -1.54 -5.62
HB3 DAR A 24 -11.50 -0.52 -4.41
HG2 DAR A 24 -12.67 0.63 -6.33
HG3 DAR A 24 -11.03 1.17 -5.98
HD2 DAR A 24 -11.50 0.92 -8.40
HD3 DAR A 24 -10.17 -0.08 -7.85
HE DAR A 24 -12.40 -1.70 -7.77
HH11 DAR A 24 -10.83 0.24 -10.25
HH12 DAR A 24 -11.13 -0.84 -11.52
HH21 DAR A 24 -12.80 -3.23 -9.51
HH22 DAR A 24 -12.30 -2.87 -11.09
N GLY A 25 -10.50 -3.96 -5.55
CA GLY A 25 -10.57 -5.28 -5.04
C GLY A 25 -10.27 -6.21 -6.19
N DTH A 26 -9.65 -7.31 -5.93
CA DTH A 26 -9.28 -8.21 -6.99
CB DTH A 26 -9.26 -9.70 -6.50
CG2 DTH A 26 -8.20 -9.93 -5.43
OG1 DTH A 26 -10.55 -10.02 -5.96
C DTH A 26 -7.92 -7.82 -7.57
O DTH A 26 -7.51 -8.30 -8.65
H DTH A 26 -9.43 -7.55 -5.00
HA DTH A 26 -10.02 -8.12 -7.76
HB DTH A 26 -9.06 -10.33 -7.35
HG21 DTH A 26 -8.20 -10.97 -5.16
HG22 DTH A 26 -8.43 -9.33 -4.55
HG23 DTH A 26 -7.23 -9.65 -5.81
HG1 DTH A 26 -10.98 -10.58 -6.62
N DSG A 27 -7.24 -6.92 -6.90
CA DSG A 27 -5.93 -6.45 -7.35
C DSG A 27 -6.10 -5.18 -8.17
O DSG A 27 -6.99 -4.38 -7.90
CB DSG A 27 -5.01 -6.22 -6.15
CG DSG A 27 -3.59 -5.89 -6.57
OD1 DSG A 27 -3.22 -4.75 -6.69
ND2 DSG A 27 -2.79 -6.91 -6.80
H DSG A 27 -7.63 -6.55 -6.08
HA DSG A 27 -5.51 -7.22 -7.98
HB2 DSG A 27 -5.39 -5.40 -5.57
HB3 DSG A 27 -5.00 -7.11 -5.54
HD21 DSG A 27 -3.15 -7.81 -6.69
HD22 DSG A 27 -1.87 -6.72 -7.07
N DIL A 28 -5.27 -4.99 -9.16
CA DIL A 28 -5.41 -3.85 -10.08
C DIL A 28 -4.35 -2.75 -9.80
O DIL A 28 -4.31 -1.71 -10.48
CB DIL A 28 -5.34 -4.32 -11.58
CG1 DIL A 28 -3.88 -4.65 -12.06
CG2 DIL A 28 -6.02 -3.34 -12.52
CD1 DIL A 28 -3.24 -5.87 -11.42
H DIL A 28 -4.54 -5.64 -9.30
HA DIL A 28 -6.40 -3.43 -9.90
HB DIL A 28 -5.92 -5.23 -11.64
HG12 DIL A 28 -3.89 -4.81 -13.13
HG13 DIL A 28 -3.26 -3.80 -11.85
HG21 DIL A 28 -5.54 -2.37 -12.44
HG22 DIL A 28 -7.06 -3.25 -12.25
HG23 DIL A 28 -5.94 -3.69 -13.53
HD11 DIL A 28 -3.87 -6.73 -11.58
HD12 DIL A 28 -3.08 -5.70 -10.37
HD13 DIL A 28 -2.28 -6.05 -11.90
N DGL A 29 -3.55 -2.95 -8.80
CA DGL A 29 -2.50 -2.03 -8.48
C DGL A 29 -2.88 -1.25 -7.24
O DGL A 29 -3.83 -1.60 -6.53
CB DGL A 29 -1.22 -2.78 -8.21
CG DGL A 29 -0.75 -3.60 -9.39
CD DGL A 29 0.37 -4.51 -9.02
OE1 DGL A 29 0.10 -5.60 -8.50
OE2 DGL A 29 1.54 -4.17 -9.24
H DGL A 29 -3.67 -3.73 -8.21
HA DGL A 29 -2.36 -1.35 -9.30
HB2 DGL A 29 -0.43 -2.08 -7.96
HB3 DGL A 29 -1.37 -3.45 -7.38
HG2 DGL A 29 -1.58 -4.20 -9.74
HG3 DGL A 29 -0.42 -2.94 -10.18
N DLY A 30 -2.15 -0.21 -6.98
CA DLY A 30 -2.38 0.59 -5.82
C DLY A 30 -1.48 0.00 -4.76
O DLY A 30 -0.26 0.19 -4.80
CB DLY A 30 -2.01 2.03 -6.14
CG DLY A 30 -2.54 3.09 -5.18
CD DLY A 30 -4.06 3.13 -5.16
CE DLY A 30 -4.59 4.46 -4.62
NZ DLY A 30 -4.14 4.75 -3.24
H DLY A 30 -1.38 0.01 -7.55
HA DLY A 30 -3.42 0.50 -5.52
HB2 DLY A 30 -0.93 2.11 -6.15
HB3 DLY A 30 -2.38 2.26 -7.14
HG2 DLY A 30 -2.18 2.88 -4.19
HG3 DLY A 30 -2.16 4.06 -5.51
HD2 DLY A 30 -4.42 3.01 -6.18
HD3 DLY A 30 -4.43 2.33 -4.55
HE2 DLY A 30 -4.23 5.26 -5.26
HE3 DLY A 30 -5.66 4.45 -4.65
HZ1 DLY A 30 -3.10 4.79 -3.20
HZ2 DLY A 30 -4.50 4.08 -2.55
HZ3 DLY A 30 -4.48 5.70 -2.96
N DAR A 31 -2.05 -0.76 -3.86
CA DAR A 31 -1.27 -1.44 -2.88
CB DAR A 31 -1.33 -2.97 -3.05
CG DAR A 31 -0.69 -3.51 -4.33
CD DAR A 31 -0.62 -5.04 -4.28
NE DAR A 31 -0.03 -5.62 -5.49
CZ DAR A 31 0.62 -6.80 -5.54
NH1 DAR A 31 0.95 -7.46 -4.44
NH2 DAR A 31 1.00 -7.28 -6.72
C DAR A 31 -1.69 -1.11 -1.47
O DAR A 31 -2.91 -0.98 -1.16
H DAR A 31 -3.03 -0.85 -3.86
HA DAR A 31 -0.25 -1.14 -3.01
HB2 DAR A 31 -0.84 -3.44 -2.21
HB3 DAR A 31 -2.37 -3.28 -3.05
HG2 DAR A 31 -1.28 -3.21 -5.18
HG3 DAR A 31 0.31 -3.12 -4.41
HD2 DAR A 31 -0.03 -5.32 -3.43
HD3 DAR A 31 -1.63 -5.42 -4.16
HE DAR A 31 -0.18 -5.11 -6.32
HH11 DAR A 31 0.74 -7.12 -3.51
HH12 DAR A 31 1.41 -8.35 -4.48
HH21 DAR A 31 0.79 -6.76 -7.56
HH22 DAR A 31 1.47 -8.15 -6.82
N DCY A 32 -0.71 -0.95 -0.63
CA DCY A 32 -0.91 -0.79 0.76
C DCY A 32 -1.10 -2.17 1.30
O DCY A 32 -0.18 -2.96 1.29
CB DCY A 32 0.31 -0.14 1.41
SG DCY A 32 0.68 1.54 0.81
H DCY A 32 0.21 -0.98 -0.97
HA DCY A 32 -1.79 -0.21 0.96
HB2 DCY A 32 0.14 -0.07 2.48
HB3 DCY A 32 1.18 -0.76 1.23
N DAR A 33 -2.30 -2.47 1.69
CA DAR A 33 -2.69 -3.79 2.06
CB DAR A 33 -3.87 -4.23 1.17
CG DAR A 33 -5.12 -3.38 1.32
CD DAR A 33 -6.16 -3.72 0.28
NE DAR A 33 -5.78 -3.25 -1.06
CZ DAR A 33 -6.35 -3.65 -2.21
NH1 DAR A 33 -7.27 -4.59 -2.18
NH2 DAR A 33 -5.98 -3.12 -3.38
C DAR A 33 -3.05 -3.84 3.52
O DAR A 33 -3.01 -4.93 4.14
OXT DAR A 33 -3.32 -2.75 4.09
H DAR A 33 -2.96 -1.74 1.79
HA DAR A 33 -1.87 -4.47 1.89
HB2 DAR A 33 -3.56 -4.19 0.15
HB3 DAR A 33 -4.13 -5.25 1.42
HG2 DAR A 33 -5.54 -3.53 2.31
HG3 DAR A 33 -4.84 -2.34 1.21
HD2 DAR A 33 -6.25 -4.80 0.25
HD3 DAR A 33 -7.11 -3.30 0.56
HE DAR A 33 -5.07 -2.56 -1.05
HH11 DAR A 33 -7.55 -5.02 -1.33
HH12 DAR A 33 -7.71 -4.95 -3.02
HH21 DAR A 33 -5.27 -2.40 -3.43
HH22 DAR A 33 -6.40 -3.36 -4.25
N GLY A 1 10.76 4.78 10.78
CA GLY A 1 10.98 3.36 10.55
C GLY A 1 11.06 3.07 9.08
N DAS A 2 11.05 1.78 8.75
CA DAS A 2 11.12 1.26 7.37
C DAS A 2 9.92 1.71 6.56
O DAS A 2 9.90 2.80 5.96
CB DAS A 2 12.44 1.58 6.67
CG DAS A 2 12.51 0.96 5.30
OD1 DAS A 2 12.51 1.69 4.29
OD2 DAS A 2 12.56 -0.28 5.18
H DAS A 2 10.98 1.12 9.47
HA DAS A 2 11.04 0.19 7.46
HB2 DAS A 2 12.54 2.64 6.57
HB3 DAS A 2 13.26 1.19 7.27
N DCY A 3 8.92 0.91 6.56
CA DCY A 3 7.69 1.21 5.90
C DCY A 3 7.29 0.09 4.95
O DCY A 3 7.77 -1.05 5.08
CB DCY A 3 6.59 1.50 6.94
SG DCY A 3 6.40 0.24 8.28
H DCY A 3 8.99 0.05 7.04
HA DCY A 3 7.85 2.11 5.32
HB2 DCY A 3 6.81 2.44 7.43
HB3 DCY A 3 5.64 1.58 6.44
N DLE A 4 6.46 0.43 3.97
CA DLE A 4 5.90 -0.54 3.03
CB DLE A 4 5.18 0.18 1.86
CG DLE A 4 6.04 0.91 0.79
CD1 DLE A 4 5.15 1.69 -0.17
CD2 DLE A 4 7.06 1.85 1.38
C DLE A 4 4.93 -1.40 3.82
O DLE A 4 3.95 -0.89 4.35
H DLE A 4 6.19 1.37 3.90
HA DLE A 4 6.73 -1.12 2.66
HB2 DLE A 4 4.58 -0.56 1.35
HB3 DLE A 4 4.50 0.91 2.29
HG DLE A 4 6.55 0.17 0.20
HD11 DLE A 4 4.57 2.42 0.39
HD12 DLE A 4 4.47 1.00 -0.66
HD13 DLE A 4 5.75 2.18 -0.90
HD21 DLE A 4 6.57 2.61 1.96
HD22 DLE A 4 7.63 2.31 0.59
HD23 DLE A 4 7.73 1.29 2.02
N DPR A 5 5.13 -2.72 3.90
CA DPR A 5 4.43 -3.56 4.88
CB DPR A 5 5.22 -4.89 4.87
CG DPR A 5 6.37 -4.67 3.91
CD DPR A 5 5.98 -3.52 3.02
C DPR A 5 2.93 -3.78 4.61
O DPR A 5 2.07 -3.03 5.11
HA DPR A 5 4.52 -3.11 5.86
HB2 DPR A 5 5.59 -5.07 5.87
HB3 DPR A 5 4.60 -5.71 4.56
HG2 DPR A 5 7.27 -4.43 4.45
HG3 DPR A 5 6.50 -5.57 3.33
HD2 DPR A 5 6.84 -2.99 2.64
HD3 DPR A 5 5.41 -3.89 2.19
N DHI A 6 2.64 -4.78 3.81
CA DHI A 6 1.29 -5.17 3.50
C DHI A 6 1.42 -6.09 2.32
O DHI A 6 2.43 -6.79 2.21
CB DHI A 6 0.59 -5.89 4.68
CG DHI A 6 1.20 -7.21 5.12
ND1 DHI A 6 0.59 -8.42 4.91
CD2 DHI A 6 2.35 -7.48 5.75
CE1 DHI A 6 1.35 -9.38 5.38
NE2 DHI A 6 2.43 -8.84 5.90
H DHI A 6 3.34 -5.29 3.36
HA DHI A 6 0.74 -4.30 3.20
HB2 DHI A 6 0.61 -5.23 5.54
HB3 DHI A 6 -0.43 -6.07 4.40
HD1 DHI A 6 -0.29 -8.58 4.49
HD2 DHI A 6 3.09 -6.77 6.08
HE1 DHI A 6 1.13 -10.44 5.35
HE2 DHI A 6 3.27 -9.34 5.99
N DLE A 7 0.45 -6.04 1.42
CA DLE A 7 0.45 -6.82 0.18
CB DLE A 7 0.47 -8.33 0.46
CG DLE A 7 -0.78 -8.87 1.14
CD1 DLE A 7 -1.99 -8.74 0.22
CD2 DLE A 7 -0.59 -10.30 1.55
C DLE A 7 1.64 -6.39 -0.67
O DLE A 7 2.18 -7.15 -1.46
H DLE A 7 -0.28 -5.42 1.60
HA DLE A 7 -0.44 -6.56 -0.37
HB2 DLE A 7 0.60 -8.84 -0.48
HB3 DLE A 7 1.31 -8.54 1.09
HG DLE A 7 -0.97 -8.28 2.01
HD11 DLE A 7 -2.86 -9.15 0.70
HD12 DLE A 7 -1.80 -9.26 -0.71
HD13 DLE A 7 -2.17 -7.69 0.00
HD21 DLE A 7 0.23 -10.36 2.26
HD22 DLE A 7 -0.37 -10.91 0.69
HD23 DLE A 7 -1.49 -10.67 2.03
N DLY A 8 1.99 -5.14 -0.50
CA DLY A 8 3.09 -4.56 -1.20
C DLY A 8 2.54 -3.39 -2.01
O DLY A 8 1.34 -3.22 -2.07
CB DLY A 8 4.15 -4.06 -0.20
CG DLY A 8 5.60 -4.26 -0.64
CD DLY A 8 6.21 -5.58 -0.09
CE DLY A 8 5.56 -6.86 -0.63
NZ DLY A 8 5.89 -7.10 -2.05
H DLY A 8 1.48 -4.57 0.10
HA DLY A 8 3.52 -5.31 -1.85
HB2 DLY A 8 3.99 -3.01 -0.04
HB3 DLY A 8 3.99 -4.59 0.73
HG2 DLY A 8 5.64 -4.30 -1.72
HG3 DLY A 8 6.20 -3.44 -0.28
HD2 DLY A 8 7.25 -5.61 -0.34
HD3 DLY A 8 6.11 -5.57 0.99
HE2 DLY A 8 5.92 -7.70 -0.05
HE3 DLY A 8 4.49 -6.79 -0.53
HZ1 DLY A 8 6.92 -7.14 -2.18
HZ2 DLY A 8 5.50 -6.38 -2.69
HZ3 DLY A 8 5.51 -8.02 -2.33
N DLE A 9 3.39 -2.61 -2.61
CA DLE A 9 2.98 -1.46 -3.40
CB DLE A 9 4.06 -1.09 -4.50
CG DLE A 9 5.59 -1.04 -4.15
CD1 DLE A 9 5.92 -0.30 -2.87
CD2 DLE A 9 6.27 -2.40 -4.20
C DLE A 9 2.62 -0.25 -2.54
O DLE A 9 2.82 -0.27 -1.33
H DLE A 9 4.35 -2.79 -2.48
HA DLE A 9 2.08 -1.77 -3.92
HB2 DLE A 9 3.96 -1.79 -5.33
HB3 DLE A 9 3.78 -0.12 -4.89
HG DLE A 9 6.05 -0.44 -4.93
HD11 DLE A 9 5.46 -0.79 -2.03
HD12 DLE A 9 5.56 0.72 -2.93
HD13 DLE A 9 7.00 -0.28 -2.72
HD21 DLE A 9 5.86 -3.07 -3.46
HD22 DLE A 9 7.32 -2.29 -4.00
HD23 DLE A 9 6.14 -2.84 -5.18
N DCY A 10 2.03 0.75 -3.16
CA DCY A 10 1.79 2.03 -2.51
C DCY A 10 2.82 3.02 -2.95
O DCY A 10 3.48 2.83 -3.97
CB DCY A 10 0.42 2.64 -2.85
SG DCY A 10 -0.98 2.07 -1.86
H DCY A 10 1.71 0.66 -4.09
HA DCY A 10 1.86 1.88 -1.44
HB2 DCY A 10 0.49 3.70 -2.72
HB3 DCY A 10 0.20 2.42 -3.88
N DLY A 11 2.99 4.05 -2.16
CA DLY A 11 3.79 5.19 -2.50
C DLY A 11 3.26 6.31 -1.67
O DLY A 11 2.99 7.42 -2.17
CB DLY A 11 5.28 4.95 -2.23
CG DLY A 11 6.17 6.09 -2.69
CD DLY A 11 6.00 6.35 -4.19
CE DLY A 11 6.87 7.50 -4.65
NZ DLY A 11 6.66 7.78 -6.09
H DLY A 11 2.54 4.04 -1.29
HA DLY A 11 3.63 5.39 -3.55
HB2 DLY A 11 5.40 4.81 -1.17
HB3 DLY A 11 5.57 4.04 -2.74
HG2 DLY A 11 5.90 6.98 -2.15
HG3 DLY A 11 7.20 5.84 -2.49
HD2 DLY A 11 6.26 5.47 -4.74
HD3 DLY A 11 4.97 6.61 -4.39
HE2 DLY A 11 6.64 8.38 -4.09
HE3 DLY A 11 7.90 7.24 -4.50
HZ1 DLY A 11 6.83 6.94 -6.65
HZ2 DLY A 11 7.32 8.52 -6.42
HZ3 DLY A 11 5.69 8.10 -6.27
N DGL A 12 3.08 6.03 -0.43
CA DGL A 12 2.45 6.91 0.48
C DGL A 12 1.80 6.07 1.54
O DGL A 12 2.43 5.17 2.09
CB DGL A 12 3.46 7.91 1.09
CG DGL A 12 2.85 8.84 2.14
CD DGL A 12 1.71 9.67 1.59
OE1 DGL A 12 1.89 10.86 1.35
OE2 DGL A 12 0.61 9.12 1.39
H DGL A 12 3.38 5.18 -0.05
HA DGL A 12 1.68 7.45 -0.05
HB2 DGL A 12 4.26 7.36 1.55
HB3 DGL A 12 3.87 8.51 0.29
HG2 DGL A 12 2.48 8.25 2.95
HG3 DGL A 12 3.62 9.51 2.50
N DSG A 13 0.55 6.38 1.84
CA DSG A 13 -0.23 5.61 2.78
C DSG A 13 0.45 5.66 4.15
O DSG A 13 0.59 4.65 4.81
CB DSG A 13 -1.70 6.11 2.88
CG DSG A 13 -1.90 7.39 3.71
OD1 DSG A 13 -2.20 7.30 4.90
ND2 DSG A 13 -1.72 8.55 3.12
H DSG A 13 0.18 7.19 1.41
HA DSG A 13 -0.25 4.58 2.44
HB2 DSG A 13 -2.05 6.33 1.87
HB3 DSG A 13 -2.32 5.34 3.29
HD21 DSG A 13 -1.44 8.58 2.18
HD22 DSG A 13 -1.88 9.35 3.65
N DLY A 14 0.98 6.83 4.48
CA DLY A 14 1.65 7.06 5.75
C DLY A 14 3.01 6.38 5.78
O DLY A 14 3.58 6.14 6.84
CB DLY A 14 1.83 8.57 5.95
CG DLY A 14 0.53 9.36 5.90
CD DLY A 14 0.78 10.86 5.96
CE DLY A 14 1.38 11.31 7.29
NZ DLY A 14 0.43 11.10 8.42
H DLY A 14 0.88 7.56 3.83
HA DLY A 14 1.04 6.69 6.55
HB2 DLY A 14 2.29 8.73 6.91
HB3 DLY A 14 2.49 8.94 5.18
HG2 DLY A 14 0.01 9.13 4.98
HG3 DLY A 14 -0.08 9.08 6.75
HD2 DLY A 14 1.48 11.13 5.18
HD3 DLY A 14 -0.16 11.37 5.80
HE2 DLY A 14 2.26 10.74 7.49
HE3 DLY A 14 1.63 12.36 7.23
HZ1 DLY A 14 0.23 10.09 8.60
HZ2 DLY A 14 -0.48 11.56 8.21
HZ3 DLY A 14 0.80 11.53 9.29
N DAS A 15 3.53 6.09 4.60
CA DAS A 15 4.85 5.47 4.49
C DAS A 15 4.68 3.96 4.49
O DAS A 15 5.65 3.21 4.60
CB DAS A 15 5.56 5.95 3.21
CG DAS A 15 7.03 5.61 3.19
OD1 DAS A 15 7.77 6.06 4.10
OD2 DAS A 15 7.51 5.00 2.24
H DAS A 15 3.01 6.25 3.79
HA DAS A 15 5.42 5.76 5.35
HB2 DAS A 15 5.10 5.49 2.35
HB3 DAS A 15 5.46 7.02 3.15
N DCY A 16 3.46 3.52 4.37
CA DCY A 16 3.14 2.12 4.50
C DCY A 16 2.81 1.80 5.96
O DCY A 16 2.16 2.59 6.63
CB DCY A 16 1.97 1.76 3.59
SG DCY A 16 2.29 2.03 1.83
H DCY A 16 2.75 4.16 4.16
HA DCY A 16 4.00 1.55 4.22
HB2 DCY A 16 1.73 0.71 3.72
HB3 DCY A 16 1.11 2.35 3.86
N DCY A 17 3.26 0.66 6.43
CA DCY A 17 3.06 0.21 7.80
C DCY A 17 1.58 0.14 8.12
O DCY A 17 1.12 0.73 9.10
CB DCY A 17 3.69 -1.16 7.99
SG DCY A 17 5.42 -1.30 7.41
H DCY A 17 3.75 0.06 5.82
HA DCY A 17 3.55 0.92 8.46
HB2 DCY A 17 3.68 -1.41 9.05
HB3 DCY A 17 3.10 -1.90 7.46
N DSN A 18 0.83 -0.54 7.26
CA DSN A 18 -0.60 -0.72 7.44
C DSN A 18 -1.36 0.59 7.17
O DSN A 18 -2.48 0.77 7.65
CB DSN A 18 -1.09 -1.83 6.49
OG DSN A 18 -2.47 -2.11 6.66
H DSN A 18 1.27 -0.96 6.48
HA DSN A 18 -0.77 -1.03 8.45
HB2 DSN A 18 -0.91 -1.54 5.47
HB3 DSN A 18 -0.53 -2.75 6.69
HG DSN A 18 -2.73 -2.69 5.93
N DLY A 19 -0.71 1.51 6.44
CA DLY A 19 -1.30 2.79 6.03
C DLY A 19 -2.56 2.63 5.19
O DLY A 19 -3.39 3.54 5.11
CB DLY A 19 -1.57 3.71 7.22
CG DLY A 19 -0.32 4.23 7.92
CD DLY A 19 -0.66 5.20 9.05
CE DLY A 19 -1.40 6.42 8.54
NZ DLY A 19 -1.71 7.35 9.63
H DLY A 19 0.24 1.36 6.22
HA DLY A 19 -0.56 3.28 5.40
HB2 DLY A 19 -2.14 4.56 6.87
HB3 DLY A 19 -2.17 3.18 7.95
HG2 DLY A 19 0.23 3.40 8.32
HG3 DLY A 19 0.28 4.74 7.18
HD2 DLY A 19 -1.27 4.70 9.78
HD3 DLY A 19 0.27 5.53 9.51
HE2 DLY A 19 -0.80 6.94 7.81
HE3 DLY A 19 -2.34 6.11 8.08
HZ1 DLY A 19 -2.28 6.89 10.37
HZ2 DLY A 19 -2.25 8.18 9.28
HZ3 DLY A 19 -0.85 7.72 10.08
N DLY A 20 -2.70 1.51 4.53
CA DLY A 20 -3.89 1.26 3.75
C DLY A 20 -3.62 1.18 2.27
O DLY A 20 -3.24 0.14 1.75
CB DLY A 20 -4.61 0.00 4.21
CG DLY A 20 -5.20 0.07 5.61
CD DLY A 20 -6.25 1.17 5.74
CE DLY A 20 -7.44 0.96 4.80
NZ DLY A 20 -8.43 2.05 4.93
H DLY A 20 -1.99 0.84 4.56
HA DLY A 20 -4.55 2.09 3.91
HB2 DLY A 20 -5.42 -0.22 3.52
HB3 DLY A 20 -3.91 -0.82 4.19
HG2 DLY A 20 -5.67 -0.87 5.85
HG3 DLY A 20 -4.40 0.27 6.31
HD2 DLY A 20 -6.61 1.19 6.76
HD3 DLY A 20 -5.78 2.13 5.52
HE2 DLY A 20 -7.09 0.93 3.79
HE3 DLY A 20 -7.91 0.03 5.05
HZ1 DLY A 20 -8.00 2.98 4.75
HZ2 DLY A 20 -8.85 2.04 5.88
HZ3 DLY A 20 -9.21 1.90 4.24
N DCY A 21 -3.77 2.29 1.60
CA DCY A 21 -3.66 2.34 0.16
C DCY A 21 -5.00 2.18 -0.50
O DCY A 21 -5.88 3.04 -0.35
CB DCY A 21 -3.00 3.65 -0.31
SG DCY A 21 -1.21 3.58 -0.49
H DCY A 21 -3.98 3.12 2.07
HA DCY A 21 -3.02 1.52 -0.15
HB2 DCY A 21 -3.40 3.92 -1.28
HB3 DCY A 21 -3.22 4.44 0.40
N DLY A 22 -5.19 1.06 -1.18
CA DLY A 22 -6.40 0.85 -1.94
C DLY A 22 -6.02 0.31 -3.30
O DLY A 22 -4.94 -0.28 -3.46
CB DLY A 22 -7.40 -0.12 -1.28
CG DLY A 22 -7.91 0.28 0.11
CD DLY A 22 -9.18 -0.50 0.49
CE DLY A 22 -9.01 -2.02 0.41
NZ DLY A 22 -8.02 -2.54 1.37
H DLY A 22 -4.50 0.36 -1.19
HA DLY A 22 -6.87 1.82 -2.08
HB2 DLY A 22 -8.26 -0.22 -1.94
HB3 DLY A 22 -6.93 -1.08 -1.20
HG2 DLY A 22 -7.14 0.08 0.83
HG3 DLY A 22 -8.13 1.33 0.09
HD2 DLY A 22 -9.45 -0.24 1.50
HD3 DLY A 22 -9.98 -0.20 -0.17
HE2 DLY A 22 -9.96 -2.48 0.62
HE3 DLY A 22 -8.71 -2.28 -0.59
HZ1 DLY A 22 -8.33 -2.39 2.36
HZ2 DLY A 22 -7.09 -2.12 1.25
HZ3 DLY A 22 -7.90 -3.57 1.25
N DAR A 23 -6.85 0.54 -4.27
CA DAR A 23 -6.60 0.00 -5.58
CB DAR A 23 -7.19 0.88 -6.72
CG DAR A 23 -8.73 0.98 -6.80
CD DAR A 23 -9.17 1.75 -8.02
NE DAR A 23 -8.66 3.11 -8.01
CZ DAR A 23 -8.63 3.95 -9.06
NH1 DAR A 23 -9.00 3.53 -10.25
NH2 DAR A 23 -8.20 5.18 -8.90
C DAR A 23 -7.13 -1.41 -5.64
O DAR A 23 -6.38 -2.34 -5.91
H DAR A 23 -7.64 1.09 -4.10
HA DAR A 23 -5.52 -0.04 -5.70
HB2 DAR A 23 -6.84 1.88 -6.59
HB3 DAR A 23 -6.84 0.49 -7.67
HG2 DAR A 23 -9.14 -0.02 -6.84
HG3 DAR A 23 -9.09 1.48 -5.92
HD2 DAR A 23 -8.81 1.25 -8.91
HD3 DAR A 23 -10.25 1.79 -8.05
HE DAR A 23 -8.35 3.39 -7.11
HH11 DAR A 23 -9.33 2.61 -10.46
HH12 DAR A 23 -8.97 4.15 -11.04
HH21 DAR A 23 -7.90 5.56 -8.02
HH22 DAR A 23 -8.16 5.82 -9.67
N DAR A 24 -8.39 -1.56 -5.26
CA DAR A 24 -9.13 -2.79 -5.38
CB DAR A 24 -10.66 -2.58 -5.26
CG DAR A 24 -11.16 -1.90 -3.98
CD DAR A 24 -11.17 -0.37 -4.09
NE DAR A 24 -12.11 0.12 -5.12
CZ DAR A 24 -12.50 1.40 -5.29
NH1 DAR A 24 -12.02 2.35 -4.49
NH2 DAR A 24 -13.37 1.70 -6.25
C DAR A 24 -8.68 -3.84 -4.40
O DAR A 24 -8.09 -3.53 -3.35
H DAR A 24 -8.81 -0.78 -4.85
HA DAR A 24 -8.92 -3.16 -6.37
HB2 DAR A 24 -10.99 -1.98 -6.10
HB3 DAR A 24 -11.15 -3.54 -5.34
HG2 DAR A 24 -12.17 -2.24 -3.77
HG3 DAR A 24 -10.52 -2.18 -3.17
HD2 DAR A 24 -11.43 0.05 -3.13
HD3 DAR A 24 -10.18 -0.03 -4.37
HE DAR A 24 -12.49 -0.58 -5.71
HH11 DAR A 24 -11.35 2.17 -3.77
HH12 DAR A 24 -12.29 3.31 -4.60
HH21 DAR A 24 -13.73 0.98 -6.85
HH22 DAR A 24 -13.68 2.63 -6.41
N GLY A 25 -8.93 -5.07 -4.76
CA GLY A 25 -8.56 -6.19 -3.98
C GLY A 25 -7.99 -7.23 -4.90
N DTH A 26 -6.82 -7.73 -4.59
CA DTH A 26 -6.15 -8.69 -5.46
CB DTH A 26 -5.15 -9.57 -4.65
CG2 DTH A 26 -4.04 -8.74 -4.02
OG1 DTH A 26 -5.86 -10.25 -3.60
C DTH A 26 -5.43 -8.00 -6.65
O DTH A 26 -4.69 -8.63 -7.40
H DTH A 26 -6.39 -7.47 -3.74
HA DTH A 26 -6.91 -9.33 -5.86
HB DTH A 26 -4.72 -10.31 -5.31
HG21 DTH A 26 -3.37 -9.39 -3.47
HG22 DTH A 26 -4.46 -8.01 -3.35
HG23 DTH A 26 -3.49 -8.23 -4.80
HG1 DTH A 26 -6.13 -11.11 -3.95
N DSG A 27 -5.68 -6.69 -6.81
CA DSG A 27 -5.08 -5.87 -7.87
C DSG A 27 -5.94 -4.66 -8.02
O DSG A 27 -7.00 -4.60 -7.38
CB DSG A 27 -3.67 -5.32 -7.49
CG DSG A 27 -2.67 -6.36 -7.10
OD1 DSG A 27 -2.59 -6.70 -5.92
ND2 DSG A 27 -1.86 -6.80 -8.02
H DSG A 27 -6.36 -6.27 -6.25
HA DSG A 27 -5.03 -6.42 -8.79
HB2 DSG A 27 -3.26 -4.78 -8.33
HB3 DSG A 27 -3.78 -4.62 -6.67
HD21 DSG A 27 -1.90 -6.43 -8.93
HD22 DSG A 27 -1.23 -7.53 -7.80
N DIL A 28 -5.52 -3.71 -8.82
CA DIL A 28 -6.16 -2.41 -8.94
C DIL A 28 -5.03 -1.34 -9.06
O DIL A 28 -5.26 -0.17 -9.33
CB DIL A 28 -7.11 -2.37 -10.18
CG1 DIL A 28 -6.31 -2.39 -11.50
CG2 DIL A 28 -8.09 -1.21 -10.10
CD1 DIL A 28 -7.16 -2.40 -12.75
H DIL A 28 -4.77 -3.92 -9.43
HA DIL A 28 -6.72 -2.17 -8.04
HB DIL A 28 -7.70 -3.28 -10.12
HG12 DIL A 28 -5.68 -1.50 -11.54
HG13 DIL A 28 -5.67 -3.25 -11.53
HG21 DIL A 28 -8.71 -1.33 -9.22
HG22 DIL A 28 -8.70 -1.21 -10.99
HG23 DIL A 28 -7.54 -0.29 -10.03
HD11 DIL A 28 -6.53 -2.38 -13.63
HD12 DIL A 28 -7.81 -1.54 -12.76
HD13 DIL A 28 -7.77 -3.30 -12.76
N DGL A 29 -3.82 -1.78 -8.73
CA DGL A 29 -2.59 -1.03 -8.99
C DGL A 29 -2.13 -0.17 -7.80
O DGL A 29 -0.95 0.22 -7.77
CB DGL A 29 -1.49 -2.02 -9.31
CG DGL A 29 -1.82 -2.96 -10.44
CD DGL A 29 -0.72 -3.93 -10.69
OE1 DGL A 29 0.17 -3.63 -11.53
OE2 DGL A 29 -0.69 -5.01 -10.05
H DGL A 29 -3.77 -2.65 -8.30
HA DGL A 29 -2.75 -0.40 -9.85
HB2 DGL A 29 -0.59 -1.47 -9.57
HB3 DGL A 29 -1.29 -2.60 -8.42
HG2 DGL A 29 -2.71 -3.50 -10.18
HG3 DGL A 29 -1.99 -2.38 -11.33
N DLY A 30 -3.03 0.17 -6.87
CA DLY A 30 -2.70 0.97 -5.66
C DLY A 30 -1.65 0.26 -4.80
O DLY A 30 -0.41 0.40 -5.01
CB DLY A 30 -2.19 2.39 -6.04
CG DLY A 30 -3.19 3.28 -6.76
CD DLY A 30 -4.34 3.68 -5.84
CE DLY A 30 -5.23 4.73 -6.50
NZ DLY A 30 -4.49 5.98 -6.79
H DLY A 30 -3.94 -0.15 -7.01
HA DLY A 30 -3.60 1.07 -5.08
HB2 DLY A 30 -1.88 2.89 -5.14
HB3 DLY A 30 -1.32 2.27 -6.67
HG2 DLY A 30 -2.69 4.17 -7.11
HG3 DLY A 30 -3.59 2.74 -7.60
HD2 DLY A 30 -4.93 2.80 -5.62
HD3 DLY A 30 -3.94 4.08 -4.92
HE2 DLY A 30 -5.62 4.33 -7.42
HE3 DLY A 30 -6.05 4.95 -5.83
HZ1 DLY A 30 -3.73 5.85 -7.47
HZ2 DLY A 30 -4.06 6.34 -5.92
HZ3 DLY A 30 -5.14 6.72 -7.15
N DAR A 31 -2.11 -0.51 -3.86
CA DAR A 31 -1.20 -1.30 -3.04
CB DAR A 31 -1.19 -2.75 -3.50
CG DAR A 31 -0.75 -2.95 -4.93
CD DAR A 31 -0.61 -4.41 -5.27
NE DAR A 31 0.52 -5.05 -4.63
CZ DAR A 31 0.83 -6.36 -4.76
NH1 DAR A 31 -0.01 -7.20 -5.32
NH2 DAR A 31 1.95 -6.82 -4.31
C DAR A 31 -1.55 -1.19 -1.57
O DAR A 31 -2.72 -1.08 -1.20
H DAR A 31 -3.07 -0.55 -3.65
HA DAR A 31 -0.21 -0.89 -3.19
HB2 DAR A 31 -0.53 -3.31 -2.85
HB3 DAR A 31 -2.19 -3.15 -3.39
HG2 DAR A 31 -1.48 -2.50 -5.59
HG3 DAR A 31 0.21 -2.46 -5.07
HD2 DAR A 31 -1.51 -4.91 -4.95
HD3 DAR A 31 -0.52 -4.50 -6.35
HE DAR A 31 1.13 -4.44 -4.15
HH11 DAR A 31 -0.92 -6.93 -5.67
HH12 DAR A 31 0.20 -8.17 -5.44
HH21 DAR A 31 2.64 -6.25 -3.85
HH22 DAR A 31 2.20 -7.79 -4.41
N DCY A 32 -0.52 -1.25 -0.75
CA DCY A 32 -0.67 -1.14 0.69
C DCY A 32 -0.86 -2.51 1.31
O DCY A 32 0.05 -3.34 1.27
CB DCY A 32 0.52 -0.42 1.33
SG DCY A 32 0.65 1.34 0.89
H DCY A 32 0.39 -1.35 -1.11
HA DCY A 32 -1.57 -0.56 0.87
HB2 DCY A 32 0.43 -0.48 2.40
HB3 DCY A 32 1.44 -0.90 1.03
N DAR A 33 -2.04 -2.74 1.82
CA DAR A 33 -2.38 -3.93 2.56
CB DAR A 33 -2.80 -5.16 1.68
CG DAR A 33 -3.94 -4.98 0.70
CD DAR A 33 -3.47 -4.31 -0.57
NE DAR A 33 -4.56 -4.20 -1.54
CZ DAR A 33 -4.49 -4.58 -2.83
NH1 DAR A 33 -3.44 -5.27 -3.29
NH2 DAR A 33 -5.51 -4.32 -3.63
C DAR A 33 -3.46 -3.58 3.55
O DAR A 33 -3.21 -3.70 4.75
OXT DAR A 33 -4.49 -3.06 3.13
H DAR A 33 -2.72 -2.05 1.73
HA DAR A 33 -1.50 -4.19 3.12
HB2 DAR A 33 -1.95 -5.45 1.08
HB3 DAR A 33 -3.05 -5.97 2.35
HG2 DAR A 33 -4.34 -5.95 0.46
HG3 DAR A 33 -4.70 -4.37 1.16
HD2 DAR A 33 -3.11 -3.32 -0.34
HD3 DAR A 33 -2.67 -4.90 -1.00
HE DAR A 33 -5.36 -3.78 -1.16
HH11 DAR A 33 -2.69 -5.51 -2.67
HH12 DAR A 33 -3.37 -5.62 -4.23
HH21 DAR A 33 -6.34 -3.86 -3.29
HH22 DAR A 33 -5.53 -4.53 -4.61
N GLY A 1 11.63 4.21 10.34
CA GLY A 1 10.74 5.06 9.55
C GLY A 1 10.52 4.45 8.19
N DAS A 2 10.67 5.25 7.16
CA DAS A 2 10.52 4.75 5.80
C DAS A 2 9.07 4.67 5.41
O DAS A 2 8.36 5.68 5.40
CB DAS A 2 11.27 5.64 4.80
CG DAS A 2 11.10 5.17 3.38
OD1 DAS A 2 10.53 5.89 2.55
OD2 DAS A 2 11.56 4.05 3.05
H DAS A 2 10.89 6.20 7.31
HA DAS A 2 10.94 3.76 5.76
HB2 DAS A 2 10.89 6.65 4.87
HB3 DAS A 2 12.32 5.64 5.05
N DCY A 3 8.61 3.49 5.15
CA DCY A 3 7.25 3.28 4.75
C DCY A 3 7.16 2.05 3.87
O DCY A 3 8.06 1.18 3.88
CB DCY A 3 6.33 3.15 5.98
SG DCY A 3 6.78 1.78 7.13
H DCY A 3 9.18 2.69 5.21
HA DCY A 3 6.94 4.14 4.17
HB2 DCY A 3 6.37 4.06 6.56
HB3 DCY A 3 5.32 2.98 5.65
N DLE A 4 6.12 1.97 3.09
CA DLE A 4 5.87 0.85 2.24
CB DLE A 4 5.18 1.32 0.94
CG DLE A 4 5.99 2.29 0.08
CD1 DLE A 4 7.28 1.64 -0.41
CD2 DLE A 4 5.18 2.77 -1.10
C DLE A 4 5.00 -0.15 2.99
O DLE A 4 4.02 0.25 3.65
H DLE A 4 5.44 2.69 3.10
HA DLE A 4 6.82 0.43 1.99
HB2 DLE A 4 4.95 0.44 0.35
HB3 DLE A 4 4.25 1.79 1.21
HG DLE A 4 6.26 3.14 0.68
HD11 DLE A 4 7.05 0.74 -0.96
HD12 DLE A 4 7.91 1.39 0.44
HD13 DLE A 4 7.81 2.34 -1.04
HD21 DLE A 4 4.28 3.27 -0.74
HD22 DLE A 4 4.92 1.93 -1.72
HD23 DLE A 4 5.77 3.47 -1.68
N DPR A 5 5.39 -1.43 2.99
CA DPR A 5 4.68 -2.46 3.74
CB DPR A 5 5.55 -3.71 3.56
CG DPR A 5 6.85 -3.23 3.01
CD DPR A 5 6.53 -1.99 2.24
C DPR A 5 3.28 -2.74 3.19
O DPR A 5 2.97 -2.41 2.05
HA DPR A 5 4.63 -2.21 4.78
HB2 DPR A 5 5.69 -4.21 4.51
HB3 DPR A 5 5.08 -4.39 2.87
HG2 DPR A 5 7.53 -3.00 3.82
HG3 DPR A 5 7.29 -3.97 2.37
HD2 DPR A 5 7.39 -1.33 2.26
HD3 DPR A 5 6.25 -2.23 1.23
N DHI A 6 2.46 -3.36 4.02
CA DHI A 6 1.14 -3.73 3.58
C DHI A 6 1.26 -5.01 2.77
O DHI A 6 2.18 -5.81 3.01
CB DHI A 6 0.15 -3.87 4.77
CG DHI A 6 0.16 -5.18 5.50
ND1 DHI A 6 -0.93 -6.01 5.51
CD2 DHI A 6 1.10 -5.80 6.24
CE1 DHI A 6 -0.67 -7.08 6.21
NE2 DHI A 6 0.56 -6.99 6.67
H DHI A 6 2.77 -3.55 4.92
HA DHI A 6 0.79 -2.94 2.93
HB2 DHI A 6 0.37 -3.10 5.50
HB3 DHI A 6 -0.85 -3.70 4.39
HD1 DHI A 6 -1.78 -5.79 5.04
HD2 DHI A 6 2.11 -5.44 6.45
HE1 DHI A 6 -1.35 -7.91 6.40
HE2 DHI A 6 1.12 -7.80 6.80
N DLE A 7 0.37 -5.20 1.81
CA DLE A 7 0.39 -6.31 0.86
CB DLE A 7 0.37 -7.68 1.55
CG DLE A 7 -0.88 -7.97 2.39
CD1 DLE A 7 -2.13 -7.98 1.53
CD2 DLE A 7 -0.72 -9.29 3.13
C DLE A 7 1.59 -6.13 -0.05
O DLE A 7 2.26 -7.08 -0.46
H DLE A 7 -0.36 -4.55 1.68
HA DLE A 7 -0.50 -6.22 0.24
HB2 DLE A 7 0.46 -8.45 0.80
HB3 DLE A 7 1.23 -7.74 2.20
HG DLE A 7 -0.99 -7.19 3.13
HD11 DLE A 7 -2.25 -7.02 1.06
HD12 DLE A 7 -2.99 -8.21 2.13
HD13 DLE A 7 -2.02 -8.74 0.76
HD21 DLE A 7 0.16 -9.24 3.76
HD22 DLE A 7 -0.61 -10.09 2.40
HD23 DLE A 7 -1.58 -9.46 3.73
N DLY A 8 1.79 -4.89 -0.43
CA DLY A 8 2.89 -4.47 -1.26
C DLY A 8 2.44 -3.19 -1.94
O DLY A 8 1.41 -2.66 -1.59
CB DLY A 8 4.12 -4.16 -0.37
CG DLY A 8 5.48 -4.01 -1.08
CD DLY A 8 6.19 -5.34 -1.31
CE DLY A 8 5.42 -6.32 -2.21
NZ DLY A 8 6.18 -7.56 -2.46
H DLY A 8 1.13 -4.20 -0.15
HA DLY A 8 3.12 -5.22 -1.98
HB2 DLY A 8 3.93 -3.21 0.12
HB3 DLY A 8 4.20 -4.92 0.39
HG2 DLY A 8 5.32 -3.53 -2.03
HG3 DLY A 8 6.11 -3.37 -0.47
HD2 DLY A 8 7.15 -5.14 -1.77
HD3 DLY A 8 6.36 -5.81 -0.35
HE2 DLY A 8 4.50 -6.59 -1.70
HE3 DLY A 8 5.20 -5.83 -3.14
HZ1 DLY A 8 5.63 -8.19 -3.07
HZ2 DLY A 8 6.35 -8.06 -1.56
HZ3 DLY A 8 7.10 -7.36 -2.91
N DLE A 9 3.15 -2.74 -2.95
CA DLE A 9 2.85 -1.48 -3.64
CB DLE A 9 3.87 -1.25 -4.77
CG DLE A 9 5.38 -1.53 -4.46
CD1 DLE A 9 6.21 -1.33 -5.69
CD2 DLE A 9 5.92 -0.67 -3.32
C DLE A 9 2.76 -0.25 -2.71
O DLE A 9 3.30 -0.24 -1.60
H DLE A 9 3.92 -3.27 -3.27
HA DLE A 9 1.89 -1.61 -4.10
HB2 DLE A 9 3.60 -1.89 -5.60
HB3 DLE A 9 3.79 -0.23 -5.09
HG DLE A 9 5.47 -2.57 -4.18
HD11 DLE A 9 6.08 -0.32 -6.06
HD12 DLE A 9 5.91 -2.04 -6.44
HD13 DLE A 9 7.25 -1.49 -5.44
HD21 DLE A 9 6.97 -0.88 -3.17
HD22 DLE A 9 5.38 -0.89 -2.42
HD23 DLE A 9 5.80 0.39 -3.57
N DCY A 10 2.05 0.77 -3.16
CA DCY A 10 1.97 2.03 -2.46
C DCY A 10 1.48 3.09 -3.42
O DCY A 10 1.25 2.78 -4.61
CB DCY A 10 0.98 1.96 -1.28
SG DCY A 10 -0.74 1.65 -1.77
H DCY A 10 1.52 0.69 -3.99
HA DCY A 10 2.95 2.30 -2.11
HB2 DCY A 10 1.30 1.16 -0.62
HB3 DCY A 10 1.02 2.90 -0.74
N DLY A 11 1.34 4.29 -2.95
CA DLY A 11 0.77 5.35 -3.72
C DLY A 11 -0.15 6.16 -2.81
O DLY A 11 -1.30 6.41 -3.14
CB DLY A 11 1.84 6.24 -4.36
CG DLY A 11 1.30 7.34 -5.28
CD DLY A 11 0.40 6.75 -6.38
CE DLY A 11 -0.09 7.81 -7.35
NZ DLY A 11 1.01 8.39 -8.15
H DLY A 11 1.65 4.50 -2.04
HA DLY A 11 0.16 4.89 -4.49
HB2 DLY A 11 2.42 6.71 -3.59
HB3 DLY A 11 2.50 5.60 -4.95
HG2 DLY A 11 0.73 8.03 -4.70
HG3 DLY A 11 2.13 7.85 -5.75
HD2 DLY A 11 0.95 6.01 -6.93
HD3 DLY A 11 -0.46 6.29 -5.91
HE2 DLY A 11 -0.81 7.38 -8.01
HE3 DLY A 11 -0.56 8.61 -6.78
HZ1 DLY A 11 1.73 8.87 -7.56
HZ2 DLY A 11 0.65 9.09 -8.84
HZ3 DLY A 11 1.50 7.64 -8.69
N DGL A 12 0.37 6.49 -1.65
CA DGL A 12 -0.38 7.21 -0.66
C DGL A 12 -0.42 6.41 0.65
O DGL A 12 0.52 5.62 0.95
CB DGL A 12 0.24 8.59 -0.49
CG DGL A 12 -0.44 9.53 0.47
CD DGL A 12 0.12 10.92 0.35
OE1 DGL A 12 1.13 11.23 1.00
OE2 DGL A 12 -0.43 11.73 -0.44
H DGL A 12 1.31 6.32 -1.44
HA DGL A 12 -1.40 7.32 -1.03
HB2 DGL A 12 1.26 8.46 -0.14
HB3 DGL A 12 0.28 9.06 -1.47
HG2 DGL A 12 -1.50 9.55 0.26
HG3 DGL A 12 -0.29 9.18 1.48
N DSG A 13 -1.47 6.59 1.43
CA DSG A 13 -1.61 5.88 2.71
C DSG A 13 -0.51 6.28 3.66
O DSG A 13 -0.04 5.47 4.42
CB DSG A 13 -2.98 6.10 3.37
CG DSG A 13 -4.15 5.50 2.60
OD1 DSG A 13 -4.15 5.47 1.38
ND2 DSG A 13 -5.10 4.99 3.30
H DSG A 13 -2.19 7.19 1.16
HA DSG A 13 -1.50 4.83 2.49
HB2 DSG A 13 -2.96 5.64 4.35
HB3 DSG A 13 -3.14 7.15 3.49
HD21 DSG A 13 -5.02 4.99 4.27
HD22 DSG A 13 -5.88 4.62 2.83
N DLY A 14 -0.09 7.53 3.54
CA DLY A 14 0.99 8.08 4.34
C DLY A 14 2.27 7.27 4.07
O DLY A 14 3.09 7.08 4.97
CB DLY A 14 1.16 9.58 4.00
CG DLY A 14 2.10 10.39 4.90
CD DLY A 14 3.57 10.17 4.60
CE DLY A 14 4.44 10.88 5.62
NZ DLY A 14 5.88 10.70 5.35
H DLY A 14 -0.55 8.11 2.90
HA DLY A 14 0.73 7.98 5.38
HB2 DLY A 14 1.54 9.66 2.99
HB3 DLY A 14 0.18 10.05 4.02
HG2 DLY A 14 1.90 11.44 4.77
HG3 DLY A 14 1.90 10.13 5.92
HD2 DLY A 14 3.79 9.12 4.64
HD3 DLY A 14 3.80 10.56 3.62
HE2 DLY A 14 4.20 11.94 5.60
HE3 DLY A 14 4.21 10.48 6.59
HZ1 DLY A 14 6.14 11.15 4.44
HZ2 DLY A 14 6.12 9.70 5.29
HZ3 DLY A 14 6.46 11.13 6.09
N DAS A 15 2.42 6.76 2.85
CA DAS A 15 3.57 5.94 2.48
C DAS A 15 3.46 4.63 3.18
O DAS A 15 4.44 4.07 3.61
CB DAS A 15 3.67 5.65 0.98
CG DAS A 15 3.73 6.85 0.10
OD1 DAS A 15 3.11 6.83 -0.99
OD2 DAS A 15 4.40 7.85 0.46
H DAS A 15 1.71 6.92 2.18
HA DAS A 15 4.46 6.45 2.81
HB2 DAS A 15 4.55 5.07 0.80
HB3 DAS A 15 2.80 5.06 0.70
N DCY A 16 2.26 4.13 3.25
CA DCY A 16 1.99 2.84 3.89
C DCY A 16 2.35 2.80 5.36
O DCY A 16 2.05 3.72 6.11
CB DCY A 16 0.52 2.51 3.81
SG DCY A 16 0.00 1.74 2.30
H DCY A 16 1.51 4.65 2.87
HA DCY A 16 2.53 2.08 3.37
HB2 DCY A 16 0.26 1.84 4.62
HB3 DCY A 16 -0.04 3.42 3.93
N DCY A 17 2.97 1.71 5.77
CA DCY A 17 3.27 1.51 7.18
C DCY A 17 1.95 1.35 7.95
O DCY A 17 1.80 1.82 9.08
CB DCY A 17 4.13 0.24 7.40
SG DCY A 17 5.69 0.19 6.45
H DCY A 17 3.26 1.04 5.11
HA DCY A 17 3.80 2.37 7.56
HB2 DCY A 17 4.39 0.16 8.44
HB3 DCY A 17 3.54 -0.62 7.12
N DSN A 18 0.98 0.72 7.31
CA DSN A 18 -0.32 0.48 7.90
C DSN A 18 -1.31 1.62 7.61
O DSN A 18 -2.43 1.62 8.11
CB DSN A 18 -0.86 -0.84 7.33
OG DSN A 18 0.15 -1.84 7.38
H DSN A 18 1.14 0.37 6.41
HA DSN A 18 -0.20 0.37 8.97
HB2 DSN A 18 -1.71 -1.16 7.90
HB3 DSN A 18 -1.15 -0.68 6.30
HG DSN A 18 0.04 -2.36 8.18
N DLY A 19 -0.88 2.59 6.79
CA DLY A 19 -1.72 3.72 6.33
C DLY A 19 -3.03 3.27 5.66
O DLY A 19 -4.05 3.95 5.73
CB DLY A 19 -1.99 4.77 7.44
CG DLY A 19 -0.80 5.69 7.79
CD DLY A 19 0.33 4.91 8.46
CE DLY A 19 1.50 5.82 8.85
NZ DLY A 19 1.09 6.87 9.81
H DLY A 19 0.08 2.59 6.53
HA DLY A 19 -1.15 4.20 5.55
HB2 DLY A 19 -2.80 5.41 7.11
HB3 DLY A 19 -2.30 4.25 8.32
HG2 DLY A 19 -0.43 6.14 6.88
HG3 DLY A 19 -1.14 6.47 8.46
HD2 DLY A 19 -0.04 4.44 9.35
HD3 DLY A 19 0.70 4.16 7.79
HE2 DLY A 19 2.27 5.23 9.30
HE3 DLY A 19 1.89 6.29 7.96
HZ1 DLY A 19 0.65 6.47 10.67
HZ2 DLY A 19 0.43 7.54 9.36
HZ3 DLY A 19 1.92 7.44 10.09
N DLY A 20 -2.98 2.13 4.97
CA DLY A 20 -4.11 1.60 4.21
C DLY A 20 -3.67 1.25 2.79
O DLY A 20 -3.20 0.16 2.53
CB DLY A 20 -4.73 0.37 4.91
CG DLY A 20 -5.32 0.67 6.29
CD DLY A 20 -5.87 -0.60 6.97
CE DLY A 20 -7.06 -1.18 6.21
NZ DLY A 20 -8.22 -0.27 6.18
H DLY A 20 -2.13 1.63 4.94
HA DLY A 20 -4.84 2.39 4.16
HB2 DLY A 20 -5.53 0.00 4.29
HB3 DLY A 20 -3.98 -0.38 5.01
HG2 DLY A 20 -4.53 1.07 6.92
HG3 DLY A 20 -6.11 1.39 6.19
HD2 DLY A 20 -5.10 -1.34 7.01
HD3 DLY A 20 -6.18 -0.35 7.97
HE2 DLY A 20 -6.76 -1.41 5.20
HE3 DLY A 20 -7.35 -2.11 6.70
HZ1 DLY A 20 -9.01 -0.68 5.64
HZ2 DLY A 20 -8.01 0.64 5.75
HZ3 DLY A 20 -8.58 -0.08 7.13
N DCY A 21 -3.81 2.22 1.92
CA DCY A 21 -3.36 2.10 0.55
C DCY A 21 -4.55 2.16 -0.38
O DCY A 21 -5.19 3.21 -0.51
CB DCY A 21 -2.35 3.23 0.27
SG DCY A 21 -1.73 3.38 -1.44
H DCY A 21 -4.26 3.05 2.17
HA DCY A 21 -2.86 1.14 0.43
HB2 DCY A 21 -2.81 4.17 0.50
HB3 DCY A 21 -1.49 3.10 0.92
N DLY A 22 -4.88 1.04 -0.99
CA DLY A 22 -6.02 0.97 -1.87
C DLY A 22 -5.59 0.44 -3.23
O DLY A 22 -4.41 0.33 -3.48
CB DLY A 22 -7.12 0.10 -1.27
CG DLY A 22 -7.64 0.58 0.08
CD DLY A 22 -8.77 -0.28 0.60
CE DLY A 22 -9.98 -0.20 -0.32
NZ DLY A 22 -11.08 -1.07 0.13
H DLY A 22 -4.33 0.23 -0.87
HA DLY A 22 -6.40 1.97 -2.01
HB2 DLY A 22 -7.94 0.08 -1.97
HB3 DLY A 22 -6.74 -0.91 -1.15
HG2 DLY A 22 -6.82 0.55 0.80
HG3 DLY A 22 -7.99 1.60 -0.01
HD2 DLY A 22 -8.43 -1.31 0.64
HD3 DLY A 22 -9.05 0.05 1.59
HE2 DLY A 22 -10.33 0.82 -0.34
HE3 DLY A 22 -9.70 -0.50 -1.31
HZ1 DLY A 22 -11.42 -0.80 1.07
HZ2 DLY A 22 -10.82 -2.08 0.13
HZ3 DLY A 22 -11.88 -0.96 -0.52
N DAR A 23 -6.53 0.13 -4.08
CA DAR A 23 -6.20 -0.42 -5.38
CB DAR A 23 -6.28 0.65 -6.47
CG DAR A 23 -7.62 1.31 -6.64
CD DAR A 23 -7.54 2.46 -7.63
NE DAR A 23 -6.95 2.06 -8.92
CZ DAR A 23 -6.81 2.87 -9.99
NH1 DAR A 23 -7.41 4.06 -10.01
NH2 DAR A 23 -6.13 2.46 -11.05
C DAR A 23 -7.06 -1.63 -5.67
O DAR A 23 -7.98 -1.91 -4.91
H DAR A 23 -7.47 0.26 -3.85
HA DAR A 23 -5.18 -0.76 -5.31
HB2 DAR A 23 -5.54 1.41 -6.31
HB3 DAR A 23 -6.04 0.16 -7.41
HG2 DAR A 23 -8.34 0.59 -6.99
HG3 DAR A 23 -7.94 1.69 -5.69
HD2 DAR A 23 -8.54 2.81 -7.83
HD3 DAR A 23 -6.94 3.25 -7.21
HE DAR A 23 -6.58 1.14 -8.95
HH11 DAR A 23 -7.98 4.39 -9.24
HH12 DAR A 23 -7.34 4.67 -10.80
HH21 DAR A 23 -5.68 1.56 -11.09
HH22 DAR A 23 -5.99 3.03 -11.86
N DAR A 24 -6.75 -2.32 -6.77
CA DAR A 24 -7.40 -3.57 -7.18
CB DAR A 24 -8.97 -3.54 -7.23
CG DAR A 24 -9.59 -2.82 -8.43
CD DAR A 24 -9.45 -1.34 -8.33
NE DAR A 24 -10.02 -0.65 -9.49
CZ DAR A 24 -10.48 0.60 -9.48
NH1 DAR A 24 -10.65 1.25 -8.33
NH2 DAR A 24 -10.84 1.17 -10.61
C DAR A 24 -6.93 -4.74 -6.33
O DAR A 24 -6.05 -4.57 -5.45
H DAR A 24 -6.01 -2.00 -7.32
HA DAR A 24 -7.03 -3.77 -8.18
HB2 DAR A 24 -9.34 -4.55 -7.24
HB3 DAR A 24 -9.31 -3.06 -6.33
HG2 DAR A 24 -9.10 -3.16 -9.34
HG3 DAR A 24 -10.64 -3.08 -8.48
HD2 DAR A 24 -9.93 -1.00 -7.43
HD3 DAR A 24 -8.39 -1.10 -8.28
HE DAR A 24 -10.01 -1.18 -10.32
HH11 DAR A 24 -10.47 0.86 -7.44
HH12 DAR A 24 -10.99 2.21 -8.32
HH21 DAR A 24 -10.80 0.69 -11.50
HH22 DAR A 24 -11.17 2.12 -10.66
N GLY A 25 -7.46 -5.89 -6.58
CA GLY A 25 -7.07 -7.07 -5.86
C GLY A 25 -6.32 -7.97 -6.78
N DTH A 26 -5.01 -7.90 -6.72
CA DTH A 26 -4.20 -8.67 -7.63
CB DTH A 26 -2.84 -9.03 -7.00
CG2 DTH A 26 -1.96 -7.81 -6.80
OG1 DTH A 26 -3.08 -9.65 -5.72
C DTH A 26 -4.03 -7.91 -8.96
O DTH A 26 -3.90 -8.52 -10.03
H DTH A 26 -4.58 -7.35 -6.04
HA DTH A 26 -4.74 -9.58 -7.83
HB DTH A 26 -2.34 -9.75 -7.64
HG21 DTH A 26 -1.78 -7.34 -7.75
HG22 DTH A 26 -1.01 -8.11 -6.36
HG23 DTH A 26 -2.45 -7.11 -6.14
HG1 DTH A 26 -3.62 -10.42 -5.90
N DSG A 27 -4.10 -6.58 -8.89
CA DSG A 27 -4.00 -5.74 -10.07
C DSG A 27 -4.58 -4.36 -9.77
O DSG A 27 -4.55 -3.92 -8.62
CB DSG A 27 -2.54 -5.68 -10.60
CG DSG A 27 -2.44 -5.09 -12.00
OD1 DSG A 27 -2.66 -5.79 -12.99
ND2 DSG A 27 -2.05 -3.86 -12.10
H DSG A 27 -4.25 -6.12 -8.04
HA DSG A 27 -4.61 -6.20 -10.83
HB2 DSG A 27 -1.96 -5.06 -9.92
HB3 DSG A 27 -2.13 -6.68 -10.61
HD21 DSG A 27 -1.83 -3.36 -11.27
HD22 DSG A 27 -1.95 -3.44 -12.98
N DIL A 28 -5.10 -3.71 -10.80
CA DIL A 28 -5.86 -2.46 -10.75
C DIL A 28 -5.22 -1.28 -9.96
O DIL A 28 -5.94 -0.50 -9.33
CB DIL A 28 -6.25 -2.00 -12.19
CG1 DIL A 28 -4.98 -1.73 -13.05
CG2 DIL A 28 -7.18 -0.77 -12.18
CD1 DIL A 28 -5.27 -1.35 -14.49
H DIL A 28 -4.99 -4.14 -11.68
HA DIL A 28 -6.79 -2.69 -10.25
HB DIL A 28 -6.80 -2.80 -12.65
HG12 DIL A 28 -4.43 -0.91 -12.61
HG13 DIL A 28 -4.37 -2.62 -13.05
HG21 DIL A 28 -6.66 0.05 -11.70
HG22 DIL A 28 -8.07 -1.01 -11.61
HG23 DIL A 28 -7.44 -0.51 -13.19
HD11 DIL A 28 -5.80 -2.15 -14.97
HD12 DIL A 28 -4.34 -1.19 -15.01
HD13 DIL A 28 -5.86 -0.45 -14.52
N DGL A 29 -3.91 -1.16 -9.94
CA DGL A 29 -3.27 -0.01 -9.30
C DGL A 29 -3.01 -0.18 -7.77
O DGL A 29 -3.36 -1.21 -7.18
CB DGL A 29 -2.11 0.59 -10.11
CG DGL A 29 -1.29 -0.40 -10.92
CD DGL A 29 -0.68 -1.46 -10.10
OE1 DGL A 29 0.42 -1.27 -9.58
OE2 DGL A 29 -1.30 -2.53 -9.96
H DGL A 29 -3.33 -1.85 -10.33
HA DGL A 29 -4.08 0.72 -9.31
HB2 DGL A 29 -2.51 1.32 -10.78
HB3 DGL A 29 -1.45 1.09 -9.42
HG2 DGL A 29 -1.93 -0.85 -11.65
HG3 DGL A 29 -0.50 0.15 -11.43
N DLY A 30 -2.41 0.85 -7.18
CA DLY A 30 -2.32 1.01 -5.72
C DLY A 30 -1.37 0.03 -5.02
O DLY A 30 -0.17 -0.09 -5.35
CB DLY A 30 -1.93 2.45 -5.37
CG DLY A 30 -2.92 3.51 -5.87
CD DLY A 30 -4.26 3.47 -5.12
CE DLY A 30 -4.17 4.02 -3.71
NZ DLY A 30 -3.83 5.45 -3.69
H DLY A 30 -1.98 1.53 -7.73
HA DLY A 30 -3.30 0.83 -5.33
HB2 DLY A 30 -1.85 2.53 -4.29
HB3 DLY A 30 -0.97 2.66 -5.80
HG2 DLY A 30 -2.48 4.49 -5.72
HG3 DLY A 30 -3.10 3.33 -6.92
HD2 DLY A 30 -4.99 4.04 -5.67
HD3 DLY A 30 -4.58 2.44 -5.06
HE2 DLY A 30 -5.12 3.87 -3.22
HE3 DLY A 30 -3.40 3.47 -3.17
HZ1 DLY A 30 -4.53 6.01 -4.22
HZ2 DLY A 30 -2.90 5.66 -4.07
HZ3 DLY A 30 -3.84 5.82 -2.71
N DAR A 31 -1.92 -0.65 -4.03
CA DAR A 31 -1.22 -1.53 -3.16
CB DAR A 31 -1.34 -2.99 -3.52
CG DAR A 31 -0.58 -3.36 -4.73
CD DAR A 31 -0.80 -4.79 -5.13
NE DAR A 31 -0.05 -5.09 -6.34
CZ DAR A 31 -0.30 -4.55 -7.55
NH1 DAR A 31 -1.39 -3.80 -7.73
NH2 DAR A 31 0.51 -4.78 -8.56
C DAR A 31 -1.72 -1.34 -1.77
O DAR A 31 -2.92 -1.16 -1.52
H DAR A 31 -2.89 -0.52 -3.86
HA DAR A 31 -0.18 -1.24 -3.18
HB2 DAR A 31 -0.95 -3.56 -2.70
HB3 DAR A 31 -2.39 -3.25 -3.65
HG2 DAR A 31 -0.90 -2.72 -5.55
HG3 DAR A 31 0.47 -3.20 -4.55
HD2 DAR A 31 -0.48 -5.43 -4.33
HD3 DAR A 31 -1.86 -4.95 -5.32
HE DAR A 31 0.72 -5.69 -6.20
HH11 DAR A 31 -2.08 -3.60 -7.03
HH12 DAR A 31 -1.53 -3.35 -8.63
HH21 DAR A 31 1.33 -5.35 -8.47
HH22 DAR A 31 0.35 -4.37 -9.46
N DCY A 32 -0.80 -1.35 -0.88
CA DCY A 32 -1.06 -1.27 0.48
C DCY A 32 -1.59 -2.63 0.82
O DCY A 32 -1.10 -3.62 0.27
CB DCY A 32 0.24 -0.98 1.21
SG DCY A 32 0.03 -0.21 2.81
H DCY A 32 0.13 -1.47 -1.16
HA DCY A 32 -1.79 -0.51 0.69
HB2 DCY A 32 0.81 -1.89 1.34
HB3 DCY A 32 0.84 -0.30 0.62
N DAR A 33 -2.60 -2.70 1.63
CA DAR A 33 -3.28 -3.96 1.86
CB DAR A 33 -4.54 -4.01 0.99
CG DAR A 33 -4.27 -4.21 -0.51
CD DAR A 33 -5.44 -3.73 -1.38
NE DAR A 33 -6.74 -4.25 -0.95
CZ DAR A 33 -7.81 -4.42 -1.75
NH1 DAR A 33 -7.74 -4.19 -3.05
NH2 DAR A 33 -8.96 -4.82 -1.22
C DAR A 33 -3.62 -4.14 3.32
O DAR A 33 -4.62 -3.55 3.77
OXT DAR A 33 -2.91 -4.88 4.05
H DAR A 33 -2.91 -1.90 2.10
HA DAR A 33 -2.63 -4.76 1.56
HB2 DAR A 33 -5.17 -4.82 1.32
HB3 DAR A 33 -5.08 -3.08 1.10
HG2 DAR A 33 -3.39 -3.66 -0.78
HG3 DAR A 33 -4.12 -5.26 -0.70
HD2 DAR A 33 -5.47 -2.65 -1.34
HD3 DAR A 33 -5.25 -4.04 -2.40
HE DAR A 33 -6.79 -4.45 0.02
HH11 DAR A 33 -6.89 -3.90 -3.51
HH12 DAR A 33 -8.54 -4.29 -3.65
HH21 DAR A 33 -9.07 -5.00 -0.24
HH22 DAR A 33 -9.80 -4.98 -1.77
N GLY A 1 13.00 2.07 11.39
CA GLY A 1 11.66 1.93 10.86
C GLY A 1 11.74 1.48 9.43
N DAS A 2 10.92 2.06 8.60
CA DAS A 2 10.93 1.76 7.18
C DAS A 2 9.62 2.18 6.59
O DAS A 2 9.33 3.37 6.48
CB DAS A 2 12.08 2.47 6.48
CG DAS A 2 12.10 2.24 4.99
OD1 DAS A 2 12.00 1.07 4.54
OD2 DAS A 2 12.31 3.22 4.23
H DAS A 2 10.27 2.72 8.94
HA DAS A 2 11.04 0.69 7.07
HB2 DAS A 2 12.00 3.53 6.66
HB3 DAS A 2 13.02 2.12 6.89
N DCY A 3 8.82 1.23 6.25
CA DCY A 3 7.53 1.49 5.66
C DCY A 3 7.10 0.29 4.82
O DCY A 3 7.58 -0.84 5.03
CB DCY A 3 6.50 1.82 6.76
SG DCY A 3 6.39 0.62 8.13
H DCY A 3 9.06 0.29 6.42
HA DCY A 3 7.65 2.34 5.01
HB2 DCY A 3 6.75 2.78 7.20
HB3 DCY A 3 5.53 1.90 6.31
N DLE A 4 6.27 0.53 3.82
CA DLE A 4 5.74 -0.54 2.97
CB DLE A 4 5.15 0.07 1.71
CG DLE A 4 6.12 0.91 0.87
CD1 DLE A 4 7.26 0.07 0.34
CD2 DLE A 4 5.40 1.62 -0.25
C DLE A 4 4.69 -1.30 3.78
O DLE A 4 3.85 -0.69 4.40
H DLE A 4 6.00 1.46 3.63
HA DLE A 4 6.57 -1.19 2.73
HB2 DLE A 4 4.78 -0.75 1.09
HB3 DLE A 4 4.31 0.69 1.99
HG DLE A 4 6.55 1.67 1.53
HD11 DLE A 4 7.91 0.71 -0.24
HD12 DLE A 4 6.87 -0.72 -0.28
HD13 DLE A 4 7.81 -0.35 1.16
HD21 DLE A 4 4.66 2.30 0.17
HD22 DLE A 4 4.90 0.89 -0.87
HD23 DLE A 4 6.11 2.18 -0.84
N DPR A 5 4.70 -2.64 3.78
CA DPR A 5 3.90 -3.40 4.73
CB DPR A 5 4.62 -4.76 4.81
CG DPR A 5 5.69 -4.71 3.73
CD DPR A 5 5.40 -3.52 2.86
C DPR A 5 2.40 -3.54 4.34
O DPR A 5 1.57 -2.69 4.67
HA DPR A 5 3.93 -2.92 5.70
HB2 DPR A 5 5.06 -4.86 5.78
HB3 DPR A 5 3.94 -5.58 4.65
HG2 DPR A 5 6.67 -4.61 4.19
HG3 DPR A 5 5.65 -5.62 3.14
HD2 DPR A 5 6.29 -3.08 2.44
HD3 DPR A 5 4.74 -3.81 2.06
N DHI A 6 2.07 -4.61 3.63
CA DHI A 6 0.71 -4.87 3.18
C DHI A 6 0.83 -5.88 2.06
O DHI A 6 1.78 -6.66 2.07
CB DHI A 6 -0.22 -5.39 4.31
CG DHI A 6 -0.04 -6.81 4.76
ND1 DHI A 6 -1.01 -7.77 4.60
CD2 DHI A 6 0.99 -7.43 5.38
CE1 DHI A 6 -0.59 -8.92 5.08
NE2 DHI A 6 0.62 -8.74 5.56
H DHI A 6 2.74 -5.26 3.35
HA DHI A 6 0.33 -3.95 2.77
HB2 DHI A 6 -0.08 -4.77 5.19
HB3 DHI A 6 -1.25 -5.28 3.98
HD1 DHI A 6 -1.92 -7.64 4.21
HD2 DHI A 6 1.93 -6.97 5.65
HE1 DHI A 6 -1.14 -9.85 5.08
HE2 DHI A 6 1.00 -9.31 6.27
N DLE A 7 -0.09 -5.83 1.10
CA DLE A 7 -0.05 -6.65 -0.11
CB DLE A 7 -0.10 -8.17 0.19
CG DLE A 7 -1.49 -8.79 0.39
CD1 DLE A 7 -1.39 -10.24 0.78
CD2 DLE A 7 -2.34 -8.00 1.37
C DLE A 7 1.19 -6.28 -0.89
O DLE A 7 1.78 -7.09 -1.57
H DLE A 7 -0.81 -5.17 1.20
HA DLE A 7 -0.91 -6.38 -0.69
HB2 DLE A 7 0.38 -8.69 -0.62
HB3 DLE A 7 0.47 -8.35 1.09
HG DLE A 7 -2.00 -8.77 -0.58
HD11 DLE A 7 -2.39 -10.64 0.92
HD12 DLE A 7 -0.84 -10.33 1.71
HD13 DLE A 7 -0.89 -10.79 0.01
HD21 DLE A 7 -3.30 -8.48 1.49
HD22 DLE A 7 -2.48 -7.01 0.97
HD23 DLE A 7 -1.83 -7.94 2.32
N DLY A 8 1.53 -5.02 -0.82
CA DLY A 8 2.73 -4.56 -1.47
C DLY A 8 2.44 -3.23 -2.11
O DLY A 8 1.46 -2.59 -1.74
CB DLY A 8 3.87 -4.44 -0.43
CG DLY A 8 5.28 -4.35 -1.02
CD DLY A 8 5.62 -5.59 -1.83
CE DLY A 8 7.05 -5.57 -2.33
NZ DLY A 8 7.38 -6.75 -3.15
H DLY A 8 0.95 -4.37 -0.36
HA DLY A 8 2.99 -5.29 -2.22
HB2 DLY A 8 3.69 -3.55 0.16
HB3 DLY A 8 3.82 -5.30 0.22
HG2 DLY A 8 5.33 -3.48 -1.66
HG3 DLY A 8 5.98 -4.24 -0.22
HD2 DLY A 8 5.47 -6.46 -1.22
HD3 DLY A 8 4.96 -5.65 -2.68
HE2 DLY A 8 7.20 -4.69 -2.93
HE3 DLY A 8 7.71 -5.55 -1.48
HZ1 DLY A 8 6.72 -6.85 -3.96
HZ2 DLY A 8 7.34 -7.63 -2.59
HZ3 DLY A 8 8.34 -6.68 -3.54
N DLE A 9 3.22 -2.85 -3.12
CA DLE A 9 3.08 -1.56 -3.80
CB DLE A 9 4.18 -1.31 -4.90
CG DLE A 9 5.71 -1.55 -4.60
CD1 DLE A 9 6.21 -0.90 -3.32
CD2 DLE A 9 6.10 -3.01 -4.68
C DLE A 9 3.01 -0.38 -2.83
O DLE A 9 3.54 -0.44 -1.74
H DLE A 9 3.89 -3.48 -3.42
HA DLE A 9 2.12 -1.59 -4.31
HB2 DLE A 9 3.93 -1.94 -5.75
HB3 DLE A 9 4.06 -0.28 -5.22
HG DLE A 9 6.25 -1.03 -5.39
HD11 DLE A 9 6.06 0.16 -3.35
HD12 DLE A 9 7.26 -1.11 -3.19
HD13 DLE A 9 5.68 -1.31 -2.46
HD21 DLE A 9 5.81 -3.42 -5.63
HD22 DLE A 9 5.64 -3.57 -3.88
HD23 DLE A 9 7.17 -3.09 -4.58
N DCY A 10 2.35 0.66 -3.24
CA DCY A 10 2.17 1.81 -2.42
C DCY A 10 2.53 3.03 -3.18
O DCY A 10 2.02 3.27 -4.28
CB DCY A 10 0.73 1.91 -1.92
SG DCY A 10 0.37 3.48 -1.04
H DCY A 10 1.97 0.71 -4.14
HA DCY A 10 2.83 1.71 -1.57
HB2 DCY A 10 0.07 1.85 -2.76
HB3 DCY A 10 0.53 1.10 -1.23
N DLY A 11 3.41 3.80 -2.63
CA DLY A 11 3.79 5.06 -3.20
C DLY A 11 3.10 6.18 -2.45
O DLY A 11 2.86 7.26 -2.99
CB DLY A 11 5.31 5.23 -3.13
CG DLY A 11 5.90 5.15 -1.71
CD DLY A 11 7.39 5.46 -1.67
CE DLY A 11 7.66 6.91 -2.00
NZ DLY A 11 9.10 7.25 -1.90
H DLY A 11 3.84 3.49 -1.79
HA DLY A 11 3.48 5.06 -4.23
HB2 DLY A 11 5.73 4.40 -3.70
HB3 DLY A 11 5.59 6.17 -3.59
HG2 DLY A 11 5.38 5.86 -1.09
HG3 DLY A 11 5.73 4.15 -1.32
HD2 DLY A 11 7.75 5.25 -0.67
HD3 DLY A 11 7.89 4.83 -2.39
HE2 DLY A 11 7.33 7.11 -3.01
HE3 DLY A 11 7.10 7.53 -1.32
HZ1 DLY A 11 9.64 6.72 -2.61
HZ2 DLY A 11 9.46 7.00 -0.95
HZ3 DLY A 11 9.24 8.26 -2.05
N DGL A 12 2.73 5.90 -1.22
CA DGL A 12 2.11 6.83 -0.32
C DGL A 12 1.54 6.02 0.85
O DGL A 12 2.22 5.17 1.41
CB DGL A 12 3.16 7.82 0.19
CG DGL A 12 2.68 8.75 1.29
CD DGL A 12 3.75 9.73 1.73
OE1 DGL A 12 4.70 9.31 2.44
OE2 DGL A 12 3.66 10.92 1.36
H DGL A 12 2.88 4.99 -0.86
HA DGL A 12 1.33 7.34 -0.84
HB2 DGL A 12 4.01 7.28 0.56
HB3 DGL A 12 3.48 8.43 -0.65
HG2 DGL A 12 1.83 9.31 0.93
HG3 DGL A 12 2.38 8.15 2.13
N DSG A 13 0.30 6.29 1.21
CA DSG A 13 -0.35 5.57 2.32
C DSG A 13 0.40 5.80 3.62
O DSG A 13 0.61 4.87 4.38
CB DSG A 13 -1.85 5.91 2.45
CG DSG A 13 -2.14 7.37 2.75
OD1 DSG A 13 -2.20 7.77 3.91
ND2 DSG A 13 -2.32 8.15 1.73
H DSG A 13 -0.19 6.98 0.71
HA DSG A 13 -0.26 4.52 2.07
HB2 DSG A 13 -2.35 5.66 1.53
HB3 DSG A 13 -2.27 5.31 3.25
HD21 DSG A 13 -2.28 7.78 0.82
HD22 DSG A 13 -2.50 9.10 1.89
N DLY A 14 0.83 7.02 3.82
CA DLY A 14 1.63 7.44 4.96
C DLY A 14 2.99 6.70 4.98
O DLY A 14 3.58 6.48 6.06
CB DLY A 14 1.82 8.96 4.87
CG DLY A 14 2.71 9.60 5.92
CD DLY A 14 2.20 9.39 7.33
CE DLY A 14 3.08 10.13 8.30
NZ DLY A 14 2.68 9.91 9.70
H DLY A 14 0.58 7.70 3.16
HA DLY A 14 1.09 7.21 5.87
HB2 DLY A 14 2.24 9.20 3.90
HB3 DLY A 14 0.85 9.43 4.93
HG2 DLY A 14 3.69 9.16 5.85
HG3 DLY A 14 2.79 10.66 5.72
HD2 DLY A 14 1.19 9.76 7.40
HD3 DLY A 14 2.22 8.33 7.56
HE2 DLY A 14 4.10 9.78 8.17
HE3 DLY A 14 3.03 11.19 8.08
HZ1 DLY A 14 2.80 8.92 9.96
HZ2 DLY A 14 1.68 10.17 9.84
HZ3 DLY A 14 3.26 10.49 10.34
N DAS A 15 3.43 6.26 3.82
CA DAS A 15 4.70 5.56 3.69
C DAS A 15 4.51 4.09 4.04
O DAS A 15 5.44 3.42 4.47
CB DAS A 15 5.27 5.70 2.28
CG DAS A 15 6.66 5.13 2.14
OD1 DAS A 15 6.81 4.02 1.65
OD2 DAS A 15 7.63 5.82 2.53
H DAS A 15 2.88 6.39 3.02
HA DAS A 15 5.39 5.99 4.39
HB2 DAS A 15 4.62 5.19 1.57
HB3 DAS A 15 5.31 6.75 2.03
N DCY A 16 3.32 3.60 3.86
CA DCY A 16 3.01 2.25 4.20
C DCY A 16 2.70 2.14 5.70
O DCY A 16 2.05 3.01 6.28
CB DCY A 16 1.82 1.74 3.39
SG DCY A 16 1.99 1.98 1.60
H DCY A 16 2.62 4.17 3.47
HA DCY A 16 3.88 1.64 3.98
HB2 DCY A 16 1.71 0.68 3.57
HB3 DCY A 16 0.92 2.25 3.72
N DCY A 17 3.15 1.07 6.31
CA DCY A 17 2.96 0.78 7.72
C DCY A 17 1.47 0.72 8.02
O DCY A 17 0.99 1.30 8.98
CB DCY A 17 3.57 -0.59 8.05
SG DCY A 17 5.25 -0.88 7.39
H DCY A 17 3.66 0.40 5.78
HA DCY A 17 3.44 1.55 8.32
HB2 DCY A 17 3.63 -0.71 9.12
HB3 DCY A 17 2.92 -1.36 7.65
N DSN A 18 0.75 0.04 7.14
CA DSN A 18 -0.67 -0.14 7.25
C DSN A 18 -1.44 1.19 7.05
O DSN A 18 -2.50 1.40 7.65
CB DSN A 18 -1.09 -1.17 6.21
OG DSN A 18 -2.48 -1.38 6.18
H DSN A 18 1.21 -0.36 6.38
HA DSN A 18 -0.89 -0.53 8.24
HB2 DSN A 18 -0.79 -0.83 5.23
HB3 DSN A 18 -0.60 -2.11 6.42
HG DSN A 18 -2.59 -2.15 5.59
N DLY A 19 -0.87 2.08 6.23
CA DLY A 19 -1.49 3.36 5.86
C DLY A 19 -2.80 3.21 5.09
O DLY A 19 -3.56 4.16 4.93
CB DLY A 19 -1.67 4.28 7.08
CG DLY A 19 -0.37 4.74 7.69
CD DLY A 19 -0.58 5.45 9.01
CE DLY A 19 -1.38 6.73 8.86
NZ DLY A 19 -1.62 7.38 10.16
H DLY A 19 0.05 1.91 5.91
HA DLY A 19 -0.79 3.85 5.18
HB2 DLY A 19 -2.24 5.15 6.77
HB3 DLY A 19 -2.23 3.74 7.83
HG2 DLY A 19 0.28 3.88 7.83
HG3 DLY A 19 0.10 5.43 6.99
HD2 DLY A 19 -1.12 4.79 9.67
HD3 DLY A 19 0.38 5.68 9.44
HE2 DLY A 19 -0.82 7.41 8.23
HE3 DLY A 19 -2.33 6.51 8.40
HZ1 DLY A 19 -0.72 7.60 10.63
HZ2 DLY A 19 -2.19 6.78 10.78
HZ3 DLY A 19 -2.13 8.28 10.02
N DLY A 20 -3.08 2.01 4.62
CA DLY A 20 -4.26 1.76 3.85
C DLY A 20 -3.87 1.33 2.45
O DLY A 20 -3.57 0.18 2.23
CB DLY A 20 -5.15 0.66 4.49
CG DLY A 20 -5.53 0.91 5.95
CD DLY A 20 -6.58 -0.09 6.45
CE DLY A 20 -6.13 -1.55 6.36
NZ DLY A 20 -4.95 -1.85 7.21
H DLY A 20 -2.45 1.28 4.79
HA DLY A 20 -4.83 2.68 3.79
HB2 DLY A 20 -6.05 0.57 3.92
HB3 DLY A 20 -4.61 -0.27 4.44
HG2 DLY A 20 -4.64 0.82 6.56
HG3 DLY A 20 -5.92 1.92 6.04
HD2 DLY A 20 -6.81 0.14 7.48
HD3 DLY A 20 -7.47 0.04 5.85
HE2 DLY A 20 -6.95 -2.17 6.68
HE3 DLY A 20 -5.89 -1.78 5.34
HZ1 DLY A 20 -4.75 -2.86 7.17
HZ2 DLY A 20 -5.13 -1.60 8.20
HZ3 DLY A 20 -4.10 -1.35 6.90
N DCY A 21 -3.81 2.26 1.56
CA DCY A 21 -3.47 1.94 0.19
C DCY A 21 -4.69 1.88 -0.65
O DCY A 21 -5.36 2.90 -0.86
CB DCY A 21 -2.51 2.95 -0.38
SG DCY A 21 -0.91 2.96 0.44
H DCY A 21 -4.02 3.19 1.80
HA DCY A 21 -3.00 0.98 0.18
HB2 DCY A 21 -2.33 2.74 -1.43
HB3 DCY A 21 -2.93 3.94 -0.28
N DLY A 22 -4.98 0.72 -1.15
CA DLY A 22 -6.17 0.54 -1.92
C DLY A 22 -5.84 -0.10 -3.24
O DLY A 22 -4.75 -0.64 -3.44
CB DLY A 22 -7.22 -0.25 -1.15
CG DLY A 22 -7.61 0.41 0.18
CD DLY A 22 -8.81 -0.25 0.82
CE DLY A 22 -10.08 -0.01 0.01
NZ DLY A 22 -11.26 -0.62 0.63
H DLY A 22 -4.37 -0.03 -1.01
HA DLY A 22 -6.56 1.52 -2.12
HB2 DLY A 22 -8.10 -0.33 -1.77
HB3 DLY A 22 -6.84 -1.24 -0.95
HG2 DLY A 22 -6.77 0.34 0.86
HG3 DLY A 22 -7.84 1.44 0.00
HD2 DLY A 22 -8.64 -1.32 0.88
HD3 DLY A 22 -8.95 0.15 1.81
HE2 DLY A 22 -10.24 1.05 -0.06
HE3 DLY A 22 -9.94 -0.41 -0.98
HZ1 DLY A 22 -11.42 -0.24 1.57
HZ2 DLY A 22 -11.13 -1.66 0.70
HZ3 DLY A 22 -12.10 -0.43 0.04
N DAR A 23 -6.77 0.00 -4.13
CA DAR A 23 -6.64 -0.49 -5.47
CB DAR A 23 -6.90 0.68 -6.43
CG DAR A 23 -6.73 0.36 -7.91
CD DAR A 23 -7.31 1.45 -8.80
NE DAR A 23 -6.69 2.77 -8.61
CZ DAR A 23 -7.36 3.94 -8.64
NH1 DAR A 23 -8.69 3.95 -8.71
NH2 DAR A 23 -6.68 5.09 -8.60
C DAR A 23 -7.70 -1.56 -5.71
O DAR A 23 -7.40 -2.70 -6.09
H DAR A 23 -7.62 0.41 -3.86
HA DAR A 23 -5.65 -0.88 -5.64
HB2 DAR A 23 -7.93 0.99 -6.31
HB3 DAR A 23 -6.25 1.50 -6.18
HG2 DAR A 23 -5.67 0.26 -8.12
HG3 DAR A 23 -7.22 -0.58 -8.12
HD2 DAR A 23 -7.16 1.15 -9.82
HD3 DAR A 23 -8.37 1.51 -8.60
HE DAR A 23 -5.71 2.76 -8.51
HH11 DAR A 23 -9.23 3.11 -8.74
HH12 DAR A 23 -9.23 4.79 -8.74
HH21 DAR A 23 -5.68 5.13 -8.55
HH22 DAR A 23 -7.15 5.98 -8.63
N DAR A 24 -8.93 -1.18 -5.41
CA DAR A 24 -10.07 -2.00 -5.70
CB DAR A 24 -11.34 -1.17 -5.52
CG DAR A 24 -12.47 -1.55 -6.45
CD DAR A 24 -12.05 -1.32 -7.89
NE DAR A 24 -13.14 -1.46 -8.85
CZ DAR A 24 -13.05 -1.15 -10.15
NH1 DAR A 24 -11.89 -0.76 -10.66
NH2 DAR A 24 -14.11 -1.25 -10.93
C DAR A 24 -10.10 -3.22 -4.80
O DAR A 24 -9.96 -3.11 -3.58
H DAR A 24 -9.07 -0.33 -4.94
HA DAR A 24 -10.00 -2.31 -6.73
HB2 DAR A 24 -11.69 -1.30 -4.51
HB3 DAR A 24 -11.10 -0.13 -5.68
HG2 DAR A 24 -12.72 -2.60 -6.31
HG3 DAR A 24 -13.34 -0.95 -6.24
HD2 DAR A 24 -11.62 -0.33 -7.99
HD3 DAR A 24 -11.29 -2.04 -8.15
HE DAR A 24 -13.99 -1.79 -8.49
HH11 DAR A 24 -11.05 -0.69 -10.10
HH12 DAR A 24 -11.78 -0.52 -11.62
HH21 DAR A 24 -15.00 -1.55 -10.59
HH22 DAR A 24 -14.08 -1.02 -11.91
N GLY A 25 -10.27 -4.36 -5.41
CA GLY A 25 -10.31 -5.58 -4.67
C GLY A 25 -8.99 -6.31 -4.73
N DTH A 26 -8.03 -5.77 -5.45
CA DTH A 26 -6.76 -6.44 -5.59
CB DTH A 26 -5.76 -6.10 -4.42
CG2 DTH A 26 -5.44 -4.61 -4.33
OG1 DTH A 26 -6.34 -6.53 -3.16
C DTH A 26 -6.12 -6.24 -6.98
O DTH A 26 -5.87 -7.24 -7.67
H DTH A 26 -8.20 -4.91 -5.91
HA DTH A 26 -6.99 -7.49 -5.51
HB DTH A 26 -4.86 -6.66 -4.59
HG21 DTH A 26 -6.34 -4.06 -4.11
HG22 DTH A 26 -5.04 -4.27 -5.28
HG23 DTH A 26 -4.71 -4.44 -3.56
HG1 DTH A 26 -7.06 -7.12 -3.42
N DSG A 27 -5.92 -5.00 -7.41
CA DSG A 27 -5.19 -4.72 -8.65
C DSG A 27 -5.63 -3.38 -9.22
O DSG A 27 -6.57 -2.79 -8.73
CB DSG A 27 -3.65 -4.68 -8.41
CG DSG A 27 -3.01 -6.04 -8.10
OD1 DSG A 27 -2.91 -6.44 -6.93
ND2 DSG A 27 -2.58 -6.74 -9.12
H DSG A 27 -6.27 -4.23 -6.92
HA DSG A 27 -5.42 -5.51 -9.36
HB2 DSG A 27 -3.16 -4.29 -9.30
HB3 DSG A 27 -3.44 -4.02 -7.59
HD21 DSG A 27 -2.70 -6.36 -10.02
HD22 DSG A 27 -2.17 -7.60 -8.96
N DIL A 28 -4.96 -2.93 -10.24
CA DIL A 28 -5.23 -1.64 -10.86
C DIL A 28 -4.17 -0.63 -10.33
O DIL A 28 -4.00 0.50 -10.86
CB DIL A 28 -5.17 -1.77 -12.41
CG1 DIL A 28 -3.73 -2.02 -12.90
CG2 DIL A 28 -5.81 -0.57 -13.10
CD1 DIL A 28 -3.62 -2.29 -14.39
H DIL A 28 -4.26 -3.50 -10.64
HA DIL A 28 -6.21 -1.32 -10.55
HB DIL A 28 -5.78 -2.63 -12.67
HG12 DIL A 28 -3.13 -1.15 -12.69
HG13 DIL A 28 -3.32 -2.86 -12.38
HG21 DIL A 28 -5.29 0.33 -12.81
HG22 DIL A 28 -6.85 -0.49 -12.81
HG23 DIL A 28 -5.74 -0.69 -14.17
HD11 DIL A 28 -4.18 -3.18 -14.64
HD12 DIL A 28 -2.58 -2.44 -14.65
HD13 DIL A 28 -4.01 -1.45 -14.94
N DGL A 29 -3.50 -1.02 -9.28
CA DGL A 29 -2.45 -0.26 -8.68
C DGL A 29 -2.75 -0.10 -7.22
O DGL A 29 -3.36 -0.97 -6.60
CB DGL A 29 -1.13 -1.02 -8.83
CG DGL A 29 -0.79 -1.37 -10.27
CD DGL A 29 0.48 -2.17 -10.38
OE1 DGL A 29 0.47 -3.36 -10.07
OE2 DGL A 29 1.49 -1.62 -10.86
H DGL A 29 -3.75 -1.87 -8.85
HA DGL A 29 -2.38 0.70 -9.17
HB2 DGL A 29 -0.33 -0.40 -8.44
HB3 DGL A 29 -1.17 -1.93 -8.26
HG2 DGL A 29 -1.59 -1.94 -10.68
HG3 DGL A 29 -0.68 -0.46 -10.84
N DLY A 30 -2.35 1.02 -6.67
CA DLY A 30 -2.51 1.31 -5.26
C DLY A 30 -1.49 0.48 -4.49
O DLY A 30 -0.28 0.65 -4.66
CB DLY A 30 -2.28 2.81 -4.99
CG DLY A 30 -3.31 3.74 -5.64
CD DLY A 30 -4.61 3.84 -4.83
CE DLY A 30 -4.41 4.69 -3.57
NZ DLY A 30 -5.68 4.89 -2.80
H DLY A 30 -1.92 1.70 -7.23
HA DLY A 30 -3.51 1.03 -4.96
HB2 DLY A 30 -2.30 2.97 -3.92
HB3 DLY A 30 -1.31 3.07 -5.36
HG2 DLY A 30 -2.89 4.72 -5.73
HG3 DLY A 30 -3.54 3.36 -6.62
HD2 DLY A 30 -5.37 4.31 -5.45
HD3 DLY A 30 -4.94 2.85 -4.54
HE2 DLY A 30 -3.71 4.19 -2.93
HE3 DLY A 30 -4.03 5.65 -3.85
HZ1 DLY A 30 -6.03 4.00 -2.38
HZ2 DLY A 30 -6.43 5.29 -3.39
HZ3 DLY A 30 -5.53 5.57 -2.03
N DAR A 31 -1.97 -0.44 -3.70
CA DAR A 31 -1.11 -1.27 -2.89
CB DAR A 31 -1.30 -2.75 -3.25
CG DAR A 31 -1.10 -3.10 -4.72
CD DAR A 31 -1.23 -4.60 -4.96
NE DAR A 31 -0.04 -5.37 -4.54
CZ DAR A 31 0.13 -6.71 -4.78
NH1 DAR A 31 -0.77 -7.39 -5.47
NH2 DAR A 31 1.22 -7.32 -4.35
C DAR A 31 -1.49 -1.05 -1.45
O DAR A 31 -2.67 -0.86 -1.15
H DAR A 31 -2.95 -0.56 -3.63
HA DAR A 31 -0.09 -0.98 -3.05
HB2 DAR A 31 -0.58 -3.34 -2.68
HB3 DAR A 31 -2.29 -3.06 -2.95
HG2 DAR A 31 -1.85 -2.59 -5.29
HG3 DAR A 31 -0.13 -2.78 -5.03
HD2 DAR A 31 -2.07 -4.97 -4.38
HD3 DAR A 31 -1.41 -4.79 -6.02
HE DAR A 31 0.64 -4.86 -4.07
HH11 DAR A 31 -1.59 -6.96 -5.86
HH12 DAR A 31 -0.66 -8.37 -5.65
HH21 DAR A 31 1.94 -6.83 -3.85
HH22 DAR A 31 1.38 -8.30 -4.50
N DCY A 32 -0.52 -1.06 -0.58
CA DCY A 32 -0.80 -0.95 0.83
C DCY A 32 -1.35 -2.28 1.23
O DCY A 32 -0.77 -3.30 0.83
CB DCY A 32 0.49 -0.74 1.65
SG DCY A 32 1.84 0.12 0.77
H DCY A 32 0.41 -1.19 -0.86
HA DCY A 32 -1.51 -0.16 1.02
HB2 DCY A 32 0.24 -0.15 2.51
HB3 DCY A 32 0.86 -1.69 1.96
N DAR A 33 -2.46 -2.32 1.91
CA DAR A 33 -3.03 -3.55 2.38
CB DAR A 33 -4.27 -3.97 1.59
CG DAR A 33 -4.13 -4.02 0.09
CD DAR A 33 -5.38 -4.63 -0.52
NE DAR A 33 -6.62 -4.03 0.04
CZ DAR A 33 -7.85 -4.25 -0.43
NH1 DAR A 33 -8.05 -4.94 -1.55
NH2 DAR A 33 -8.88 -3.76 0.24
C DAR A 33 -3.45 -3.33 3.81
O DAR A 33 -2.63 -3.50 4.70
OXT DAR A 33 -4.61 -2.95 4.04
H DAR A 33 -2.94 -1.49 2.12
HA DAR A 33 -2.28 -4.32 2.33
HB2 DAR A 33 -4.60 -4.94 1.94
HB3 DAR A 33 -5.02 -3.24 1.84
HG2 DAR A 33 -3.99 -3.02 -0.29
HG3 DAR A 33 -3.28 -4.63 -0.17
HD2 DAR A 33 -5.37 -4.46 -1.59
HD3 DAR A 33 -5.39 -5.69 -0.33
HE DAR A 33 -6.51 -3.49 0.84
HH11 DAR A 33 -7.30 -5.33 -2.08
HH12 DAR A 33 -8.98 -5.10 -1.89
HH21 DAR A 33 -8.78 -3.26 1.09
HH22 DAR A 33 -9.83 -3.90 -0.08
N GLY A 1 8.76 8.80 3.31
CA GLY A 1 10.16 8.52 3.69
C GLY A 1 10.22 7.40 4.68
N DAS A 2 10.53 6.21 4.22
CA DAS A 2 10.46 5.04 5.08
C DAS A 2 9.07 4.47 4.83
O DAS A 2 8.33 5.05 4.03
CB DAS A 2 11.55 4.02 4.72
CG DAS A 2 11.77 2.98 5.81
OD1 DAS A 2 11.03 1.98 5.88
OD2 DAS A 2 12.70 3.16 6.62
H DAS A 2 10.80 6.11 3.29
HA DAS A 2 10.54 5.35 6.10
HB2 DAS A 2 11.26 3.50 3.81
HB3 DAS A 2 12.48 4.54 4.55
N DCY A 3 8.70 3.38 5.42
CA DCY A 3 7.36 2.93 5.21
C DCY A 3 7.29 1.63 4.42
O DCY A 3 8.08 0.70 4.65
CB DCY A 3 6.56 2.89 6.52
SG DCY A 3 7.12 1.70 7.77
H DCY A 3 9.35 2.84 5.94
HA DCY A 3 6.91 3.69 4.58
HB2 DCY A 3 6.58 3.87 6.97
HB3 DCY A 3 5.53 2.66 6.27
N DLE A 4 6.40 1.60 3.44
CA DLE A 4 6.18 0.42 2.61
CB DLE A 4 5.31 0.81 1.41
CG DLE A 4 5.87 1.89 0.50
CD1 DLE A 4 7.13 1.40 -0.20
CD2 DLE A 4 4.82 2.32 -0.49
C DLE A 4 5.47 -0.66 3.42
O DLE A 4 4.65 -0.32 4.31
H DLE A 4 5.86 2.39 3.26
HA DLE A 4 7.13 0.08 2.26
HB2 DLE A 4 5.14 -0.08 0.83
HB3 DLE A 4 4.35 1.15 1.78
HG DLE A 4 6.14 2.75 1.10
HD11 DLE A 4 6.90 0.52 -0.77
HD12 DLE A 4 7.89 1.18 0.53
HD13 DLE A 4 7.48 2.17 -0.87
HD21 DLE A 4 4.53 1.45 -1.07
HD22 DLE A 4 5.21 3.07 -1.15
HD23 DLE A 4 3.97 2.71 0.03
N DPR A 5 5.73 -1.94 3.14
CA DPR A 5 5.10 -3.02 3.86
CB DPR A 5 6.03 -4.23 3.55
CG DPR A 5 7.13 -3.71 2.69
CD DPR A 5 6.60 -2.45 2.07
C DPR A 5 3.68 -3.27 3.35
O DPR A 5 3.25 -2.69 2.34
HA DPR A 5 5.08 -2.84 4.92
HB2 DPR A 5 6.41 -4.64 4.47
HB3 DPR A 5 5.46 -4.99 3.04
HG2 DPR A 5 8.00 -3.48 3.30
HG3 DPR A 5 7.38 -4.43 1.93
HD2 DPR A 5 7.39 -1.78 1.79
HD3 DPR A 5 6.02 -2.69 1.19
N DHI A 6 2.95 -4.12 4.03
CA DHI A 6 1.60 -4.39 3.61
C DHI A 6 1.61 -5.59 2.65
O DHI A 6 2.51 -6.43 2.75
CB DHI A 6 0.65 -4.59 4.82
CG DHI A 6 0.65 -5.94 5.46
ND1 DHI A 6 -0.31 -6.87 5.17
CD2 DHI A 6 1.46 -6.50 6.38
CE1 DHI A 6 -0.09 -7.95 5.88
NE2 DHI A 6 0.98 -7.76 6.63
H DHI A 6 3.36 -4.57 4.80
HA DHI A 6 1.28 -3.53 3.05
HB2 DHI A 6 0.92 -3.88 5.59
HB3 DHI A 6 -0.35 -4.37 4.50
HD1 DHI A 6 -1.03 -6.70 4.53
HD2 DHI A 6 2.32 -6.04 6.86
HE1 DHI A 6 -0.68 -8.86 5.85
HE2 DHI A 6 1.52 -8.47 7.03
N DLE A 7 0.61 -5.66 1.77
CA DLE A 7 0.53 -6.61 0.63
CB DLE A 7 0.77 -8.08 1.02
CG DLE A 7 -0.47 -8.95 1.23
CD1 DLE A 7 -0.08 -10.33 1.71
CD2 DLE A 7 -1.45 -8.31 2.19
C DLE A 7 1.48 -6.16 -0.47
O DLE A 7 1.81 -6.93 -1.39
H DLE A 7 -0.14 -5.03 1.88
HA DLE A 7 -0.46 -6.50 0.23
HB2 DLE A 7 1.36 -8.54 0.24
HB3 DLE A 7 1.34 -8.09 1.93
HG DLE A 7 -0.96 -9.07 0.28
HD11 DLE A 7 0.44 -10.25 2.65
HD12 DLE A 7 0.56 -10.79 0.97
HD13 DLE A 7 -0.97 -10.92 1.85
HD21 DLE A 7 -2.31 -8.96 2.31
HD22 DLE A 7 -1.77 -7.36 1.78
HD23 DLE A 7 -0.97 -8.16 3.15
N DLY A 8 1.86 -4.89 -0.44
CA DLY A 8 2.84 -4.34 -1.37
C DLY A 8 2.32 -3.09 -1.99
O DLY A 8 1.31 -2.57 -1.54
CB DLY A 8 4.20 -4.02 -0.68
CG DLY A 8 5.17 -5.19 -0.44
CD DLY A 8 4.65 -6.23 0.52
CE DLY A 8 5.67 -7.31 0.83
NZ DLY A 8 6.14 -8.03 -0.38
H DLY A 8 1.38 -4.29 0.19
HA DLY A 8 3.01 -5.08 -2.14
HB2 DLY A 8 4.72 -3.29 -1.29
HB3 DLY A 8 3.99 -3.57 0.27
HG2 DLY A 8 5.37 -5.68 -1.39
HG3 DLY A 8 6.10 -4.79 -0.05
HD2 DLY A 8 4.36 -5.73 1.44
HD3 DLY A 8 3.77 -6.69 0.09
HE2 DLY A 8 6.52 -6.84 1.32
HE3 DLY A 8 5.22 -8.02 1.52
HZ1 DLY A 8 6.64 -7.39 -1.03
HZ2 DLY A 8 5.37 -8.49 -0.88
HZ3 DLY A 8 6.82 -8.78 -0.10
N DLE A 9 2.98 -2.60 -3.03
CA DLE A 9 2.61 -1.35 -3.72
CB DLE A 9 3.50 -1.05 -4.98
CG DLE A 9 5.07 -0.85 -4.85
CD1 DLE A 9 5.49 0.32 -3.95
CD2 DLE A 9 5.79 -2.12 -4.45
C DLE A 9 2.56 -0.15 -2.76
O DLE A 9 3.18 -0.17 -1.69
H DLE A 9 3.75 -3.12 -3.36
HA DLE A 9 1.60 -1.50 -4.06
HB2 DLE A 9 3.35 -1.86 -5.67
HB3 DLE A 9 3.09 -0.16 -5.43
HG DLE A 9 5.42 -0.58 -5.83
HD11 DLE A 9 5.13 0.15 -2.95
HD12 DLE A 9 5.07 1.24 -4.34
HD13 DLE A 9 6.57 0.39 -3.93
HD21 DLE A 9 5.58 -2.90 -5.16
HD22 DLE A 9 5.46 -2.43 -3.46
HD23 DLE A 9 6.85 -1.94 -4.41
N DCY A 10 1.84 0.87 -3.12
CA DCY A 10 1.76 2.04 -2.32
C DCY A 10 1.82 3.26 -3.16
O DCY A 10 1.10 3.39 -4.15
CB DCY A 10 0.53 2.06 -1.43
SG DCY A 10 -1.08 2.01 -2.28
H DCY A 10 1.32 0.87 -3.96
HA DCY A 10 2.64 2.04 -1.69
HB2 DCY A 10 0.56 1.19 -0.78
HB3 DCY A 10 0.56 2.94 -0.81
N DLY A 11 2.71 4.14 -2.81
CA DLY A 11 2.82 5.40 -3.47
C DLY A 11 1.98 6.41 -2.70
O DLY A 11 1.29 7.25 -3.27
CB DLY A 11 4.28 5.81 -3.49
CG DLY A 11 4.55 7.13 -4.21
CD DLY A 11 6.02 7.59 -4.15
CE DLY A 11 6.99 6.77 -5.01
NZ DLY A 11 7.26 5.40 -4.49
H DLY A 11 3.33 3.91 -2.09
HA DLY A 11 2.44 5.30 -4.47
HB2 DLY A 11 4.63 5.89 -2.48
HB3 DLY A 11 4.81 5.02 -3.99
HG2 DLY A 11 4.28 7.00 -5.25
HG3 DLY A 11 3.92 7.89 -3.77
HD2 DLY A 11 6.06 8.62 -4.47
HD3 DLY A 11 6.34 7.55 -3.11
HE2 DLY A 11 6.56 6.67 -5.99
HE3 DLY A 11 7.92 7.31 -5.08
HZ1 DLY A 11 7.57 5.45 -3.50
HZ2 DLY A 11 8.04 4.97 -5.02
HZ3 DLY A 11 6.44 4.76 -4.57
N DGL A 12 2.00 6.26 -1.39
CA DGL A 12 1.26 7.09 -0.50
C DGL A 12 0.84 6.26 0.70
O DGL A 12 1.63 5.43 1.21
CB DGL A 12 2.12 8.30 -0.10
CG DGL A 12 1.53 9.19 1.00
CD DGL A 12 2.35 10.42 1.21
OE1 DGL A 12 3.36 10.38 1.95
OE2 DGL A 12 1.99 11.50 0.68
H DGL A 12 2.53 5.54 -0.99
HA DGL A 12 0.38 7.43 -1.02
HB2 DGL A 12 3.09 7.96 0.23
HB3 DGL A 12 2.26 8.91 -0.98
HG2 DGL A 12 0.53 9.48 0.71
HG3 DGL A 12 1.49 8.63 1.91
N DSG A 13 -0.39 6.46 1.16
CA DSG A 13 -0.94 5.69 2.27
C DSG A 13 -0.10 5.87 3.51
O DSG A 13 0.29 4.90 4.15
CB DSG A 13 -2.44 5.99 2.54
CG DSG A 13 -2.73 7.37 3.14
OD1 DSG A 13 -2.76 7.54 4.35
ND2 DSG A 13 -2.97 8.34 2.30
H DSG A 13 -0.92 7.16 0.72
HA DSG A 13 -0.84 4.65 1.99
HB2 DSG A 13 -2.99 5.93 1.61
HB3 DSG A 13 -2.82 5.24 3.21
HD21 DSG A 13 -2.95 8.18 1.32
HD22 DSG A 13 -3.17 9.22 2.67
N DLY A 14 0.24 7.10 3.79
CA DLY A 14 1.01 7.45 4.96
C DLY A 14 2.46 6.95 4.78
O DLY A 14 3.18 6.71 5.74
CB DLY A 14 0.90 8.99 5.17
CG DLY A 14 1.24 9.52 6.57
CD DLY A 14 2.71 9.42 6.89
CE DLY A 14 3.02 9.90 8.28
NZ DLY A 14 4.45 9.77 8.59
H DLY A 14 -0.05 7.82 3.19
HA DLY A 14 0.57 6.95 5.81
HB2 DLY A 14 1.57 9.47 4.47
HB3 DLY A 14 -0.11 9.29 4.92
HG2 DLY A 14 0.95 10.56 6.63
HG3 DLY A 14 0.68 8.95 7.30
HD2 DLY A 14 3.01 8.38 6.80
HD3 DLY A 14 3.26 10.01 6.19
HE2 DLY A 14 2.73 10.94 8.37
HE3 DLY A 14 2.45 9.30 8.98
HZ1 DLY A 14 5.03 10.27 7.89
HZ2 DLY A 14 4.75 8.76 8.59
HZ3 DLY A 14 4.64 10.17 9.53
N DAS A 15 2.86 6.75 3.53
CA DAS A 15 4.20 6.28 3.24
C DAS A 15 4.30 4.77 3.50
O DAS A 15 5.37 4.23 3.61
CB DAS A 15 4.61 6.63 1.80
CG DAS A 15 6.08 6.37 1.48
OD1 DAS A 15 6.95 7.17 1.96
OD2 DAS A 15 6.39 5.45 0.71
H DAS A 15 2.22 6.88 2.80
HA DAS A 15 4.87 6.79 3.93
HB2 DAS A 15 4.02 6.05 1.11
HB3 DAS A 15 4.41 7.67 1.65
N DCY A 16 3.18 4.11 3.58
CA DCY A 16 3.14 2.70 4.00
C DCY A 16 3.07 2.59 5.53
O DCY A 16 2.44 3.42 6.17
CB DCY A 16 1.94 2.00 3.47
SG DCY A 16 1.75 2.01 1.71
H DCY A 16 2.35 4.56 3.28
HA DCY A 16 4.04 2.20 3.65
HB2 DCY A 16 1.97 0.97 3.78
HB3 DCY A 16 1.07 2.46 3.91
N DCY A 17 3.63 1.52 6.08
CA DCY A 17 3.64 1.30 7.53
C DCY A 17 2.21 1.07 8.03
O DCY A 17 1.82 1.55 9.09
CB DCY A 17 4.49 0.06 7.90
SG DCY A 17 6.19 -0.02 7.21
H DCY A 17 4.06 0.85 5.50
HA DCY A 17 4.05 2.18 8.01
HB2 DCY A 17 4.58 0.01 8.98
HB3 DCY A 17 3.97 -0.82 7.57
N DSN A 18 1.43 0.37 7.22
CA DSN A 18 0.06 0.04 7.57
C DSN A 18 -0.90 1.19 7.24
O DSN A 18 -2.02 1.22 7.75
CB DSN A 18 -0.33 -1.22 6.83
OG DSN A 18 0.63 -2.24 7.07
H DSN A 18 1.79 0.03 6.37
HA DSN A 18 0.03 -0.14 8.63
HB2 DSN A 18 -1.30 -1.56 7.20
HB3 DSN A 18 -0.39 -1.03 5.78
HG DSN A 18 1.25 -1.94 7.74
N DLY A 19 -0.45 2.15 6.39
CA DLY A 19 -1.29 3.29 5.95
C DLY A 19 -2.59 2.87 5.23
O DLY A 19 -3.54 3.64 5.20
CB DLY A 19 -1.60 4.20 7.13
CG DLY A 19 -0.39 4.88 7.76
CD DLY A 19 -0.76 5.59 9.04
CE DLY A 19 -1.84 6.64 8.83
NZ DLY A 19 -2.27 7.27 10.08
H DLY A 19 0.49 2.13 6.11
HA DLY A 19 -0.69 3.85 5.24
HB2 DLY A 19 -2.27 4.96 6.79
HB3 DLY A 19 -2.08 3.61 7.90
HG2 DLY A 19 0.37 4.13 7.96
HG3 DLY A 19 -0.01 5.60 7.05
HD2 DLY A 19 -1.13 4.87 9.75
HD3 DLY A 19 0.12 6.07 9.45
HE2 DLY A 19 -1.46 7.40 8.16
HE3 DLY A 19 -2.69 6.16 8.36
HZ1 DLY A 19 -1.49 7.76 10.56
HZ2 DLY A 19 -2.64 6.56 10.75
HZ3 DLY A 19 -3.03 7.96 9.88
N DLY A 20 -2.61 1.71 4.64
CA DLY A 20 -3.83 1.19 4.00
C DLY A 20 -3.64 1.08 2.49
O DLY A 20 -3.53 0.00 1.97
CB DLY A 20 -4.16 -0.20 4.59
CG DLY A 20 -4.34 -0.22 6.10
CD DLY A 20 -5.57 0.56 6.55
CE DLY A 20 -6.85 -0.11 6.09
NZ DLY A 20 -6.98 -1.48 6.61
H DLY A 20 -1.78 1.18 4.60
HA DLY A 20 -4.63 1.87 4.23
HB2 DLY A 20 -5.07 -0.56 4.13
HB3 DLY A 20 -3.36 -0.88 4.33
HG2 DLY A 20 -4.44 -1.24 6.44
HG3 DLY A 20 -3.46 0.21 6.56
HD2 DLY A 20 -5.57 0.61 7.64
HD3 DLY A 20 -5.51 1.56 6.15
HE2 DLY A 20 -7.68 0.48 6.46
HE3 DLY A 20 -6.87 -0.12 5.02
HZ1 DLY A 20 -7.85 -1.94 6.28
HZ2 DLY A 20 -7.06 -1.49 7.66
HZ3 DLY A 20 -6.17 -2.09 6.36
N DCY A 21 -3.63 2.19 1.82
CA DCY A 21 -3.33 2.22 0.38
C DCY A 21 -4.59 2.21 -0.48
O DCY A 21 -5.32 3.21 -0.53
CB DCY A 21 -2.44 3.44 0.07
SG DCY A 21 -2.00 3.71 -1.68
H DCY A 21 -3.85 3.04 2.28
HA DCY A 21 -2.75 1.32 0.15
HB2 DCY A 21 -2.96 4.33 0.40
HB3 DCY A 21 -1.53 3.34 0.63
N DLY A 22 -4.84 1.09 -1.14
CA DLY A 22 -6.02 0.94 -1.99
C DLY A 22 -5.67 0.19 -3.26
O DLY A 22 -4.79 -0.65 -3.27
CB DLY A 22 -7.13 0.19 -1.26
CG DLY A 22 -7.70 0.87 -0.03
CD DLY A 22 -8.81 0.04 0.62
CE DLY A 22 -9.98 -0.17 -0.33
NZ DLY A 22 -11.03 -1.00 0.27
H DLY A 22 -4.21 0.34 -1.09
HA DLY A 22 -6.37 1.93 -2.24
HB2 DLY A 22 -7.94 0.05 -1.96
HB3 DLY A 22 -6.76 -0.78 -0.97
HG2 DLY A 22 -6.91 1.02 0.69
HG3 DLY A 22 -8.11 1.83 -0.32
HD2 DLY A 22 -8.40 -0.92 0.90
HD3 DLY A 22 -9.16 0.55 1.51
HE2 DLY A 22 -10.40 0.78 -0.59
HE3 DLY A 22 -9.62 -0.67 -1.21
HZ1 DLY A 22 -10.65 -1.91 0.61
HZ2 DLY A 22 -11.76 -1.22 -0.43
HZ3 DLY A 22 -11.48 -0.52 1.08
N DAR A 23 -6.35 0.50 -4.33
CA DAR A 23 -6.16 -0.22 -5.58
CB DAR A 23 -6.28 0.69 -6.80
CG DAR A 23 -7.63 1.37 -6.94
CD DAR A 23 -7.68 2.28 -8.15
NE DAR A 23 -6.66 3.35 -8.09
CZ DAR A 23 -6.90 4.63 -7.81
NH1 DAR A 23 -8.11 5.02 -7.40
NH2 DAR A 23 -5.93 5.52 -7.90
C DAR A 23 -7.19 -1.34 -5.65
O DAR A 23 -8.09 -1.40 -4.81
H DAR A 23 -7.01 1.23 -4.29
HA DAR A 23 -5.17 -0.67 -5.55
HB2 DAR A 23 -5.51 1.46 -6.74
HB3 DAR A 23 -6.10 0.11 -7.69
HG2 DAR A 23 -8.39 0.62 -7.03
HG3 DAR A 23 -7.80 1.96 -6.05
HD2 DAR A 23 -7.52 1.70 -9.04
HD3 DAR A 23 -8.66 2.74 -8.19
HE DAR A 23 -5.75 3.03 -8.34
HH11 DAR A 23 -8.87 4.37 -7.27
HH12 DAR A 23 -8.33 5.97 -7.21
HH21 DAR A 23 -4.98 5.29 -8.16
HH22 DAR A 23 -6.06 6.50 -7.70
N DAR A 24 -7.04 -2.21 -6.65
CA DAR A 24 -7.96 -3.34 -6.88
CB DAR A 24 -9.44 -2.90 -6.99
CG DAR A 24 -9.70 -1.88 -8.09
CD DAR A 24 -9.29 -2.42 -9.44
NE DAR A 24 -9.43 -1.41 -10.49
CZ DAR A 24 -9.30 -1.65 -11.79
NH1 DAR A 24 -9.06 -2.88 -12.24
NH2 DAR A 24 -9.38 -0.64 -12.64
C DAR A 24 -7.76 -4.40 -5.81
O DAR A 24 -6.75 -4.37 -5.08
H DAR A 24 -6.25 -2.14 -7.22
HA DAR A 24 -7.66 -3.79 -7.82
HB2 DAR A 24 -10.05 -3.77 -7.19
HB3 DAR A 24 -9.74 -2.48 -6.04
HG2 DAR A 24 -10.76 -1.66 -8.11
HG3 DAR A 24 -9.15 -0.99 -7.87
HD2 DAR A 24 -8.24 -2.69 -9.39
HD3 DAR A 24 -9.88 -3.28 -9.68
HE DAR A 24 -9.63 -0.50 -10.16
HH11 DAR A 24 -8.98 -3.65 -11.61
HH12 DAR A 24 -8.94 -3.10 -13.21
HH21 DAR A 24 -9.54 0.31 -12.34
HH22 DAR A 24 -9.28 -0.76 -13.63
N GLY A 25 -8.66 -5.34 -5.72
CA GLY A 25 -8.53 -6.39 -4.73
C GLY A 25 -7.71 -7.53 -5.27
N DTH A 26 -6.43 -7.30 -5.38
CA DTH A 26 -5.55 -8.28 -5.94
CB DTH A 26 -4.21 -8.33 -5.15
CG2 DTH A 26 -3.17 -9.20 -5.86
OG1 DTH A 26 -3.68 -7.01 -4.97
C DTH A 26 -5.35 -7.99 -7.44
O DTH A 26 -5.47 -8.88 -8.30
H DTH A 26 -6.05 -6.44 -5.08
HA DTH A 26 -6.04 -9.24 -5.85
HB DTH A 26 -4.41 -8.75 -4.18
HG21 DTH A 26 -2.99 -8.81 -6.85
HG22 DTH A 26 -3.55 -10.21 -5.95
HG23 DTH A 26 -2.25 -9.21 -5.29
HG1 DTH A 26 -2.84 -7.12 -4.51
N DSG A 27 -5.10 -6.73 -7.75
CA DSG A 27 -4.91 -6.29 -9.12
C DSG A 27 -5.15 -4.78 -9.14
O DSG A 27 -5.33 -4.18 -8.09
CB DSG A 27 -3.49 -6.65 -9.61
CG DSG A 27 -3.26 -6.35 -11.09
OD1 DSG A 27 -4.20 -6.34 -11.88
ND2 DSG A 27 -2.04 -6.13 -11.47
H DSG A 27 -5.05 -6.05 -7.05
HA DSG A 27 -5.65 -6.77 -9.74
HB2 DSG A 27 -2.77 -6.07 -9.05
HB3 DSG A 27 -3.30 -7.69 -9.44
HD21 DSG A 27 -1.33 -6.16 -10.81
HD22 DSG A 27 -1.87 -5.96 -12.43
N DIL A 28 -5.13 -4.17 -10.31
CA DIL A 28 -5.36 -2.72 -10.51
C DIL A 28 -4.32 -1.85 -9.76
O DIL A 28 -4.53 -0.63 -9.58
CB DIL A 28 -5.47 -2.39 -12.06
CG1 DIL A 28 -4.24 -2.87 -12.90
CG2 DIL A 28 -5.77 -0.92 -12.31
CD1 DIL A 28 -2.93 -2.15 -12.67
H DIL A 28 -4.99 -4.73 -11.11
HA DIL A 28 -6.31 -2.50 -10.06
HB DIL A 28 -6.35 -2.92 -12.40
HG12 DIL A 28 -4.06 -3.92 -12.68
HG13 DIL A 28 -4.49 -2.79 -13.94
HG21 DIL A 28 -5.82 -0.75 -13.38
HG22 DIL A 28 -4.99 -0.31 -11.88
HG23 DIL A 28 -6.72 -0.67 -11.87
HD11 DIL A 28 -3.04 -1.10 -12.92
HD12 DIL A 28 -2.15 -2.58 -13.30
HD13 DIL A 28 -2.64 -2.24 -11.63
N DGL A 29 -3.26 -2.47 -9.32
CA DGL A 29 -2.19 -1.80 -8.63
C DGL A 29 -2.67 -1.19 -7.33
O DGL A 29 -3.49 -1.76 -6.61
CB DGL A 29 -1.06 -2.77 -8.32
CG DGL A 29 -0.51 -3.48 -9.53
CD DGL A 29 0.62 -4.38 -9.16
OE1 DGL A 29 0.38 -5.44 -8.59
OE2 DGL A 29 1.77 -4.04 -9.45
H DGL A 29 -3.21 -3.43 -9.45
HA DGL A 29 -1.80 -1.02 -9.28
HB2 DGL A 29 -0.26 -2.22 -7.86
HB3 DGL A 29 -1.44 -3.51 -7.63
HG2 DGL A 29 -1.29 -4.06 -9.99
HG3 DGL A 29 -0.16 -2.74 -10.24
N DLY A 30 -2.17 -0.03 -7.07
CA DLY A 30 -2.42 0.68 -5.85
C DLY A 30 -1.50 0.03 -4.82
O DLY A 30 -0.26 0.15 -4.92
CB DLY A 30 -2.05 2.16 -6.07
CG DLY A 30 -2.65 3.17 -5.12
CD DLY A 30 -4.16 3.28 -5.28
CE DLY A 30 -4.72 4.52 -4.59
NZ DLY A 30 -4.51 4.52 -3.14
H DLY A 30 -1.59 0.39 -7.75
HA DLY A 30 -3.46 0.58 -5.57
HB2 DLY A 30 -0.98 2.24 -5.99
HB3 DLY A 30 -2.33 2.43 -7.08
HG2 DLY A 30 -2.44 2.87 -4.10
HG3 DLY A 30 -2.21 4.14 -5.30
HD2 DLY A 30 -4.40 3.34 -6.34
HD3 DLY A 30 -4.63 2.40 -4.86
HE2 DLY A 30 -4.25 5.39 -5.01
HE3 DLY A 30 -5.78 4.58 -4.80
HZ1 DLY A 30 -3.50 4.45 -2.91
HZ2 DLY A 30 -5.05 3.79 -2.64
HZ3 DLY A 30 -4.83 5.44 -2.74
N DAR A 31 -2.08 -0.71 -3.89
CA DAR A 31 -1.29 -1.44 -2.91
CB DAR A 31 -1.35 -2.96 -3.15
CG DAR A 31 -0.67 -3.45 -4.41
CD DAR A 31 -0.62 -4.97 -4.44
NE DAR A 31 0.14 -5.49 -5.58
CZ DAR A 31 1.10 -6.41 -5.51
NH1 DAR A 31 1.45 -6.96 -4.35
NH2 DAR A 31 1.72 -6.77 -6.63
C DAR A 31 -1.74 -1.16 -1.49
O DAR A 31 -2.91 -0.90 -1.23
H DAR A 31 -3.06 -0.76 -3.83
HA DAR A 31 -0.26 -1.13 -3.02
HB2 DAR A 31 -0.88 -3.46 -2.30
HB3 DAR A 31 -2.38 -3.26 -3.18
HG2 DAR A 31 -1.23 -3.10 -5.27
HG3 DAR A 31 0.33 -3.07 -4.45
HD2 DAR A 31 -0.15 -5.31 -3.52
HD3 DAR A 31 -1.63 -5.35 -4.48
HE DAR A 31 -0.09 -5.11 -6.46
HH11 DAR A 31 1.02 -6.72 -3.47
HH12 DAR A 31 2.20 -7.63 -4.28
HH21 DAR A 31 1.44 -6.34 -7.50
HH22 DAR A 31 2.45 -7.45 -6.66
N DCY A 32 -0.80 -1.21 -0.59
CA DCY A 32 -1.11 -1.15 0.79
C DCY A 32 -1.46 -2.52 1.27
O DCY A 32 -0.71 -3.48 1.01
CB DCY A 32 -0.01 -0.46 1.63
SG DCY A 32 -0.14 1.35 1.56
H DCY A 32 0.13 -1.37 -0.87
HA DCY A 32 -2.01 -0.57 0.87
HB2 DCY A 32 -0.07 -0.75 2.67
HB3 DCY A 32 0.98 -0.72 1.27
N DAR A 33 -2.64 -2.61 1.84
CA DAR A 33 -3.26 -3.84 2.29
CB DAR A 33 -4.73 -3.58 2.67
CG DAR A 33 -5.59 -3.01 1.57
CD DAR A 33 -5.57 -3.87 0.34
NE DAR A 33 -6.58 -3.45 -0.61
CZ DAR A 33 -6.50 -3.54 -1.94
NH1 DAR A 33 -5.34 -3.85 -2.52
NH2 DAR A 33 -7.56 -3.27 -2.66
C DAR A 33 -2.54 -4.39 3.48
O DAR A 33 -2.70 -3.83 4.59
OXT DAR A 33 -1.86 -5.42 3.35
H DAR A 33 -3.12 -1.77 1.97
HA DAR A 33 -3.23 -4.55 1.49
HB2 DAR A 33 -5.16 -4.52 3.00
HB3 DAR A 33 -4.74 -2.89 3.50
HG2 DAR A 33 -6.61 -2.94 1.93
HG3 DAR A 33 -5.23 -2.03 1.32
HD2 DAR A 33 -4.59 -3.79 -0.13
HD3 DAR A 33 -5.75 -4.90 0.62
HE DAR A 33 -7.43 -3.17 -0.20
HH11 DAR A 33 -4.51 -4.03 -2.00
HH12 DAR A 33 -5.28 -3.89 -3.52
HH21 DAR A 33 -8.44 -3.02 -2.27
HH22 DAR A 33 -7.51 -3.33 -3.66
N GLY A 1 12.16 9.31 5.91
CA GLY A 1 10.83 8.72 5.83
C GLY A 1 10.92 7.31 5.33
N DAS A 2 10.26 7.04 4.25
CA DAS A 2 10.28 5.71 3.66
C DAS A 2 8.88 5.24 3.42
O DAS A 2 8.19 5.73 2.51
CB DAS A 2 11.06 5.69 2.33
CG DAS A 2 12.54 5.87 2.51
OD1 DAS A 2 13.03 7.03 2.41
OD2 DAS A 2 13.25 4.87 2.76
H DAS A 2 9.71 7.73 3.81
HA DAS A 2 10.75 5.05 4.35
HB2 DAS A 2 10.90 4.73 1.85
HB3 DAS A 2 10.69 6.46 1.68
N DCY A 3 8.42 4.36 4.25
CA DCY A 3 7.11 3.82 4.07
C DCY A 3 7.23 2.44 3.44
O DCY A 3 8.13 1.66 3.77
CB DCY A 3 6.31 3.80 5.38
SG DCY A 3 6.99 2.73 6.70
H DCY A 3 8.97 4.05 5.00
HA DCY A 3 6.61 4.47 3.36
HB2 DCY A 3 6.26 4.80 5.77
HB3 DCY A 3 5.31 3.46 5.16
N DLE A 4 6.37 2.19 2.51
CA DLE A 4 6.28 0.93 1.83
CB DLE A 4 5.65 1.15 0.42
CG DLE A 4 6.53 1.81 -0.69
CD1 DLE A 4 5.71 2.09 -1.92
CD2 DLE A 4 7.22 3.10 -0.25
C DLE A 4 5.44 -0.01 2.67
O DLE A 4 4.56 0.47 3.43
H DLE A 4 5.73 2.87 2.24
HA DLE A 4 7.28 0.55 1.72
HB2 DLE A 4 5.33 0.19 0.05
HB3 DLE A 4 4.77 1.77 0.54
HG DLE A 4 7.29 1.10 -0.98
HD11 DLE A 4 5.29 1.17 -2.29
HD12 DLE A 4 6.34 2.52 -2.70
HD13 DLE A 4 4.92 2.78 -1.68
HD21 DLE A 4 7.86 2.89 0.60
HD22 DLE A 4 6.48 3.83 0.03
HD23 DLE A 4 7.81 3.49 -1.06
N DPR A 5 5.66 -1.32 2.59
CA DPR A 5 5.00 -2.27 3.46
CB DPR A 5 5.94 -3.50 3.42
CG DPR A 5 7.04 -3.15 2.45
CD DPR A 5 6.53 -2.01 1.63
C DPR A 5 3.60 -2.64 2.97
O DPR A 5 3.20 -2.32 1.84
HA DPR A 5 4.95 -1.89 4.47
HB2 DPR A 5 6.33 -3.68 4.40
HB3 DPR A 5 5.38 -4.37 3.08
HG2 DPR A 5 7.92 -2.85 3.00
HG3 DPR A 5 7.26 -3.99 1.82
HD2 DPR A 5 7.33 -1.39 1.26
HD3 DPR A 5 5.94 -2.38 0.80
N DHI A 6 2.85 -3.29 3.83
CA DHI A 6 1.53 -3.72 3.49
C DHI A 6 1.60 -5.05 2.73
O DHI A 6 2.52 -5.86 2.97
CB DHI A 6 0.60 -3.79 4.72
CG DHI A 6 0.74 -5.03 5.57
ND1 DHI A 6 -0.11 -6.08 5.44
CD2 DHI A 6 1.60 -5.35 6.56
CE1 DHI A 6 0.20 -7.02 6.30
NE2 DHI A 6 1.24 -6.60 7.00
H DHI A 6 3.23 -3.46 4.71
HA DHI A 6 1.14 -2.98 2.80
HB2 DHI A 6 0.81 -2.94 5.36
HB3 DHI A 6 -0.42 -3.73 4.39
HD1 DHI A 6 -0.86 -6.10 4.78
HD2 DHI A 6 2.41 -4.76 6.94
HE1 DHI A 6 -0.31 -7.96 6.41
HE2 DHI A 6 1.86 -7.22 7.44
N DLE A 7 0.64 -5.26 1.85
CA DLE A 7 0.56 -6.37 0.89
CB DLE A 7 0.64 -7.75 1.55
CG DLE A 7 -0.58 -8.13 2.39
CD1 DLE A 7 -1.84 -8.22 1.53
CD2 DLE A 7 -0.34 -9.44 3.12
C DLE A 7 1.58 -6.16 -0.20
O DLE A 7 2.03 -7.10 -0.88
H DLE A 7 -0.11 -4.62 1.81
HA DLE A 7 -0.40 -6.25 0.39
HB2 DLE A 7 0.76 -8.49 0.77
HB3 DLE A 7 1.52 -7.77 2.17
HG DLE A 7 -0.74 -7.35 3.13
HD11 DLE A 7 -1.69 -8.95 0.75
HD12 DLE A 7 -2.04 -7.27 1.07
HD13 DLE A 7 -2.68 -8.51 2.14
HD21 DLE A 7 0.51 -9.34 3.77
HD22 DLE A 7 -0.16 -10.22 2.40
HD23 DLE A 7 -1.21 -9.68 3.72
N DLY A 8 1.87 -4.90 -0.44
CA DLY A 8 2.84 -4.43 -1.42
C DLY A 8 2.25 -3.21 -2.07
O DLY A 8 1.18 -2.79 -1.68
CB DLY A 8 4.23 -4.03 -0.80
CG DLY A 8 5.21 -5.16 -0.43
CD DLY A 8 4.72 -6.06 0.69
CE DLY A 8 5.77 -7.05 1.16
NZ DLY A 8 6.25 -7.95 0.07
H DLY A 8 1.34 -4.23 0.06
HA DLY A 8 2.98 -5.20 -2.16
HB2 DLY A 8 4.74 -3.39 -1.50
HB3 DLY A 8 4.03 -3.46 0.09
HG2 DLY A 8 5.37 -5.77 -1.32
HG3 DLY A 8 6.15 -4.70 -0.14
HD2 DLY A 8 4.43 -5.43 1.52
HD3 DLY A 8 3.84 -6.59 0.34
HE2 DLY A 8 6.61 -6.49 1.54
HE3 DLY A 8 5.35 -7.65 1.95
HZ1 DLY A 8 6.73 -7.40 -0.67
HZ2 DLY A 8 5.48 -8.48 -0.36
HZ3 DLY A 8 6.95 -8.62 0.46
N DLE A 9 2.93 -2.64 -3.04
CA DLE A 9 2.44 -1.44 -3.69
CB DLE A 9 3.04 -1.17 -5.12
CG DLE A 9 4.59 -1.20 -5.37
CD1 DLE A 9 5.38 -0.37 -4.38
CD2 DLE A 9 5.14 -2.61 -5.47
C DLE A 9 2.53 -0.22 -2.77
O DLE A 9 3.24 -0.24 -1.77
H DLE A 9 3.80 -3.01 -3.29
HA DLE A 9 1.39 -1.64 -3.83
HB2 DLE A 9 2.62 -1.91 -5.79
HB3 DLE A 9 2.67 -0.21 -5.44
HG DLE A 9 4.74 -0.72 -6.32
HD11 DLE A 9 6.44 -0.43 -4.62
HD12 DLE A 9 5.23 -0.74 -3.38
HD13 DLE A 9 5.07 0.66 -4.43
HD21 DLE A 9 6.17 -2.53 -5.78
HD22 DLE A 9 4.58 -3.17 -6.21
HD23 DLE A 9 5.11 -3.10 -4.53
N DCY A 10 1.82 0.83 -3.10
CA DCY A 10 1.83 2.01 -2.31
C DCY A 10 1.68 3.17 -3.22
O DCY A 10 1.13 3.05 -4.32
CB DCY A 10 0.70 2.00 -1.28
SG DCY A 10 -0.99 2.03 -1.97
H DCY A 10 1.26 0.84 -3.91
HA DCY A 10 2.78 2.07 -1.80
HB2 DCY A 10 0.79 1.10 -0.69
HB3 DCY A 10 0.82 2.87 -0.63
N DLY A 11 2.20 4.27 -2.81
CA DLY A 11 2.09 5.48 -3.56
C DLY A 11 1.07 6.39 -2.89
O DLY A 11 0.37 7.18 -3.56
CB DLY A 11 3.43 6.17 -3.54
CG DLY A 11 3.49 7.48 -4.30
CD DLY A 11 4.60 8.36 -3.76
CE DLY A 11 5.98 7.73 -3.88
NZ DLY A 11 6.97 8.53 -3.15
H DLY A 11 2.71 4.28 -1.98
HA DLY A 11 1.81 5.26 -4.57
HB2 DLY A 11 3.72 6.33 -2.51
HB3 DLY A 11 4.12 5.46 -3.99
HG2 DLY A 11 3.68 7.28 -5.35
HG3 DLY A 11 2.55 7.99 -4.19
HD2 DLY A 11 4.60 9.29 -4.32
HD3 DLY A 11 4.40 8.57 -2.73
HE2 DLY A 11 5.94 6.73 -3.48
HE3 DLY A 11 6.26 7.69 -4.92
HZ1 DLY A 11 6.72 8.50 -2.13
HZ2 DLY A 11 6.98 9.52 -3.47
HZ3 DLY A 11 7.93 8.11 -3.26
N DGL A 12 0.95 6.27 -1.59
CA DGL A 12 0.11 7.13 -0.81
C DGL A 12 -0.10 6.49 0.56
O DGL A 12 0.67 5.55 0.94
CB DGL A 12 0.82 8.50 -0.66
CG DGL A 12 0.02 9.55 0.07
CD DGL A 12 -1.31 9.75 -0.54
OE1 DGL A 12 -2.28 9.14 -0.06
OE2 DGL A 12 -1.41 10.49 -1.54
H DGL A 12 1.42 5.55 -1.11
HA DGL A 12 -0.83 7.26 -1.31
HB2 DGL A 12 1.76 8.36 -0.15
HB3 DGL A 12 1.03 8.87 -1.66
HG2 DGL A 12 -0.11 9.23 1.09
HG3 DGL A 12 0.57 10.48 0.05
N DSG A 13 -1.08 6.97 1.29
CA DSG A 13 -1.36 6.51 2.65
C DSG A 13 -0.11 6.74 3.52
O DSG A 13 0.32 5.85 4.23
CB DSG A 13 -2.61 7.20 3.26
CG DSG A 13 -2.40 8.68 3.66
OD1 DSG A 13 -2.03 8.97 4.79
ND2 DSG A 13 -2.61 9.58 2.74
H DSG A 13 -1.65 7.67 0.89
HA DSG A 13 -1.54 5.44 2.59
HB2 DSG A 13 -3.41 7.17 2.54
HB3 DSG A 13 -2.91 6.65 4.14
HD21 DSG A 13 -2.88 9.31 1.83
HD22 DSG A 13 -2.49 10.53 2.99
N DLY A 14 0.51 7.90 3.35
CA DLY A 14 1.73 8.26 4.06
C DLY A 14 2.95 7.62 3.44
O DLY A 14 4.07 7.75 3.96
CB DLY A 14 1.90 9.77 4.14
CG DLY A 14 1.14 10.45 5.28
CD DLY A 14 1.94 10.42 6.61
CE DLY A 14 2.24 9.02 7.13
NZ DLY A 14 3.01 9.03 8.41
H DLY A 14 0.11 8.55 2.75
HA DLY A 14 1.61 7.86 5.06
HB2 DLY A 14 2.94 9.99 4.26
HB3 DLY A 14 1.56 10.21 3.21
HG2 DLY A 14 0.95 11.48 5.01
HG3 DLY A 14 0.20 9.93 5.42
HD2 DLY A 14 2.87 10.93 6.46
HD3 DLY A 14 1.35 10.95 7.35
HE2 DLY A 14 1.31 8.48 7.30
HE3 DLY A 14 2.83 8.50 6.39
HZ1 DLY A 14 2.51 9.54 9.16
HZ2 DLY A 14 3.95 9.44 8.28
HZ3 DLY A 14 3.14 8.05 8.74
N DAS A 15 2.76 6.96 2.34
CA DAS A 15 3.83 6.25 1.71
C DAS A 15 3.75 4.79 2.02
O DAS A 15 4.57 4.02 1.60
CB DAS A 15 3.95 6.53 0.20
CG DAS A 15 4.63 7.86 -0.10
OD1 DAS A 15 4.05 8.92 0.18
OD2 DAS A 15 5.75 7.85 -0.63
H DAS A 15 1.87 6.95 1.95
HA DAS A 15 4.74 6.61 2.18
HB2 DAS A 15 4.53 5.74 -0.25
HB3 DAS A 15 2.96 6.53 -0.23
N DCY A 16 2.70 4.38 2.72
CA DCY A 16 2.63 3.04 3.27
C DCY A 16 2.74 3.10 4.78
O DCY A 16 2.19 4.01 5.41
CB DCY A 16 1.33 2.30 2.91
SG DCY A 16 1.20 0.69 3.80
H DCY A 16 1.95 5.02 2.84
HA DCY A 16 3.47 2.49 2.89
HB2 DCY A 16 0.48 2.91 3.20
HB3 DCY A 16 1.29 2.10 1.86
N DCY A 17 3.42 2.15 5.37
CA DCY A 17 3.59 2.09 6.83
C DCY A 17 2.22 1.90 7.51
O DCY A 17 1.92 2.54 8.51
CB DCY A 17 4.53 0.93 7.21
SG DCY A 17 6.15 0.91 6.34
H DCY A 17 3.83 1.44 4.81
HA DCY A 17 4.02 3.02 7.15
HB2 DCY A 17 4.73 0.98 8.27
HB3 DCY A 17 4.03 0.00 6.99
N DSN A 18 1.37 1.07 6.91
CA DSN A 18 0.08 0.76 7.45
C DSN A 18 -1.01 1.75 6.98
O DSN A 18 -2.16 1.66 7.41
CB DSN A 18 -0.31 -0.66 7.06
OG DSN A 18 0.70 -1.60 7.42
H DSN A 18 1.64 0.64 6.07
HA DSN A 18 0.15 0.80 8.53
HB2 DSN A 18 -1.24 -0.93 7.54
HB3 DSN A 18 -0.45 -0.70 5.99
HG DSN A 18 1.43 -1.14 7.85
N DLY A 19 -0.64 2.67 6.06
CA DLY A 19 -1.57 3.68 5.47
C DLY A 19 -2.74 3.09 4.65
O DLY A 19 -3.52 3.84 4.06
CB DLY A 19 -2.14 4.64 6.54
CG DLY A 19 -1.14 5.60 7.14
CD DLY A 19 -1.80 6.48 8.21
CE DLY A 19 -2.93 7.33 7.62
NZ DLY A 19 -3.59 8.16 8.65
H DLY A 19 0.31 2.71 5.80
HA DLY A 19 -0.98 4.28 4.79
HB2 DLY A 19 -2.93 5.21 6.07
HB3 DLY A 19 -2.58 4.05 7.33
HG2 DLY A 19 -0.33 5.05 7.59
HG3 DLY A 19 -0.75 6.23 6.35
HD2 DLY A 19 -2.20 5.84 8.99
HD3 DLY A 19 -1.06 7.14 8.63
HE2 DLY A 19 -2.54 7.96 6.85
HE3 DLY A 19 -3.67 6.67 7.19
HZ1 DLY A 19 -2.93 8.80 9.10
HZ2 DLY A 19 -4.04 7.56 9.37
HZ3 DLY A 19 -4.35 8.72 8.22
N DLY A 20 -2.82 1.78 4.55
CA DLY A 20 -3.95 1.09 3.89
C DLY A 20 -3.75 1.04 2.37
O DLY A 20 -3.85 -0.02 1.75
CB DLY A 20 -4.11 -0.32 4.44
CG DLY A 20 -4.51 -0.39 5.91
CD DLY A 20 -4.54 -1.84 6.41
CE DLY A 20 -5.62 -2.67 5.70
NZ DLY A 20 -5.40 -4.12 5.92
H DLY A 20 -2.08 1.25 4.91
HA DLY A 20 -4.84 1.66 4.10
HB2 DLY A 20 -4.88 -0.81 3.86
HB3 DLY A 20 -3.19 -0.85 4.31
HG2 DLY A 20 -3.78 0.16 6.49
HG3 DLY A 20 -5.48 0.05 6.04
HD2 DLY A 20 -3.57 -2.29 6.21
HD3 DLY A 20 -4.72 -1.84 7.47
HE2 DLY A 20 -6.58 -2.40 6.09
HE3 DLY A 20 -5.59 -2.48 4.64
HZ1 DLY A 20 -5.39 -4.35 6.94
HZ2 DLY A 20 -4.49 -4.37 5.50
HZ3 DLY A 20 -6.13 -4.69 5.46
N DCY A 21 -3.52 2.19 1.81
CA DCY A 21 -3.25 2.34 0.40
C DCY A 21 -4.57 2.41 -0.37
O DCY A 21 -5.34 3.36 -0.22
CB DCY A 21 -2.41 3.61 0.19
SG DCY A 21 -1.74 3.84 -1.49
H DCY A 21 -3.55 2.99 2.38
HA DCY A 21 -2.69 1.48 0.07
HB2 DCY A 21 -3.03 4.47 0.41
HB3 DCY A 21 -1.58 3.60 0.87
N DLY A 22 -4.84 1.37 -1.12
CA DLY A 22 -6.02 1.24 -1.96
C DLY A 22 -5.57 0.58 -3.24
O DLY A 22 -4.40 0.61 -3.54
CB DLY A 22 -7.11 0.39 -1.28
CG DLY A 22 -7.78 1.05 -0.08
CD DLY A 22 -8.94 0.22 0.46
CE DLY A 22 -10.07 0.05 -0.56
NZ DLY A 22 -11.20 -0.72 -0.01
H DLY A 22 -4.19 0.63 -1.17
HA DLY A 22 -6.41 2.23 -2.18
HB2 DLY A 22 -7.87 0.14 -2.00
HB3 DLY A 22 -6.65 -0.53 -0.94
HG2 DLY A 22 -7.05 1.19 0.70
HG3 DLY A 22 -8.16 2.02 -0.38
HD2 DLY A 22 -8.57 -0.76 0.73
HD3 DLY A 22 -9.34 0.71 1.34
HE2 DLY A 22 -10.41 1.01 -0.88
HE3 DLY A 22 -9.67 -0.48 -1.41
HZ1 DLY A 22 -11.96 -0.81 -0.72
HZ2 DLY A 22 -11.60 -0.26 0.83
HZ3 DLY A 22 -10.89 -1.68 0.25
N DAR A 23 -6.45 0.00 -4.01
CA DAR A 23 -6.02 -0.72 -5.18
CB DAR A 23 -5.94 0.18 -6.43
CG DAR A 23 -7.25 0.77 -6.90
CD DAR A 23 -7.01 1.73 -8.06
NE DAR A 23 -6.19 1.13 -9.13
CZ DAR A 23 -5.71 1.78 -10.21
NH1 DAR A 23 -6.00 3.07 -10.41
NH2 DAR A 23 -4.93 1.14 -11.07
C DAR A 23 -6.87 -1.96 -5.41
O DAR A 23 -7.93 -2.10 -4.79
H DAR A 23 -7.41 0.04 -3.79
HA DAR A 23 -5.02 -1.06 -4.96
HB2 DAR A 23 -5.30 1.02 -6.20
HB3 DAR A 23 -5.51 -0.38 -7.24
HG2 DAR A 23 -7.90 -0.03 -7.24
HG3 DAR A 23 -7.71 1.31 -6.09
HD2 DAR A 23 -7.97 2.00 -8.48
HD3 DAR A 23 -6.52 2.61 -7.68
HE DAR A 23 -5.98 0.18 -9.03
HH11 DAR A 23 -6.58 3.59 -9.79
HH12 DAR A 23 -5.66 3.57 -11.20
HH21 DAR A 23 -4.69 0.18 -10.94
HH22 DAR A 23 -4.54 1.59 -11.87
N DAR A 24 -6.38 -2.86 -6.27
CA DAR A 24 -6.99 -4.18 -6.56
CB DAR A 24 -8.51 -4.17 -6.88
CG DAR A 24 -8.92 -3.68 -8.27
CD DAR A 24 -8.73 -2.19 -8.46
NE DAR A 24 -9.14 -1.75 -9.81
CZ DAR A 24 -9.62 -0.53 -10.11
NH1 DAR A 24 -10.03 0.30 -9.15
NH2 DAR A 24 -9.77 -0.19 -11.39
C DAR A 24 -6.69 -5.18 -5.44
O DAR A 24 -6.87 -4.89 -4.26
H DAR A 24 -5.53 -2.64 -6.72
HA DAR A 24 -6.47 -4.54 -7.43
HB2 DAR A 24 -8.89 -5.19 -6.77
HB3 DAR A 24 -9.01 -3.56 -6.14
HG2 DAR A 24 -8.33 -4.19 -9.02
HG3 DAR A 24 -9.96 -3.92 -8.43
HD2 DAR A 24 -9.31 -1.67 -7.71
HD3 DAR A 24 -7.69 -1.97 -8.33
HE DAR A 24 -9.01 -2.41 -10.52
HH11 DAR A 24 -10.02 0.05 -8.18
HH12 DAR A 24 -10.39 1.22 -9.34
HH21 DAR A 24 -9.55 -0.81 -12.14
HH22 DAR A 24 -10.10 0.72 -11.67
N GLY A 25 -6.24 -6.34 -5.83
CA GLY A 25 -5.91 -7.37 -4.90
C GLY A 25 -4.95 -8.34 -5.54
N DTH A 26 -3.70 -8.23 -5.17
CA DTH A 26 -2.66 -9.02 -5.76
CB DTH A 26 -1.45 -9.06 -4.79
CG2 DTH A 26 -0.22 -9.75 -5.39
OG1 DTH A 26 -1.11 -7.73 -4.40
C DTH A 26 -2.30 -8.44 -7.15
O DTH A 26 -1.74 -9.14 -8.01
H DTH A 26 -3.43 -7.61 -4.46
HA DTH A 26 -3.04 -10.03 -5.89
HB DTH A 26 -1.75 -9.59 -3.90
HG21 DTH A 26 0.08 -9.22 -6.28
HG22 DTH A 26 -0.48 -10.77 -5.66
HG23 DTH A 26 0.58 -9.76 -4.67
HG1 DTH A 26 -0.17 -7.72 -4.19
N DSG A 27 -2.67 -7.20 -7.36
CA DSG A 27 -2.47 -6.51 -8.62
C DSG A 27 -3.42 -5.30 -8.61
O DSG A 27 -3.85 -4.87 -7.54
CB DSG A 27 -1.00 -6.08 -8.79
CG DSG A 27 -0.60 -5.76 -10.25
OD1 DSG A 27 -1.41 -5.29 -11.06
ND2 DSG A 27 0.63 -6.03 -10.58
H DSG A 27 -3.11 -6.69 -6.64
HA DSG A 27 -2.77 -7.18 -9.41
HB2 DSG A 27 -0.82 -5.19 -8.21
HB3 DSG A 27 -0.36 -6.87 -8.42
HD21 DSG A 27 1.23 -6.41 -9.90
HD22 DSG A 27 0.94 -5.87 -11.50
N DIL A 28 -3.70 -4.77 -9.78
CA DIL A 28 -4.67 -3.67 -9.95
C DIL A 28 -4.05 -2.30 -9.56
O DIL A 28 -4.76 -1.29 -9.45
CB DIL A 28 -5.31 -3.72 -11.39
CG1 DIL A 28 -4.26 -3.70 -12.56
CG2 DIL A 28 -6.39 -2.66 -11.60
CD1 DIL A 28 -3.50 -2.41 -12.76
H DIL A 28 -3.24 -5.12 -10.56
HA DIL A 28 -5.46 -3.84 -9.23
HB DIL A 28 -5.83 -4.66 -11.43
HG12 DIL A 28 -3.53 -4.46 -12.37
HG13 DIL A 28 -4.78 -3.94 -13.48
HG21 DIL A 28 -5.96 -1.68 -11.47
HG22 DIL A 28 -7.18 -2.81 -10.88
HG23 DIL A 28 -6.78 -2.75 -12.61
HD11 DIL A 28 -2.95 -2.18 -11.87
HD12 DIL A 28 -4.20 -1.61 -12.97
HD13 DIL A 28 -2.82 -2.52 -13.60
N DGL A 29 -2.74 -2.29 -9.34
CA DGL A 29 -1.99 -1.09 -8.93
C DGL A 29 -2.43 -0.64 -7.54
O DGL A 29 -3.17 -1.39 -6.86
CB DGL A 29 -0.50 -1.43 -8.85
CG DGL A 29 0.09 -2.06 -10.10
CD DGL A 29 1.55 -2.42 -9.92
OE1 DGL A 29 1.84 -3.38 -9.18
OE2 DGL A 29 2.41 -1.75 -10.51
H DGL A 29 -2.27 -3.14 -9.46
HA DGL A 29 -2.15 -0.30 -9.65
HB2 DGL A 29 0.06 -0.53 -8.65
HB3 DGL A 29 -0.36 -2.12 -8.04
HG2 DGL A 29 -0.46 -2.96 -10.34
HG3 DGL A 29 0.00 -1.36 -10.92
N DLY A 30 -1.98 0.52 -7.11
CA DLY A 30 -2.25 0.93 -5.74
C DLY A 30 -1.39 0.13 -4.82
O DLY A 30 -0.16 0.09 -4.98
CB DLY A 30 -2.06 2.44 -5.45
CG DLY A 30 -3.19 3.35 -5.94
CD DLY A 30 -3.19 3.53 -7.44
CE DLY A 30 -1.98 4.33 -7.93
NZ DLY A 30 -1.89 5.67 -7.31
H DLY A 30 -1.43 1.08 -7.68
HA DLY A 30 -3.28 0.66 -5.53
HB2 DLY A 30 -1.98 2.57 -4.38
HB3 DLY A 30 -1.13 2.75 -5.90
HG2 DLY A 30 -4.13 2.93 -5.65
HG3 DLY A 30 -3.07 4.32 -5.48
HD2 DLY A 30 -3.15 2.53 -7.86
HD3 DLY A 30 -4.10 4.01 -7.75
HE2 DLY A 30 -1.07 3.79 -7.69
HE3 DLY A 30 -2.04 4.44 -9.00
HZ1 DLY A 30 -2.70 6.28 -7.54
HZ2 DLY A 30 -1.02 6.16 -7.65
HZ3 DLY A 30 -1.82 5.62 -6.28
N DAR A 31 -2.00 -0.54 -3.91
CA DAR A 31 -1.32 -1.39 -3.00
CB DAR A 31 -1.56 -2.89 -3.29
CG DAR A 31 -1.57 -3.22 -4.76
CD DAR A 31 -1.31 -4.68 -5.00
NE DAR A 31 0.13 -5.01 -4.89
CZ DAR A 31 1.04 -4.76 -5.86
NH1 DAR A 31 0.70 -3.98 -6.89
NH2 DAR A 31 2.27 -5.22 -5.77
C DAR A 31 -1.78 -1.13 -1.62
O DAR A 31 -2.94 -0.77 -1.38
H DAR A 31 -2.98 -0.42 -3.83
HA DAR A 31 -0.27 -1.18 -3.06
HB2 DAR A 31 -0.78 -3.47 -2.81
HB3 DAR A 31 -2.50 -3.17 -2.87
HG2 DAR A 31 -2.54 -2.97 -5.16
HG3 DAR A 31 -0.82 -2.64 -5.26
HD2 DAR A 31 -1.82 -5.26 -4.24
HD3 DAR A 31 -1.65 -4.97 -5.98
HE DAR A 31 0.40 -5.49 -4.08
HH11 DAR A 31 -0.21 -3.58 -6.95
HH12 DAR A 31 1.31 -3.76 -7.67
HH21 DAR A 31 2.57 -5.77 -4.99
HH22 DAR A 31 2.95 -5.07 -6.50
N DCY A 32 -0.88 -1.27 -0.71
CA DCY A 32 -1.21 -1.18 0.64
C DCY A 32 -1.55 -2.59 1.03
O DCY A 32 -0.88 -3.52 0.56
CB DCY A 32 -0.04 -0.65 1.45
SG DCY A 32 -0.47 -0.17 3.15
H DCY A 32 0.03 -1.54 -0.98
HA DCY A 32 -2.07 -0.55 0.75
HB2 DCY A 32 0.74 -1.39 1.51
HB3 DCY A 32 0.37 0.24 0.98
N DAR A 33 -2.58 -2.76 1.80
CA DAR A 33 -3.09 -4.07 2.12
CB DAR A 33 -4.60 -4.06 2.05
CG DAR A 33 -5.17 -3.67 0.69
CD DAR A 33 -6.67 -3.52 0.77
NE DAR A 33 -7.06 -2.46 1.72
CZ DAR A 33 -8.01 -2.58 2.67
NH1 DAR A 33 -8.65 -3.72 2.85
NH2 DAR A 33 -8.31 -1.53 3.43
C DAR A 33 -2.65 -4.51 3.49
O DAR A 33 -3.09 -3.91 4.48
OXT DAR A 33 -1.89 -5.47 3.61
H DAR A 33 -3.03 -1.97 2.16
HA DAR A 33 -2.72 -4.77 1.38
HB2 DAR A 33 -4.96 -5.05 2.29
HB3 DAR A 33 -4.98 -3.36 2.78
HG2 DAR A 33 -4.74 -2.72 0.38
HG3 DAR A 33 -4.92 -4.43 -0.03
HD2 DAR A 33 -7.05 -3.27 -0.22
HD3 DAR A 33 -7.10 -4.46 1.09
HE DAR A 33 -6.56 -1.62 1.60
HH11 DAR A 33 -8.46 -4.55 2.30
HH12 DAR A 33 -9.36 -3.80 3.56
HH21 DAR A 33 -7.86 -0.64 3.35
HH22 DAR A 33 -9.02 -1.59 4.14
N GLY A 1 11.03 4.12 12.20
CA GLY A 1 11.01 4.36 10.77
C GLY A 1 10.60 3.12 10.01
N DAS A 2 11.18 2.90 8.86
CA DAS A 2 10.84 1.73 8.06
C DAS A 2 9.92 2.13 6.94
O DAS A 2 10.33 2.82 6.00
CB DAS A 2 12.10 1.05 7.52
CG DAS A 2 11.77 -0.18 6.68
OD1 DAS A 2 11.36 -1.21 7.26
OD2 DAS A 2 11.95 -0.15 5.45
H DAS A 2 11.85 3.52 8.51
HA DAS A 2 10.32 1.04 8.71
HB2 DAS A 2 12.63 1.75 6.89
HB3 DAS A 2 12.73 0.74 8.34
N DCY A 3 8.71 1.73 7.04
CA DCY A 3 7.69 2.06 6.07
C DCY A 3 7.43 0.87 5.12
O DCY A 3 8.07 -0.18 5.26
CB DCY A 3 6.43 2.54 6.82
SG DCY A 3 6.04 1.62 8.36
H DCY A 3 8.44 1.17 7.81
HA DCY A 3 8.08 2.88 5.48
HB2 DCY A 3 6.56 3.58 7.08
HB3 DCY A 3 5.58 2.45 6.15
N DLE A 4 6.54 1.04 4.15
CA DLE A 4 6.20 -0.05 3.23
CB DLE A 4 5.36 0.44 2.03
CG DLE A 4 6.08 1.17 0.87
CD1 DLE A 4 5.09 1.55 -0.19
CD2 DLE A 4 6.82 2.41 1.35
C DLE A 4 5.46 -1.17 3.95
O DLE A 4 4.66 -0.88 4.83
H DLE A 4 6.11 1.91 4.02
HA DLE A 4 7.15 -0.42 2.85
HB2 DLE A 4 4.86 -0.41 1.61
HB3 DLE A 4 4.60 1.11 2.41
HG DLE A 4 6.79 0.49 0.42
HD11 DLE A 4 4.36 2.25 0.20
HD12 DLE A 4 4.56 0.67 -0.53
HD13 DLE A 4 5.59 2.00 -1.03
HD21 DLE A 4 7.57 2.12 2.07
HD22 DLE A 4 6.12 3.09 1.79
HD23 DLE A 4 7.30 2.88 0.50
N DPR A 5 5.70 -2.44 3.60
CA DPR A 5 5.05 -3.58 4.25
CB DPR A 5 5.85 -4.80 3.72
CG DPR A 5 7.04 -4.22 3.03
CD DPR A 5 6.61 -2.89 2.53
C DPR A 5 3.57 -3.70 3.84
O DPR A 5 3.00 -2.80 3.21
HA DPR A 5 5.12 -3.52 5.32
HB2 DPR A 5 6.15 -5.42 4.55
HB3 DPR A 5 5.23 -5.37 3.04
HG2 DPR A 5 7.86 -4.12 3.73
HG3 DPR A 5 7.34 -4.86 2.20
HD2 DPR A 5 7.46 -2.23 2.38
HD3 DPR A 5 6.07 -3.00 1.60
N DHI A 6 2.93 -4.79 4.22
CA DHI A 6 1.55 -4.96 3.83
C DHI A 6 1.50 -5.80 2.57
O DHI A 6 2.43 -6.57 2.32
CB DHI A 6 0.66 -5.62 4.94
CG DHI A 6 0.70 -7.13 5.05
ND1 DHI A 6 -0.17 -7.97 4.37
CD2 DHI A 6 1.47 -7.94 5.79
CE1 DHI A 6 0.07 -9.22 4.70
NE2 DHI A 6 1.06 -9.22 5.56
H DHI A 6 3.41 -5.48 4.73
HA DHI A 6 1.16 -3.99 3.59
HB2 DHI A 6 0.96 -5.22 5.90
HB3 DHI A 6 -0.37 -5.32 4.77
HD1 DHI A 6 -0.86 -7.69 3.72
HD2 DHI A 6 2.26 -7.65 6.47
HE1 DHI A 6 -0.47 -10.07 4.32
HE2 DHI A 6 1.38 -10.01 6.06
N DLE A 7 0.46 -5.60 1.78
CA DLE A 7 0.20 -6.35 0.57
CB DLE A 7 0.14 -7.87 0.90
CG DLE A 7 -0.42 -8.81 -0.16
CD1 DLE A 7 -0.31 -10.25 0.30
CD2 DLE A 7 -1.86 -8.46 -0.49
C DLE A 7 1.28 -6.02 -0.48
O DLE A 7 1.53 -6.75 -1.42
H DLE A 7 -0.15 -4.85 2.00
HA DLE A 7 -0.76 -6.03 0.19
HB2 DLE A 7 1.14 -8.19 1.14
HB3 DLE A 7 -0.46 -7.99 1.80
HG DLE A 7 0.18 -8.69 -1.05
HD11 DLE A 7 -0.70 -10.90 -0.47
HD12 DLE A 7 -0.89 -10.38 1.21
HD13 DLE A 7 0.72 -10.50 0.50
HD21 DLE A 7 -1.91 -7.46 -0.89
HD22 DLE A 7 -2.45 -8.51 0.41
HD23 DLE A 7 -2.24 -9.16 -1.22
N DLY A 8 1.87 -4.85 -0.31
CA DLY A 8 2.96 -4.39 -1.16
C DLY A 8 2.44 -3.17 -1.91
O DLY A 8 1.35 -2.72 -1.63
CB DLY A 8 4.15 -3.98 -0.24
CG DLY A 8 5.53 -3.85 -0.93
CD DLY A 8 6.31 -5.17 -0.97
CE DLY A 8 5.62 -6.28 -1.76
NZ DLY A 8 6.37 -7.54 -1.73
H DLY A 8 1.54 -4.25 0.39
HA DLY A 8 3.25 -5.16 -1.84
HB2 DLY A 8 3.92 -3.02 0.20
HB3 DLY A 8 4.23 -4.71 0.55
HG2 DLY A 8 5.39 -3.52 -1.95
HG3 DLY A 8 6.12 -3.11 -0.41
HD2 DLY A 8 7.27 -5.00 -1.42
HD3 DLY A 8 6.46 -5.51 0.05
HE2 DLY A 8 4.65 -6.46 -1.32
HE3 DLY A 8 5.50 -5.96 -2.78
HZ1 DLY A 8 6.54 -7.85 -0.74
HZ2 DLY A 8 7.31 -7.42 -2.18
HZ3 DLY A 8 5.85 -8.28 -2.22
N DLE A 9 3.20 -2.68 -2.88
CA DLE A 9 2.87 -1.46 -3.62
CB DLE A 9 3.99 -1.11 -4.64
CG DLE A 9 5.49 -1.26 -4.19
CD1 DLE A 9 6.41 -0.84 -5.32
CD2 DLE A 9 5.81 -0.44 -2.94
C DLE A 9 2.54 -0.23 -2.73
O DLE A 9 2.81 -0.23 -1.53
H DLE A 9 4.01 -3.17 -3.16
HA DLE A 9 1.97 -1.68 -4.19
HB2 DLE A 9 3.86 -1.75 -5.51
HB3 DLE A 9 3.84 -0.10 -4.97
HG DLE A 9 5.68 -2.30 -4.00
HD11 DLE A 9 6.21 0.18 -5.59
HD12 DLE A 9 6.25 -1.48 -6.18
HD13 DLE A 9 7.43 -0.92 -4.99
HD21 DLE A 9 5.20 -0.79 -2.12
HD22 DLE A 9 5.63 0.60 -3.12
HD23 DLE A 9 6.85 -0.59 -2.68
N DCY A 10 1.94 0.78 -3.32
CA DCY A 10 1.64 2.02 -2.62
C DCY A 10 2.71 3.05 -2.80
O DCY A 10 3.57 2.95 -3.70
CB DCY A 10 0.35 2.63 -3.10
SG DCY A 10 -1.14 2.18 -2.18
H DCY A 10 1.68 0.71 -4.27
HA DCY A 10 1.54 1.79 -1.57
HB2 DCY A 10 0.47 3.71 -3.02
HB3 DCY A 10 0.21 2.37 -4.14
N DLY A 11 2.66 4.04 -1.94
CA DLY A 11 3.51 5.16 -1.99
C DLY A 11 2.75 6.27 -1.28
O DLY A 11 2.49 7.33 -1.84
CB DLY A 11 4.84 4.80 -1.30
CG DLY A 11 5.99 5.79 -1.39
CD DLY A 11 5.77 7.05 -0.58
CE DLY A 11 7.04 7.85 -0.48
NZ DLY A 11 8.13 7.04 0.11
H DLY A 11 2.00 4.00 -1.21
HA DLY A 11 3.68 5.44 -3.03
HB2 DLY A 11 4.64 4.62 -0.26
HB3 DLY A 11 5.15 3.86 -1.75
HG2 DLY A 11 6.89 5.32 -1.04
HG3 DLY A 11 6.11 6.07 -2.43
HD2 DLY A 11 5.01 7.65 -1.06
HD3 DLY A 11 5.45 6.77 0.41
HE2 DLY A 11 7.33 8.17 -1.47
HE3 DLY A 11 6.86 8.72 0.14
HZ1 DLY A 11 8.50 6.35 -0.57
HZ2 DLY A 11 7.75 6.50 0.92
HZ3 DLY A 11 8.91 7.65 0.46
N DGL A 12 2.36 5.98 -0.06
CA DGL A 12 1.58 6.89 0.74
C DGL A 12 0.97 6.11 1.87
O DGL A 12 1.60 5.20 2.38
CB DGL A 12 2.44 8.03 1.27
CG DGL A 12 1.74 8.97 2.25
CD DGL A 12 2.58 10.13 2.65
OE1 DGL A 12 2.63 11.12 1.89
OE2 DGL A 12 3.18 10.10 3.72
H DGL A 12 2.61 5.13 0.37
HA DGL A 12 0.80 7.28 0.10
HB2 DGL A 12 3.31 7.62 1.76
HB3 DGL A 12 2.77 8.62 0.43
HG2 DGL A 12 0.83 9.34 1.81
HG3 DGL A 12 1.50 8.40 3.14
N DSG A 13 -0.26 6.45 2.23
CA DSG A 13 -0.95 5.80 3.36
C DSG A 13 -0.06 5.82 4.59
O DSG A 13 0.23 4.79 5.17
CB DSG A 13 -2.28 6.51 3.71
CG DSG A 13 -3.39 6.33 2.68
OD1 DSG A 13 -3.51 7.10 1.73
ND2 DSG A 13 -4.21 5.33 2.87
H DSG A 13 -0.71 7.17 1.73
HA DSG A 13 -1.15 4.78 3.09
HB2 DSG A 13 -2.64 6.14 4.64
HB3 DSG A 13 -2.08 7.58 3.82
HD21 DSG A 13 -4.05 4.75 3.66
HD22 DSG A 13 -4.96 5.19 2.25
N DLY A 14 0.44 6.99 4.90
CA DLY A 14 1.29 7.21 6.06
C DLY A 14 2.64 6.51 5.91
O DLY A 14 3.24 6.07 6.89
CB DLY A 14 1.53 8.71 6.25
CG DLY A 14 0.27 9.51 6.57
CD DLY A 14 0.53 11.01 6.48
CE DLY A 14 1.65 11.45 7.42
NZ DLY A 14 1.91 12.91 7.30
H DLY A 14 0.24 7.76 4.32
HA DLY A 14 0.79 6.82 6.94
HB2 DLY A 14 2.22 8.84 7.07
HB3 DLY A 14 1.98 9.10 5.36
HG2 DLY A 14 -0.49 9.25 5.85
HG3 DLY A 14 -0.07 9.26 7.56
HD2 DLY A 14 0.81 11.26 5.48
HD3 DLY A 14 -0.37 11.53 6.75
HE2 DLY A 14 1.39 11.22 8.44
HE3 DLY A 14 2.55 10.92 7.14
HZ1 DLY A 14 2.19 13.14 6.33
HZ2 DLY A 14 2.69 13.20 7.93
HZ3 DLY A 14 1.08 13.47 7.54
N DAS A 15 3.09 6.36 4.68
CA DAS A 15 4.42 5.80 4.40
C DAS A 15 4.36 4.28 4.33
O DAS A 15 5.37 3.61 4.20
CB DAS A 15 5.00 6.39 3.12
CG DAS A 15 6.50 6.18 3.00
OD1 DAS A 15 7.24 6.70 3.85
OD2 DAS A 15 6.97 5.57 2.03
H DAS A 15 2.52 6.62 3.93
HA DAS A 15 5.06 6.07 5.23
HB2 DAS A 15 4.52 5.92 2.27
HB3 DAS A 15 4.80 7.45 3.10
N DCY A 16 3.17 3.76 4.41
CA DCY A 16 2.99 2.34 4.47
C DCY A 16 2.65 1.94 5.89
O DCY A 16 1.83 2.57 6.54
CB DCY A 16 1.87 1.90 3.50
SG DCY A 16 2.21 2.28 1.76
H DCY A 16 2.38 4.34 4.40
HA DCY A 16 3.91 1.87 4.17
HB2 DCY A 16 1.71 0.84 3.61
HB3 DCY A 16 0.94 2.39 3.77
N DCY A 17 3.32 0.90 6.39
CA DCY A 17 3.08 0.40 7.75
C DCY A 17 1.67 -0.15 7.81
O DCY A 17 1.00 -0.09 8.84
CB DCY A 17 4.08 -0.72 8.08
SG DCY A 17 5.84 -0.31 7.79
H DCY A 17 3.98 0.43 5.83
HA DCY A 17 3.19 1.22 8.44
HB2 DCY A 17 3.98 -0.97 9.13
HB3 DCY A 17 3.84 -1.59 7.48
N DSN A 18 1.23 -0.66 6.69
CA DSN A 18 -0.06 -1.21 6.49
C DSN A 18 -1.12 -0.09 6.48
O DSN A 18 -2.28 -0.29 6.91
CB DSN A 18 0.00 -1.95 5.17
OG DSN A 18 0.87 -1.24 4.28
H DSN A 18 1.82 -0.68 5.90
HA DSN A 18 -0.27 -1.91 7.29
HB2 DSN A 18 0.39 -2.94 5.34
HB3 DSN A 18 -0.98 -2.01 4.73
HG DSN A 18 1.45 -1.86 3.82
N DLY A 19 -0.70 1.07 5.99
CA DLY A 19 -1.46 2.32 5.91
C DLY A 19 -2.67 2.28 4.93
O DLY A 19 -3.14 3.33 4.47
CB DLY A 19 -1.87 2.79 7.30
CG DLY A 19 -2.32 4.23 7.38
CD DLY A 19 -2.65 4.61 8.80
CE DLY A 19 -2.99 6.08 8.89
NZ DLY A 19 -3.42 6.45 10.25
H DLY A 19 0.23 1.11 5.68
HA DLY A 19 -0.78 3.06 5.51
HB2 DLY A 19 -2.67 2.16 7.66
HB3 DLY A 19 -1.02 2.67 7.96
HG2 DLY A 19 -1.53 4.86 7.01
HG3 DLY A 19 -3.21 4.35 6.77
HD2 DLY A 19 -3.49 4.01 9.13
HD3 DLY A 19 -1.79 4.41 9.43
HE2 DLY A 19 -2.11 6.65 8.64
HE3 DLY A 19 -3.78 6.31 8.19
HZ1 DLY A 19 -2.67 6.31 10.95
HZ2 DLY A 19 -4.24 5.88 10.52
HZ3 DLY A 19 -3.72 7.45 10.27
N DLY A 20 -3.14 1.10 4.58
CA DLY A 20 -4.29 0.98 3.72
C DLY A 20 -3.88 0.94 2.26
O DLY A 20 -3.75 -0.12 1.66
CB DLY A 20 -5.17 -0.23 4.08
CG DLY A 20 -5.80 -0.16 5.47
CD DLY A 20 -6.69 -1.36 5.76
CE DLY A 20 -5.90 -2.66 5.85
NZ DLY A 20 -6.80 -3.82 6.05
H DLY A 20 -2.68 0.30 4.91
HA DLY A 20 -4.87 1.88 3.86
HB2 DLY A 20 -5.97 -0.31 3.36
HB3 DLY A 20 -4.55 -1.11 4.03
HG2 DLY A 20 -5.01 -0.12 6.21
HG3 DLY A 20 -6.38 0.75 5.54
HD2 DLY A 20 -7.20 -1.20 6.70
HD3 DLY A 20 -7.43 -1.44 4.97
HE2 DLY A 20 -5.35 -2.82 4.94
HE3 DLY A 20 -5.23 -2.59 6.68
HZ1 DLY A 20 -7.45 -3.96 5.26
HZ2 DLY A 20 -7.36 -3.72 6.92
HZ3 DLY A 20 -6.23 -4.70 6.15
N DCY A 21 -3.63 2.10 1.72
CA DCY A 21 -3.19 2.26 0.36
C DCY A 21 -4.39 2.33 -0.58
O DCY A 21 -4.96 3.39 -0.81
CB DCY A 21 -2.34 3.54 0.28
SG DCY A 21 -1.68 3.95 -1.36
H DCY A 21 -3.76 2.89 2.28
HA DCY A 21 -2.59 1.41 0.09
HB2 DCY A 21 -2.93 4.38 0.60
HB3 DCY A 21 -1.49 3.43 0.95
N DLY A 22 -4.79 1.20 -1.11
CA DLY A 22 -6.00 1.11 -1.94
C DLY A 22 -5.71 0.32 -3.19
O DLY A 22 -4.73 -0.40 -3.25
CB DLY A 22 -7.11 0.37 -1.19
CG DLY A 22 -7.65 1.04 0.05
CD DLY A 22 -8.59 0.09 0.81
CE DLY A 22 -9.74 -0.42 -0.08
NZ DLY A 22 -10.55 -1.45 0.58
H DLY A 22 -4.25 0.39 -0.97
HA DLY A 22 -6.33 2.11 -2.17
HB2 DLY A 22 -7.92 0.24 -1.88
HB3 DLY A 22 -6.73 -0.61 -0.91
HG2 DLY A 22 -6.83 1.31 0.70
HG3 DLY A 22 -8.21 1.93 -0.23
HD2 DLY A 22 -8.02 -0.77 1.15
HD3 DLY A 22 -9.01 0.61 1.65
HE2 DLY A 22 -10.38 0.41 -0.34
HE3 DLY A 22 -9.32 -0.83 -0.99
HZ1 DLY A 22 -11.02 -1.06 1.42
HZ2 DLY A 22 -9.92 -2.22 0.93
HZ3 DLY A 22 -11.25 -1.87 -0.05
N DAR A 23 -6.59 0.42 -4.15
CA DAR A 23 -6.45 -0.37 -5.34
CB DAR A 23 -6.19 0.48 -6.60
CG DAR A 23 -7.29 1.41 -7.01
CD DAR A 23 -6.86 2.21 -8.23
NE DAR A 23 -6.39 1.34 -9.33
CZ DAR A 23 -5.86 1.78 -10.48
NH1 DAR A 23 -5.76 3.07 -10.71
NH2 DAR A 23 -5.43 0.90 -11.38
C DAR A 23 -7.64 -1.29 -5.51
O DAR A 23 -8.70 -1.05 -4.91
H DAR A 23 -7.36 1.01 -4.05
HA DAR A 23 -5.59 -1.00 -5.18
HB2 DAR A 23 -5.31 1.09 -6.43
HB3 DAR A 23 -5.99 -0.20 -7.42
HG2 DAR A 23 -8.18 0.84 -7.24
HG3 DAR A 23 -7.50 2.10 -6.20
HD2 DAR A 23 -7.71 2.77 -8.59
HD3 DAR A 23 -6.07 2.88 -7.95
HE DAR A 23 -6.45 0.37 -9.17
HH11 DAR A 23 -6.06 3.76 -10.05
HH12 DAR A 23 -5.32 3.44 -11.54
HH21 DAR A 23 -5.47 -0.08 -11.23
HH22 DAR A 23 -5.03 1.20 -12.25
N DAR A 24 -7.46 -2.36 -6.28
CA DAR A 24 -8.44 -3.46 -6.46
CB DAR A 24 -9.90 -3.03 -6.84
CG DAR A 24 -10.09 -2.54 -8.27
CD DAR A 24 -9.56 -1.15 -8.51
NE DAR A 24 -10.27 -0.14 -7.72
CZ DAR A 24 -10.57 1.10 -8.14
NH1 DAR A 24 -10.23 1.50 -9.36
NH2 DAR A 24 -11.20 1.92 -7.34
C DAR A 24 -8.42 -4.39 -5.26
O DAR A 24 -7.70 -4.15 -4.29
H DAR A 24 -6.59 -2.46 -6.73
HA DAR A 24 -8.04 -4.04 -7.28
HB2 DAR A 24 -10.55 -3.87 -6.67
HB3 DAR A 24 -10.19 -2.23 -6.16
HG2 DAR A 24 -9.58 -3.23 -8.94
HG3 DAR A 24 -11.14 -2.56 -8.50
HD2 DAR A 24 -8.51 -1.13 -8.25
HD3 DAR A 24 -9.67 -0.93 -9.56
HE DAR A 24 -10.54 -0.42 -6.81
HH11 DAR A 24 -9.74 0.90 -10.00
HH12 DAR A 24 -10.45 2.41 -9.70
HH21 DAR A 24 -11.47 1.64 -6.41
HH22 DAR A 24 -11.44 2.86 -7.61
N GLY A 25 -9.15 -5.47 -5.33
CA GLY A 25 -9.16 -6.43 -4.24
C GLY A 25 -8.06 -7.46 -4.42
N DTH A 26 -6.91 -7.18 -3.85
CA DTH A 26 -5.77 -8.06 -4.01
CB DTH A 26 -4.65 -7.74 -2.94
CG2 DTH A 26 -4.10 -6.32 -3.09
OG1 DTH A 26 -5.20 -7.87 -1.63
C DTH A 26 -5.23 -7.99 -5.45
O DTH A 26 -4.99 -9.02 -6.08
H DTH A 26 -6.82 -6.38 -3.29
HA DTH A 26 -6.13 -9.07 -3.83
HB DTH A 26 -3.85 -8.45 -3.07
HG21 DTH A 26 -4.90 -5.61 -2.95
HG22 DTH A 26 -3.68 -6.19 -4.07
HG23 DTH A 26 -3.34 -6.14 -2.35
HG1 DTH A 26 -5.92 -8.51 -1.67
N DSG A 27 -5.14 -6.79 -5.98
CA DSG A 27 -4.67 -6.53 -7.32
C DSG A 27 -5.30 -5.24 -7.72
O DSG A 27 -5.64 -4.46 -6.86
CB DSG A 27 -3.13 -6.35 -7.41
CG DSG A 27 -2.33 -7.59 -7.09
OD1 DSG A 27 -1.98 -7.84 -5.95
ND2 DSG A 27 -2.02 -8.36 -8.10
H DSG A 27 -5.42 -6.00 -5.46
HA DSG A 27 -4.99 -7.33 -7.97
HB2 DSG A 27 -2.88 -6.04 -8.41
HB3 DSG A 27 -2.84 -5.57 -6.72
HD21 DSG A 27 -2.32 -8.11 -9.00
HD22 DSG A 27 -1.51 -9.17 -7.93
N DIL A 28 -5.42 -5.02 -9.01
CA DIL A 28 -5.98 -3.77 -9.54
C DIL A 28 -5.07 -2.58 -9.18
O DIL A 28 -5.50 -1.41 -9.21
CB DIL A 28 -6.19 -3.84 -11.10
CG1 DIL A 28 -4.87 -3.74 -11.91
CG2 DIL A 28 -7.18 -2.79 -11.56
CD1 DIL A 28 -3.92 -4.92 -11.78
H DIL A 28 -5.17 -5.72 -9.64
HA DIL A 28 -6.94 -3.61 -9.07
HB DIL A 28 -6.64 -4.80 -11.30
HG12 DIL A 28 -5.11 -3.64 -12.96
HG13 DIL A 28 -4.34 -2.84 -11.59
HG21 DIL A 28 -7.30 -2.87 -12.64
HG22 DIL A 28 -6.82 -1.81 -11.30
HG23 DIL A 28 -8.13 -2.96 -11.08
HD11 DIL A 28 -4.39 -5.80 -12.14
HD12 DIL A 28 -3.66 -5.04 -10.73
HD13 DIL A 28 -3.03 -4.73 -12.34
N DGL A 29 -3.83 -2.92 -8.84
CA DGL A 29 -2.80 -1.98 -8.48
C DGL A 29 -3.13 -1.27 -7.18
O DGL A 29 -3.82 -1.82 -6.30
CB DGL A 29 -1.50 -2.72 -8.25
CG DGL A 29 -1.00 -3.58 -9.39
CD DGL A 29 0.31 -4.21 -9.04
OE1 DGL A 29 1.37 -3.65 -9.41
OE2 DGL A 29 0.33 -5.24 -8.34
H DGL A 29 -3.61 -3.88 -8.82
HA DGL A 29 -2.67 -1.28 -9.29
HB2 DGL A 29 -0.73 -2.01 -8.02
HB3 DGL A 29 -1.63 -3.36 -7.39
HG2 DGL A 29 -1.73 -4.35 -9.59
HG3 DGL A 29 -0.88 -2.96 -10.26
N DLY A 30 -2.63 -0.08 -7.06
CA DLY A 30 -2.72 0.71 -5.85
C DLY A 30 -1.65 0.14 -4.92
O DLY A 30 -0.43 0.34 -5.15
CB DLY A 30 -2.45 2.18 -6.21
CG DLY A 30 -2.77 3.24 -5.17
CD DLY A 30 -4.26 3.31 -4.85
CE DLY A 30 -4.66 4.68 -4.26
NZ DLY A 30 -3.94 5.03 -3.01
H DLY A 30 -2.18 0.31 -7.85
HA DLY A 30 -3.69 0.59 -5.41
HB2 DLY A 30 -1.40 2.28 -6.45
HB3 DLY A 30 -3.02 2.40 -7.10
HG2 DLY A 30 -2.23 3.02 -4.26
HG3 DLY A 30 -2.46 4.20 -5.57
HD2 DLY A 30 -4.83 3.16 -5.76
HD3 DLY A 30 -4.51 2.54 -4.13
HE2 DLY A 30 -4.43 5.43 -4.99
HE3 DLY A 30 -5.72 4.67 -4.07
HZ1 DLY A 30 -4.17 4.37 -2.24
HZ2 DLY A 30 -4.18 5.98 -2.69
HZ3 DLY A 30 -2.90 5.01 -3.16
N DAR A 31 -2.07 -0.61 -3.93
CA DAR A 31 -1.16 -1.30 -3.03
CB DAR A 31 -1.12 -2.81 -3.36
CG DAR A 31 -0.62 -3.10 -4.78
CD DAR A 31 -0.59 -4.59 -5.13
NE DAR A 31 0.39 -5.35 -4.33
CZ DAR A 31 1.22 -6.29 -4.85
NH1 DAR A 31 1.30 -6.49 -6.18
NH2 DAR A 31 1.98 -7.03 -4.05
C DAR A 31 -1.58 -1.09 -1.57
O DAR A 31 -2.78 -1.03 -1.26
H DAR A 31 -3.03 -0.68 -3.78
HA DAR A 31 -0.18 -0.88 -3.17
HB2 DAR A 31 -0.45 -3.29 -2.67
HB3 DAR A 31 -2.10 -3.24 -3.24
HG2 DAR A 31 -1.27 -2.60 -5.48
HG3 DAR A 31 0.38 -2.70 -4.89
HD2 DAR A 31 -1.57 -5.00 -4.95
HD3 DAR A 31 -0.35 -4.69 -6.17
HE DAR A 31 0.37 -5.19 -3.36
HH11 DAR A 31 0.77 -5.97 -6.87
HH12 DAR A 31 1.91 -7.19 -6.56
HH21 DAR A 31 1.96 -6.91 -3.06
HH22 DAR A 31 2.63 -7.71 -4.40
N DCY A 32 -0.61 -0.97 -0.71
CA DCY A 32 -0.82 -0.82 0.70
C DCY A 32 -1.04 -2.18 1.31
O DCY A 32 -0.12 -3.00 1.36
CB DCY A 32 0.35 -0.09 1.36
SG DCY A 32 0.57 1.62 0.76
H DCY A 32 0.32 -1.02 -1.03
HA DCY A 32 -1.72 -0.24 0.84
HB2 DCY A 32 0.19 -0.05 2.43
HB3 DCY A 32 1.26 -0.64 1.16
N DAR A 33 -2.23 -2.42 1.75
CA DAR A 33 -2.64 -3.72 2.23
CB DAR A 33 -3.99 -4.09 1.62
CG DAR A 33 -5.15 -3.18 2.01
CD DAR A 33 -6.30 -3.35 1.08
NE DAR A 33 -5.94 -2.92 -0.27
CZ DAR A 33 -6.63 -3.19 -1.38
NH1 DAR A 33 -7.76 -3.87 -1.31
NH2 DAR A 33 -6.18 -2.78 -2.55
C DAR A 33 -2.68 -3.77 3.73
O DAR A 33 -2.29 -4.80 4.29
OXT DAR A 33 -3.03 -2.75 4.37
H DAR A 33 -2.87 -1.68 1.79
HA DAR A 33 -1.92 -4.43 1.87
HB2 DAR A 33 -3.91 -4.06 0.54
HB3 DAR A 33 -4.25 -5.10 1.92
HG2 DAR A 33 -5.46 -3.43 3.01
HG3 DAR A 33 -4.80 -2.15 1.98
HD2 DAR A 33 -6.60 -4.38 1.06
HD3 DAR A 33 -7.13 -2.74 1.43
HE DAR A 33 -5.11 -2.41 -0.32
HH11 DAR A 33 -8.14 -4.20 -0.44
HH12 DAR A 33 -8.32 -4.04 -2.13
HH21 DAR A 33 -5.33 -2.25 -2.67
HH22 DAR A 33 -6.69 -3.01 -3.38
N GLY A 1 11.33 -2.16 10.53
CA GLY A 1 10.08 -1.51 10.14
C GLY A 1 10.28 -0.68 8.90
N DAS A 2 10.49 0.60 9.08
CA DAS A 2 10.70 1.48 7.95
C DAS A 2 9.36 1.97 7.42
O DAS A 2 8.81 2.99 7.88
CB DAS A 2 11.60 2.68 8.33
CG DAS A 2 11.95 3.54 7.13
OD1 DAS A 2 11.28 4.57 6.88
OD2 DAS A 2 12.91 3.19 6.41
H DAS A 2 10.50 0.95 10.00
HA DAS A 2 11.19 0.92 7.18
HB2 DAS A 2 11.08 3.30 9.05
HB3 DAS A 2 12.51 2.31 8.77
N DCY A 3 8.82 1.18 6.51
CA DCY A 3 7.54 1.42 5.87
C DCY A 3 7.27 0.32 4.85
O DCY A 3 7.94 -0.74 4.89
CB DCY A 3 6.38 1.51 6.90
SG DCY A 3 6.30 0.11 8.09
H DCY A 3 9.29 0.35 6.25
HA DCY A 3 7.61 2.37 5.34
HB2 DCY A 3 6.50 2.41 7.48
HB3 DCY A 3 5.45 1.55 6.38
N DLE A 4 6.36 0.57 3.93
CA DLE A 4 5.94 -0.45 2.96
CB DLE A 4 5.21 0.21 1.77
CG DLE A 4 6.06 0.76 0.60
CD1 DLE A 4 5.20 1.59 -0.32
CD2 DLE A 4 7.26 1.56 1.08
C DLE A 4 4.99 -1.43 3.65
O DLE A 4 4.04 -1.00 4.27
H DLE A 4 5.96 1.46 3.89
HA DLE A 4 6.83 -0.94 2.61
HB2 DLE A 4 4.54 -0.52 1.35
HB3 DLE A 4 4.62 1.03 2.15
HG DLE A 4 6.41 -0.09 0.02
HD11 DLE A 4 4.81 2.44 0.22
HD12 DLE A 4 4.38 1.00 -0.69
HD13 DLE A 4 5.79 1.94 -1.16
HD21 DLE A 4 6.92 2.40 1.64
HD22 DLE A 4 7.83 1.89 0.22
HD23 DLE A 4 7.88 0.92 1.70
N DPR A 5 5.24 -2.74 3.55
CA DPR A 5 4.45 -3.75 4.27
CB DPR A 5 5.34 -5.01 4.21
CG DPR A 5 6.61 -4.58 3.53
CD DPR A 5 6.25 -3.38 2.71
C DPR A 5 3.07 -4.01 3.59
O DPR A 5 2.76 -3.42 2.56
HA DPR A 5 4.29 -3.47 5.30
HB2 DPR A 5 5.53 -5.36 5.21
HB3 DPR A 5 4.83 -5.78 3.64
HG2 DPR A 5 7.35 -4.32 4.27
HG3 DPR A 5 6.98 -5.37 2.90
HD2 DPR A 5 7.12 -2.76 2.52
HD3 DPR A 5 5.82 -3.69 1.77
N DHI A 6 2.26 -4.89 4.18
CA DHI A 6 0.95 -5.16 3.58
C DHI A 6 1.08 -6.19 2.47
O DHI A 6 1.88 -7.13 2.60
CB DHI A 6 -0.18 -5.52 4.60
CG DHI A 6 -0.11 -6.86 5.28
ND1 DHI A 6 -1.08 -7.83 5.12
CD2 DHI A 6 0.75 -7.35 6.19
CE1 DHI A 6 -0.81 -8.86 5.89
NE2 DHI A 6 0.29 -8.60 6.56
H DHI A 6 2.56 -5.36 4.99
HA DHI A 6 0.68 -4.24 3.09
HB2 DHI A 6 -0.18 -4.77 5.38
HB3 DHI A 6 -1.13 -5.45 4.08
HD1 DHI A 6 -1.88 -7.77 4.56
HD2 DHI A 6 1.61 -6.85 6.58
HE1 DHI A 6 -1.39 -9.76 5.97
HE2 DHI A 6 0.50 -9.03 7.41
N DLE A 7 0.33 -5.97 1.40
CA DLE A 7 0.35 -6.76 0.15
CB DLE A 7 0.39 -8.30 0.35
CG DLE A 7 -0.95 -9.03 0.63
CD1 DLE A 7 -1.65 -8.48 1.85
CD2 DLE A 7 -1.86 -8.98 -0.58
C DLE A 7 1.46 -6.27 -0.75
O DLE A 7 1.86 -6.93 -1.71
H DLE A 7 -0.27 -5.19 1.43
HA DLE A 7 -0.57 -6.51 -0.37
HB2 DLE A 7 0.82 -8.74 -0.54
HB3 DLE A 7 1.07 -8.51 1.17
HG DLE A 7 -0.73 -10.07 0.84
HD11 DLE A 7 -1.03 -8.64 2.73
HD12 DLE A 7 -2.60 -8.98 1.98
HD13 DLE A 7 -1.82 -7.41 1.72
HD21 DLE A 7 -2.08 -7.95 -0.83
HD22 DLE A 7 -2.78 -9.49 -0.36
HD23 DLE A 7 -1.36 -9.45 -1.42
N DLY A 8 1.90 -5.07 -0.48
CA DLY A 8 2.94 -4.47 -1.30
C DLY A 8 2.39 -3.28 -2.04
O DLY A 8 1.20 -2.99 -1.93
CB DLY A 8 4.20 -4.11 -0.49
CG DLY A 8 5.19 -5.26 -0.30
CD DLY A 8 4.65 -6.41 0.53
CE DLY A 8 5.64 -7.53 0.63
NZ DLY A 8 5.13 -8.67 1.41
H DLY A 8 1.51 -4.54 0.24
HA DLY A 8 3.20 -5.21 -2.04
HB2 DLY A 8 4.71 -3.31 -1.00
HB3 DLY A 8 3.89 -3.76 0.48
HG2 DLY A 8 5.45 -5.64 -1.27
HG3 DLY A 8 6.09 -4.88 0.17
HD2 DLY A 8 4.43 -6.04 1.53
HD3 DLY A 8 3.73 -6.76 0.08
HE2 DLY A 8 5.86 -7.87 -0.37
HE3 DLY A 8 6.54 -7.16 1.09
HZ1 DLY A 8 4.25 -9.06 1.01
HZ2 DLY A 8 4.95 -8.40 2.40
HZ3 DLY A 8 5.84 -9.43 1.44
N DLE A 9 3.23 -2.64 -2.80
CA DLE A 9 2.86 -1.48 -3.57
CB DLE A 9 3.94 -1.15 -4.67
CG DLE A 9 5.41 -0.71 -4.27
CD1 DLE A 9 5.47 0.68 -3.69
CD2 DLE A 9 6.10 -1.72 -3.33
C DLE A 9 2.51 -0.28 -2.66
O DLE A 9 2.78 -0.33 -1.47
H DLE A 9 4.14 -2.98 -2.86
HA DLE A 9 1.94 -1.75 -4.08
HB2 DLE A 9 4.04 -2.02 -5.29
HB3 DLE A 9 3.53 -0.36 -5.29
HG DLE A 9 5.99 -0.68 -5.19
HD11 DLE A 9 5.12 1.38 -4.42
HD12 DLE A 9 6.49 0.91 -3.42
HD13 DLE A 9 4.85 0.71 -2.81
HD21 DLE A 9 6.15 -2.68 -3.79
HD22 DLE A 9 5.56 -1.77 -2.40
HD23 DLE A 9 7.10 -1.37 -3.12
N DCY A 10 1.92 0.73 -3.22
CA DCY A 10 1.54 1.90 -2.47
C DCY A 10 2.21 3.11 -2.98
O DCY A 10 2.25 3.35 -4.20
CB DCY A 10 0.03 2.11 -2.45
SG DCY A 10 -0.52 3.84 -2.05
H DCY A 10 1.74 0.74 -4.18
HA DCY A 10 1.87 1.74 -1.44
HB2 DCY A 10 -0.39 1.84 -3.40
HB3 DCY A 10 -0.37 1.47 -1.68
N DLY A 11 2.77 3.84 -2.09
CA DLY A 11 3.32 5.11 -2.41
C DLY A 11 2.48 6.17 -1.72
O DLY A 11 2.08 7.18 -2.32
CB DLY A 11 4.78 5.18 -1.98
CG DLY A 11 5.47 6.50 -2.27
CD DLY A 11 5.35 6.86 -3.74
CE DLY A 11 6.04 8.17 -4.04
NZ DLY A 11 5.87 8.56 -5.44
H DLY A 11 2.81 3.50 -1.17
HA DLY A 11 3.24 5.24 -3.48
HB2 DLY A 11 4.84 4.98 -0.92
HB3 DLY A 11 5.30 4.39 -2.51
HG2 DLY A 11 4.99 7.26 -1.68
HG3 DLY A 11 6.51 6.43 -2.01
HD2 DLY A 11 5.81 6.09 -4.34
HD3 DLY A 11 4.31 6.95 -4.00
HE2 DLY A 11 5.61 8.94 -3.40
HE3 DLY A 11 7.09 8.07 -3.81
HZ1 DLY A 11 4.86 8.66 -5.68
HZ2 DLY A 11 6.29 7.87 -6.08
HZ3 DLY A 11 6.32 9.48 -5.61
N DGL A 12 2.16 5.92 -0.48
CA DGL A 12 1.36 6.78 0.33
C DGL A 12 0.92 5.94 1.50
O DGL A 12 1.70 5.11 2.00
CB DGL A 12 2.15 8.00 0.81
CG DGL A 12 1.33 8.98 1.66
CD DGL A 12 2.12 10.17 2.10
OE1 DGL A 12 2.16 11.18 1.36
OE2 DGL A 12 2.70 10.15 3.18
H DGL A 12 2.46 5.08 -0.05
HA DGL A 12 0.49 7.08 -0.24
HB2 DGL A 12 2.99 7.67 1.40
HB3 DGL A 12 2.52 8.54 -0.05
HG2 DGL A 12 0.50 9.33 1.06
HG3 DGL A 12 0.97 8.46 2.52
N DSG A 13 -0.30 6.13 1.96
CA DSG A 13 -0.83 5.35 3.06
C DSG A 13 0.05 5.51 4.30
O DSG A 13 0.37 4.55 4.97
CB DSG A 13 -2.33 5.66 3.36
CG DSG A 13 -2.62 7.05 3.91
OD1 DSG A 13 -1.91 8.01 3.62
ND2 DSG A 13 -3.67 7.18 4.67
H DSG A 13 -0.87 6.83 1.54
HA DSG A 13 -0.76 4.32 2.73
HB2 DSG A 13 -2.89 5.55 2.45
HB3 DSG A 13 -2.70 4.93 4.07
HD21 DSG A 13 -4.23 6.39 4.86
HD22 DSG A 13 -3.90 8.06 5.04
N DLY A 14 0.52 6.72 4.50
CA DLY A 14 1.37 7.07 5.63
C DLY A 14 2.77 6.48 5.49
O DLY A 14 3.52 6.39 6.48
CB DLY A 14 1.49 8.59 5.73
CG DLY A 14 0.17 9.30 5.95
CD DLY A 14 0.34 10.82 5.92
CE DLY A 14 1.29 11.32 7.00
NZ DLY A 14 1.45 12.79 6.93
H DLY A 14 0.25 7.42 3.87
HA DLY A 14 0.91 6.71 6.53
HB2 DLY A 14 2.16 8.83 6.54
HB3 DLY A 14 1.92 8.96 4.81
HG2 DLY A 14 -0.52 9.01 5.19
HG3 DLY A 14 -0.21 9.02 6.93
HD2 DLY A 14 0.74 11.08 4.95
HD3 DLY A 14 -0.62 11.27 6.05
HE2 DLY A 14 0.89 11.06 7.96
HE3 DLY A 14 2.25 10.86 6.86
HZ1 DLY A 14 0.55 13.27 7.11
HZ2 DLY A 14 1.81 13.08 6.00
HZ3 DLY A 14 2.14 13.10 7.65
N DAS A 15 3.14 6.09 4.29
CA DAS A 15 4.47 5.53 4.04
C DAS A 15 4.39 4.02 4.22
O DAS A 15 5.41 3.33 4.41
CB DAS A 15 4.95 5.90 2.62
CG DAS A 15 6.45 5.67 2.39
OD1 DAS A 15 7.26 6.60 2.64
OD2 DAS A 15 6.85 4.60 1.94
H DAS A 15 2.51 6.15 3.54
HA DAS A 15 5.15 5.93 4.78
HB2 DAS A 15 4.41 5.31 1.89
HB3 DAS A 15 4.75 6.95 2.45
N DCY A 16 3.19 3.50 4.17
CA DCY A 16 2.93 2.10 4.35
C DCY A 16 2.59 1.78 5.81
O DCY A 16 1.98 2.59 6.52
CB DCY A 16 1.83 1.65 3.42
SG DCY A 16 2.24 1.95 1.67
H DCY A 16 2.42 4.10 3.98
HA DCY A 16 3.84 1.57 4.10
HB2 DCY A 16 1.67 0.60 3.54
HB3 DCY A 16 0.93 2.19 3.63
N DCY A 17 2.96 0.60 6.24
CA DCY A 17 2.84 0.16 7.63
C DCY A 17 1.39 0.06 8.09
O DCY A 17 1.07 0.37 9.24
CB DCY A 17 3.53 -1.20 7.81
SG DCY A 17 5.23 -1.33 7.14
H DCY A 17 3.32 -0.05 5.60
HA DCY A 17 3.36 0.88 8.25
HB2 DCY A 17 3.58 -1.43 8.86
HB3 DCY A 17 2.93 -1.96 7.32
N DSN A 18 0.50 -0.35 7.21
CA DSN A 18 -0.88 -0.55 7.56
C DSN A 18 -1.69 0.74 7.35
O DSN A 18 -2.87 0.81 7.72
CB DSN A 18 -1.46 -1.71 6.76
OG DSN A 18 -1.34 -1.51 5.36
H DSN A 18 0.79 -0.57 6.29
HA DSN A 18 -0.92 -0.80 8.61
HB2 DSN A 18 -0.93 -2.60 7.03
HB3 DSN A 18 -2.51 -1.82 7.01
HG DSN A 18 -2.00 -2.10 4.95
N DLY A 19 -1.06 1.73 6.74
CA DLY A 19 -1.64 3.03 6.42
C DLY A 19 -2.91 2.87 5.54
O DLY A 19 -3.82 3.70 5.55
CB DLY A 19 -1.94 3.81 7.72
CG DLY A 19 -2.13 5.31 7.55
CD DLY A 19 -2.35 5.97 8.89
CE DLY A 19 -2.40 7.49 8.77
NZ DLY A 19 -2.54 8.16 10.08
H DLY A 19 -0.11 1.61 6.51
HA DLY A 19 -0.91 3.59 5.85
HB2 DLY A 19 -2.83 3.40 8.16
HB3 DLY A 19 -1.11 3.65 8.40
HG2 DLY A 19 -1.24 5.72 7.09
HG3 DLY A 19 -2.99 5.49 6.92
HD2 DLY A 19 -3.29 5.62 9.30
HD3 DLY A 19 -1.56 5.70 9.57
HE2 DLY A 19 -1.48 7.82 8.31
HE3 DLY A 19 -3.23 7.76 8.14
HZ1 DLY A 19 -1.77 7.90 10.73
HZ2 DLY A 19 -3.44 7.94 10.54
HZ3 DLY A 19 -2.52 9.19 9.97
N DLY A 20 -2.92 1.81 4.74
CA DLY A 20 -4.05 1.53 3.88
C DLY A 20 -3.64 1.36 2.42
O DLY A 20 -3.17 0.29 2.02
CB DLY A 20 -4.80 0.27 4.36
CG DLY A 20 -5.53 0.43 5.68
CD DLY A 20 -6.17 -0.89 6.14
CE DLY A 20 -5.11 -1.91 6.54
NZ DLY A 20 -5.70 -3.22 6.89
H DLY A 20 -2.15 1.21 4.73
HA DLY A 20 -4.72 2.36 3.96
HB2 DLY A 20 -5.52 -0.01 3.60
HB3 DLY A 20 -4.08 -0.53 4.46
HG2 DLY A 20 -4.83 0.75 6.43
HG3 DLY A 20 -6.31 1.17 5.58
HD2 DLY A 20 -6.81 -0.69 7.00
HD3 DLY A 20 -6.77 -1.29 5.34
HE2 DLY A 20 -4.42 -2.06 5.72
HE3 DLY A 20 -4.58 -1.53 7.39
HZ1 DLY A 20 -6.16 -3.65 6.06
HZ2 DLY A 20 -6.40 -3.15 7.65
HZ3 DLY A 20 -4.95 -3.88 7.20
N DCY A 21 -3.81 2.40 1.66
CA DCY A 21 -3.58 2.36 0.23
C DCY A 21 -4.89 2.05 -0.46
O DCY A 21 -5.80 2.87 -0.49
CB DCY A 21 -2.98 3.65 -0.32
SG DCY A 21 -1.19 3.79 -0.13
H DCY A 21 -4.12 3.25 2.06
HA DCY A 21 -2.90 1.54 0.04
HB2 DCY A 21 -3.22 3.76 -1.36
HB3 DCY A 21 -3.42 4.48 0.24
N DLY A 22 -4.99 0.87 -0.97
CA DLY A 22 -6.19 0.39 -1.59
C DLY A 22 -5.86 -0.10 -2.98
O DLY A 22 -5.00 -0.98 -3.13
CB DLY A 22 -6.73 -0.77 -0.75
CG DLY A 22 -7.22 -0.35 0.64
CD DLY A 22 -7.00 -1.43 1.69
CE DLY A 22 -7.61 -2.77 1.31
NZ DLY A 22 -7.36 -3.80 2.35
H DLY A 22 -4.21 0.27 -0.95
HA DLY A 22 -6.93 1.18 -1.63
HB2 DLY A 22 -7.55 -1.24 -1.27
HB3 DLY A 22 -5.94 -1.49 -0.62
HG2 DLY A 22 -6.68 0.53 0.94
HG3 DLY A 22 -8.28 -0.12 0.58
HD2 DLY A 22 -5.93 -1.57 1.83
HD3 DLY A 22 -7.44 -1.10 2.62
HE2 DLY A 22 -8.67 -2.66 1.17
HE3 DLY A 22 -7.16 -3.11 0.38
HZ1 DLY A 22 -7.90 -3.58 3.21
HZ2 DLY A 22 -6.36 -3.78 2.65
HZ3 DLY A 22 -7.60 -4.76 2.04
N DAR A 23 -6.47 0.45 -3.99
CA DAR A 23 -6.18 0.00 -5.35
CB DAR A 23 -6.10 1.12 -6.39
CG DAR A 23 -7.41 1.80 -6.77
CD DAR A 23 -7.20 2.76 -7.93
NE DAR A 23 -6.63 2.08 -9.11
CZ DAR A 23 -6.42 2.63 -10.32
NH1 DAR A 23 -6.80 3.88 -10.58
NH2 DAR A 23 -5.82 1.93 -11.26
C DAR A 23 -7.15 -1.08 -5.78
O DAR A 23 -6.78 -2.01 -6.48
H DAR A 23 -7.10 1.19 -3.83
HA DAR A 23 -5.21 -0.48 -5.28
HB2 DAR A 23 -5.45 1.89 -6.01
HB3 DAR A 23 -5.66 0.72 -7.29
HG2 DAR A 23 -8.11 1.04 -7.07
HG3 DAR A 23 -7.79 2.34 -5.91
HD2 DAR A 23 -8.15 3.18 -8.19
HD3 DAR A 23 -6.54 3.56 -7.61
HE DAR A 23 -6.36 1.14 -8.99
HH11 DAR A 23 -7.27 4.46 -9.90
HH12 DAR A 23 -6.68 4.29 -11.50
HH21 DAR A 23 -5.53 0.99 -11.11
HH22 DAR A 23 -5.66 2.32 -12.17
N DAR A 24 -8.39 -0.97 -5.36
CA DAR A 24 -9.41 -1.91 -5.76
CB DAR A 24 -10.77 -1.22 -5.93
CG DAR A 24 -10.78 -0.06 -6.92
CD DAR A 24 -10.33 -0.48 -8.32
NE DAR A 24 -11.16 -1.55 -8.88
CZ DAR A 24 -11.26 -1.84 -10.18
NH1 DAR A 24 -10.62 -1.10 -11.08
NH2 DAR A 24 -12.01 -2.86 -10.58
C DAR A 24 -9.51 -3.03 -4.76
O DAR A 24 -8.75 -3.09 -3.79
H DAR A 24 -8.63 -0.27 -4.71
HA DAR A 24 -9.11 -2.33 -6.71
HB2 DAR A 24 -11.50 -1.95 -6.26
HB3 DAR A 24 -11.08 -0.84 -4.97
HG2 DAR A 24 -11.79 0.32 -7.00
HG3 DAR A 24 -10.14 0.72 -6.57
HD2 DAR A 24 -10.39 0.38 -8.96
HD3 DAR A 24 -9.30 -0.83 -8.27
HE DAR A 24 -11.67 -2.08 -8.24
HH11 DAR A 24 -10.04 -0.31 -10.83
HH12 DAR A 24 -10.67 -1.28 -12.07
HH21 DAR A 24 -12.51 -3.42 -9.91
HH22 DAR A 24 -12.13 -3.11 -11.55
N GLY A 25 -10.47 -3.92 -4.97
CA GLY A 25 -10.63 -5.05 -4.09
C GLY A 25 -9.64 -6.13 -4.43
N DTH A 26 -10.04 -6.99 -5.37
CA DTH A 26 -9.26 -8.14 -5.92
CB DTH A 26 -8.90 -9.26 -4.88
CG2 DTH A 26 -7.68 -8.96 -4.01
OG1 DTH A 26 -10.04 -9.58 -4.06
C DTH A 26 -8.03 -7.70 -6.76
O DTH A 26 -7.38 -8.54 -7.41
H DTH A 26 -10.93 -6.86 -5.75
HA DTH A 26 -9.93 -8.59 -6.64
HB DTH A 26 -8.71 -10.15 -5.46
HG21 DTH A 26 -7.85 -8.05 -3.45
HG22 DTH A 26 -6.81 -8.83 -4.64
HG23 DTH A 26 -7.51 -9.77 -3.33
HG1 DTH A 26 -10.83 -9.30 -4.54
N DSG A 27 -7.75 -6.42 -6.79
CA DSG A 27 -6.66 -5.85 -7.58
C DSG A 27 -7.13 -4.58 -8.22
O DSG A 27 -8.26 -4.14 -7.97
CB DSG A 27 -5.40 -5.58 -6.73
CG DSG A 27 -4.70 -6.83 -6.26
OD1 DSG A 27 -4.93 -7.31 -5.16
ND2 DSG A 27 -3.83 -7.36 -7.08
H DSG A 27 -8.31 -5.80 -6.27
HA DSG A 27 -6.42 -6.56 -8.35
HB2 DSG A 27 -4.70 -5.00 -7.31
HB3 DSG A 27 -5.69 -5.00 -5.86
HD21 DSG A 27 -3.67 -6.92 -7.93
HD22 DSG A 27 -3.41 -8.23 -6.85
N DIL A 28 -6.30 -4.03 -9.09
CA DIL A 28 -6.60 -2.74 -9.73
C DIL A 28 -5.50 -1.71 -9.42
O DIL A 28 -5.66 -0.51 -9.66
CB DIL A 28 -6.76 -2.84 -11.30
CG1 DIL A 28 -8.08 -3.51 -11.76
CG2 DIL A 28 -5.55 -3.55 -11.92
CD1 DIL A 28 -8.20 -5.00 -11.51
H DIL A 28 -5.47 -4.50 -9.33
HA DIL A 28 -7.53 -2.38 -9.32
HB DIL A 28 -6.73 -1.81 -11.66
HG12 DIL A 28 -8.90 -3.04 -11.24
HG13 DIL A 28 -8.20 -3.34 -12.81
HG21 DIL A 28 -5.47 -4.54 -11.51
HG22 DIL A 28 -4.65 -2.99 -11.71
HG23 DIL A 28 -5.69 -3.61 -12.99
HD11 DIL A 28 -7.41 -5.51 -12.03
HD12 DIL A 28 -9.15 -5.36 -11.84
HD13 DIL A 28 -8.09 -5.18 -10.44
N DGL A 29 -4.42 -2.20 -8.86
CA DGL A 29 -3.24 -1.39 -8.63
C DGL A 29 -3.17 -0.83 -7.24
O DGL A 29 -3.69 -1.42 -6.30
CB DGL A 29 -2.01 -2.24 -8.85
CG DGL A 29 -1.86 -2.77 -10.25
CD DGL A 29 -0.72 -3.72 -10.34
OE1 DGL A 29 0.43 -3.26 -10.49
OE2 DGL A 29 -0.95 -4.93 -10.23
H DGL A 29 -4.43 -3.12 -8.53
HA DGL A 29 -3.23 -0.58 -9.36
HB2 DGL A 29 -1.14 -1.66 -8.61
HB3 DGL A 29 -2.05 -3.09 -8.17
HG2 DGL A 29 -2.77 -3.28 -10.53
HG3 DGL A 29 -1.69 -1.95 -10.93
N DLY A 30 -2.52 0.32 -7.12
CA DLY A 30 -2.28 0.98 -5.84
C DLY A 30 -1.39 0.10 -4.98
O DLY A 30 -0.17 0.00 -5.21
CB DLY A 30 -1.59 2.34 -6.06
CG DLY A 30 -2.47 3.39 -6.74
CD DLY A 30 -3.55 3.94 -5.81
CE DLY A 30 -2.96 4.81 -4.68
NZ DLY A 30 -2.27 6.01 -5.20
H DLY A 30 -2.17 0.74 -7.93
HA DLY A 30 -3.23 1.13 -5.34
HB2 DLY A 30 -1.28 2.72 -5.11
HB3 DLY A 30 -0.72 2.18 -6.68
HG2 DLY A 30 -1.83 4.21 -7.05
HG3 DLY A 30 -2.93 2.94 -7.60
HD2 DLY A 30 -4.25 4.51 -6.37
HD3 DLY A 30 -4.06 3.10 -5.35
HE2 DLY A 30 -3.78 5.12 -4.04
HE3 DLY A 30 -2.27 4.22 -4.10
HZ1 DLY A 30 -2.91 6.60 -5.77
HZ2 DLY A 30 -1.44 5.77 -5.78
HZ3 DLY A 30 -1.92 6.59 -4.42
N DAR A 31 -1.99 -0.56 -4.01
CA DAR A 31 -1.26 -1.45 -3.14
CB DAR A 31 -1.59 -2.93 -3.45
CG DAR A 31 -1.33 -3.34 -4.89
CD DAR A 31 -1.62 -4.82 -5.12
NE DAR A 31 -0.66 -5.68 -4.40
CZ DAR A 31 -0.73 -7.03 -4.36
NH1 DAR A 31 -1.77 -7.66 -4.86
NH2 DAR A 31 0.23 -7.73 -3.77
C DAR A 31 -1.59 -1.16 -1.68
O DAR A 31 -2.74 -0.83 -1.35
H DAR A 31 -2.95 -0.47 -3.87
HA DAR A 31 -0.20 -1.29 -3.30
HB2 DAR A 31 -1.00 -3.56 -2.81
HB3 DAR A 31 -2.64 -3.09 -3.23
HG2 DAR A 31 -1.98 -2.76 -5.54
HG3 DAR A 31 -0.30 -3.13 -5.13
HD2 DAR A 31 -2.62 -5.04 -4.77
HD3 DAR A 31 -1.55 -5.03 -6.18
HE DAR A 31 0.09 -5.21 -3.98
HH11 DAR A 31 -2.54 -7.19 -5.30
HH12 DAR A 31 -1.84 -8.66 -4.85
HH21 DAR A 31 1.03 -7.31 -3.32
HH22 DAR A 31 0.24 -8.74 -3.76
N DCY A 32 -0.62 -1.26 -0.84
CA DCY A 32 -0.81 -1.09 0.57
C DCY A 32 -1.12 -2.43 1.18
O DCY A 32 -0.29 -3.35 1.16
CB DCY A 32 0.40 -0.44 1.23
SG DCY A 32 0.64 1.26 0.67
H DCY A 32 0.28 -1.52 -1.15
HA DCY A 32 -1.68 -0.46 0.71
HB2 DCY A 32 0.25 -0.42 2.30
HB3 DCY A 32 1.29 -1.01 1.00
N DAR A 33 -2.33 -2.54 1.64
CA DAR A 33 -2.85 -3.77 2.18
CB DAR A 33 -3.70 -4.48 1.11
CG DAR A 33 -2.89 -5.03 -0.05
CD DAR A 33 -3.78 -5.50 -1.18
NE DAR A 33 -4.47 -4.38 -1.84
CZ DAR A 33 -5.61 -4.51 -2.53
NH1 DAR A 33 -6.21 -5.68 -2.61
NH2 DAR A 33 -6.12 -3.47 -3.16
C DAR A 33 -3.68 -3.45 3.40
O DAR A 33 -3.08 -3.25 4.47
OXT DAR A 33 -4.91 -3.35 3.29
H DAR A 33 -2.91 -1.76 1.67
HA DAR A 33 -2.02 -4.40 2.46
HB2 DAR A 33 -4.22 -5.31 1.58
HB3 DAR A 33 -4.44 -3.79 0.73
HG2 DAR A 33 -2.24 -4.25 -0.42
HG3 DAR A 33 -2.30 -5.86 0.31
HD2 DAR A 33 -3.17 -6.03 -1.90
HD3 DAR A 33 -4.51 -6.18 -0.77
HE DAR A 33 -4.04 -3.51 -1.77
HH11 DAR A 33 -5.85 -6.49 -2.16
HH12 DAR A 33 -7.08 -5.82 -3.12
HH21 DAR A 33 -5.68 -2.57 -3.15
HH22 DAR A 33 -7.00 -3.51 -3.65
N GLY A 1 11.88 8.20 6.00
CA GLY A 1 11.85 7.40 4.77
C GLY A 1 11.44 5.98 5.06
N DAS A 2 11.83 5.07 4.20
CA DAS A 2 11.45 3.66 4.36
C DAS A 2 10.01 3.48 3.95
O DAS A 2 9.66 3.66 2.77
CB DAS A 2 12.36 2.76 3.51
CG DAS A 2 12.03 1.28 3.64
OD1 DAS A 2 12.35 0.68 4.69
OD2 DAS A 2 11.50 0.71 2.69
H DAS A 2 12.36 5.33 3.43
HA DAS A 2 11.57 3.41 5.39
HB2 DAS A 2 12.25 3.03 2.47
HB3 DAS A 2 13.38 2.91 3.81
N DCY A 3 9.16 3.19 4.91
CA DCY A 3 7.74 3.08 4.66
C DCY A 3 7.40 1.88 3.76
O DCY A 3 8.13 0.88 3.74
CB DCY A 3 6.95 3.04 5.99
SG DCY A 3 7.40 1.71 7.16
H DCY A 3 9.50 3.04 5.82
HA DCY A 3 7.45 3.96 4.13
HB2 DCY A 3 7.09 3.97 6.51
HB3 DCY A 3 5.90 2.93 5.77
N DLE A 4 6.36 2.04 2.95
CA DLE A 4 5.91 1.00 2.04
CB DLE A 4 4.79 1.55 1.15
CG DLE A 4 5.19 2.74 0.27
CD1 DLE A 4 5.96 2.28 -0.95
CD2 DLE A 4 3.99 3.59 -0.09
C DLE A 4 5.41 -0.21 2.84
O DLE A 4 4.73 -0.03 3.86
H DLE A 4 5.86 2.88 2.98
HA DLE A 4 6.75 0.74 1.43
HB2 DLE A 4 4.48 0.76 0.49
HB3 DLE A 4 3.94 1.84 1.74
HG DLE A 4 5.87 3.35 0.85
HD11 DLE A 4 6.87 1.80 -0.65
HD12 DLE A 4 6.20 3.13 -1.58
HD13 DLE A 4 5.37 1.59 -1.53
HD21 DLE A 4 3.62 4.08 0.80
HD22 DLE A 4 3.21 2.96 -0.48
HD23 DLE A 4 4.27 4.33 -0.83
N DPR A 5 5.76 -1.43 2.42
CA DPR A 5 5.40 -2.66 3.14
CB DPR A 5 6.28 -3.75 2.49
CG DPR A 5 7.23 -3.02 1.61
CD DPR A 5 6.54 -1.76 1.21
C DPR A 5 3.91 -3.02 3.01
O DPR A 5 3.15 -2.40 2.25
HA DPR A 5 5.64 -2.58 4.19
HB2 DPR A 5 6.78 -4.31 3.26
HB3 DPR A 5 5.65 -4.42 1.92
HG2 DPR A 5 8.13 -2.79 2.17
HG3 DPR A 5 7.48 -3.61 0.75
HD2 DPR A 5 7.28 -1.01 0.96
HD3 DPR A 5 5.89 -1.94 0.37
N DHI A 6 3.52 -4.04 3.72
CA DHI A 6 2.15 -4.49 3.76
C DHI A 6 1.91 -5.52 2.66
O DHI A 6 2.73 -6.41 2.45
CB DHI A 6 1.84 -5.08 5.14
CG DHI A 6 0.40 -5.40 5.34
ND1 DHI A 6 -0.11 -6.67 5.27
CD2 DHI A 6 -0.64 -4.59 5.57
CE1 DHI A 6 -1.41 -6.62 5.45
NE2 DHI A 6 -1.76 -5.36 5.64
H DHI A 6 4.19 -4.55 4.23
HA DHI A 6 1.52 -3.62 3.60
HB2 DHI A 6 2.40 -6.00 5.27
HB3 DHI A 6 2.13 -4.38 5.91
HD1 DHI A 6 0.40 -7.49 5.11
HD2 DHI A 6 -0.60 -3.51 5.69
HE1 DHI A 6 -2.09 -7.46 5.44
HE2 DHI A 6 -2.61 -4.96 5.30
N DLE A 7 0.79 -5.36 1.95
CA DLE A 7 0.38 -6.23 0.83
CB DLE A 7 0.21 -7.71 1.24
CG DLE A 7 -0.93 -7.99 2.22
CD1 DLE A 7 -2.26 -7.54 1.64
CD2 DLE A 7 -1.00 -9.46 2.57
C DLE A 7 1.36 -6.03 -0.31
O DLE A 7 1.62 -6.94 -1.08
H DLE A 7 0.20 -4.59 2.10
HA DLE A 7 -0.57 -5.84 0.48
HB2 DLE A 7 0.05 -8.28 0.34
HB3 DLE A 7 1.13 -8.03 1.69
HG DLE A 7 -0.77 -7.43 3.13
HD11 DLE A 7 -3.05 -7.82 2.33
HD12 DLE A 7 -2.42 -8.02 0.68
HD13 DLE A 7 -2.26 -6.46 1.52
HD21 DLE A 7 -0.08 -9.76 3.05
HD22 DLE A 7 -1.13 -10.04 1.66
HD23 DLE A 7 -1.83 -9.64 3.23
N DLY A 8 1.78 -4.81 -0.44
CA DLY A 8 2.81 -4.44 -1.39
C DLY A 8 2.40 -3.14 -2.02
O DLY A 8 1.48 -2.50 -1.53
CB DLY A 8 4.14 -4.23 -0.63
CG DLY A 8 5.42 -4.21 -1.49
CD DLY A 8 6.06 -5.60 -1.66
CE DLY A 8 5.13 -6.60 -2.34
NZ DLY A 8 5.78 -7.92 -2.49
H DLY A 8 1.33 -4.11 0.09
HA DLY A 8 2.92 -5.21 -2.13
HB2 DLY A 8 4.09 -3.27 -0.13
HB3 DLY A 8 4.25 -5.01 0.12
HG2 DLY A 8 5.18 -3.82 -2.47
HG3 DLY A 8 6.14 -3.55 -1.02
HD2 DLY A 8 6.95 -5.49 -2.26
HD3 DLY A 8 6.33 -5.96 -0.68
HE2 DLY A 8 4.25 -6.73 -1.71
HE3 DLY A 8 4.84 -6.23 -3.30
HZ1 DLY A 8 6.10 -8.30 -1.58
HZ2 DLY A 8 6.60 -7.87 -3.13
HZ3 DLY A 8 5.11 -8.60 -2.89
N DLE A 9 3.04 -2.77 -3.13
CA DLE A 9 2.81 -1.50 -3.83
CB DLE A 9 3.88 -1.29 -4.94
CG DLE A 9 5.39 -1.55 -4.56
CD1 DLE A 9 6.25 -1.43 -5.79
CD2 DLE A 9 5.90 -0.59 -3.49
C DLE A 9 2.72 -0.27 -2.91
O DLE A 9 3.31 -0.22 -1.82
H DLE A 9 3.69 -3.38 -3.53
HA DLE A 9 1.85 -1.59 -4.33
HB2 DLE A 9 3.64 -1.96 -5.75
HB3 DLE A 9 3.80 -0.28 -5.29
HG DLE A 9 5.48 -2.56 -4.20
HD11 DLE A 9 6.15 -0.44 -6.21
HD12 DLE A 9 5.95 -2.16 -6.52
HD13 DLE A 9 7.28 -1.59 -5.52
HD21 DLE A 9 6.94 -0.78 -3.29
HD22 DLE A 9 5.33 -0.75 -2.58
HD23 DLE A 9 5.77 0.43 -3.81
N DCY A 10 1.98 0.69 -3.33
CA DCY A 10 1.81 1.91 -2.61
C DCY A 10 1.60 3.07 -3.57
O DCY A 10 1.44 2.85 -4.78
CB DCY A 10 0.65 1.78 -1.60
SG DCY A 10 0.39 3.23 -0.50
H DCY A 10 1.49 0.61 -4.18
HA DCY A 10 2.73 2.07 -2.06
HB2 DCY A 10 -0.28 1.64 -2.15
HB3 DCY A 10 0.80 0.91 -0.97
N DLY A 11 1.59 4.25 -3.03
CA DLY A 11 1.38 5.47 -3.77
C DLY A 11 0.84 6.52 -2.80
O DLY A 11 -0.04 7.31 -3.12
CB DLY A 11 2.69 5.93 -4.42
CG DLY A 11 2.56 7.15 -5.32
CD DLY A 11 1.71 6.85 -6.54
CE DLY A 11 1.44 8.10 -7.36
NZ DLY A 11 0.61 9.08 -6.62
H DLY A 11 1.69 4.30 -2.06
HA DLY A 11 0.64 5.27 -4.54
HB2 DLY A 11 3.40 6.17 -3.64
HB3 DLY A 11 3.10 5.12 -5.00
HG2 DLY A 11 2.09 7.95 -4.76
HG3 DLY A 11 3.54 7.47 -5.65
HD2 DLY A 11 2.24 6.14 -7.17
HD3 DLY A 11 0.77 6.42 -6.23
HE2 DLY A 11 2.37 8.56 -7.63
HE3 DLY A 11 0.91 7.81 -8.27
HZ1 DLY A 11 1.06 9.39 -5.74
HZ2 DLY A 11 -0.34 8.70 -6.40
HZ3 DLY A 11 0.45 9.92 -7.21
N DGL A 12 1.40 6.51 -1.60
CA DGL A 12 0.97 7.37 -0.53
C DGL A 12 0.61 6.49 0.66
O DGL A 12 1.49 5.76 1.20
CB DGL A 12 2.09 8.36 -0.17
CG DGL A 12 1.79 9.26 1.02
CD DGL A 12 0.61 10.16 0.77
OE1 DGL A 12 0.83 11.35 0.49
OE2 DGL A 12 -0.53 9.70 0.87
H DGL A 12 2.15 5.90 -1.41
HA DGL A 12 0.10 7.91 -0.86
HB2 DGL A 12 2.98 7.80 0.06
HB3 DGL A 12 2.28 8.98 -1.03
HG2 DGL A 12 1.56 8.65 1.87
HG3 DGL A 12 2.66 9.87 1.23
N DSG A 13 -0.64 6.56 1.10
CA DSG A 13 -1.12 5.72 2.20
C DSG A 13 -0.33 6.03 3.45
O DSG A 13 0.10 5.14 4.15
CB DSG A 13 -2.65 5.81 2.47
CG DSG A 13 -3.14 7.15 3.05
OD1 DSG A 13 -2.61 8.22 2.75
ND2 DSG A 13 -4.13 7.09 3.90
H DSG A 13 -1.26 7.22 0.70
HA DSG A 13 -0.87 4.70 1.92
HB2 DSG A 13 -3.17 5.65 1.53
HB3 DSG A 13 -2.93 5.02 3.16
HD21 DSG A 13 -4.50 6.21 4.13
HD22 DSG A 13 -4.46 7.93 4.28
N DLY A 14 -0.08 7.30 3.65
CA DLY A 14 0.66 7.82 4.79
C DLY A 14 2.08 7.28 4.80
O DLY A 14 2.68 7.09 5.85
CB DLY A 14 0.69 9.33 4.68
CG DLY A 14 1.27 10.04 5.89
CD DLY A 14 1.57 11.50 5.57
CE DLY A 14 0.35 12.22 5.02
NZ DLY A 14 0.64 13.63 4.69
H DLY A 14 -0.43 7.92 2.99
HA DLY A 14 0.14 7.53 5.70
HB2 DLY A 14 1.28 9.61 3.82
HB3 DLY A 14 -0.32 9.68 4.54
HG2 DLY A 14 0.57 9.99 6.70
HG3 DLY A 14 2.19 9.55 6.17
HD2 DLY A 14 1.87 12.00 6.48
HD3 DLY A 14 2.37 11.55 4.86
HE2 DLY A 14 0.06 11.73 4.11
HE3 DLY A 14 -0.46 12.16 5.72
HZ1 DLY A 14 1.45 13.69 4.05
HZ2 DLY A 14 0.85 14.15 5.56
HZ3 DLY A 14 -0.19 14.05 4.23
N DAS A 15 2.59 7.01 3.63
CA DAS A 15 3.97 6.58 3.47
C DAS A 15 4.10 5.08 3.69
O DAS A 15 5.18 4.58 3.96
CB DAS A 15 4.50 7.00 2.09
CG DAS A 15 5.99 6.79 1.92
OD1 DAS A 15 6.78 7.35 2.72
OD2 DAS A 15 6.40 6.14 0.95
H DAS A 15 2.03 7.07 2.84
HA DAS A 15 4.55 7.09 4.23
HB2 DAS A 15 4.00 6.40 1.34
HB3 DAS A 15 4.27 8.04 1.92
N DCY A 16 2.99 4.37 3.58
CA DCY A 16 2.98 2.95 3.91
C DCY A 16 3.06 2.74 5.42
O DCY A 16 2.50 3.52 6.19
CB DCY A 16 1.74 2.24 3.37
SG DCY A 16 1.62 0.51 3.98
H DCY A 16 2.19 4.82 3.23
HA DCY A 16 3.87 2.51 3.49
HB2 DCY A 16 0.86 2.76 3.69
HB3 DCY A 16 1.76 2.20 2.29
N DCY A 17 3.73 1.66 5.84
CA DCY A 17 3.89 1.33 7.26
C DCY A 17 2.52 1.05 7.89
O DCY A 17 2.29 1.36 9.06
CB DCY A 17 4.78 0.09 7.42
SG DCY A 17 6.37 0.10 6.50
H DCY A 17 4.10 1.05 5.16
HA DCY A 17 4.35 2.17 7.75
HB2 DCY A 17 5.03 -0.02 8.47
HB3 DCY A 17 4.22 -0.78 7.11
N DSN A 18 1.61 0.48 7.11
CA DSN A 18 0.28 0.14 7.58
C DSN A 18 -0.70 1.29 7.34
O DSN A 18 -1.77 1.34 7.94
CB DSN A 18 -0.20 -1.10 6.85
OG DSN A 18 0.78 -2.13 6.91
H DSN A 18 1.84 0.25 6.18
HA DSN A 18 0.34 -0.07 8.64
HB2 DSN A 18 -1.11 -1.47 7.30
HB3 DSN A 18 -0.39 -0.86 5.82
HG DSN A 18 1.39 -1.94 7.63
N DLY A 19 -0.30 2.23 6.47
CA DLY A 19 -1.11 3.40 6.07
C DLY A 19 -2.47 3.08 5.41
O DLY A 19 -3.32 3.96 5.31
CB DLY A 19 -1.27 4.41 7.23
CG DLY A 19 0.01 5.13 7.58
CD DLY A 19 -0.17 6.13 8.71
CE DLY A 19 -1.12 7.26 8.36
NZ DLY A 19 -1.22 8.27 9.43
H DLY A 19 0.61 2.17 6.09
HA DLY A 19 -0.53 3.89 5.31
HB2 DLY A 19 -2.02 5.14 6.94
HB3 DLY A 19 -1.63 3.88 8.11
HG2 DLY A 19 0.76 4.40 7.88
HG3 DLY A 19 0.36 5.65 6.70
HD2 DLY A 19 -0.56 5.60 9.58
HD3 DLY A 19 0.80 6.55 8.97
HE2 DLY A 19 -0.79 7.75 7.45
HE3 DLY A 19 -2.11 6.84 8.18
HZ1 DLY A 19 -1.92 9.01 9.19
HZ2 DLY A 19 -0.30 8.74 9.56
HZ3 DLY A 19 -1.50 7.85 10.34
N DLY A 20 -2.64 1.89 4.91
CA DLY A 20 -3.90 1.51 4.28
C DLY A 20 -3.66 1.17 2.83
O DLY A 20 -3.21 0.08 2.54
CB DLY A 20 -4.52 0.31 5.01
CG DLY A 20 -4.77 0.52 6.49
CD DLY A 20 -5.41 -0.69 7.16
CE DLY A 20 -4.54 -1.94 7.04
NZ DLY A 20 -5.11 -3.09 7.77
H DLY A 20 -1.90 1.24 4.91
HA DLY A 20 -4.57 2.35 4.35
HB2 DLY A 20 -5.46 0.05 4.53
HB3 DLY A 20 -3.85 -0.53 4.90
HG2 DLY A 20 -3.84 0.74 6.98
HG3 DLY A 20 -5.44 1.37 6.61
HD2 DLY A 20 -5.55 -0.48 8.22
HD3 DLY A 20 -6.37 -0.89 6.71
HE2 DLY A 20 -4.45 -2.21 6.00
HE3 DLY A 20 -3.56 -1.73 7.44
HZ1 DLY A 20 -5.17 -2.88 8.80
HZ2 DLY A 20 -4.53 -3.94 7.65
HZ3 DLY A 20 -6.07 -3.31 7.43
N DCY A 21 -3.95 2.07 1.94
CA DCY A 21 -3.66 1.84 0.54
C DCY A 21 -4.90 1.93 -0.29
O DCY A 21 -5.78 2.75 -0.02
CB DCY A 21 -2.58 2.80 0.03
SG DCY A 21 -0.97 2.63 0.87
H DCY A 21 -4.42 2.89 2.18
HA DCY A 21 -3.29 0.83 0.45
HB2 DCY A 21 -2.41 2.62 -1.02
HB3 DCY A 21 -2.92 3.82 0.16
N DLY A 22 -4.99 1.06 -1.27
CA DLY A 22 -6.12 1.01 -2.13
C DLY A 22 -5.72 0.24 -3.38
O DLY A 22 -4.74 -0.51 -3.36
CB DLY A 22 -7.22 0.22 -1.41
CG DLY A 22 -8.61 0.36 -2.00
CD DLY A 22 -9.51 -0.76 -1.52
CE DLY A 22 -9.62 -0.83 -0.02
NZ DLY A 22 -10.36 -2.01 0.43
H DLY A 22 -4.26 0.42 -1.42
HA DLY A 22 -6.48 2.00 -2.36
HB2 DLY A 22 -6.96 -0.83 -1.42
HB3 DLY A 22 -7.25 0.56 -0.38
HG2 DLY A 22 -9.01 1.31 -1.67
HG3 DLY A 22 -8.53 0.34 -3.08
HD2 DLY A 22 -10.51 -0.60 -1.93
HD3 DLY A 22 -9.12 -1.70 -1.89
HE2 DLY A 22 -8.62 -0.87 0.40
HE3 DLY A 22 -10.10 0.06 0.35
HZ1 DLY A 22 -9.87 -2.88 0.11
HZ2 DLY A 22 -11.32 -2.02 0.04
HZ3 DLY A 22 -10.41 -2.06 1.46
N DAR A 23 -6.44 0.43 -4.44
CA DAR A 23 -6.25 -0.34 -5.65
CB DAR A 23 -6.38 0.58 -6.90
CG DAR A 23 -5.94 -0.07 -8.21
CD DAR A 23 -6.29 0.76 -9.43
NE DAR A 23 -5.74 2.11 -9.40
CZ DAR A 23 -4.88 2.62 -10.30
NH1 DAR A 23 -4.26 1.82 -11.16
NH2 DAR A 23 -4.61 3.92 -10.30
C DAR A 23 -7.37 -1.39 -5.66
O DAR A 23 -8.18 -1.42 -4.73
H DAR A 23 -7.16 1.10 -4.43
HA DAR A 23 -5.28 -0.82 -5.63
HB2 DAR A 23 -7.41 0.86 -7.00
HB3 DAR A 23 -5.79 1.47 -6.74
HG2 DAR A 23 -4.87 -0.20 -8.19
HG3 DAR A 23 -6.41 -1.04 -8.31
HD2 DAR A 23 -5.92 0.26 -10.31
HD3 DAR A 23 -7.36 0.83 -9.50
HE DAR A 23 -6.12 2.66 -8.68
HH11 DAR A 23 -4.40 0.82 -11.17
HH12 DAR A 23 -3.63 2.13 -11.88
HH21 DAR A 23 -5.01 4.55 -9.64
HH22 DAR A 23 -3.98 4.32 -10.97
N DAR A 24 -7.40 -2.26 -6.68
CA DAR A 24 -8.49 -3.22 -6.92
CB DAR A 24 -9.89 -2.56 -6.83
CG DAR A 24 -10.08 -1.32 -7.70
CD DAR A 24 -9.78 -1.59 -9.16
NE DAR A 24 -9.85 -0.36 -9.96
CZ DAR A 24 -9.26 -0.18 -11.14
NH1 DAR A 24 -8.56 -1.16 -11.69
NH2 DAR A 24 -9.36 1.00 -11.76
C DAR A 24 -8.37 -4.39 -5.97
O DAR A 24 -7.33 -4.60 -5.33
H DAR A 24 -6.62 -2.33 -7.27
HA DAR A 24 -8.35 -3.60 -7.92
HB2 DAR A 24 -10.63 -3.29 -7.14
HB3 DAR A 24 -10.08 -2.29 -5.81
HG2 DAR A 24 -11.10 -0.98 -7.61
HG3 DAR A 24 -9.42 -0.55 -7.34
HD2 DAR A 24 -8.78 -1.98 -9.24
HD3 DAR A 24 -10.49 -2.30 -9.55
HE DAR A 24 -10.38 0.36 -9.54
HH11 DAR A 24 -8.45 -2.06 -11.27
HH12 DAR A 24 -8.11 -1.03 -12.58
HH21 DAR A 24 -9.86 1.78 -11.38
HH22 DAR A 24 -8.93 1.15 -12.66
N GLY A 25 -9.41 -5.21 -5.94
CA GLY A 25 -9.45 -6.34 -5.05
C GLY A 25 -8.67 -7.51 -5.61
N DTH A 26 -7.39 -7.34 -5.70
CA DTH A 26 -6.52 -8.38 -6.18
CB DTH A 26 -5.93 -9.16 -4.97
CG2 DTH A 26 -5.06 -8.25 -4.09
OG1 DTH A 26 -7.00 -9.70 -4.18
C DTH A 26 -5.36 -7.83 -7.02
O DTH A 26 -4.49 -8.59 -7.44
H DTH A 26 -7.02 -6.46 -5.46
HA DTH A 26 -7.10 -9.08 -6.76
HB DTH A 26 -5.31 -9.97 -5.34
HG21 DTH A 26 -4.67 -8.82 -3.26
HG22 DTH A 26 -5.66 -7.45 -3.70
HG23 DTH A 26 -4.25 -7.84 -4.67
HG1 DTH A 26 -7.82 -9.35 -4.52
N DSG A 27 -5.37 -6.54 -7.30
CA DSG A 27 -4.25 -5.95 -8.02
C DSG A 27 -4.68 -4.65 -8.71
O DSG A 27 -5.57 -3.95 -8.21
CB DSG A 27 -3.08 -5.69 -7.05
CG DSG A 27 -1.78 -5.40 -7.75
OD1 DSG A 27 -1.46 -4.27 -8.04
ND2 DSG A 27 -1.01 -6.43 -8.01
H DSG A 27 -6.13 -5.96 -7.10
HA DSG A 27 -3.94 -6.66 -8.78
HB2 DSG A 27 -3.33 -4.86 -6.42
HB3 DSG A 27 -2.95 -6.58 -6.43
HD21 DSG A 27 -1.32 -7.32 -7.76
HD22 DSG A 27 -0.15 -6.27 -8.45
N DIL A 28 -4.06 -4.34 -9.83
CA DIL A 28 -4.42 -3.17 -10.62
C DIL A 28 -3.61 -1.92 -10.22
O DIL A 28 -3.87 -0.81 -10.66
CB DIL A 28 -4.23 -3.47 -12.15
CG1 DIL A 28 -2.75 -3.62 -12.51
CG2 DIL A 28 -4.92 -2.42 -13.03
CD1 DIL A 28 -2.49 -4.01 -13.94
H DIL A 28 -3.34 -4.93 -10.15
HA DIL A 28 -5.44 -2.90 -10.44
HB DIL A 28 -4.73 -4.40 -12.34
HG12 DIL A 28 -2.24 -2.69 -12.33
HG13 DIL A 28 -2.30 -4.39 -11.87
HG21 DIL A 28 -4.77 -2.67 -14.07
HG22 DIL A 28 -4.50 -1.45 -12.83
HG23 DIL A 28 -5.97 -2.40 -12.81
HD11 DIL A 28 -1.42 -4.09 -14.10
HD12 DIL A 28 -2.89 -3.25 -14.60
HD13 DIL A 28 -2.95 -4.96 -14.16
N DGL A 29 -2.64 -2.10 -9.36
CA DGL A 29 -1.86 -0.99 -8.89
C DGL A 29 -2.29 -0.65 -7.47
O DGL A 29 -3.00 -1.42 -6.83
CB DGL A 29 -0.36 -1.31 -8.90
CG DGL A 29 0.21 -1.64 -10.27
CD DGL A 29 1.69 -1.95 -10.20
OE1 DGL A 29 2.07 -3.13 -10.02
OE2 DGL A 29 2.51 -1.01 -10.34
H DGL A 29 -2.44 -2.99 -8.99
HA DGL A 29 -2.05 -0.15 -9.54
HB2 DGL A 29 0.18 -0.45 -8.51
HB3 DGL A 29 -0.19 -2.15 -8.25
HG2 DGL A 29 -0.31 -2.51 -10.66
HG3 DGL A 29 0.06 -0.81 -10.93
N DLY A 30 -1.90 0.52 -7.01
CA DLY A 30 -2.14 0.90 -5.64
C DLY A 30 -1.30 0.04 -4.75
O DLY A 30 -0.09 -0.05 -4.93
CB DLY A 30 -1.74 2.36 -5.40
CG DLY A 30 -2.64 3.43 -5.99
CD DLY A 30 -3.97 3.47 -5.28
CE DLY A 30 -4.76 4.71 -5.71
NZ DLY A 30 -6.06 4.79 -5.01
H DLY A 30 -1.43 1.14 -7.61
HA DLY A 30 -3.19 0.77 -5.41
HB2 DLY A 30 -1.70 2.53 -4.33
HB3 DLY A 30 -0.74 2.51 -5.79
HG2 DLY A 30 -2.16 4.38 -5.90
HG3 DLY A 30 -2.81 3.21 -7.03
HD2 DLY A 30 -4.54 2.60 -5.52
HD3 DLY A 30 -3.81 3.52 -4.21
HE2 DLY A 30 -4.18 5.59 -5.47
HE3 DLY A 30 -4.93 4.67 -6.77
HZ1 DLY A 30 -5.93 4.76 -3.98
HZ2 DLY A 30 -6.69 4.03 -5.32
HZ3 DLY A 30 -6.51 5.69 -5.24
N DAR A 31 -1.90 -0.62 -3.80
CA DAR A 31 -1.15 -1.37 -2.84
CB DAR A 31 -1.28 -2.89 -3.00
CG DAR A 31 -0.58 -3.50 -4.18
CD DAR A 31 -0.58 -5.01 -4.04
NE DAR A 31 0.25 -5.69 -5.01
CZ DAR A 31 0.62 -6.98 -4.91
NH1 DAR A 31 0.36 -7.67 -3.80
NH2 DAR A 31 1.27 -7.55 -5.89
C DAR A 31 -1.59 -1.02 -1.47
O DAR A 31 -2.72 -0.60 -1.26
H DAR A 31 -2.88 -0.60 -3.75
HA DAR A 31 -0.11 -1.10 -2.96
HB2 DAR A 31 -0.84 -3.32 -2.12
HB3 DAR A 31 -2.33 -3.18 -3.00
HG2 DAR A 31 -1.10 -3.23 -5.10
HG3 DAR A 31 0.44 -3.16 -4.22
HD2 DAR A 31 -0.22 -5.26 -3.05
HD3 DAR A 31 -1.60 -5.35 -4.12
HE DAR A 31 0.51 -5.16 -5.80
HH11 DAR A 31 -0.11 -7.29 -2.99
HH12 DAR A 31 0.62 -8.63 -3.71
HH21 DAR A 31 1.52 -7.06 -6.73
HH22 DAR A 31 1.56 -8.51 -5.83
N DCY A 32 -0.69 -1.17 -0.56
CA DCY A 32 -1.01 -1.02 0.81
C DCY A 32 -1.45 -2.39 1.24
O DCY A 32 -0.73 -3.36 1.05
CB DCY A 32 0.21 -0.57 1.60
SG DCY A 32 -0.15 -0.15 3.33
H DCY A 32 0.21 -1.45 -0.81
HA DCY A 32 -1.81 -0.32 0.91
HB2 DCY A 32 0.96 -1.35 1.61
HB3 DCY A 32 0.65 0.31 1.15
N DAR A 33 -2.67 -2.47 1.74
CA DAR A 33 -3.29 -3.72 2.11
CB DAR A 33 -4.25 -4.21 1.00
CG DAR A 33 -3.59 -4.55 -0.33
CD DAR A 33 -4.61 -5.04 -1.34
NE DAR A 33 -5.59 -4.02 -1.73
CZ DAR A 33 -6.85 -4.27 -2.13
NH1 DAR A 33 -7.36 -5.49 -2.02
NH2 DAR A 33 -7.58 -3.30 -2.63
C DAR A 33 -4.05 -3.53 3.38
O DAR A 33 -3.63 -4.04 4.43
OXT DAR A 33 -5.09 -2.84 3.36
H DAR A 33 -3.17 -1.65 1.91
HA DAR A 33 -2.51 -4.46 2.25
HB2 DAR A 33 -4.75 -5.10 1.35
HB3 DAR A 33 -4.99 -3.45 0.82
HG2 DAR A 33 -3.13 -3.65 -0.72
HG3 DAR A 33 -2.84 -5.31 -0.18
HD2 DAR A 33 -4.09 -5.38 -2.22
HD3 DAR A 33 -5.13 -5.88 -0.90
HE DAR A 33 -5.26 -3.09 -1.71
HH11 DAR A 33 -6.86 -6.26 -1.63
HH12 DAR A 33 -8.31 -5.71 -2.30
HH21 DAR A 33 -7.27 -2.35 -2.74
HH22 DAR A 33 -8.52 -3.46 -2.97
N GLY A 1 11.70 0.83 10.78
CA GLY A 1 11.02 1.88 10.05
C GLY A 1 10.83 1.47 8.61
N DAS A 2 11.47 2.17 7.70
CA DAS A 2 11.35 1.83 6.29
C DAS A 2 10.08 2.38 5.71
O DAS A 2 10.05 3.50 5.20
CB DAS A 2 12.55 2.23 5.44
CG DAS A 2 13.73 1.35 5.70
OD1 DAS A 2 14.69 1.79 6.37
OD2 DAS A 2 13.72 0.18 5.26
H DAS A 2 12.03 2.93 7.96
HA DAS A 2 11.25 0.76 6.26
HB2 DAS A 2 12.29 2.16 4.40
HB3 DAS A 2 12.82 3.25 5.67
N DCY A 3 9.06 1.61 5.86
CA DCY A 3 7.78 1.91 5.33
C DCY A 3 7.41 0.83 4.34
O DCY A 3 8.09 -0.22 4.29
CB DCY A 3 6.76 2.00 6.49
SG DCY A 3 6.82 0.60 7.67
H DCY A 3 9.17 0.79 6.38
HA DCY A 3 7.82 2.87 4.82
HB2 DCY A 3 6.93 2.91 7.05
HB3 DCY A 3 5.77 2.03 6.06
N DLE A 4 6.43 1.08 3.53
CA DLE A 4 5.97 0.07 2.58
CB DLE A 4 5.24 0.71 1.40
CG DLE A 4 6.11 1.33 0.28
CD1 DLE A 4 5.26 2.06 -0.72
CD2 DLE A 4 7.19 2.26 0.82
C DLE A 4 5.11 -0.95 3.32
O DLE A 4 4.13 -0.57 3.97
H DLE A 4 5.98 1.95 3.54
HA DLE A 4 6.87 -0.40 2.22
HB2 DLE A 4 4.62 -0.05 0.94
HB3 DLE A 4 4.58 1.49 1.77
HG DLE A 4 6.59 0.52 -0.26
HD11 DLE A 4 4.71 2.85 -0.23
HD12 DLE A 4 4.55 1.36 -1.16
HD13 DLE A 4 5.87 2.47 -1.50
HD21 DLE A 4 6.72 3.10 1.31
HD22 DLE A 4 7.79 2.62 -0.01
HD23 DLE A 4 7.81 1.72 1.52
N DPR A 5 5.45 -2.24 3.24
CA DPR A 5 4.78 -3.29 4.03
CB DPR A 5 5.70 -4.52 3.84
CG DPR A 5 6.91 -4.02 3.13
CD DPR A 5 6.47 -2.82 2.35
C DPR A 5 3.36 -3.61 3.53
O DPR A 5 2.86 -2.99 2.58
HA DPR A 5 4.74 -3.03 5.07
HB2 DPR A 5 5.97 -4.92 4.81
HB3 DPR A 5 5.20 -5.27 3.26
HG2 DPR A 5 7.67 -3.72 3.84
HG3 DPR A 5 7.29 -4.77 2.46
HD2 DPR A 5 7.30 -2.17 2.17
HD3 DPR A 5 6.02 -3.12 1.42
N DHI A 6 2.72 -4.56 4.18
CA DHI A 6 1.39 -4.98 3.78
C DHI A 6 1.51 -5.86 2.55
O DHI A 6 2.50 -6.57 2.41
CB DHI A 6 0.62 -5.75 4.89
CG DHI A 6 1.03 -7.19 5.14
ND1 DHI A 6 0.45 -8.25 4.46
CD2 DHI A 6 1.92 -7.73 6.00
CE1 DHI A 6 0.97 -9.37 4.91
NE2 DHI A 6 1.86 -9.09 5.83
H DHI A 6 3.16 -4.98 4.96
HA DHI A 6 0.84 -4.08 3.51
HB2 DHI A 6 0.76 -5.22 5.83
HB3 DHI A 6 -0.43 -5.73 4.66
HD1 DHI A 6 -0.21 -8.20 3.75
HD2 DHI A 6 2.55 -7.19 6.69
HE1 DHI A 6 0.73 -10.37 4.57
HE2 DHI A 6 2.39 -9.74 6.34
N DLE A 7 0.51 -5.79 1.68
CA DLE A 7 0.40 -6.62 0.49
CB DLE A 7 0.53 -8.12 0.88
CG DLE A 7 0.26 -9.18 -0.18
CD1 DLE A 7 0.52 -10.55 0.39
CD2 DLE A 7 -1.16 -9.08 -0.70
C DLE A 7 1.46 -6.18 -0.56
O DLE A 7 1.79 -6.90 -1.49
H DLE A 7 -0.17 -5.09 1.81
HA DLE A 7 -0.58 -6.44 0.07
HB2 DLE A 7 1.54 -8.27 1.23
HB3 DLE A 7 -0.13 -8.30 1.71
HG DLE A 7 0.94 -9.01 -1.01
HD11 DLE A 7 -0.15 -10.74 1.22
HD12 DLE A 7 1.54 -10.63 0.71
HD13 DLE A 7 0.33 -11.30 -0.38
HD21 DLE A 7 -1.32 -8.10 -1.15
HD22 DLE A 7 -1.86 -9.20 0.12
HD23 DLE A 7 -1.34 -9.85 -1.44
N DLY A 8 1.92 -4.95 -0.42
CA DLY A 8 2.94 -4.40 -1.31
C DLY A 8 2.41 -3.26 -2.10
O DLY A 8 1.28 -2.86 -1.92
CB DLY A 8 4.21 -3.96 -0.56
CG DLY A 8 5.30 -5.02 -0.38
CD DLY A 8 4.84 -6.21 0.43
CE DLY A 8 5.98 -7.18 0.68
NZ DLY A 8 6.54 -7.73 -0.57
H DLY A 8 1.51 -4.38 0.28
HA DLY A 8 3.22 -5.19 -1.99
HB2 DLY A 8 4.66 -3.13 -1.08
HB3 DLY A 8 3.92 -3.62 0.43
HG2 DLY A 8 5.59 -5.37 -1.37
HG3 DLY A 8 6.17 -4.58 0.09
HD2 DLY A 8 4.45 -5.87 1.38
HD3 DLY A 8 4.06 -6.71 -0.12
HE2 DLY A 8 6.76 -6.66 1.21
HE3 DLY A 8 5.61 -7.98 1.30
HZ1 DLY A 8 6.99 -6.99 -1.14
HZ2 DLY A 8 5.80 -8.17 -1.15
HZ3 DLY A 8 7.26 -8.46 -0.35
N DLE A 9 3.21 -2.74 -2.99
CA DLE A 9 2.86 -1.58 -3.81
CB DLE A 9 3.91 -1.36 -4.97
CG DLE A 9 5.44 -1.08 -4.66
CD1 DLE A 9 5.70 0.23 -3.94
CD2 DLE A 9 6.14 -2.24 -3.92
C DLE A 9 2.72 -0.34 -2.92
O DLE A 9 3.31 -0.27 -1.87
H DLE A 9 4.09 -3.15 -3.11
HA DLE A 9 1.90 -1.79 -4.24
HB2 DLE A 9 3.88 -2.24 -5.59
HB3 DLE A 9 3.54 -0.53 -5.56
HG DLE A 9 5.93 -0.98 -5.62
HD11 DLE A 9 6.76 0.36 -3.77
HD12 DLE A 9 5.19 0.22 -2.99
HD13 DLE A 9 5.33 1.06 -4.54
HD21 DLE A 9 6.00 -3.16 -4.46
HD22 DLE A 9 5.75 -2.32 -2.91
HD23 DLE A 9 7.19 -2.02 -3.86
N DCY A 10 1.93 0.61 -3.36
CA DCY A 10 1.71 1.81 -2.60
C DCY A 10 2.20 2.99 -3.37
O DCY A 10 1.75 3.25 -4.48
CB DCY A 10 0.22 2.00 -2.27
SG DCY A 10 -0.17 3.60 -1.44
H DCY A 10 1.47 0.53 -4.23
HA DCY A 10 2.26 1.73 -1.69
HB2 DCY A 10 -0.36 1.97 -3.18
HB3 DCY A 10 -0.10 1.21 -1.61
N DLY A 11 3.15 3.66 -2.81
CA DLY A 11 3.68 4.86 -3.38
C DLY A 11 2.99 6.04 -2.73
O DLY A 11 2.70 7.06 -3.38
CB DLY A 11 5.19 4.89 -3.13
CG DLY A 11 5.94 6.10 -3.68
CD DLY A 11 5.96 6.13 -5.21
CE DLY A 11 6.76 7.33 -5.71
NZ DLY A 11 6.83 7.37 -7.19
H DLY A 11 3.52 3.32 -1.97
HA DLY A 11 3.49 4.85 -4.45
HB2 DLY A 11 5.35 4.83 -2.07
HB3 DLY A 11 5.58 3.99 -3.59
HG2 DLY A 11 5.46 7.00 -3.32
HG3 DLY A 11 6.97 6.07 -3.32
HD2 DLY A 11 6.41 5.23 -5.58
HD3 DLY A 11 4.95 6.21 -5.57
HE2 DLY A 11 6.29 8.24 -5.36
HE3 DLY A 11 7.76 7.28 -5.32
HZ1 DLY A 11 5.87 7.42 -7.59
HZ2 DLY A 11 7.31 6.53 -7.56
HZ3 DLY A 11 7.35 8.21 -7.50
N DGL A 12 2.71 5.90 -1.46
CA DGL A 12 2.07 6.92 -0.67
C DGL A 12 1.47 6.29 0.56
O DGL A 12 2.16 5.51 1.26
CB DGL A 12 3.08 8.01 -0.29
CG DGL A 12 2.50 9.19 0.48
CD DGL A 12 3.52 10.25 0.78
OE1 DGL A 12 3.75 11.13 -0.08
OE2 DGL A 12 4.12 10.23 1.87
H DGL A 12 2.91 5.07 -0.98
HA DGL A 12 1.28 7.36 -1.27
HB2 DGL A 12 3.86 7.57 0.32
HB3 DGL A 12 3.55 8.40 -1.19
HG2 DGL A 12 1.72 9.64 -0.12
HG3 DGL A 12 2.09 8.83 1.40
N DSG A 13 0.21 6.60 0.81
CA DSG A 13 -0.54 6.08 1.96
C DSG A 13 0.24 6.29 3.25
O DSG A 13 0.50 5.33 3.97
CB DSG A 13 -1.91 6.76 2.10
CG DSG A 13 -2.98 6.25 1.15
OD1 DSG A 13 -3.08 6.67 0.00
ND2 DSG A 13 -3.83 5.39 1.65
H DSG A 13 -0.25 7.23 0.20
HA DSG A 13 -0.69 5.03 1.82
HB2 DSG A 13 -2.28 6.63 3.11
HB3 DSG A 13 -1.78 7.82 1.91
HD21 DSG A 13 -3.70 5.14 2.59
HD22 DSG A 13 -4.55 5.06 1.07
N DLY A 14 0.68 7.51 3.47
CA DLY A 14 1.43 7.87 4.67
C DLY A 14 2.79 7.18 4.76
O DLY A 14 3.43 7.23 5.82
CB DLY A 14 1.64 9.39 4.74
CG DLY A 14 0.40 10.18 5.06
CD DLY A 14 0.63 11.70 5.05
CE DLY A 14 1.69 12.17 6.06
NZ DLY A 14 3.08 12.03 5.58
H DLY A 14 0.49 8.20 2.80
HA DLY A 14 0.84 7.58 5.51
HB2 DLY A 14 2.36 9.58 5.53
HB3 DLY A 14 2.03 9.72 3.80
HG2 DLY A 14 -0.38 9.94 4.34
HG3 DLY A 14 0.05 9.89 6.05
HD2 DLY A 14 0.95 12.00 4.06
HD3 DLY A 14 -0.30 12.19 5.27
HE2 DLY A 14 1.53 13.22 6.29
HE3 DLY A 14 1.57 11.59 6.96
HZ1 DLY A 14 3.23 12.57 4.70
HZ2 DLY A 14 3.36 11.04 5.38
HZ3 DLY A 14 3.77 12.40 6.27
N DAS A 15 3.24 6.56 3.70
CA DAS A 15 4.55 5.94 3.73
C DAS A 15 4.43 4.43 3.89
O DAS A 15 5.41 3.74 4.19
CB DAS A 15 5.35 6.33 2.50
CG DAS A 15 6.81 5.95 2.60
OD1 DAS A 15 7.44 6.22 3.66
OD2 DAS A 15 7.39 5.46 1.62
H DAS A 15 2.67 6.49 2.90
HA DAS A 15 5.04 6.31 4.60
HB2 DAS A 15 4.94 5.83 1.62
HB3 DAS A 15 5.29 7.40 2.35
N DCY A 16 3.26 3.89 3.68
CA DCY A 16 3.03 2.47 3.96
C DCY A 16 2.91 2.28 5.47
O DCY A 16 2.42 3.17 6.16
CB DCY A 16 1.78 1.97 3.27
SG DCY A 16 1.68 2.41 1.50
H DCY A 16 2.53 4.44 3.31
HA DCY A 16 3.90 1.92 3.61
HB2 DCY A 16 1.77 0.90 3.35
HB3 DCY A 16 0.91 2.37 3.76
N DCY A 17 3.35 1.14 5.97
CA DCY A 17 3.38 0.86 7.42
C DCY A 17 1.98 0.92 8.03
O DCY A 17 1.79 1.39 9.14
CB DCY A 17 3.98 -0.53 7.66
SG DCY A 17 5.62 -0.81 6.87
H DCY A 17 3.68 0.44 5.36
HA DCY A 17 4.00 1.60 7.89
HB2 DCY A 17 4.11 -0.67 8.72
HB3 DCY A 17 3.30 -1.28 7.29
N DSN A 18 1.02 0.45 7.27
CA DSN A 18 -0.34 0.40 7.72
C DSN A 18 -1.15 1.60 7.19
O DSN A 18 -2.27 1.83 7.61
CB DSN A 18 -0.93 -0.92 7.25
OG DSN A 18 -2.29 -1.09 7.54
H DSN A 18 1.23 0.10 6.39
HA DSN A 18 -0.35 0.43 8.80
HB2 DSN A 18 -0.80 -0.99 6.19
HB3 DSN A 18 -0.37 -1.73 7.72
HG DSN A 18 -2.58 -1.65 6.79
N DLY A 19 -0.54 2.35 6.25
CA DLY A 19 -1.14 3.56 5.63
C DLY A 19 -2.42 3.26 4.79
O DLY A 19 -2.99 4.14 4.12
CB DLY A 19 -1.38 4.65 6.71
CG DLY A 19 -1.85 6.01 6.21
CD DLY A 19 -1.99 6.99 7.36
CE DLY A 19 -2.43 8.37 6.88
NZ DLY A 19 -3.76 8.36 6.25
H DLY A 19 0.37 2.12 5.99
HA DLY A 19 -0.39 3.93 4.94
HB2 DLY A 19 -2.12 4.28 7.39
HB3 DLY A 19 -0.45 4.79 7.25
HG2 DLY A 19 -1.12 6.40 5.50
HG3 DLY A 19 -2.81 5.90 5.73
HD2 DLY A 19 -2.72 6.59 8.04
HD3 DLY A 19 -1.03 7.07 7.86
HE2 DLY A 19 -2.45 9.04 7.73
HE3 DLY A 19 -1.71 8.73 6.17
HZ1 DLY A 19 -3.79 7.70 5.46
HZ2 DLY A 19 -3.96 9.30 5.85
HZ3 DLY A 19 -4.52 8.13 6.92
N DLY A 20 -2.85 2.02 4.77
CA DLY A 20 -4.07 1.64 4.10
C DLY A 20 -3.79 1.23 2.67
O DLY A 20 -3.46 0.07 2.40
CB DLY A 20 -4.80 0.51 4.85
CG DLY A 20 -5.20 0.86 6.27
CD DLY A 20 -6.07 -0.20 6.93
CE DLY A 20 -5.38 -1.56 7.00
NZ DLY A 20 -6.20 -2.56 7.71
H DLY A 20 -2.32 1.33 5.24
HA DLY A 20 -4.70 2.51 4.08
HB2 DLY A 20 -5.69 0.24 4.30
HB3 DLY A 20 -4.14 -0.34 4.89
HG2 DLY A 20 -4.29 0.99 6.86
HG3 DLY A 20 -5.73 1.80 6.24
HD2 DLY A 20 -6.31 0.11 7.94
HD3 DLY A 20 -6.99 -0.29 6.36
HE2 DLY A 20 -5.21 -1.91 5.99
HE3 DLY A 20 -4.44 -1.45 7.50
HZ1 DLY A 20 -7.15 -2.65 7.29
HZ2 DLY A 20 -6.29 -2.34 8.72
HZ3 DLY A 20 -5.74 -3.49 7.64
N DCY A 21 -3.86 2.17 1.78
CA DCY A 21 -3.70 1.90 0.38
C DCY A 21 -5.03 1.83 -0.29
O DCY A 21 -5.91 2.65 -0.02
CB DCY A 21 -2.86 2.96 -0.30
SG DCY A 21 -1.17 3.08 0.25
H DCY A 21 -4.01 3.09 2.07
HA DCY A 21 -3.20 0.94 0.28
HB2 DCY A 21 -2.84 2.78 -1.36
HB3 DCY A 21 -3.32 3.92 -0.11
N DLY A 22 -5.18 0.86 -1.12
CA DLY A 22 -6.34 0.74 -1.96
C DLY A 22 -5.87 0.21 -3.28
O DLY A 22 -4.79 -0.40 -3.37
CB DLY A 22 -7.42 -0.16 -1.36
CG DLY A 22 -6.98 -1.57 -1.03
CD DLY A 22 -8.16 -2.44 -0.66
CE DLY A 22 -7.72 -3.85 -0.33
NZ DLY A 22 -6.91 -4.44 -1.40
H DLY A 22 -4.49 0.17 -1.21
HA DLY A 22 -6.73 1.73 -2.11
HB2 DLY A 22 -7.78 0.29 -0.44
HB3 DLY A 22 -8.24 -0.22 -2.05
HG2 DLY A 22 -6.49 -1.99 -1.90
HG3 DLY A 22 -6.29 -1.54 -0.21
HD2 DLY A 22 -8.64 -2.01 0.22
HD3 DLY A 22 -8.85 -2.47 -1.48
HE2 DLY A 22 -7.14 -3.83 0.57
HE3 DLY A 22 -8.60 -4.47 -0.16
HZ1 DLY A 22 -5.99 -3.96 -1.45
HZ2 DLY A 22 -7.40 -4.32 -2.31
HZ3 DLY A 22 -6.75 -5.45 -1.23
N DAR A 23 -6.63 0.47 -4.30
CA DAR A 23 -6.29 0.01 -5.63
CB DAR A 23 -6.49 1.16 -6.62
CG DAR A 23 -6.28 0.81 -8.09
CD DAR A 23 -5.92 2.05 -8.90
NE DAR A 23 -6.79 3.21 -8.64
CZ DAR A 23 -6.60 4.44 -9.15
NH1 DAR A 23 -5.60 4.68 -10.01
NH2 DAR A 23 -7.40 5.43 -8.78
C DAR A 23 -7.09 -1.23 -5.98
O DAR A 23 -6.61 -2.09 -6.71
H DAR A 23 -7.45 0.99 -4.16
HA DAR A 23 -5.25 -0.26 -5.61
HB2 DAR A 23 -7.50 1.53 -6.51
HB3 DAR A 23 -5.81 1.97 -6.36
HG2 DAR A 23 -5.50 0.09 -8.16
HG3 DAR A 23 -7.20 0.40 -8.47
HD2 DAR A 23 -4.91 2.33 -8.65
HD3 DAR A 23 -5.96 1.80 -9.95
HE DAR A 23 -7.53 3.06 -8.02
HH11 DAR A 23 -4.95 3.96 -10.30
HH12 DAR A 23 -5.43 5.57 -10.41
HH21 DAR A 23 -8.15 5.27 -8.13
HH22 DAR A 23 -7.27 6.36 -9.11
N DAR A 24 -8.27 -1.37 -5.42
CA DAR A 24 -9.09 -2.53 -5.71
CB DAR A 24 -10.60 -2.28 -5.55
CG DAR A 24 -11.24 -1.43 -6.66
CD DAR A 24 -10.73 0.00 -6.67
NE DAR A 24 -11.29 0.80 -7.77
CZ DAR A 24 -11.25 2.13 -7.83
NH1 DAR A 24 -10.68 2.83 -6.86
NH2 DAR A 24 -11.79 2.76 -8.87
C DAR A 24 -8.64 -3.71 -4.88
O DAR A 24 -8.25 -3.56 -3.70
H DAR A 24 -8.59 -0.68 -4.81
HA DAR A 24 -8.89 -2.78 -6.75
HB2 DAR A 24 -11.11 -3.23 -5.53
HB3 DAR A 24 -10.77 -1.77 -4.61
HG2 DAR A 24 -11.01 -1.88 -7.62
HG3 DAR A 24 -12.31 -1.42 -6.53
HD2 DAR A 24 -11.02 0.46 -5.74
HD3 DAR A 24 -9.66 -0.02 -6.76
HE DAR A 24 -11.70 0.25 -8.48
HH11 DAR A 24 -10.26 2.40 -6.05
HH12 DAR A 24 -10.64 3.84 -6.90
HH21 DAR A 24 -12.23 2.28 -9.63
HH22 DAR A 24 -11.79 3.76 -8.95
N GLY A 25 -8.65 -4.88 -5.47
CA GLY A 25 -8.25 -6.06 -4.76
C GLY A 25 -7.39 -6.97 -5.59
N DTH A 26 -6.80 -6.46 -6.65
CA DTH A 26 -5.93 -7.28 -7.47
CB DTH A 26 -4.59 -7.60 -6.73
CG2 DTH A 26 -3.62 -8.37 -7.62
OG1 DTH A 26 -3.96 -6.40 -6.27
C DTH A 26 -5.69 -6.70 -8.87
O DTH A 26 -5.93 -7.39 -9.88
H DTH A 26 -7.00 -5.54 -6.93
HA DTH A 26 -6.45 -8.22 -7.60
HB DTH A 26 -4.82 -8.21 -5.87
HG21 DTH A 26 -2.69 -8.54 -7.08
HG22 DTH A 26 -3.41 -7.80 -8.51
HG23 DTH A 26 -4.05 -9.32 -7.90
HG1 DTH A 26 -4.61 -5.93 -5.73
N DSG A 27 -5.26 -5.47 -8.96
CA DSG A 27 -4.91 -4.90 -10.25
C DSG A 27 -5.24 -3.39 -10.25
O DSG A 27 -5.86 -2.89 -9.33
CB DSG A 27 -3.39 -5.15 -10.54
CG DSG A 27 -2.97 -4.85 -11.98
OD1 DSG A 27 -3.78 -4.96 -12.90
ND2 DSG A 27 -1.75 -4.46 -12.19
H DSG A 27 -5.19 -4.89 -8.17
HA DSG A 27 -5.51 -5.39 -11.00
HB2 DSG A 27 -2.80 -4.54 -9.89
HB3 DSG A 27 -3.18 -6.20 -10.33
HD21 DSG A 27 -1.12 -4.36 -11.43
HD22 DSG A 27 -1.46 -4.29 -13.11
N DIL A 28 -4.83 -2.69 -11.28
CA DIL A 28 -5.05 -1.26 -11.42
C DIL A 28 -3.94 -0.44 -10.69
O DIL A 28 -3.72 0.76 -10.95
CB DIL A 28 -5.21 -0.92 -12.97
CG1 DIL A 28 -4.03 -1.41 -13.86
CG2 DIL A 28 -5.57 0.54 -13.22
CD1 DIL A 28 -2.68 -0.73 -13.66
H DIL A 28 -4.36 -3.16 -11.99
HA DIL A 28 -5.99 -1.04 -10.93
HB DIL A 28 -6.10 -1.47 -13.26
HG12 DIL A 28 -3.86 -2.46 -13.68
HG13 DIL A 28 -4.30 -1.28 -14.90
HG21 DIL A 28 -6.52 0.76 -12.77
HG22 DIL A 28 -5.60 0.72 -14.29
HG23 DIL A 28 -4.80 1.16 -12.77
HD11 DIL A 28 -2.36 -0.85 -12.64
HD12 DIL A 28 -2.77 0.32 -13.89
HD13 DIL A 28 -1.95 -1.16 -14.33
N DGL A 29 -3.28 -1.06 -9.75
CA DGL A 29 -2.20 -0.45 -9.02
C DGL A 29 -2.61 -0.30 -7.58
O DGL A 29 -3.34 -1.13 -7.05
CB DGL A 29 -0.98 -1.32 -9.11
CG DGL A 29 -0.53 -1.62 -10.52
CD DGL A 29 0.59 -2.60 -10.56
OE1 DGL A 29 1.77 -2.17 -10.66
OE2 DGL A 29 0.33 -3.80 -10.45
H DGL A 29 -3.56 -1.96 -9.49
HA DGL A 29 -1.99 0.52 -9.46
HB2 DGL A 29 -0.15 -0.83 -8.60
HB3 DGL A 29 -1.18 -2.26 -8.61
HG2 DGL A 29 -1.37 -2.05 -11.06
HG3 DGL A 29 -0.23 -0.71 -11.00
N DLY A 30 -2.16 0.76 -6.94
CA DLY A 30 -2.43 0.95 -5.55
C DLY A 30 -1.50 0.10 -4.73
O DLY A 30 -0.28 0.09 -4.98
CB DLY A 30 -2.28 2.39 -5.13
CG DLY A 30 -3.15 3.35 -5.90
CD DLY A 30 -3.56 4.50 -5.02
CE DLY A 30 -2.37 5.28 -4.47
NZ DLY A 30 -2.79 6.35 -3.55
H DLY A 30 -1.62 1.42 -7.41
HA DLY A 30 -3.45 0.66 -5.34
HB2 DLY A 30 -2.52 2.47 -4.08
HB3 DLY A 30 -1.24 2.68 -5.27
HG2 DLY A 30 -2.59 3.74 -6.75
HG3 DLY A 30 -4.03 2.83 -6.26
HD2 DLY A 30 -4.21 5.15 -5.57
HD3 DLY A 30 -4.10 4.03 -4.21
HE2 DLY A 30 -1.73 4.60 -3.93
HE3 DLY A 30 -1.82 5.71 -5.29
HZ1 DLY A 30 -1.95 6.83 -3.15
HZ2 DLY A 30 -3.36 5.98 -2.75
HZ3 DLY A 30 -3.34 7.08 -4.05
N DAR A 31 -2.02 -0.62 -3.79
CA DAR A 31 -1.24 -1.47 -2.94
CB DAR A 31 -1.49 -2.95 -3.28
CG DAR A 31 -1.10 -3.33 -4.70
CD DAR A 31 -1.35 -4.80 -5.00
NE DAR A 31 -0.51 -5.70 -4.22
CZ DAR A 31 -0.53 -7.05 -4.32
NH1 DAR A 31 -1.40 -7.62 -5.14
NH2 DAR A 31 0.29 -7.79 -3.60
C DAR A 31 -1.53 -1.19 -1.48
O DAR A 31 -2.69 -0.91 -1.10
H DAR A 31 -3.01 -0.58 -3.64
HA DAR A 31 -0.20 -1.25 -3.13
HB2 DAR A 31 -0.90 -3.57 -2.59
HB3 DAR A 31 -2.53 -3.18 -3.14
HG2 DAR A 31 -1.67 -2.72 -5.39
HG3 DAR A 31 -0.04 -3.12 -4.84
HD2 DAR A 31 -2.39 -5.01 -4.79
HD3 DAR A 31 -1.17 -4.97 -6.06
HE DAR A 31 0.12 -5.27 -3.60
HH11 DAR A 31 -2.05 -7.09 -5.70
HH12 DAR A 31 -1.44 -8.63 -5.24
HH21 DAR A 31 0.95 -7.40 -2.95
HH22 DAR A 31 0.30 -8.80 -3.65
N DCY A 32 -0.50 -1.24 -0.66
CA DCY A 32 -0.64 -0.98 0.77
C DCY A 32 -1.00 -2.28 1.44
O DCY A 32 -0.44 -3.34 1.09
CB DCY A 32 0.70 -0.53 1.41
SG DCY A 32 1.71 0.65 0.47
H DCY A 32 0.38 -1.50 -1.00
HA DCY A 32 -1.40 -0.24 0.93
HB2 DCY A 32 0.45 -0.07 2.35
HB3 DCY A 32 1.29 -1.42 1.60
N DAR A 33 -1.92 -2.22 2.35
CA DAR A 33 -2.21 -3.34 3.19
CB DAR A 33 -3.61 -3.91 2.97
CG DAR A 33 -4.73 -2.91 3.07
CD DAR A 33 -6.06 -3.60 3.04
NE DAR A 33 -7.16 -2.64 3.08
CZ DAR A 33 -8.47 -2.95 3.03
NH1 DAR A 33 -8.84 -4.22 2.88
NH2 DAR A 33 -9.39 -2.01 3.13
C DAR A 33 -1.95 -2.94 4.62
O DAR A 33 -0.79 -3.01 5.05
OXT DAR A 33 -2.88 -2.51 5.34
H DAR A 33 -2.42 -1.39 2.48
HA DAR A 33 -1.50 -4.10 2.93
HB2 DAR A 33 -3.66 -4.35 1.99
HB3 DAR A 33 -3.79 -4.68 3.71
HG2 DAR A 33 -4.64 -2.36 3.99
HG3 DAR A 33 -4.67 -2.22 2.24
HD2 DAR A 33 -6.12 -4.20 2.15
HD3 DAR A 33 -6.13 -4.24 3.91
HE DAR A 33 -6.85 -1.71 3.16
HH11 DAR A 33 -8.18 -4.98 2.80
HH12 DAR A 33 -9.81 -4.47 2.84
HH21 DAR A 33 -9.14 -1.05 3.24
HH22 DAR A 33 -10.35 -2.23 3.08
N GLY A 1 12.45 1.41 7.55
CA GLY A 1 11.20 2.05 7.94
C GLY A 1 10.61 2.77 6.78
N DAS A 2 10.19 4.01 6.98
CA DAS A 2 9.66 4.80 5.88
C DAS A 2 8.22 4.46 5.59
O DAS A 2 7.29 5.08 6.16
CB DAS A 2 9.85 6.31 6.10
CG DAS A 2 9.25 7.17 4.99
OD1 DAS A 2 9.81 7.19 3.88
OD2 DAS A 2 8.24 7.88 5.24
H DAS A 2 10.20 4.38 7.88
HA DAS A 2 10.22 4.53 5.00
HB2 DAS A 2 9.36 6.59 7.02
HB3 DAS A 2 10.89 6.54 6.17
N DCY A 3 8.06 3.43 4.83
CA DCY A 3 6.79 2.97 4.35
C DCY A 3 7.04 1.78 3.45
O DCY A 3 8.11 1.15 3.50
CB DCY A 3 5.84 2.59 5.50
SG DCY A 3 6.41 1.23 6.60
H DCY A 3 8.84 2.90 4.56
HA DCY A 3 6.35 3.76 3.76
HB2 DCY A 3 5.68 3.45 6.13
HB3 DCY A 3 4.89 2.29 5.08
N DLE A 4 6.10 1.53 2.59
CA DLE A 4 6.11 0.40 1.73
CB DLE A 4 5.58 0.79 0.33
CG DLE A 4 6.54 1.59 -0.60
CD1 DLE A 4 5.86 1.97 -1.88
CD2 DLE A 4 7.12 2.83 0.05
C DLE A 4 5.25 -0.65 2.42
O DLE A 4 4.19 -0.31 2.98
H DLE A 4 5.34 2.13 2.52
HA DLE A 4 7.13 0.05 1.66
HB2 DLE A 4 5.30 -0.12 -0.19
HB3 DLE A 4 4.69 1.38 0.47
HG DLE A 4 7.36 0.94 -0.88
HD11 DLE A 4 5.44 1.11 -2.35
HD12 DLE A 4 6.58 2.43 -2.54
HD13 DLE A 4 5.09 2.70 -1.66
HD21 DLE A 4 7.65 2.55 0.94
HD22 DLE A 4 6.31 3.50 0.31
HD23 DLE A 4 7.79 3.32 -0.64
N DPR A 5 5.66 -1.93 2.39
CA DPR A 5 5.07 -2.95 3.24
CB DPR A 5 6.08 -4.11 3.19
CG DPR A 5 7.23 -3.61 2.36
CD DPR A 5 6.68 -2.52 1.51
C DPR A 5 3.68 -3.41 2.79
O DPR A 5 3.27 -3.16 1.65
HA DPR A 5 4.99 -2.60 4.26
HB2 DPR A 5 6.40 -4.36 4.19
HB3 DPR A 5 5.62 -4.97 2.74
HG2 DPR A 5 8.00 -3.23 3.00
HG3 DPR A 5 7.61 -4.41 1.74
HD2 DPR A 5 7.44 -1.82 1.19
HD3 DPR A 5 6.20 -2.94 0.64
N DHI A 6 2.98 -4.06 3.70
CA DHI A 6 1.67 -4.59 3.43
C DHI A 6 1.77 -5.73 2.41
O DHI A 6 2.75 -6.47 2.39
CB DHI A 6 0.99 -5.09 4.73
CG DHI A 6 1.51 -6.40 5.26
ND1 DHI A 6 0.73 -7.53 5.38
CD2 DHI A 6 2.74 -6.76 5.70
CE1 DHI A 6 1.46 -8.52 5.84
NE2 DHI A 6 2.68 -8.09 6.04
H DHI A 6 3.38 -4.14 4.58
HA DHI A 6 1.08 -3.79 3.00
HB2 DHI A 6 1.13 -4.35 5.50
HB3 DHI A 6 -0.07 -5.21 4.54
HD1 DHI A 6 -0.23 -7.59 5.17
HD2 DHI A 6 3.62 -6.13 5.75
HE1 DHI A 6 1.12 -9.53 6.00
HE2 DHI A 6 3.45 -8.67 6.09
N DLE A 7 0.76 -5.82 1.55
CA DLE A 7 0.67 -6.76 0.46
CB DLE A 7 0.85 -8.24 0.89
CG DLE A 7 -0.39 -8.97 1.45
CD1 DLE A 7 -0.03 -10.32 2.00
CD2 DLE A 7 -1.15 -8.14 2.47
C DLE A 7 1.60 -6.36 -0.65
O DLE A 7 1.95 -7.16 -1.52
H DLE A 7 0.04 -5.16 1.64
HA DLE A 7 -0.33 -6.65 0.06
HB2 DLE A 7 1.22 -8.79 0.04
HB3 DLE A 7 1.62 -8.26 1.65
HG DLE A 7 -1.06 -9.16 0.61
HD11 DLE A 7 0.40 -10.92 1.20
HD12 DLE A 7 -0.92 -10.80 2.38
HD13 DLE A 7 0.69 -10.21 2.78
HD21 DLE A 7 -0.48 -7.91 3.30
HD22 DLE A 7 -1.99 -8.70 2.83
HD23 DLE A 7 -1.48 -7.23 2.01
N DLY A 8 1.94 -5.08 -0.66
CA DLY A 8 2.86 -4.50 -1.65
C DLY A 8 2.25 -3.26 -2.24
O DLY A 8 1.12 -2.95 -1.94
CB DLY A 8 4.27 -4.16 -1.07
CG DLY A 8 5.27 -5.31 -0.99
CD DLY A 8 4.89 -6.34 0.06
CE DLY A 8 5.78 -7.56 -0.01
NZ DLY A 8 7.22 -7.24 0.15
H DLY A 8 1.49 -4.48 -0.02
HA DLY A 8 2.98 -5.23 -2.44
HB2 DLY A 8 4.72 -3.39 -1.68
HB3 DLY A 8 4.13 -3.76 -0.08
HG2 DLY A 8 5.34 -5.80 -1.94
HG3 DLY A 8 6.23 -4.89 -0.72
HD2 DLY A 8 4.98 -5.90 1.04
HD3 DLY A 8 3.86 -6.64 -0.11
HE2 DLY A 8 5.50 -8.23 0.80
HE3 DLY A 8 5.62 -8.05 -0.95
HZ1 DLY A 8 7.41 -6.76 1.05
HZ2 DLY A 8 7.56 -6.66 -0.64
HZ3 DLY A 8 7.77 -8.12 0.13
N DLE A 9 2.99 -2.57 -3.04
CA DLE A 9 2.51 -1.36 -3.68
CB DLE A 9 3.11 -1.15 -5.12
CG DLE A 9 4.66 -1.28 -5.37
CD1 DLE A 9 5.52 -0.47 -4.40
CD2 DLE A 9 5.13 -2.72 -5.46
C DLE A 9 2.70 -0.14 -2.78
O DLE A 9 3.36 -0.21 -1.75
H DLE A 9 3.91 -2.85 -3.20
HA DLE A 9 1.45 -1.50 -3.79
HB2 DLE A 9 2.64 -1.86 -5.77
HB3 DLE A 9 2.80 -0.17 -5.44
HG DLE A 9 4.84 -0.81 -6.32
HD11 DLE A 9 5.26 0.57 -4.47
HD12 DLE A 9 6.56 -0.60 -4.65
HD13 DLE A 9 5.35 -0.81 -3.39
HD21 DLE A 9 4.55 -3.24 -6.21
HD22 DLE A 9 5.07 -3.24 -4.52
HD23 DLE A 9 6.17 -2.71 -5.79
N DCY A 10 2.11 0.95 -3.17
CA DCY A 10 2.22 2.21 -2.47
C DCY A 10 1.74 3.30 -3.40
O DCY A 10 1.43 3.01 -4.57
CB DCY A 10 1.37 2.18 -1.19
SG DCY A 10 -0.35 1.65 -1.44
H DCY A 10 1.54 0.96 -3.97
HA DCY A 10 3.25 2.39 -2.23
HB2 DCY A 10 1.83 1.51 -0.49
HB3 DCY A 10 1.35 3.18 -0.76
N DLY A 11 1.71 4.52 -2.94
CA DLY A 11 1.17 5.56 -3.74
C DLY A 11 0.05 6.23 -2.98
O DLY A 11 -1.06 6.38 -3.49
CB DLY A 11 2.24 6.58 -4.17
CG DLY A 11 1.71 7.60 -5.19
CD DLY A 11 1.26 6.93 -6.48
CE DLY A 11 0.65 7.91 -7.46
NZ DLY A 11 0.29 7.25 -8.75
H DLY A 11 2.04 4.74 -2.05
HA DLY A 11 0.75 5.09 -4.61
HB2 DLY A 11 2.60 7.10 -3.30
HB3 DLY A 11 3.04 6.03 -4.63
HG2 DLY A 11 0.87 8.13 -4.75
HG3 DLY A 11 2.50 8.30 -5.41
HD2 DLY A 11 2.12 6.46 -6.96
HD3 DLY A 11 0.54 6.17 -6.25
HE2 DLY A 11 -0.24 8.32 -7.02
HE3 DLY A 11 1.35 8.70 -7.65
HZ1 DLY A 11 -0.32 6.43 -8.60
HZ2 DLY A 11 1.15 6.95 -9.25
HZ3 DLY A 11 -0.21 7.93 -9.36
N DGL A 12 0.33 6.62 -1.75
CA DGL A 12 -0.73 7.10 -0.91
C DGL A 12 -0.69 6.36 0.43
O DGL A 12 0.16 5.48 0.66
CB DGL A 12 -0.65 8.60 -0.71
CG DGL A 12 0.54 9.09 0.07
CD DGL A 12 0.58 10.59 0.11
OE1 DGL A 12 0.15 11.18 1.13
OE2 DGL A 12 1.02 11.22 -0.87
H DGL A 12 1.25 6.63 -1.41
HA DGL A 12 -1.66 6.86 -1.40
HB2 DGL A 12 -0.63 9.08 -1.68
HB3 DGL A 12 -1.54 8.93 -0.19
HG2 DGL A 12 0.49 8.71 1.07
HG3 DGL A 12 1.44 8.73 -0.41
N DSG A 13 -1.61 6.72 1.31
CA DSG A 13 -1.73 6.08 2.62
C DSG A 13 -0.48 6.27 3.42
O DSG A 13 -0.02 5.35 4.06
CB DSG A 13 -2.94 6.61 3.40
CG DSG A 13 -4.27 6.34 2.73
OD1 DSG A 13 -4.43 5.35 1.99
ND2 DSG A 13 -5.23 7.20 2.97
H DSG A 13 -2.24 7.45 1.07
HA DSG A 13 -1.88 5.02 2.44
HB2 DSG A 13 -2.96 6.15 4.38
HB3 DSG A 13 -2.83 7.67 3.53
HD21 DSG A 13 -5.03 7.94 3.57
HD22 DSG A 13 -6.09 7.09 2.52
N DLY A 14 0.09 7.45 3.32
CA DLY A 14 1.33 7.82 4.01
C DLY A 14 2.47 6.87 3.58
O DLY A 14 3.34 6.54 4.37
CB DLY A 14 1.64 9.31 3.71
CG DLY A 14 2.72 9.98 4.57
CD DLY A 14 4.14 9.59 4.19
CE DLY A 14 5.13 10.26 5.12
NZ DLY A 14 6.53 10.00 4.76
H DLY A 14 -0.35 8.13 2.76
HA DLY A 14 1.17 7.70 5.08
HB2 DLY A 14 1.97 9.38 2.68
HB3 DLY A 14 0.72 9.87 3.81
HG2 DLY A 14 2.63 11.05 4.47
HG3 DLY A 14 2.54 9.71 5.61
HD2 DLY A 14 4.24 8.51 4.28
HD3 DLY A 14 4.33 9.88 3.19
HE2 DLY A 14 4.95 11.33 5.10
HE3 DLY A 14 4.93 9.88 6.12
HZ1 DLY A 14 6.72 10.29 3.78
HZ2 DLY A 14 6.80 8.99 4.84
HZ3 DLY A 14 7.17 10.55 5.37
N DAS A 15 2.43 6.44 2.32
CA DAS A 15 3.44 5.52 1.80
C DAS A 15 3.23 4.14 2.37
O DAS A 15 4.17 3.43 2.62
CB DAS A 15 3.43 5.41 0.26
CG DAS A 15 3.85 6.65 -0.46
OD1 DAS A 15 2.98 7.34 -1.00
OD2 DAS A 15 5.07 6.93 -0.54
H DAS A 15 1.70 6.73 1.74
HA DAS A 15 4.40 5.89 2.12
HB2 DAS A 15 4.10 4.61 -0.03
HB3 DAS A 15 2.42 5.15 -0.05
N DCY A 16 2.01 3.77 2.57
CA DCY A 16 1.68 2.45 3.07
C DCY A 16 1.98 2.31 4.58
O DCY A 16 1.61 3.18 5.36
CB DCY A 16 0.20 2.16 2.80
SG DCY A 16 -0.42 0.61 3.54
H DCY A 16 1.30 4.43 2.40
HA DCY A 16 2.27 1.73 2.52
HB2 DCY A 16 -0.39 2.96 3.18
HB3 DCY A 16 0.06 2.10 1.73
N DCY A 17 2.66 1.21 4.96
CA DCY A 17 2.95 0.95 6.39
C DCY A 17 1.66 0.87 7.23
O DCY A 17 1.63 1.32 8.37
CB DCY A 17 3.76 -0.35 6.60
SG DCY A 17 5.45 -0.40 5.86
H DCY A 17 2.99 0.57 4.29
HA DCY A 17 3.53 1.78 6.76
HB2 DCY A 17 3.88 -0.52 7.66
HB3 DCY A 17 3.20 -1.17 6.18
N DSN A 18 0.62 0.32 6.65
CA DSN A 18 -0.66 0.17 7.33
C DSN A 18 -1.52 1.42 7.11
O DSN A 18 -2.57 1.58 7.72
CB DSN A 18 -1.40 -1.05 6.78
OG DSN A 18 -0.58 -2.21 6.74
H DSN A 18 0.68 -0.04 5.72
HA DSN A 18 -0.47 0.04 8.40
HB2 DSN A 18 -2.26 -1.25 7.40
HB3 DSN A 18 -1.74 -0.83 5.78
HG DSN A 18 -0.99 -2.77 6.07
N DLY A 19 -1.06 2.30 6.21
CA DLY A 19 -1.79 3.49 5.76
C DLY A 19 -3.10 3.12 5.04
O DLY A 19 -3.98 3.96 4.85
CB DLY A 19 -2.00 4.52 6.85
CG DLY A 19 -0.72 5.26 7.22
CD DLY A 19 -0.96 6.31 8.28
CE DLY A 19 0.30 7.08 8.57
NZ DLY A 19 0.12 8.06 9.65
H DLY A 19 -0.15 2.16 5.87
HA DLY A 19 -1.16 3.93 5.00
HB2 DLY A 19 -2.73 5.25 6.51
HB3 DLY A 19 -2.38 4.04 7.73
HG2 DLY A 19 0.00 4.55 7.58
HG3 DLY A 19 -0.34 5.74 6.33
HD2 DLY A 19 -1.71 7.00 7.93
HD3 DLY A 19 -1.29 5.84 9.19
HE2 DLY A 19 1.09 6.39 8.83
HE3 DLY A 19 0.59 7.61 7.67
HZ1 DLY A 19 -0.63 8.74 9.44
HZ2 DLY A 19 1.01 8.56 9.83
HZ3 DLY A 19 -0.12 7.56 10.53
N DLY A 20 -3.18 1.90 4.59
CA DLY A 20 -4.30 1.45 3.82
C DLY A 20 -3.82 1.21 2.42
O DLY A 20 -3.38 0.12 2.08
CB DLY A 20 -4.89 0.15 4.41
CG DLY A 20 -5.30 0.19 5.89
CD DLY A 20 -6.66 0.89 6.17
CE DLY A 20 -6.65 2.38 5.89
NZ DLY A 20 -7.88 3.03 6.35
H DLY A 20 -2.45 1.28 4.76
HA DLY A 20 -5.04 2.22 3.80
HB2 DLY A 20 -5.77 -0.11 3.82
HB3 DLY A 20 -4.16 -0.63 4.29
HG2 DLY A 20 -5.36 -0.81 6.27
HG3 DLY A 20 -4.53 0.73 6.43
HD2 DLY A 20 -7.41 0.44 5.54
HD3 DLY A 20 -6.92 0.73 7.20
HE2 DLY A 20 -5.80 2.83 6.36
HE3 DLY A 20 -6.58 2.51 4.82
HZ1 DLY A 20 -7.99 2.94 7.38
HZ2 DLY A 20 -8.71 2.58 5.92
HZ3 DLY A 20 -7.89 4.04 6.11
N DCY A 21 -3.81 2.24 1.65
CA DCY A 21 -3.30 2.17 0.31
C DCY A 21 -4.47 2.22 -0.65
O DCY A 21 -5.02 3.28 -0.94
CB DCY A 21 -2.35 3.34 0.07
SG DCY A 21 -1.45 3.34 -1.52
H DCY A 21 -4.18 3.10 1.96
HA DCY A 21 -2.77 1.24 0.18
HB2 DCY A 21 -2.91 4.27 0.12
HB3 DCY A 21 -1.61 3.35 0.86
N DLY A 22 -4.89 1.06 -1.09
CA DLY A 22 -6.06 0.96 -1.94
C DLY A 22 -5.73 0.15 -3.17
O DLY A 22 -4.91 -0.77 -3.12
CB DLY A 22 -7.25 0.31 -1.19
CG DLY A 22 -7.63 0.99 0.13
CD DLY A 22 -9.02 0.56 0.69
CE DLY A 22 -9.17 -0.96 0.94
NZ DLY A 22 -9.50 -1.72 -0.28
H DLY A 22 -4.38 0.24 -0.89
HA DLY A 22 -6.33 1.97 -2.23
HB2 DLY A 22 -8.12 0.32 -1.83
HB3 DLY A 22 -6.99 -0.72 -0.97
HG2 DLY A 22 -6.89 0.75 0.86
HG3 DLY A 22 -7.64 2.06 -0.02
HD2 DLY A 22 -9.18 1.06 1.64
HD3 DLY A 22 -9.78 0.88 0.00
HE2 DLY A 22 -8.26 -1.34 1.35
HE3 DLY A 22 -9.97 -1.10 1.67
HZ1 DLY A 22 -8.78 -1.66 -1.02
HZ2 DLY A 22 -10.39 -1.37 -0.71
HZ3 DLY A 22 -9.66 -2.74 -0.08
N DAR A 23 -6.34 0.49 -4.27
CA DAR A 23 -6.16 -0.27 -5.47
CB DAR A 23 -6.16 0.63 -6.73
CG DAR A 23 -7.32 1.59 -6.87
CD DAR A 23 -7.28 2.33 -8.20
NE DAR A 23 -6.01 3.05 -8.41
CZ DAR A 23 -5.89 4.39 -8.53
NH1 DAR A 23 -6.95 5.18 -8.40
NH2 DAR A 23 -4.70 4.92 -8.79
C DAR A 23 -7.21 -1.37 -5.55
O DAR A 23 -8.11 -1.43 -4.70
H DAR A 23 -6.97 1.24 -4.25
HA DAR A 23 -5.20 -0.75 -5.38
HB2 DAR A 23 -5.25 1.22 -6.72
HB3 DAR A 23 -6.13 -0.01 -7.59
HG2 DAR A 23 -8.25 1.03 -6.80
HG3 DAR A 23 -7.28 2.31 -6.07
HD2 DAR A 23 -7.40 1.61 -8.99
HD3 DAR A 23 -8.09 3.03 -8.23
HE DAR A 23 -5.21 2.48 -8.51
HH11 DAR A 23 -7.88 4.83 -8.20
HH12 DAR A 23 -6.90 6.18 -8.46
HH21 DAR A 23 -3.87 4.35 -8.93
HH22 DAR A 23 -4.56 5.92 -8.86
N DAR A 24 -7.09 -2.24 -6.55
CA DAR A 24 -7.96 -3.41 -6.75
CB DAR A 24 -9.49 -3.14 -6.66
CG DAR A 24 -10.10 -2.41 -7.85
CD DAR A 24 -9.72 -0.95 -7.91
NE DAR A 24 -10.25 -0.17 -6.78
CZ DAR A 24 -11.00 0.93 -6.91
NH1 DAR A 24 -11.41 1.33 -8.11
NH2 DAR A 24 -11.34 1.64 -5.84
C DAR A 24 -7.56 -4.55 -5.82
O DAR A 24 -6.56 -4.46 -5.10
H DAR A 24 -6.35 -2.13 -7.19
HA DAR A 24 -7.74 -3.75 -7.75
HB2 DAR A 24 -10.01 -4.08 -6.54
HB3 DAR A 24 -9.66 -2.54 -5.78
HG2 DAR A 24 -9.78 -2.89 -8.75
HG3 DAR A 24 -11.19 -2.48 -7.77
HD2 DAR A 24 -8.64 -0.89 -7.89
HD3 DAR A 24 -10.07 -0.53 -8.84
HE DAR A 24 -9.99 -0.51 -5.89
HH11 DAR A 24 -11.19 0.83 -8.96
HH12 DAR A 24 -11.96 2.15 -8.23
HH21 DAR A 24 -11.06 1.38 -4.91
HH22 DAR A 24 -11.90 2.47 -5.91
N GLY A 25 -8.31 -5.63 -5.88
CA GLY A 25 -8.02 -6.78 -5.07
C GLY A 25 -7.17 -7.77 -5.83
N DTH A 26 -6.89 -7.43 -7.07
CA DTH A 26 -6.06 -8.21 -7.95
CB DTH A 26 -4.64 -8.44 -7.34
CG2 DTH A 26 -3.69 -9.11 -8.32
OG1 DTH A 26 -4.08 -7.17 -6.90
C DTH A 26 -5.95 -7.49 -9.30
O DTH A 26 -6.35 -8.01 -10.34
H DTH A 26 -7.28 -6.60 -7.41
HA DTH A 26 -6.53 -9.16 -8.11
HB DTH A 26 -4.77 -9.07 -6.47
HG21 DTH A 26 -4.09 -10.07 -8.60
HG22 DTH A 26 -2.72 -9.24 -7.86
HG23 DTH A 26 -3.59 -8.50 -9.20
HG1 DTH A 26 -4.05 -7.20 -5.94
N DSG A 27 -5.47 -6.26 -9.24
CA DSG A 27 -5.29 -5.43 -10.40
C DSG A 27 -5.44 -3.97 -9.95
O DSG A 27 -5.70 -3.73 -8.77
CB DSG A 27 -3.88 -5.71 -11.00
CG DSG A 27 -3.62 -5.05 -12.35
OD1 DSG A 27 -3.11 -3.94 -12.41
ND2 DSG A 27 -3.98 -5.70 -13.42
H DSG A 27 -5.23 -5.90 -8.36
HA DSG A 27 -6.06 -5.67 -11.12
HB2 DSG A 27 -3.13 -5.37 -10.31
HB3 DSG A 27 -3.77 -6.78 -11.12
HD21 DSG A 27 -4.40 -6.59 -13.33
HD22 DSG A 27 -3.81 -5.29 -14.29
N DIL A 28 -5.26 -3.01 -10.83
CA DIL A 28 -5.48 -1.59 -10.54
C DIL A 28 -4.35 -0.99 -9.65
O DIL A 28 -4.39 0.19 -9.27
CB DIL A 28 -5.71 -0.78 -11.90
CG1 DIL A 28 -4.56 -0.93 -12.94
CG2 DIL A 28 -6.06 0.69 -11.66
CD1 DIL A 28 -3.23 -0.29 -12.57
H DIL A 28 -4.94 -3.25 -11.74
HA DIL A 28 -6.39 -1.54 -9.98
HB DIL A 28 -6.60 -1.21 -12.33
HG12 DIL A 28 -4.37 -1.98 -13.10
HG13 DIL A 28 -4.88 -0.50 -13.87
HG21 DIL A 28 -6.97 0.76 -11.10
HG22 DIL A 28 -6.18 1.19 -12.62
HG23 DIL A 28 -5.25 1.14 -11.12
HD11 DIL A 28 -2.86 -0.73 -11.66
HD12 DIL A 28 -3.37 0.77 -12.42
HD13 DIL A 28 -2.52 -0.47 -13.36
N DGL A 29 -3.41 -1.82 -9.30
CA DGL A 29 -2.27 -1.45 -8.47
C DGL A 29 -2.69 -0.88 -7.12
O DGL A 29 -3.53 -1.47 -6.43
CB DGL A 29 -1.42 -2.69 -8.19
CG DGL A 29 -0.89 -3.37 -9.44
CD DGL A 29 -0.10 -4.61 -9.08
OE1 DGL A 29 -0.61 -5.73 -9.27
OE2 DGL A 29 1.02 -4.49 -8.55
H DGL A 29 -3.47 -2.74 -9.61
HA DGL A 29 -1.67 -0.73 -9.00
HB2 DGL A 29 -0.58 -2.41 -7.59
HB3 DGL A 29 -2.02 -3.40 -7.65
HG2 DGL A 29 -1.72 -3.66 -10.06
HG3 DGL A 29 -0.26 -2.69 -9.98
N DLY A 30 -2.15 0.27 -6.78
CA DLY A 30 -2.32 0.86 -5.46
C DLY A 30 -1.52 0.01 -4.49
O DLY A 30 -0.28 0.04 -4.53
CB DLY A 30 -1.81 2.30 -5.42
CG DLY A 30 -2.71 3.33 -6.11
CD DLY A 30 -3.93 3.71 -5.25
CE DLY A 30 -3.51 4.40 -3.96
NZ DLY A 30 -4.64 4.95 -3.20
H DLY A 30 -1.59 0.75 -7.43
HA DLY A 30 -3.37 0.83 -5.18
HB2 DLY A 30 -1.67 2.60 -4.39
HB3 DLY A 30 -0.84 2.32 -5.91
HG2 DLY A 30 -2.14 4.22 -6.30
HG3 DLY A 30 -3.06 2.91 -7.04
HD2 DLY A 30 -4.56 4.37 -5.82
HD3 DLY A 30 -4.49 2.82 -5.00
HE2 DLY A 30 -3.01 3.68 -3.33
HE3 DLY A 30 -2.81 5.20 -4.19
HZ1 DLY A 30 -5.32 4.22 -2.92
HZ2 DLY A 30 -5.17 5.68 -3.74
HZ3 DLY A 30 -4.31 5.42 -2.32
N DAR A 31 -2.19 -0.76 -3.70
CA DAR A 31 -1.51 -1.64 -2.80
CB DAR A 31 -1.86 -3.10 -3.04
CG DAR A 31 -1.41 -3.63 -4.38
CD DAR A 31 -1.66 -5.11 -4.46
NE DAR A 31 -1.24 -5.66 -5.75
CZ DAR A 31 -0.88 -6.93 -5.95
NH1 DAR A 31 -0.82 -7.78 -4.94
NH2 DAR A 31 -0.55 -7.33 -7.17
C DAR A 31 -1.73 -1.30 -1.36
O DAR A 31 -2.83 -0.91 -0.94
H DAR A 31 -3.17 -0.75 -3.68
HA DAR A 31 -0.46 -1.52 -3.00
HB2 DAR A 31 -1.38 -3.69 -2.27
HB3 DAR A 31 -2.92 -3.22 -2.95
HG2 DAR A 31 -1.95 -3.12 -5.16
HG3 DAR A 31 -0.35 -3.46 -4.49
HD2 DAR A 31 -1.13 -5.60 -3.65
HD3 DAR A 31 -2.73 -5.29 -4.33
HE DAR A 31 -1.25 -5.03 -6.49
HH11 DAR A 31 -1.04 -7.53 -4.00
HH12 DAR A 31 -0.55 -8.74 -5.07
HH21 DAR A 31 -0.57 -6.70 -7.96
HH22 DAR A 31 -0.28 -8.28 -7.36
N DCY A 32 -0.68 -1.43 -0.64
CA DCY A 32 -0.66 -1.24 0.76
C DCY A 32 -1.08 -2.54 1.35
O DCY A 32 -0.50 -3.58 0.99
CB DCY A 32 0.76 -0.92 1.22
SG DCY A 32 0.95 -0.77 3.03
H DCY A 32 0.14 -1.73 -1.08
HA DCY A 32 -1.34 -0.46 1.04
HB2 DCY A 32 1.43 -1.69 0.88
HB3 DCY A 32 1.06 0.02 0.78
N DAR A 33 -2.07 -2.52 2.18
CA DAR A 33 -2.56 -3.71 2.83
CB DAR A 33 -3.81 -4.27 2.13
CG DAR A 33 -4.90 -3.24 1.81
CD DAR A 33 -6.12 -3.90 1.18
NE DAR A 33 -5.78 -4.67 -0.02
CZ DAR A 33 -6.59 -5.55 -0.63
NH1 DAR A 33 -7.85 -5.67 -0.26
NH2 DAR A 33 -6.12 -6.27 -1.65
C DAR A 33 -2.78 -3.46 4.32
O DAR A 33 -1.91 -3.84 5.12
OXT DAR A 33 -3.80 -2.86 4.69
H DAR A 33 -2.51 -1.67 2.39
HA DAR A 33 -1.77 -4.44 2.75
HB2 DAR A 33 -3.52 -4.73 1.19
HB3 DAR A 33 -4.24 -5.03 2.75
HG2 DAR A 33 -5.20 -2.75 2.74
HG3 DAR A 33 -4.51 -2.51 1.13
HD2 DAR A 33 -6.57 -4.56 1.91
HD3 DAR A 33 -6.83 -3.12 0.91
HE DAR A 33 -4.86 -4.52 -0.37
HH11 DAR A 33 -8.24 -5.11 0.48
HH12 DAR A 33 -8.48 -6.31 -0.70
HH21 DAR A 33 -5.19 -6.17 -1.97
HH22 DAR A 33 -6.69 -6.94 -2.14
N GLY A 1 11.96 5.05 9.56
CA GLY A 1 10.71 5.03 8.82
C GLY A 1 10.42 3.66 8.28
N DAS A 2 11.08 3.30 7.20
CA DAS A 2 10.87 2.00 6.59
C DAS A 2 9.65 2.08 5.71
O DAS A 2 9.72 2.50 4.55
CB DAS A 2 12.10 1.50 5.81
CG DAS A 2 11.90 0.10 5.27
OD1 DAS A 2 11.95 -0.10 4.05
OD2 DAS A 2 11.70 -0.84 6.09
H DAS A 2 11.72 3.92 6.78
HA DAS A 2 10.65 1.30 7.40
HB2 DAS A 2 12.27 2.17 4.98
HB3 DAS A 2 12.95 1.51 6.47
N DCY A 3 8.55 1.75 6.30
CA DCY A 3 7.28 1.85 5.66
C DCY A 3 7.01 0.68 4.71
O DCY A 3 7.64 -0.38 4.81
CB DCY A 3 6.20 1.96 6.75
SG DCY A 3 6.26 0.64 8.03
H DCY A 3 8.59 1.43 7.23
HA DCY A 3 7.27 2.76 5.09
HB2 DCY A 3 6.30 2.89 7.26
HB3 DCY A 3 5.22 1.91 6.29
N DLE A 4 6.11 0.90 3.78
CA DLE A 4 5.71 -0.11 2.82
CB DLE A 4 5.00 0.52 1.59
CG DLE A 4 5.88 1.28 0.55
CD1 DLE A 4 5.01 1.86 -0.55
CD2 DLE A 4 6.67 2.40 1.19
C DLE A 4 4.81 -1.15 3.50
O DLE A 4 3.81 -0.77 4.12
H DLE A 4 5.68 1.79 3.75
HA DLE A 4 6.63 -0.58 2.48
HB2 DLE A 4 4.48 -0.27 1.06
HB3 DLE A 4 4.24 1.20 1.96
HG DLE A 4 6.56 0.59 0.11
HD11 DLE A 4 4.29 2.54 -0.13
HD12 DLE A 4 4.50 1.05 -1.05
HD13 DLE A 4 5.64 2.38 -1.26
HD21 DLE A 4 7.26 2.89 0.43
HD22 DLE A 4 7.31 1.99 1.95
HD23 DLE A 4 6.00 3.12 1.63
N DPR A 5 5.15 -2.45 3.43
CA DPR A 5 4.42 -3.49 4.15
CB DPR A 5 5.35 -4.72 4.09
CG DPR A 5 6.60 -4.24 3.42
CD DPR A 5 6.25 -3.02 2.64
C DPR A 5 3.06 -3.81 3.49
O DPR A 5 2.75 -3.33 2.39
HA DPR A 5 4.24 -3.22 5.17
HB2 DPR A 5 5.54 -5.05 5.09
HB3 DPR A 5 4.88 -5.51 3.52
HG2 DPR A 5 7.34 -3.99 4.17
HG3 DPR A 5 6.98 -5.01 2.77
HD2 DPR A 5 7.11 -2.37 2.56
HD3 DPR A 5 5.90 -3.30 1.65
N DHI A 6 2.26 -4.61 4.17
CA DHI A 6 0.93 -4.96 3.64
C DHI A 6 1.07 -5.94 2.48
O DHI A 6 1.93 -6.83 2.51
CB DHI A 6 0.00 -5.54 4.74
CG DHI A 6 0.32 -6.93 5.22
ND1 DHI A 6 -0.44 -8.03 4.89
CD2 DHI A 6 1.30 -7.40 6.03
CE1 DHI A 6 0.05 -9.09 5.46
NE2 DHI A 6 1.11 -8.74 6.16
H DHI A 6 2.56 -4.97 5.02
HA DHI A 6 0.50 -4.05 3.26
HB2 DHI A 6 0.04 -4.89 5.60
HB3 DHI A 6 -1.02 -5.54 4.36
HD1 DHI A 6 -1.26 -8.05 4.33
HD2 DHI A 6 2.09 -6.81 6.49
HE1 DHI A 6 -0.34 -10.09 5.36
HE2 DHI A 6 1.43 -9.27 6.93
N DLE A 7 0.21 -5.76 1.48
CA DLE A 7 0.14 -6.54 0.25
CB DLE A 7 0.08 -8.06 0.50
CG DLE A 7 -1.18 -8.56 1.21
CD1 DLE A 7 -2.42 -8.28 0.37
CD2 DLE A 7 -1.05 -10.04 1.50
C DLE A 7 1.25 -6.15 -0.71
O DLE A 7 1.58 -6.91 -1.63
H DLE A 7 -0.40 -4.98 1.54
HA DLE A 7 -0.78 -6.24 -0.23
HB2 DLE A 7 0.17 -8.56 -0.45
HB3 DLE A 7 0.94 -8.33 1.10
HG DLE A 7 -1.28 -8.04 2.14
HD11 DLE A 7 -3.29 -8.68 0.88
HD12 DLE A 7 -2.32 -8.75 -0.60
HD13 DLE A 7 -2.54 -7.22 0.23
HD21 DLE A 7 -0.20 -10.21 2.16
HD22 DLE A 7 -0.91 -10.59 0.58
HD23 DLE A 7 -1.95 -10.38 1.99
N DLY A 8 1.76 -4.95 -0.55
CA DLY A 8 2.82 -4.44 -1.40
C DLY A 8 2.36 -3.22 -2.14
O DLY A 8 1.25 -2.77 -1.93
CB DLY A 8 4.12 -4.10 -0.63
CG DLY A 8 5.04 -5.27 -0.29
CD DLY A 8 4.42 -6.24 0.69
CE DLY A 8 5.37 -7.37 1.06
NZ DLY A 8 5.70 -8.23 -0.10
H DLY A 8 1.36 -4.36 0.14
HA DLY A 8 3.04 -5.21 -2.13
HB2 DLY A 8 4.69 -3.40 -1.22
HB3 DLY A 8 3.84 -3.61 0.29
HG2 DLY A 8 5.28 -5.79 -1.20
HG3 DLY A 8 5.94 -4.86 0.13
HD2 DLY A 8 4.15 -5.69 1.59
HD3 DLY A 8 3.53 -6.65 0.25
HE2 DLY A 8 6.29 -6.95 1.44
HE3 DLY A 8 4.91 -7.96 1.83
HZ1 DLY A 8 6.21 -7.72 -0.85
HZ2 DLY A 8 4.84 -8.62 -0.52
HZ3 DLY A 8 6.27 -9.05 0.20
N DLE A 9 3.19 -2.73 -3.01
CA DLE A 9 2.95 -1.52 -3.79
CB DLE A 9 4.13 -1.31 -4.77
CG DLE A 9 5.57 -1.67 -4.28
CD1 DLE A 9 6.58 -1.40 -5.38
CD2 DLE A 9 5.97 -0.94 -3.00
C DLE A 9 2.70 -0.29 -2.92
O DLE A 9 3.06 -0.27 -1.74
H DLE A 9 4.04 -3.21 -3.15
HA DLE A 9 2.05 -1.70 -4.38
HB2 DLE A 9 3.94 -1.90 -5.66
HB3 DLE A 9 4.13 -0.27 -5.06
HG DLE A 9 5.60 -2.73 -4.10
HD11 DLE A 9 6.55 -0.35 -5.65
HD12 DLE A 9 6.35 -2.00 -6.24
HD13 DLE A 9 7.57 -1.65 -5.02
HD21 DLE A 9 5.30 -1.23 -2.21
HD22 DLE A 9 5.93 0.13 -3.14
HD23 DLE A 9 6.98 -1.23 -2.72
N DCY A 10 2.08 0.73 -3.49
CA DCY A 10 1.85 2.00 -2.80
C DCY A 10 2.76 3.08 -3.29
O DCY A 10 3.34 2.98 -4.39
CB DCY A 10 0.43 2.51 -2.98
SG DCY A 10 -0.80 1.95 -1.77
H DCY A 10 1.74 0.65 -4.40
HA DCY A 10 2.03 1.85 -1.74
HB2 DCY A 10 0.44 3.59 -2.92
HB3 DCY A 10 0.08 2.23 -3.95
N DLY A 11 2.89 4.10 -2.48
CA DLY A 11 3.57 5.30 -2.84
C DLY A 11 2.98 6.45 -2.01
O DLY A 11 2.84 7.59 -2.48
CB DLY A 11 5.09 5.17 -2.70
CG DLY A 11 5.87 6.39 -3.21
CD DLY A 11 5.52 6.69 -4.66
CE DLY A 11 6.25 7.91 -5.16
NZ DLY A 11 5.81 8.29 -6.52
H DLY A 11 2.50 4.04 -1.59
HA DLY A 11 3.31 5.49 -3.88
HB2 DLY A 11 5.33 5.01 -1.66
HB3 DLY A 11 5.40 4.31 -3.26
HG2 DLY A 11 5.63 7.24 -2.60
HG3 DLY A 11 6.92 6.18 -3.14
HD2 DLY A 11 5.77 5.84 -5.28
HD3 DLY A 11 4.46 6.88 -4.73
HE2 DLY A 11 6.06 8.73 -4.49
HE3 DLY A 11 7.30 7.69 -5.18
HZ1 DLY A 11 5.99 7.52 -7.20
HZ2 DLY A 11 6.34 9.11 -6.85
HZ3 DLY A 11 4.80 8.51 -6.55
N DGL A 12 2.63 6.13 -0.76
CA DGL A 12 1.88 7.02 0.09
C DGL A 12 1.27 6.20 1.23
O DGL A 12 1.97 5.38 1.83
CB DGL A 12 2.72 8.15 0.67
CG DGL A 12 1.91 9.17 1.44
CD DGL A 12 2.73 10.24 2.06
OE1 DGL A 12 2.98 11.27 1.40
OE2 DGL A 12 3.13 10.09 3.21
H DGL A 12 2.91 5.28 -0.36
HA DGL A 12 1.07 7.43 -0.50
HB2 DGL A 12 3.47 7.73 1.32
HB3 DGL A 12 3.22 8.66 -0.15
HG2 DGL A 12 1.20 9.62 0.77
HG3 DGL A 12 1.37 8.64 2.23
N DSG A 13 -0.01 6.42 1.50
CA DSG A 13 -0.75 5.67 2.53
C DSG A 13 -0.12 5.80 3.89
O DSG A 13 0.01 4.82 4.62
CB DSG A 13 -2.26 6.09 2.58
CG DSG A 13 -2.50 7.49 3.12
OD1 DSG A 13 -2.69 7.68 4.32
ND2 DSG A 13 -2.50 8.47 2.25
H DSG A 13 -0.48 7.09 0.97
HA DSG A 13 -0.70 4.63 2.25
HB2 DSG A 13 -2.67 6.04 1.59
HB3 DSG A 13 -2.78 5.38 3.21
HD21 DSG A 13 -2.36 8.27 1.30
HD22 DSG A 13 -2.66 9.38 2.59
N DLY A 14 0.34 6.99 4.22
CA DLY A 14 0.93 7.27 5.52
C DLY A 14 2.30 6.57 5.59
O DLY A 14 2.77 6.20 6.68
CB DLY A 14 1.02 8.81 5.71
CG DLY A 14 1.30 9.31 7.14
CD DLY A 14 2.74 9.12 7.59
CE DLY A 14 2.93 9.48 9.05
NZ DLY A 14 2.56 10.88 9.36
H DLY A 14 0.28 7.71 3.55
HA DLY A 14 0.28 6.84 6.27
HB2 DLY A 14 1.82 9.18 5.09
HB3 DLY A 14 0.10 9.24 5.37
HG2 DLY A 14 1.05 10.35 7.20
HG3 DLY A 14 0.65 8.77 7.83
HD2 DLY A 14 3.02 8.10 7.43
HD3 DLY A 14 3.37 9.77 6.99
HE2 DLY A 14 2.29 8.83 9.64
HE3 DLY A 14 3.96 9.31 9.33
HZ1 DLY A 14 1.56 11.07 9.19
HZ2 DLY A 14 3.13 11.54 8.78
HZ3 DLY A 14 2.76 11.10 10.36
N DAS A 15 2.88 6.32 4.44
CA DAS A 15 4.19 5.70 4.36
C DAS A 15 4.03 4.17 4.31
O DAS A 15 4.99 3.43 4.38
CB DAS A 15 4.95 6.23 3.14
CG DAS A 15 6.46 5.99 3.22
OD1 DAS A 15 7.03 5.33 2.34
OD2 DAS A 15 7.10 6.51 4.17
H DAS A 15 2.41 6.55 3.61
HA DAS A 15 4.73 5.95 5.26
HB2 DAS A 15 4.58 5.74 2.25
HB3 DAS A 15 4.78 7.29 3.06
N DCY A 16 2.80 3.72 4.14
CA DCY A 16 2.49 2.30 4.27
C DCY A 16 2.41 1.97 5.76
O DCY A 16 1.85 2.75 6.53
CB DCY A 16 1.14 1.95 3.62
SG DCY A 16 0.88 2.47 1.88
H DCY A 16 2.08 4.35 3.92
HA DCY A 16 3.29 1.73 3.81
HB2 DCY A 16 1.01 0.89 3.67
HB3 DCY A 16 0.36 2.41 4.22
N DCY A 17 2.93 0.83 6.17
CA DCY A 17 2.90 0.41 7.59
C DCY A 17 1.46 0.21 8.04
O DCY A 17 1.06 0.66 9.11
CB DCY A 17 3.65 -0.92 7.77
SG DCY A 17 5.36 -0.96 7.14
H DCY A 17 3.37 0.24 5.52
HA DCY A 17 3.37 1.17 8.18
HB2 DCY A 17 3.70 -1.17 8.82
HB3 DCY A 17 3.10 -1.70 7.25
N DSN A 18 0.69 -0.43 7.20
CA DSN A 18 -0.68 -0.73 7.49
C DSN A 18 -1.59 0.46 7.14
O DSN A 18 -2.78 0.45 7.42
CB DSN A 18 -1.05 -1.96 6.69
OG DSN A 18 -0.04 -2.95 6.87
H DSN A 18 1.05 -0.76 6.35
HA DSN A 18 -0.77 -0.94 8.54
HB2 DSN A 18 -2.00 -2.34 7.03
HB3 DSN A 18 -1.10 -1.70 5.65
HG DSN A 18 -0.10 -3.24 7.78
N DLY A 19 -0.98 1.49 6.53
CA DLY A 19 -1.59 2.75 6.11
C DLY A 19 -2.74 2.64 5.06
O DLY A 19 -3.00 3.60 4.34
CB DLY A 19 -2.02 3.59 7.33
CG DLY A 19 -2.27 5.05 7.02
CD DLY A 19 -2.61 5.84 8.25
CE DLY A 19 -2.74 7.33 7.94
NZ DLY A 19 -3.77 7.62 6.92
H DLY A 19 -0.02 1.41 6.39
HA DLY A 19 -0.79 3.30 5.63
HB2 DLY A 19 -2.92 3.17 7.73
HB3 DLY A 19 -1.23 3.54 8.08
HG2 DLY A 19 -1.39 5.48 6.56
HG3 DLY A 19 -3.10 5.11 6.31
HD2 DLY A 19 -3.54 5.46 8.64
HD3 DLY A 19 -1.84 5.68 8.99
HE2 DLY A 19 -2.98 7.85 8.85
HE3 DLY A 19 -1.77 7.68 7.59
HZ1 DLY A 19 -3.85 8.65 6.80
HZ2 DLY A 19 -4.69 7.23 7.17
HZ3 DLY A 19 -3.49 7.23 5.99
N DLY A 20 -3.38 1.50 4.96
CA DLY A 20 -4.49 1.35 4.04
C DLY A 20 -3.98 1.14 2.61
O DLY A 20 -3.67 0.04 2.20
CB DLY A 20 -5.40 0.18 4.45
CG DLY A 20 -5.77 0.19 5.91
CD DLY A 20 -6.81 -0.89 6.26
CE DLY A 20 -6.38 -2.30 5.85
NZ DLY A 20 -5.09 -2.72 6.44
H DLY A 20 -3.12 0.76 5.53
HA DLY A 20 -5.06 2.26 4.07
HB2 DLY A 20 -6.30 0.21 3.85
HB3 DLY A 20 -4.87 -0.74 4.24
HG2 DLY A 20 -4.90 0.02 6.51
HG3 DLY A 20 -6.19 1.16 6.15
HD2 DLY A 20 -6.96 -0.88 7.34
HD3 DLY A 20 -7.73 -0.65 5.78
HE2 DLY A 20 -7.15 -2.99 6.17
HE3 DLY A 20 -6.31 -2.32 4.78
HZ1 DLY A 20 -4.29 -2.24 5.98
HZ2 DLY A 20 -4.96 -3.74 6.29
HZ3 DLY A 20 -5.05 -2.54 7.46
N DCY A 21 -3.87 2.22 1.90
CA DCY A 21 -3.40 2.19 0.53
C DCY A 21 -4.59 2.22 -0.41
O DCY A 21 -5.28 3.24 -0.53
CB DCY A 21 -2.49 3.39 0.30
SG DCY A 21 -1.89 3.61 -1.40
H DCY A 21 -4.10 3.08 2.30
HA DCY A 21 -2.85 1.28 0.38
HB2 DCY A 21 -3.03 4.29 0.56
HB3 DCY A 21 -1.63 3.30 0.95
N DLY A 22 -4.88 1.10 -1.04
CA DLY A 22 -6.03 0.98 -1.92
C DLY A 22 -5.70 0.13 -3.13
O DLY A 22 -4.88 -0.79 -3.04
CB DLY A 22 -7.26 0.38 -1.19
CG DLY A 22 -7.81 1.22 -0.05
CD DLY A 22 -9.06 0.61 0.59
CE DLY A 22 -8.78 -0.76 1.20
NZ DLY A 22 -9.96 -1.36 1.86
H DLY A 22 -4.28 0.32 -0.92
HA DLY A 22 -6.28 1.98 -2.26
HB2 DLY A 22 -8.05 0.22 -1.90
HB3 DLY A 22 -6.96 -0.58 -0.78
HG2 DLY A 22 -7.06 1.33 0.71
HG3 DLY A 22 -8.07 2.21 -0.43
HD2 DLY A 22 -9.43 1.26 1.36
HD3 DLY A 22 -9.81 0.49 -0.18
HE2 DLY A 22 -8.44 -1.43 0.42
HE3 DLY A 22 -7.98 -0.64 1.93
HZ1 DLY A 22 -9.72 -2.30 2.22
HZ2 DLY A 22 -10.76 -1.48 1.20
HZ3 DLY A 22 -10.28 -0.78 2.66
N DAR A 23 -6.34 0.41 -4.24
CA DAR A 23 -6.15 -0.38 -5.45
CB DAR A 23 -6.34 0.47 -6.72
CG DAR A 23 -7.70 1.12 -6.85
CD DAR A 23 -7.98 1.64 -8.25
NE DAR A 23 -7.01 2.65 -8.67
CZ DAR A 23 -7.30 3.96 -8.83
NH1 DAR A 23 -8.48 4.44 -8.41
NH2 DAR A 23 -6.39 4.78 -9.34
C DAR A 23 -7.15 -1.51 -5.47
O DAR A 23 -8.02 -1.57 -4.59
H DAR A 23 -6.98 1.14 -4.23
HA DAR A 23 -5.15 -0.80 -5.43
HB2 DAR A 23 -5.59 1.25 -6.76
HB3 DAR A 23 -6.21 -0.18 -7.59
HG2 DAR A 23 -8.46 0.38 -6.59
HG3 DAR A 23 -7.76 1.93 -6.14
HD2 DAR A 23 -7.94 0.81 -8.94
HD3 DAR A 23 -8.97 2.07 -8.27
HE DAR A 23 -6.13 2.30 -8.91
HH11 DAR A 23 -9.20 3.87 -7.99
HH12 DAR A 23 -8.72 5.41 -8.52
HH21 DAR A 23 -5.48 4.46 -9.62
HH22 DAR A 23 -6.56 5.76 -9.48
N DAR A 24 -7.02 -2.38 -6.46
CA DAR A 24 -7.99 -3.45 -6.74
CB DAR A 24 -9.39 -2.87 -6.95
CG DAR A 24 -9.47 -1.99 -8.18
CD DAR A 24 -10.74 -1.16 -8.19
NE DAR A 24 -11.96 -1.96 -8.18
CZ DAR A 24 -12.99 -1.78 -9.02
NH1 DAR A 24 -12.92 -0.88 -10.01
NH2 DAR A 24 -14.10 -2.50 -8.88
C DAR A 24 -7.96 -4.57 -5.70
O DAR A 24 -7.26 -4.48 -4.68
H DAR A 24 -6.22 -2.35 -7.01
HA DAR A 24 -7.67 -3.89 -7.68
HB2 DAR A 24 -10.09 -3.69 -7.07
HB3 DAR A 24 -9.66 -2.29 -6.09
HG2 DAR A 24 -8.62 -1.34 -8.20
HG3 DAR A 24 -9.46 -2.62 -9.06
HD2 DAR A 24 -10.72 -0.52 -7.32
HD3 DAR A 24 -10.72 -0.53 -9.07
HE DAR A 24 -12.01 -2.63 -7.47
HH11 DAR A 24 -12.11 -0.30 -10.15
HH12 DAR A 24 -13.68 -0.75 -10.64
HH21 DAR A 24 -14.22 -3.18 -8.16
HH22 DAR A 24 -14.87 -2.39 -9.51
N GLY A 25 -8.66 -5.62 -5.99
CA GLY A 25 -8.73 -6.73 -5.10
C GLY A 25 -7.63 -7.71 -5.36
N DTH A 26 -6.48 -7.43 -4.81
CA DTH A 26 -5.35 -8.30 -4.96
CB DTH A 26 -4.38 -8.18 -3.75
CG2 DTH A 26 -3.76 -6.79 -3.65
OG1 DTH A 26 -5.11 -8.47 -2.55
C DTH A 26 -4.62 -8.04 -6.29
O DTH A 26 -3.97 -8.93 -6.83
H DTH A 26 -6.39 -6.61 -4.27
HA DTH A 26 -5.74 -9.30 -4.99
HB DTH A 26 -3.60 -8.92 -3.87
HG21 DTH A 26 -3.09 -6.75 -2.80
HG22 DTH A 26 -4.55 -6.06 -3.52
HG23 DTH A 26 -3.22 -6.57 -4.56
HG1 DTH A 26 -5.74 -9.16 -2.76
N DSG A 27 -4.77 -6.84 -6.83
CA DSG A 27 -4.14 -6.46 -8.08
C DSG A 27 -4.74 -5.14 -8.51
O DSG A 27 -5.38 -4.49 -7.69
CB DSG A 27 -2.61 -6.29 -7.89
CG DSG A 27 -1.85 -6.15 -9.20
OD1 DSG A 27 -1.69 -5.06 -9.72
ND2 DSG A 27 -1.36 -7.25 -9.70
H DSG A 27 -5.34 -6.17 -6.40
HA DSG A 27 -4.35 -7.21 -8.82
HB2 DSG A 27 -2.44 -5.40 -7.31
HB3 DSG A 27 -2.24 -7.15 -7.36
HD21 DSG A 27 -1.50 -8.10 -9.23
HD22 DSG A 27 -0.82 -7.20 -10.52
N DIL A 28 -4.56 -4.74 -9.75
CA DIL A 28 -5.12 -3.50 -10.27
C DIL A 28 -4.42 -2.27 -9.71
O DIL A 28 -5.00 -1.18 -9.62
CB DIL A 28 -5.11 -3.41 -11.84
CG1 DIL A 28 -6.04 -4.46 -12.51
CG2 DIL A 28 -3.69 -3.55 -12.40
CD1 DIL A 28 -5.61 -5.91 -12.37
H DIL A 28 -4.00 -5.30 -10.34
HA DIL A 28 -6.15 -3.43 -9.95
HB DIL A 28 -5.45 -2.43 -12.11
HG12 DIL A 28 -7.03 -4.37 -12.08
HG13 DIL A 28 -6.11 -4.24 -13.56
HG21 DIL A 28 -3.71 -3.49 -13.47
HG22 DIL A 28 -3.27 -4.51 -12.10
HG23 DIL A 28 -3.07 -2.76 -11.99
HD11 DIL A 28 -5.53 -6.15 -11.32
HD12 DIL A 28 -4.65 -6.04 -12.85
HD13 DIL A 28 -6.35 -6.55 -12.82
N DGL A 29 -3.17 -2.46 -9.33
CA DGL A 29 -2.35 -1.38 -8.80
C DGL A 29 -2.80 -0.92 -7.43
O DGL A 29 -3.54 -1.64 -6.72
CB DGL A 29 -0.89 -1.83 -8.75
CG DGL A 29 -0.26 -2.07 -10.11
CD DGL A 29 -0.20 -0.82 -10.94
OE1 DGL A 29 0.60 0.08 -10.63
OE2 DGL A 29 -0.95 -0.71 -11.94
H DGL A 29 -2.77 -3.35 -9.40
HA DGL A 29 -2.42 -0.55 -9.48
HB2 DGL A 29 -0.31 -1.06 -8.24
HB3 DGL A 29 -0.83 -2.75 -8.18
HG2 DGL A 29 0.74 -2.46 -9.98
HG3 DGL A 29 -0.86 -2.81 -10.64
N DLY A 30 -2.37 0.26 -7.06
CA DLY A 30 -2.63 0.85 -5.77
C DLY A 30 -1.66 0.18 -4.81
O DLY A 30 -0.45 0.28 -4.99
CB DLY A 30 -2.32 2.35 -5.86
CG DLY A 30 -2.76 3.18 -4.67
CD DLY A 30 -4.26 3.37 -4.61
CE DLY A 30 -4.66 4.35 -3.51
NZ DLY A 30 -4.10 5.71 -3.71
H DLY A 30 -1.81 0.76 -7.69
HA DLY A 30 -3.65 0.68 -5.48
HB2 DLY A 30 -1.26 2.47 -5.97
HB3 DLY A 30 -2.81 2.74 -6.74
HG2 DLY A 30 -2.44 2.68 -3.76
HG3 DLY A 30 -2.28 4.15 -4.71
HD2 DLY A 30 -4.61 3.76 -5.56
HD3 DLY A 30 -4.73 2.41 -4.42
HE2 DLY A 30 -5.74 4.43 -3.48
HE3 DLY A 30 -4.32 3.96 -2.56
HZ1 DLY A 30 -4.41 6.35 -2.95
HZ2 DLY A 30 -4.43 6.11 -4.61
HZ3 DLY A 30 -3.06 5.70 -3.72
N DAR A 31 -2.18 -0.53 -3.84
CA DAR A 31 -1.32 -1.32 -2.96
CB DAR A 31 -1.39 -2.80 -3.38
CG DAR A 31 -0.88 -3.02 -4.80
CD DAR A 31 -1.00 -4.45 -5.24
NE DAR A 31 -0.12 -5.36 -4.49
CZ DAR A 31 0.45 -6.46 -5.03
NH1 DAR A 31 0.46 -6.62 -6.35
NH2 DAR A 31 1.08 -7.33 -4.27
C DAR A 31 -1.65 -1.15 -1.49
O DAR A 31 -2.84 -1.06 -1.10
H DAR A 31 -3.15 -0.56 -3.67
HA DAR A 31 -0.31 -0.98 -3.12
HB2 DAR A 31 -0.79 -3.38 -2.70
HB3 DAR A 31 -2.42 -3.13 -3.33
HG2 DAR A 31 -1.45 -2.41 -5.48
HG3 DAR A 31 0.15 -2.73 -4.84
HD2 DAR A 31 -2.02 -4.77 -5.09
HD3 DAR A 31 -0.76 -4.50 -6.28
HE DAR A 31 -0.02 -5.15 -3.54
HH11 DAR A 31 0.07 -5.96 -6.99
HH12 DAR A 31 0.90 -7.43 -6.76
HH21 DAR A 31 1.17 -7.23 -3.27
HH22 DAR A 31 1.49 -8.16 -4.65
N DCY A 32 -0.62 -1.05 -0.68
CA DCY A 32 -0.73 -0.93 0.76
C DCY A 32 -1.17 -2.29 1.27
O DCY A 32 -0.62 -3.31 0.84
CB DCY A 32 0.63 -0.59 1.39
SG DCY A 32 1.47 0.91 0.73
H DCY A 32 0.29 -1.09 -1.06
HA DCY A 32 -1.46 -0.19 1.00
HB2 DCY A 32 0.48 -0.45 2.45
HB3 DCY A 32 1.29 -1.43 1.24
N DAR A 33 -2.13 -2.33 2.15
CA DAR A 33 -2.67 -3.56 2.64
CB DAR A 33 -3.93 -3.94 1.86
CG DAR A 33 -5.09 -2.97 2.08
CD DAR A 33 -6.26 -3.30 1.19
NE DAR A 33 -5.98 -2.99 -0.22
CZ DAR A 33 -6.67 -3.49 -1.25
NH1 DAR A 33 -7.66 -4.35 -1.04
NH2 DAR A 33 -6.37 -3.12 -2.49
C DAR A 33 -3.00 -3.41 4.12
O DAR A 33 -2.98 -4.40 4.86
OXT DAR A 33 -3.24 -2.26 4.55
H DAR A 33 -2.53 -1.50 2.50
HA DAR A 33 -1.93 -4.33 2.52
HB2 DAR A 33 -3.70 -3.94 0.80
HB3 DAR A 33 -4.24 -4.93 2.15
HG2 DAR A 33 -5.40 -3.05 3.11
HG3 DAR A 33 -4.75 -1.97 1.88
HD2 DAR A 33 -6.48 -4.35 1.28
HD3 DAR A 33 -7.11 -2.72 1.51
HE DAR A 33 -5.24 -2.36 -0.36
HH11 DAR A 33 -7.91 -4.64 -0.11
HH12 DAR A 33 -8.22 -4.76 -1.76
HH21 DAR A 33 -5.64 -2.47 -2.70
HH22 DAR A 33 -6.86 -3.49 -3.29
N GLY A 1 12.02 -2.27 6.86
CA GLY A 1 12.48 -2.30 5.47
C GLY A 1 12.40 -0.93 4.79
N DAS A 2 12.11 0.12 5.55
CA DAS A 2 12.09 1.47 4.99
C DAS A 2 10.73 1.79 4.40
O DAS A 2 10.64 2.40 3.33
CB DAS A 2 12.48 2.51 6.03
CG DAS A 2 12.51 3.91 5.46
OD1 DAS A 2 11.49 4.64 5.56
OD2 DAS A 2 13.55 4.33 4.90
H DAS A 2 11.92 0.01 6.51
HA DAS A 2 12.81 1.49 4.20
HB2 DAS A 2 11.77 2.48 6.85
HB3 DAS A 2 13.47 2.28 6.42
N DCY A 3 9.68 1.41 5.09
CA DCY A 3 8.35 1.68 4.61
C DCY A 3 7.85 0.52 3.74
O DCY A 3 8.45 -0.57 3.75
CB DCY A 3 7.40 2.01 5.78
SG DCY A 3 7.35 0.77 7.12
H DCY A 3 9.80 0.92 5.93
HA DCY A 3 8.43 2.55 3.97
HB2 DCY A 3 7.69 2.95 6.22
HB3 DCY A 3 6.39 2.11 5.39
N DLE A 4 6.82 0.77 3.00
CA DLE A 4 6.25 -0.22 2.12
CB DLE A 4 5.49 0.46 0.96
CG DLE A 4 6.34 1.08 -0.18
CD1 DLE A 4 5.46 1.84 -1.13
CD2 DLE A 4 7.46 1.99 0.32
C DLE A 4 5.34 -1.14 2.93
O DLE A 4 4.43 -0.67 3.61
H DLE A 4 6.41 1.66 3.02
HA DLE A 4 7.07 -0.76 1.71
HB2 DLE A 4 4.83 -0.27 0.53
HB3 DLE A 4 4.87 1.24 1.38
HG DLE A 4 6.79 0.27 -0.74
HD11 DLE A 4 4.98 2.64 -0.60
HD12 DLE A 4 4.71 1.17 -1.53
HD13 DLE A 4 6.07 2.23 -1.93
HD21 DLE A 4 8.02 2.36 -0.52
HD22 DLE A 4 8.11 1.43 0.98
HD23 DLE A 4 7.03 2.82 0.86
N DPR A 5 5.57 -2.46 2.88
CA DPR A 5 4.85 -3.42 3.71
CB DPR A 5 5.69 -4.71 3.61
CG DPR A 5 6.92 -4.31 2.85
CD DPR A 5 6.50 -3.16 2.00
C DPR A 5 3.42 -3.69 3.25
O DPR A 5 2.93 -3.08 2.29
HA DPR A 5 4.82 -3.10 4.75
HB2 DPR A 5 5.93 -5.06 4.59
HB3 DPR A 5 5.12 -5.46 3.08
HG2 DPR A 5 7.70 -4.02 3.54
HG3 DPR A 5 7.24 -5.14 2.23
HD2 DPR A 5 7.35 -2.58 1.69
HD3 DPR A 5 5.99 -3.54 1.14
N DHI A 6 2.75 -4.59 3.92
CA DHI A 6 1.38 -4.93 3.61
C DHI A 6 1.31 -5.86 2.40
O DHI A 6 2.16 -6.73 2.24
CB DHI A 6 0.65 -5.55 4.83
CG DHI A 6 1.07 -6.94 5.24
ND1 DHI A 6 0.16 -7.94 5.49
CD2 DHI A 6 2.28 -7.48 5.46
CE1 DHI A 6 0.78 -9.02 5.84
NE2 DHI A 6 2.07 -8.78 5.83
H DHI A 6 3.22 -5.02 4.67
HA DHI A 6 0.89 -4.01 3.35
HB2 DHI A 6 0.83 -4.91 5.68
HB3 DHI A 6 -0.41 -5.57 4.63
HD1 DHI A 6 -0.82 -7.85 5.44
HD2 DHI A 6 3.23 -6.99 5.36
HE1 DHI A 6 0.30 -9.97 6.07
HE2 DHI A 6 2.76 -9.36 6.23
N DLE A 7 0.31 -5.61 1.57
CA DLE A 7 0.05 -6.34 0.31
CB DLE A 7 -0.04 -7.89 0.47
CG DLE A 7 -1.31 -8.49 1.12
CD1 DLE A 7 -1.50 -8.03 2.55
CD2 DLE A 7 -2.55 -8.17 0.30
C DLE A 7 1.07 -5.94 -0.74
O DLE A 7 1.19 -6.57 -1.78
H DLE A 7 -0.27 -4.84 1.76
HA DLE A 7 -0.91 -5.97 -0.04
HB2 DLE A 7 0.07 -8.32 -0.51
HB3 DLE A 7 0.82 -8.19 1.06
HG DLE A 7 -1.20 -9.56 1.14
HD11 DLE A 7 -1.58 -6.96 2.59
HD12 DLE A 7 -0.67 -8.36 3.16
HD13 DLE A 7 -2.41 -8.46 2.95
HD21 DLE A 7 -3.40 -8.62 0.77
HD22 DLE A 7 -2.44 -8.57 -0.69
HD23 DLE A 7 -2.68 -7.10 0.25
N DLY A 8 1.73 -4.84 -0.51
CA DLY A 8 2.78 -4.39 -1.39
C DLY A 8 2.31 -3.09 -2.00
O DLY A 8 1.32 -2.54 -1.56
CB DLY A 8 4.08 -4.20 -0.57
CG DLY A 8 5.37 -4.17 -1.40
CD DLY A 8 5.65 -5.52 -2.05
CE DLY A 8 6.99 -5.52 -2.76
NZ DLY A 8 7.26 -6.81 -3.44
H DLY A 8 1.44 -4.26 0.24
HA DLY A 8 2.92 -5.13 -2.15
HB2 DLY A 8 4.00 -3.26 -0.04
HB3 DLY A 8 4.15 -5.00 0.14
HG2 DLY A 8 5.27 -3.41 -2.16
HG3 DLY A 8 6.20 -3.91 -0.75
HD2 DLY A 8 5.64 -6.28 -1.30
HD3 DLY A 8 4.86 -5.72 -2.78
HE2 DLY A 8 7.00 -4.73 -3.48
HE3 DLY A 8 7.76 -5.34 -2.03
HZ1 DLY A 8 8.20 -6.78 -3.91
HZ2 DLY A 8 6.57 -7.02 -4.18
HZ3 DLY A 8 7.28 -7.60 -2.77
N DLE A 9 3.00 -2.61 -3.02
CA DLE A 9 2.61 -1.38 -3.71
CB DLE A 9 3.46 -1.10 -5.00
CG DLE A 9 5.03 -1.18 -4.97
CD1 DLE A 9 5.67 -0.44 -3.81
CD2 DLE A 9 5.56 -2.60 -5.09
C DLE A 9 2.52 -0.14 -2.80
O DLE A 9 3.05 -0.12 -1.69
H DLE A 9 3.79 -3.09 -3.31
HA DLE A 9 1.60 -1.57 -4.04
HB2 DLE A 9 3.13 -1.80 -5.76
HB3 DLE A 9 3.19 -0.11 -5.34
HG DLE A 9 5.37 -0.64 -5.85
HD11 DLE A 9 5.33 -0.86 -2.88
HD12 DLE A 9 5.39 0.60 -3.84
HD13 DLE A 9 6.74 -0.53 -3.87
HD21 DLE A 9 6.63 -2.54 -5.20
HD22 DLE A 9 5.13 -3.09 -5.95
HD23 DLE A 9 5.34 -3.17 -4.20
N DCY A 10 1.81 0.86 -3.28
CA DCY A 10 1.68 2.11 -2.59
C DCY A 10 2.69 3.08 -3.11
O DCY A 10 3.34 2.83 -4.13
CB DCY A 10 0.30 2.76 -2.82
SG DCY A 10 -1.15 1.84 -2.24
H DCY A 10 1.36 0.76 -4.14
HA DCY A 10 1.83 1.96 -1.52
HB2 DCY A 10 0.28 3.72 -2.32
HB3 DCY A 10 0.19 2.93 -3.88
N DLY A 11 2.80 4.18 -2.46
CA DLY A 11 3.61 5.27 -2.87
C DLY A 11 3.00 6.46 -2.19
O DLY A 11 2.76 7.50 -2.78
CB DLY A 11 5.07 5.05 -2.47
CG DLY A 11 6.11 5.95 -3.15
CD DLY A 11 5.97 7.42 -2.80
CE DLY A 11 7.02 8.26 -3.49
NZ DLY A 11 6.92 8.20 -4.96
H DLY A 11 2.30 4.26 -1.61
HA DLY A 11 3.52 5.38 -3.95
HB2 DLY A 11 5.16 5.17 -1.39
HB3 DLY A 11 5.30 4.02 -2.72
HG2 DLY A 11 7.10 5.62 -2.86
HG3 DLY A 11 6.00 5.83 -4.22
HD2 DLY A 11 4.99 7.75 -3.10
HD3 DLY A 11 6.07 7.53 -1.73
HE2 DLY A 11 6.89 9.29 -3.19
HE3 DLY A 11 7.99 7.92 -3.19
HZ1 DLY A 11 7.64 8.83 -5.37
HZ2 DLY A 11 5.99 8.54 -5.29
HZ3 DLY A 11 7.10 7.24 -5.32
N DGL A 12 2.73 6.27 -0.91
CA DGL A 12 2.04 7.21 -0.11
C DGL A 12 1.60 6.48 1.14
O DGL A 12 2.29 5.56 1.57
CB DGL A 12 2.97 8.35 0.29
CG DGL A 12 2.28 9.49 0.98
CD DGL A 12 3.25 10.53 1.41
OE1 DGL A 12 3.88 11.14 0.55
OE2 DGL A 12 3.42 10.72 2.63
H DGL A 12 3.03 5.46 -0.45
HA DGL A 12 1.19 7.59 -0.65
HB2 DGL A 12 3.72 7.96 0.96
HB3 DGL A 12 3.45 8.73 -0.60
HG2 DGL A 12 1.56 9.94 0.31
HG3 DGL A 12 1.75 9.12 1.85
N DSG A 13 0.45 6.86 1.67
CA DSG A 13 -0.11 6.22 2.86
C DSG A 13 0.91 6.19 4.01
O DSG A 13 1.14 5.15 4.61
CB DSG A 13 -1.42 6.93 3.30
CG DSG A 13 -1.24 8.38 3.75
OD1 DSG A 13 -1.01 8.65 4.93
ND2 DSG A 13 -1.34 9.32 2.84
H DSG A 13 -0.05 7.57 1.23
HA DSG A 13 -0.35 5.20 2.60
HB2 DSG A 13 -2.11 6.93 2.47
HB3 DSG A 13 -1.86 6.37 4.11
HD21 DSG A 13 -1.54 9.06 1.92
HD22 DSG A 13 -1.22 10.26 3.10
N DLY A 14 1.58 7.30 4.24
CA DLY A 14 2.55 7.43 5.32
C DLY A 14 3.80 6.59 5.03
O DLY A 14 4.42 6.07 5.95
CB DLY A 14 2.94 8.91 5.48
CG DLY A 14 3.85 9.20 6.68
CD DLY A 14 4.27 10.66 6.73
CE DLY A 14 3.08 11.61 6.85
NZ DLY A 14 2.33 11.43 8.11
H DLY A 14 1.41 8.08 3.67
HA DLY A 14 2.09 7.09 6.24
HB2 DLY A 14 3.46 9.23 4.59
HB3 DLY A 14 2.04 9.48 5.60
HG2 DLY A 14 3.33 8.95 7.59
HG3 DLY A 14 4.73 8.58 6.61
HD2 DLY A 14 4.91 10.81 7.59
HD3 DLY A 14 4.82 10.89 5.83
HE2 DLY A 14 3.42 12.62 6.79
HE3 DLY A 14 2.41 11.41 6.02
HZ1 DLY A 14 2.95 11.63 8.92
HZ2 DLY A 14 1.94 10.48 8.22
HZ3 DLY A 14 1.54 12.11 8.15
N DAS A 15 4.11 6.43 3.76
CA DAS A 15 5.30 5.69 3.34
C DAS A 15 5.02 4.19 3.38
O DAS A 15 5.93 3.36 3.30
CB DAS A 15 5.76 6.16 1.94
CG DAS A 15 7.12 5.62 1.51
OD1 DAS A 15 8.04 5.56 2.36
OD2 DAS A 15 7.33 5.38 0.30
H DAS A 15 3.51 6.80 3.08
HA DAS A 15 6.08 5.92 4.05
HB2 DAS A 15 5.03 5.82 1.21
HB3 DAS A 15 5.79 7.24 1.93
N DCY A 16 3.77 3.84 3.51
CA DCY A 16 3.39 2.47 3.68
C DCY A 16 3.31 2.19 5.18
O DCY A 16 2.72 2.96 5.92
CB DCY A 16 2.03 2.19 3.04
SG DCY A 16 1.95 2.44 1.24
H DCY A 16 3.07 4.53 3.48
HA DCY A 16 4.14 1.83 3.24
HB2 DCY A 16 1.74 1.17 3.24
HB3 DCY A 16 1.27 2.82 3.49
N DCY A 17 3.90 1.09 5.60
CA DCY A 17 3.90 0.68 7.00
C DCY A 17 2.46 0.48 7.46
O DCY A 17 2.05 0.90 8.55
CB DCY A 17 4.63 -0.65 7.17
SG DCY A 17 6.27 -0.76 6.37
H DCY A 17 4.35 0.51 4.95
HA DCY A 17 4.38 1.45 7.59
HB2 DCY A 17 4.79 -0.83 8.22
HB3 DCY A 17 4.01 -1.43 6.77
N DSN A 18 1.70 -0.14 6.58
CA DSN A 18 0.33 -0.47 6.83
C DSN A 18 -0.60 0.73 6.60
O DSN A 18 -1.75 0.74 7.05
CB DSN A 18 0.00 -1.61 5.92
OG DSN A 18 0.98 -2.63 6.03
H DSN A 18 2.07 -0.44 5.73
HA DSN A 18 0.24 -0.81 7.86
HB2 DSN A 18 -0.97 -2.03 6.18
HB3 DSN A 18 -0.03 -1.27 4.90
HG DSN A 18 0.70 -3.22 6.75
N DLY A 19 -0.09 1.75 5.89
CA DLY A 19 -0.79 3.04 5.59
C DLY A 19 -2.05 2.91 4.66
O DLY A 19 -2.35 3.84 3.89
CB DLY A 19 -1.14 3.80 6.89
CG DLY A 19 -1.79 5.15 6.66
CD DLY A 19 -2.17 5.81 7.95
CE DLY A 19 -2.87 7.13 7.71
NZ DLY A 19 -3.35 7.73 8.96
H DLY A 19 0.84 1.67 5.59
HA DLY A 19 -0.07 3.63 5.05
HB2 DLY A 19 -1.82 3.19 7.46
HB3 DLY A 19 -0.24 3.94 7.46
HG2 DLY A 19 -1.08 5.78 6.14
HG3 DLY A 19 -2.67 5.02 6.05
HD2 DLY A 19 -2.80 5.14 8.52
HD3 DLY A 19 -1.27 6.01 8.53
HE2 DLY A 19 -2.20 7.81 7.21
HE3 DLY A 19 -3.73 6.93 7.07
HZ1 DLY A 19 -2.56 7.87 9.63
HZ2 DLY A 19 -4.07 7.14 9.41
HZ3 DLY A 19 -3.78 8.67 8.77
N DLY A 20 -2.73 1.80 4.71
CA DLY A 20 -3.98 1.64 3.99
C DLY A 20 -3.75 1.26 2.53
O DLY A 20 -3.60 0.08 2.20
CB DLY A 20 -4.90 0.62 4.69
CG DLY A 20 -5.18 0.96 6.15
CD DLY A 20 -6.08 -0.07 6.84
CE DLY A 20 -7.51 -0.04 6.34
NZ DLY A 20 -8.38 -0.97 7.10
H DLY A 20 -2.35 1.06 5.24
HA DLY A 20 -4.47 2.59 4.00
HB2 DLY A 20 -5.85 0.58 4.16
HB3 DLY A 20 -4.44 -0.36 4.65
HG2 DLY A 20 -4.24 1.00 6.67
HG3 DLY A 20 -5.66 1.93 6.20
HD2 DLY A 20 -5.68 -1.06 6.66
HD3 DLY A 20 -6.08 0.11 7.91
HE2 DLY A 20 -7.90 0.96 6.45
HE3 DLY A 20 -7.52 -0.31 5.29
HZ1 DLY A 20 -8.36 -0.76 8.11
HZ2 DLY A 20 -8.09 -1.96 6.96
HZ3 DLY A 20 -9.36 -0.88 6.78
N DCY A 21 -3.69 2.25 1.69
CA DCY A 21 -3.49 2.07 0.28
C DCY A 21 -4.81 1.70 -0.39
O DCY A 21 -5.80 2.43 -0.27
CB DCY A 21 -2.94 3.37 -0.34
SG DCY A 21 -2.60 3.25 -2.13
H DCY A 21 -3.78 3.16 2.05
HA DCY A 21 -2.78 1.29 0.12
HB2 DCY A 21 -3.66 4.16 -0.19
HB3 DCY A 21 -2.02 3.62 0.15
N DLY A 22 -4.85 0.55 -1.04
CA DLY A 22 -6.04 0.13 -1.74
C DLY A 22 -5.73 -0.03 -3.20
O DLY A 22 -4.73 -0.64 -3.57
CB DLY A 22 -6.60 -1.17 -1.18
CG DLY A 22 -7.01 -1.13 0.29
CD DLY A 22 -8.07 -0.07 0.56
CE DLY A 22 -8.60 -0.17 1.98
NZ DLY A 22 -9.30 -1.45 2.19
H DLY A 22 -4.05 -0.03 -1.06
HA DLY A 22 -6.77 0.91 -1.61
HB2 DLY A 22 -7.47 -1.45 -1.76
HB3 DLY A 22 -5.85 -1.95 -1.29
HG2 DLY A 22 -7.42 -2.10 0.57
HG3 DLY A 22 -6.14 -0.92 0.89
HD2 DLY A 22 -7.63 0.91 0.41
HD3 DLY A 22 -8.89 -0.20 -0.14
HE2 DLY A 22 -7.77 -0.11 2.65
HE3 DLY A 22 -9.28 0.66 2.16
HZ1 DLY A 22 -8.69 -2.26 2.03
HZ2 DLY A 22 -10.16 -1.55 1.60
HZ3 DLY A 22 -9.63 -1.51 3.19
N DAR A 23 -6.61 0.47 -4.03
CA DAR A 23 -6.46 0.44 -5.50
CB DAR A 23 -7.34 1.56 -6.09
CG DAR A 23 -7.09 1.89 -7.55
CD DAR A 23 -8.03 2.99 -8.01
NE DAR A 23 -7.66 3.50 -9.34
CZ DAR A 23 -8.33 4.41 -10.03
NH1 DAR A 23 -9.48 4.87 -9.59
NH2 DAR A 23 -7.84 4.86 -11.18
C DAR A 23 -6.88 -0.94 -6.06
O DAR A 23 -6.95 -1.16 -7.28
H DAR A 23 -7.39 0.93 -3.65
HA DAR A 23 -5.43 0.62 -5.74
HB2 DAR A 23 -8.38 1.27 -5.99
HB3 DAR A 23 -7.18 2.45 -5.51
HG2 DAR A 23 -6.07 2.21 -7.65
HG3 DAR A 23 -7.27 1.01 -8.14
HD2 DAR A 23 -9.03 2.61 -8.06
HD3 DAR A 23 -7.99 3.81 -7.30
HE DAR A 23 -6.81 3.14 -9.69
HH11 DAR A 23 -9.90 4.56 -8.74
HH12 DAR A 23 -10.02 5.55 -10.11
HH21 DAR A 23 -6.98 4.52 -11.57
HH22 DAR A 23 -8.32 5.55 -11.73
N DAR A 24 -7.16 -1.86 -5.18
CA DAR A 24 -7.57 -3.19 -5.57
CB DAR A 24 -8.83 -3.67 -4.83
CG DAR A 24 -10.18 -3.09 -5.32
CD DAR A 24 -10.30 -1.59 -5.18
NE DAR A 24 -10.25 -1.13 -3.78
CZ DAR A 24 -10.16 0.17 -3.41
NH1 DAR A 24 -10.14 1.12 -4.33
NH2 DAR A 24 -10.13 0.48 -2.13
C DAR A 24 -6.43 -4.19 -5.40
O DAR A 24 -6.24 -4.76 -4.32
H DAR A 24 -7.06 -1.65 -4.23
HA DAR A 24 -7.80 -3.13 -6.63
HB2 DAR A 24 -8.89 -4.75 -4.90
HB3 DAR A 24 -8.72 -3.41 -3.79
HG2 DAR A 24 -10.29 -3.33 -6.36
HG3 DAR A 24 -10.98 -3.56 -4.76
HD2 DAR A 24 -9.48 -1.12 -5.72
HD3 DAR A 24 -11.23 -1.27 -5.61
HE DAR A 24 -10.30 -1.84 -3.11
HH11 DAR A 24 -10.21 0.92 -5.31
HH12 DAR A 24 -10.05 2.09 -4.10
HH21 DAR A 24 -10.19 -0.21 -1.41
HH22 DAR A 24 -10.06 1.44 -1.83
N GLY A 25 -5.63 -4.32 -6.43
CA GLY A 25 -4.59 -5.33 -6.45
C GLY A 25 -5.00 -6.44 -7.38
N DTH A 26 -4.11 -6.84 -8.29
CA DTH A 26 -4.48 -7.82 -9.29
CB DTH A 26 -3.20 -8.33 -10.05
CG2 DTH A 26 -3.57 -9.31 -11.16
OG1 DTH A 26 -2.48 -7.22 -10.61
C DTH A 26 -5.47 -7.17 -10.26
O DTH A 26 -6.45 -7.78 -10.71
H DTH A 26 -3.20 -6.47 -8.28
HA DTH A 26 -4.96 -8.65 -8.80
HB DTH A 26 -2.57 -8.83 -9.33
HG21 DTH A 26 -4.21 -8.82 -11.88
HG22 DTH A 26 -4.09 -10.15 -10.74
HG23 DTH A 26 -2.67 -9.66 -11.65
HG1 DTH A 26 -2.01 -6.79 -9.87
N DSG A 27 -5.20 -5.90 -10.51
CA DSG A 27 -6.03 -5.01 -11.30
C DSG A 27 -5.40 -3.64 -11.26
O DSG A 27 -4.20 -3.53 -11.48
CB DSG A 27 -6.17 -5.49 -12.75
CG DSG A 27 -6.97 -4.55 -13.64
OD1 DSG A 27 -8.20 -4.62 -13.71
ND2 DSG A 27 -6.29 -3.71 -14.38
H DSG A 27 -4.36 -5.54 -10.16
HA DSG A 27 -7.01 -4.97 -10.83
HB2 DSG A 27 -5.19 -5.63 -13.19
HB3 DSG A 27 -6.67 -6.46 -12.75
HD21 DSG A 27 -5.30 -3.73 -14.34
HD22 DSG A 27 -6.76 -3.09 -14.99
N DIL A 28 -6.19 -2.64 -10.82
CA DIL A 28 -5.84 -1.16 -10.80
C DIL A 28 -4.65 -0.76 -9.85
O DIL A 28 -4.52 0.41 -9.47
CB DIL A 28 -5.67 -0.53 -12.24
CG1 DIL A 28 -4.35 -0.93 -12.93
CG2 DIL A 28 -5.83 0.99 -12.19
CD1 DIL A 28 -4.20 -0.41 -14.34
H DIL A 28 -7.08 -2.88 -10.49
HA DIL A 28 -6.71 -0.70 -10.36
HB DIL A 28 -6.50 -0.89 -12.84
HG12 DIL A 28 -3.52 -0.54 -12.35
HG13 DIL A 28 -4.29 -2.00 -12.95
HG21 DIL A 28 -6.79 1.25 -11.78
HG22 DIL A 28 -5.73 1.38 -13.19
HG23 DIL A 28 -5.04 1.38 -11.57
HD11 DIL A 28 -4.23 0.67 -14.35
HD12 DIL A 28 -5.00 -0.79 -14.96
HD13 DIL A 28 -3.25 -0.74 -14.75
N DGL A 29 -3.83 -1.72 -9.49
CA DGL A 29 -2.65 -1.50 -8.65
C DGL A 29 -2.97 -0.86 -7.33
O DGL A 29 -3.82 -1.34 -6.59
CB DGL A 29 -1.98 -2.82 -8.29
CG DGL A 29 -1.48 -3.68 -9.42
CD DGL A 29 -0.82 -4.90 -8.84
OE1 DGL A 29 0.39 -4.87 -8.54
OE2 DGL A 29 -1.53 -5.91 -8.64
H DGL A 29 -4.00 -2.62 -9.85
HA DGL A 29 -1.93 -0.91 -9.20
HB2 DGL A 29 -1.15 -2.61 -7.66
HB3 DGL A 29 -2.70 -3.40 -7.72
HG2 DGL A 29 -2.31 -3.96 -10.03
HG3 DGL A 29 -0.76 -3.11 -9.99
N DLY A 30 -2.27 0.21 -7.04
CA DLY A 30 -2.30 0.78 -5.73
C DLY A 30 -1.41 -0.04 -4.83
O DLY A 30 -0.18 -0.05 -5.03
CB DLY A 30 -1.80 2.23 -5.76
CG DLY A 30 -2.70 3.25 -6.41
CD DLY A 30 -4.00 3.39 -5.63
CE DLY A 30 -4.81 4.57 -6.10
NZ DLY A 30 -4.11 5.85 -5.86
H DLY A 30 -1.70 0.60 -7.73
HA DLY A 30 -3.32 0.75 -5.36
HB2 DLY A 30 -1.64 2.55 -4.73
HB3 DLY A 30 -0.85 2.25 -6.26
HG2 DLY A 30 -2.21 4.20 -6.44
HG3 DLY A 30 -2.94 2.92 -7.41
HD2 DLY A 30 -4.59 2.49 -5.77
HD3 DLY A 30 -3.77 3.51 -4.58
HE2 DLY A 30 -4.99 4.46 -7.17
HE3 DLY A 30 -5.75 4.58 -5.58
HZ1 DLY A 30 -3.25 5.94 -6.44
HZ2 DLY A 30 -3.83 5.95 -4.86
HZ3 DLY A 30 -4.73 6.65 -6.09
N DAR A 31 -1.99 -0.78 -3.90
CA DAR A 31 -1.23 -1.62 -2.98
CB DAR A 31 -1.27 -3.11 -3.42
CG DAR A 31 -0.80 -3.34 -4.85
CD DAR A 31 -0.69 -4.82 -5.21
NE DAR A 31 0.38 -5.50 -4.49
CZ DAR A 31 1.58 -5.84 -5.01
NH1 DAR A 31 1.85 -5.63 -6.32
NH2 DAR A 31 2.48 -6.45 -4.26
C DAR A 31 -1.71 -1.44 -1.52
O DAR A 31 -2.91 -1.65 -1.23
H DAR A 31 -2.97 -0.76 -3.81
HA DAR A 31 -0.20 -1.27 -3.03
HB2 DAR A 31 -0.64 -3.67 -2.74
HB3 DAR A 31 -2.29 -3.46 -3.32
HG2 DAR A 31 -1.51 -2.87 -5.51
HG3 DAR A 31 0.16 -2.87 -4.97
HD2 DAR A 31 -1.63 -5.30 -4.98
HD3 DAR A 31 -0.50 -4.89 -6.28
HE DAR A 31 0.19 -5.70 -3.54
HH11 DAR A 31 1.19 -5.22 -6.96
HH12 DAR A 31 2.74 -5.86 -6.71
HH21 DAR A 31 2.28 -6.66 -3.28
HH22 DAR A 31 3.38 -6.72 -4.59
N DCY A 32 -0.80 -1.05 -0.65
CA DCY A 32 -1.05 -0.83 0.76
C DCY A 32 -1.10 -2.17 1.48
O DCY A 32 -0.34 -3.07 1.14
CB DCY A 32 0.04 0.05 1.39
SG DCY A 32 0.09 1.78 0.76
H DCY A 32 0.13 -0.94 -0.97
HA DCY A 32 -2.01 -0.35 0.88
HB2 DCY A 32 -0.11 0.11 2.45
HB3 DCY A 32 1.02 -0.39 1.20
N DAR A 33 -1.99 -2.31 2.43
CA DAR A 33 -2.17 -3.55 3.13
CB DAR A 33 -3.22 -4.41 2.44
CG DAR A 33 -4.63 -3.85 2.50
CD DAR A 33 -5.47 -4.43 1.39
NE DAR A 33 -4.95 -3.98 0.09
CZ DAR A 33 -5.34 -4.42 -1.11
NH1 DAR A 33 -6.30 -5.34 -1.22
NH2 DAR A 33 -4.78 -3.92 -2.19
C DAR A 33 -2.58 -3.26 4.55
O DAR A 33 -2.39 -4.12 5.42
OXT DAR A 33 -3.03 -2.13 4.82
H DAR A 33 -2.56 -1.55 2.73
HA DAR A 33 -1.23 -4.07 3.14
HB2 DAR A 33 -2.95 -4.51 1.39
HB3 DAR A 33 -3.22 -5.38 2.88
HG2 DAR A 33 -5.07 -4.11 3.44
HG3 DAR A 33 -4.60 -2.78 2.38
HD2 DAR A 33 -5.44 -5.51 1.44
HD3 DAR A 33 -6.49 -4.09 1.49
HE DAR A 33 -4.25 -3.30 0.15
HH11 DAR A 33 -6.75 -5.74 -0.41
HH12 DAR A 33 -6.60 -5.69 -2.11
HH21 DAR A 33 -4.06 -3.22 -2.15
HH22 DAR A 33 -5.06 -4.23 -3.11
N GLY A 1 13.65 4.01 8.89
CA GLY A 1 13.35 4.07 7.48
C GLY A 1 12.68 2.81 7.03
N DAS A 2 11.98 2.87 5.92
CA DAS A 2 11.28 1.73 5.37
C DAS A 2 9.90 2.12 4.97
O DAS A 2 9.71 2.98 4.11
CB DAS A 2 11.99 1.14 4.14
CG DAS A 2 13.06 0.13 4.47
OD1 DAS A 2 14.14 0.51 4.97
OD2 DAS A 2 12.85 -1.07 4.19
H DAS A 2 11.91 3.74 5.46
HA DAS A 2 11.22 0.97 6.13
HB2 DAS A 2 11.26 0.67 3.51
HB3 DAS A 2 12.45 1.95 3.59
N DCY A 3 8.92 1.54 5.60
CA DCY A 3 7.57 1.80 5.25
C DCY A 3 7.10 0.68 4.36
O DCY A 3 7.69 -0.41 4.37
CB DCY A 3 6.67 1.94 6.49
SG DCY A 3 6.70 0.52 7.66
H DCY A 3 9.11 0.91 6.33
HA DCY A 3 7.54 2.71 4.68
HB2 DCY A 3 6.97 2.82 7.04
HB3 DCY A 3 5.65 2.07 6.16
N DLE A 4 6.11 0.93 3.55
CA DLE A 4 5.59 -0.09 2.68
CB DLE A 4 4.87 0.55 1.52
CG DLE A 4 5.73 1.52 0.69
CD1 DLE A 4 6.86 0.78 -0.01
CD2 DLE A 4 4.89 2.28 -0.29
C DLE A 4 4.70 -1.02 3.48
O DLE A 4 3.71 -0.58 4.07
H DLE A 4 5.71 1.83 3.56
HA DLE A 4 6.45 -0.61 2.30
HB2 DLE A 4 4.51 -0.22 0.87
HB3 DLE A 4 4.02 1.11 1.90
HG DLE A 4 6.18 2.22 1.37
HD11 DLE A 4 6.45 0.02 -0.67
HD12 DLE A 4 7.52 0.33 0.71
HD13 DLE A 4 7.42 1.49 -0.61
HD21 DLE A 4 4.17 2.88 0.25
HD22 DLE A 4 4.35 1.58 -0.93
HD23 DLE A 4 5.51 2.91 -0.89
N DPR A 5 5.03 -2.32 3.54
CA DPR A 5 4.33 -3.27 4.40
CB DPR A 5 5.33 -4.43 4.53
CG DPR A 5 6.56 -4.01 3.78
CD DPR A 5 6.09 -2.99 2.79
C DPR A 5 3.02 -3.76 3.78
O DPR A 5 2.62 -3.31 2.70
HA DPR A 5 4.14 -2.85 5.37
HB2 DPR A 5 5.56 -4.59 5.57
HB3 DPR A 5 4.90 -5.33 4.11
HG2 DPR A 5 7.26 -3.57 4.47
HG3 DPR A 5 7.00 -4.86 3.28
HD2 DPR A 5 6.92 -2.37 2.50
HD3 DPR A 5 5.69 -3.50 1.93
N DHI A 6 2.35 -4.68 4.48
CA DHI A 6 1.08 -5.19 3.99
C DHI A 6 1.30 -6.04 2.73
O DHI A 6 2.22 -6.87 2.67
CB DHI A 6 0.30 -5.98 5.10
CG DHI A 6 0.58 -7.47 5.22
ND1 DHI A 6 -0.35 -8.43 4.89
CD2 DHI A 6 1.69 -8.15 5.60
CE1 DHI A 6 0.16 -9.62 5.05
NE2 DHI A 6 1.40 -9.49 5.49
H DHI A 6 2.72 -4.96 5.34
HA DHI A 6 0.51 -4.32 3.72
HB2 DHI A 6 0.52 -5.55 6.06
HB3 DHI A 6 -0.76 -5.87 4.92
HD1 DHI A 6 -1.29 -8.26 4.62
HD2 DHI A 6 2.63 -7.71 5.92
HE1 DHI A 6 -0.34 -10.54 4.83
HE2 DHI A 6 1.82 -10.16 6.06
N DLE A 7 0.49 -5.77 1.73
CA DLE A 7 0.53 -6.43 0.42
CB DLE A 7 0.24 -7.95 0.43
CG DLE A 7 -1.23 -8.38 0.60
CD1 DLE A 7 -1.37 -9.88 0.48
CD2 DLE A 7 -1.81 -7.92 1.92
C DLE A 7 1.79 -6.08 -0.32
O DLE A 7 2.64 -6.94 -0.63
H DLE A 7 -0.15 -5.03 1.82
HA DLE A 7 -0.26 -5.95 -0.13
HB2 DLE A 7 0.61 -8.37 -0.49
HB3 DLE A 7 0.82 -8.39 1.25
HG DLE A 7 -1.81 -7.95 -0.20
HD11 DLE A 7 -1.01 -10.19 -0.50
HD12 DLE A 7 -2.40 -10.16 0.60
HD13 DLE A 7 -0.77 -10.35 1.24
HD21 DLE A 7 -1.26 -8.35 2.73
HD22 DLE A 7 -2.85 -8.24 1.98
HD23 DLE A 7 -1.76 -6.84 1.98
N DLY A 8 1.94 -4.81 -0.57
CA DLY A 8 3.06 -4.29 -1.29
C DLY A 8 2.56 -3.05 -2.03
O DLY A 8 1.40 -2.67 -1.85
CB DLY A 8 4.22 -3.98 -0.32
CG DLY A 8 5.63 -4.07 -0.93
CD DLY A 8 5.92 -5.48 -1.45
CE DLY A 8 7.32 -5.61 -2.05
NZ DLY A 8 8.39 -5.49 -1.04
H DLY A 8 1.26 -4.18 -0.27
HA DLY A 8 3.36 -5.03 -2.03
HB2 DLY A 8 4.08 -2.98 0.06
HB3 DLY A 8 4.16 -4.68 0.50
HG2 DLY A 8 5.72 -3.37 -1.74
HG3 DLY A 8 6.36 -3.83 -0.17
HD2 DLY A 8 5.82 -6.18 -0.64
HD3 DLY A 8 5.19 -5.73 -2.22
HE2 DLY A 8 7.41 -6.56 -2.54
HE3 DLY A 8 7.44 -4.83 -2.78
HZ1 DLY A 8 8.32 -6.27 -0.35
HZ2 DLY A 8 8.36 -4.60 -0.51
HZ3 DLY A 8 9.34 -5.56 -1.49
N DLE A 9 3.40 -2.42 -2.81
CA DLE A 9 3.01 -1.27 -3.64
CB DLE A 9 4.11 -0.97 -4.75
CG DLE A 9 5.56 -0.47 -4.36
CD1 DLE A 9 5.57 0.93 -3.80
CD2 DLE A 9 6.26 -1.41 -3.39
C DLE A 9 2.65 -0.02 -2.81
O DLE A 9 3.03 0.08 -1.66
H DLE A 9 4.33 -2.72 -2.85
HA DLE A 9 2.11 -1.57 -4.16
HB2 DLE A 9 4.23 -1.87 -5.31
HB3 DLE A 9 3.68 -0.23 -5.41
HG DLE A 9 6.14 -0.44 -5.26
HD11 DLE A 9 5.15 1.60 -4.54
HD12 DLE A 9 6.59 1.22 -3.58
HD13 DLE A 9 4.98 0.97 -2.90
HD21 DLE A 9 6.31 -2.40 -3.81
HD22 DLE A 9 5.72 -1.44 -2.45
HD23 DLE A 9 7.26 -1.05 -3.20
N DCY A 10 1.91 0.88 -3.41
CA DCY A 10 1.58 2.15 -2.80
C DCY A 10 2.54 3.22 -3.25
O DCY A 10 3.12 3.15 -4.34
CB DCY A 10 0.19 2.65 -3.15
SG DCY A 10 -1.22 1.83 -2.37
H DCY A 10 1.57 0.70 -4.31
HA DCY A 10 1.65 2.04 -1.72
HB2 DCY A 10 0.13 3.70 -2.90
HB3 DCY A 10 0.10 2.55 -4.23
N DLY A 11 2.70 4.19 -2.41
CA DLY A 11 3.50 5.34 -2.70
C DLY A 11 2.83 6.49 -2.00
O DLY A 11 2.53 7.52 -2.59
CB DLY A 11 4.89 5.11 -2.18
CG DLY A 11 5.89 6.19 -2.46
CD DLY A 11 7.24 5.83 -1.87
CE DLY A 11 7.86 4.58 -2.55
NZ DLY A 11 8.14 4.80 -3.99
H DLY A 11 2.27 4.15 -1.54
HA DLY A 11 3.52 5.51 -3.77
HB2 DLY A 11 4.82 4.97 -1.10
HB3 DLY A 11 5.24 4.19 -2.63
HG2 DLY A 11 5.99 6.33 -3.52
HG3 DLY A 11 5.55 7.11 -2.00
HD2 DLY A 11 7.92 6.66 -1.97
HD3 DLY A 11 7.08 5.61 -0.83
HE2 DLY A 11 8.77 4.33 -2.05
HE3 DLY A 11 7.17 3.75 -2.45
HZ1 DLY A 11 7.28 5.05 -4.53
HZ2 DLY A 11 8.53 3.94 -4.42
HZ3 DLY A 11 8.83 5.55 -4.14
N DGL A 12 2.56 6.27 -0.73
CA DGL A 12 1.85 7.20 0.08
C DGL A 12 1.20 6.45 1.22
O DGL A 12 1.84 5.54 1.79
CB DGL A 12 2.76 8.32 0.59
CG DGL A 12 2.06 9.30 1.49
CD DGL A 12 2.91 10.49 1.82
OE1 DGL A 12 3.69 10.43 2.78
OE2 DGL A 12 2.79 11.52 1.13
H DGL A 12 2.86 5.46 -0.27
HA DGL A 12 1.06 7.63 -0.54
HB2 DGL A 12 3.57 7.88 1.14
HB3 DGL A 12 3.16 8.86 -0.26
HG2 DGL A 12 1.15 9.65 1.00
HG3 DGL A 12 1.79 8.81 2.42
N DSG A 13 -0.03 6.80 1.53
CA DSG A 13 -0.83 6.16 2.61
C DSG A 13 -0.03 6.06 3.89
O DSG A 13 0.18 4.98 4.42
CB DSG A 13 -2.10 6.98 2.89
CG DSG A 13 -3.04 7.09 1.70
OD1 DSG A 13 -3.16 6.18 0.91
ND2 DSG A 13 -3.67 8.22 1.56
H DSG A 13 -0.44 7.52 1.00
HA DSG A 13 -1.12 5.17 2.27
HB2 DSG A 13 -2.63 6.52 3.70
HB3 DSG A 13 -1.80 7.98 3.18
HD21 DSG A 13 -3.50 8.94 2.21
HD22 DSG A 13 -4.26 8.33 0.79
N DLY A 14 0.49 7.19 4.32
CA DLY A 14 1.22 7.30 5.57
C DLY A 14 2.62 6.71 5.49
O DLY A 14 3.31 6.58 6.52
CB DLY A 14 1.29 8.75 6.01
CG DLY A 14 -0.07 9.38 6.30
CD DLY A 14 0.07 10.85 6.67
CE DLY A 14 0.86 11.05 7.95
NZ DLY A 14 1.11 12.47 8.22
H DLY A 14 0.36 7.99 3.78
HA DLY A 14 0.68 6.75 6.33
HB2 DLY A 14 1.89 8.80 6.91
HB3 DLY A 14 1.78 9.32 5.24
HG2 DLY A 14 -0.68 9.30 5.41
HG3 DLY A 14 -0.54 8.85 7.12
HD2 DLY A 14 0.58 11.37 5.86
HD3 DLY A 14 -0.91 11.28 6.79
HE2 DLY A 14 0.31 10.63 8.76
HE3 DLY A 14 1.81 10.54 7.87
HZ1 DLY A 14 0.20 12.99 8.22
HZ2 DLY A 14 1.72 12.90 7.49
HZ3 DLY A 14 1.55 12.60 9.15
N DAS A 15 3.05 6.36 4.30
CA DAS A 15 4.37 5.78 4.12
C DAS A 15 4.25 4.27 4.13
O DAS A 15 5.22 3.55 4.26
CB DAS A 15 5.03 6.29 2.85
CG DAS A 15 6.49 5.90 2.74
OD1 DAS A 15 7.25 6.07 3.73
OD2 DAS A 15 6.94 5.52 1.64
H DAS A 15 2.46 6.46 3.53
HA DAS A 15 4.96 6.08 4.98
HB2 DAS A 15 4.52 5.89 2.00
HB3 DAS A 15 4.97 7.38 2.82
N DCY A 16 3.04 3.81 3.99
CA DCY A 16 2.75 2.41 4.15
C DCY A 16 2.51 2.15 5.64
O DCY A 16 1.79 2.89 6.28
CB DCY A 16 1.55 2.00 3.30
SG DCY A 16 1.80 2.27 1.52
H DCY A 16 2.32 4.43 3.76
HA DCY A 16 3.63 1.85 3.84
HB2 DCY A 16 1.34 0.95 3.46
HB3 DCY A 16 0.69 2.58 3.60
N DCY A 17 3.10 1.08 6.15
CA DCY A 17 3.09 0.76 7.60
C DCY A 17 1.67 0.61 8.14
O DCY A 17 1.38 0.93 9.30
CB DCY A 17 3.82 -0.56 7.84
SG DCY A 17 5.36 -0.79 6.89
H DCY A 17 3.56 0.45 5.54
HA DCY A 17 3.60 1.54 8.12
HB2 DCY A 17 4.07 -0.62 8.89
HB3 DCY A 17 3.15 -1.36 7.59
N DSN A 18 0.79 0.13 7.30
CA DSN A 18 -0.57 -0.12 7.68
C DSN A 18 -1.48 1.07 7.31
O DSN A 18 -2.64 1.15 7.73
CB DSN A 18 -1.01 -1.41 6.97
OG DSN A 18 -2.32 -1.79 7.30
H DSN A 18 1.08 -0.08 6.39
HA DSN A 18 -0.61 -0.29 8.74
HB2 DSN A 18 -0.97 -1.24 5.90
HB3 DSN A 18 -0.34 -2.21 7.22
HG DSN A 18 -2.73 -2.05 6.44
N DLY A 19 -0.91 2.01 6.56
CA DLY A 19 -1.62 3.21 6.05
C DLY A 19 -2.71 2.93 5.01
O DLY A 19 -3.11 3.83 4.28
CB DLY A 19 -2.16 4.14 7.17
CG DLY A 19 -1.10 5.05 7.85
CD DLY A 19 -0.07 4.29 8.69
CE DLY A 19 -0.68 3.66 9.93
NZ DLY A 19 -1.25 4.66 10.86
H DLY A 19 0.04 1.93 6.35
HA DLY A 19 -0.86 3.76 5.53
HB2 DLY A 19 -2.91 4.78 6.75
HB3 DLY A 19 -2.62 3.54 7.94
HG2 DLY A 19 -0.59 5.57 7.07
HG3 DLY A 19 -1.62 5.77 8.47
HD2 DLY A 19 0.37 3.52 8.08
HD3 DLY A 19 0.70 4.99 9.00
HE2 DLY A 19 -1.46 2.98 9.63
HE3 DLY A 19 0.09 3.10 10.44
HZ1 DLY A 19 -1.97 5.24 10.41
HZ2 DLY A 19 -0.52 5.30 11.23
HZ3 DLY A 19 -1.70 4.18 11.67
N DLY A 20 -3.18 1.70 4.91
CA DLY A 20 -4.27 1.38 3.99
C DLY A 20 -3.78 1.17 2.57
O DLY A 20 -3.43 0.05 2.19
CB DLY A 20 -5.07 0.15 4.44
CG DLY A 20 -5.68 0.25 5.83
CD DLY A 20 -6.58 -0.96 6.14
CE DLY A 20 -5.84 -2.29 5.99
NZ DLY A 20 -6.68 -3.46 6.33
H DLY A 20 -2.80 0.98 5.45
HA DLY A 20 -4.93 2.24 4.00
HB2 DLY A 20 -5.88 0.00 3.73
HB3 DLY A 20 -4.42 -0.70 4.40
HG2 DLY A 20 -4.89 0.28 6.56
HG3 DLY A 20 -6.27 1.14 5.90
HD2 DLY A 20 -6.94 -0.88 7.15
HD3 DLY A 20 -7.42 -0.95 5.46
HE2 DLY A 20 -5.52 -2.40 4.97
HE3 DLY A 20 -4.97 -2.28 6.63
HZ1 DLY A 20 -6.92 -3.47 7.34
HZ2 DLY A 20 -6.20 -4.35 6.12
HZ3 DLY A 20 -7.58 -3.45 5.80
N DCY A 21 -3.70 2.24 1.82
CA DCY A 21 -3.40 2.15 0.42
C DCY A 21 -4.70 2.09 -0.32
O DCY A 21 -5.53 3.02 -0.24
CB DCY A 21 -2.57 3.33 -0.06
SG DCY A 21 -2.40 3.42 -1.88
H DCY A 21 -3.86 3.11 2.24
HA DCY A 21 -2.86 1.24 0.25
HB2 DCY A 21 -3.04 4.25 0.27
HB3 DCY A 21 -1.58 3.27 0.37
N DLY A 22 -4.91 1.01 -1.01
CA DLY A 22 -6.15 0.80 -1.71
C DLY A 22 -5.82 0.39 -3.13
O DLY A 22 -4.84 -0.36 -3.36
CB DLY A 22 -6.98 -0.26 -0.99
CG DLY A 22 -7.29 0.11 0.46
CD DLY A 22 -7.93 -1.03 1.23
CE DLY A 22 -9.26 -1.45 0.66
NZ DLY A 22 -9.84 -2.56 1.42
H DLY A 22 -4.22 0.33 -1.07
HA DLY A 22 -6.69 1.73 -1.73
HB2 DLY A 22 -7.91 -0.39 -1.52
HB3 DLY A 22 -6.44 -1.19 -0.99
HG2 DLY A 22 -6.38 0.38 0.95
HG3 DLY A 22 -7.97 0.95 0.47
HD2 DLY A 22 -7.26 -1.88 1.19
HD3 DLY A 22 -8.06 -0.73 2.26
HE2 DLY A 22 -9.94 -0.60 0.70
HE3 DLY A 22 -9.12 -1.75 -0.36
HZ1 DLY A 22 -10.00 -2.29 2.41
HZ2 DLY A 22 -9.18 -3.37 1.44
HZ3 DLY A 22 -10.75 -2.86 1.01
N DAR A 23 -6.59 0.86 -4.08
CA DAR A 23 -6.32 0.62 -5.49
CB DAR A 23 -7.24 1.41 -6.42
CG DAR A 23 -7.20 2.90 -6.21
CD DAR A 23 -7.91 3.61 -7.33
NE DAR A 23 -7.19 3.50 -8.60
CZ DAR A 23 -7.57 4.03 -9.77
NH1 DAR A 23 -8.71 4.73 -9.85
NH2 DAR A 23 -6.81 3.88 -10.85
C DAR A 23 -6.45 -0.84 -5.85
O DAR A 23 -5.54 -1.40 -6.39
H DAR A 23 -7.38 1.40 -3.82
HA DAR A 23 -5.31 0.92 -5.68
HB2 DAR A 23 -6.95 1.21 -7.44
HB3 DAR A 23 -8.25 1.07 -6.26
HG2 DAR A 23 -7.67 3.13 -5.27
HG3 DAR A 23 -6.17 3.22 -6.18
HD2 DAR A 23 -8.86 3.11 -7.46
HD3 DAR A 23 -8.06 4.65 -7.08
HE DAR A 23 -6.34 2.99 -8.58
HH11 DAR A 23 -9.31 4.87 -9.06
HH12 DAR A 23 -9.02 5.15 -10.72
HH21 DAR A 23 -5.95 3.37 -10.80
HH22 DAR A 23 -7.07 4.25 -11.75
N DAR A 24 -7.57 -1.43 -5.49
CA DAR A 24 -7.88 -2.80 -5.86
CB DAR A 24 -9.16 -2.87 -6.77
CG DAR A 24 -10.48 -2.42 -6.11
CD DAR A 24 -10.59 -0.91 -5.97
NE DAR A 24 -11.76 -0.50 -5.22
CZ DAR A 24 -12.31 0.72 -5.26
NH1 DAR A 24 -11.89 1.61 -6.16
NH2 DAR A 24 -13.29 1.03 -4.45
C DAR A 24 -8.06 -3.66 -4.62
O DAR A 24 -7.66 -3.25 -3.54
H DAR A 24 -8.18 -0.94 -4.90
HA DAR A 24 -7.04 -3.20 -6.42
HB2 DAR A 24 -9.00 -2.24 -7.63
HB3 DAR A 24 -9.27 -3.89 -7.11
HG2 DAR A 24 -11.30 -2.76 -6.72
HG3 DAR A 24 -10.55 -2.87 -5.14
HD2 DAR A 24 -9.70 -0.53 -5.47
HD3 DAR A 24 -10.63 -0.48 -6.96
HE DAR A 24 -12.13 -1.18 -4.63
HH11 DAR A 24 -11.17 1.41 -6.83
HH12 DAR A 24 -12.28 2.54 -6.19
HH21 DAR A 24 -13.67 0.39 -3.78
HH22 DAR A 24 -13.73 1.94 -4.46
N GLY A 25 -8.61 -4.84 -4.79
CA GLY A 25 -8.88 -5.73 -3.66
C GLY A 25 -7.89 -6.86 -3.61
N DTH A 26 -6.88 -6.76 -4.45
CA DTH A 26 -5.78 -7.70 -4.54
CB DTH A 26 -4.56 -7.29 -3.62
CG2 DTH A 26 -4.92 -7.35 -2.14
OG1 DTH A 26 -3.44 -8.15 -3.85
C DTH A 26 -5.32 -7.67 -6.00
O DTH A 26 -5.24 -8.70 -6.68
H DTH A 26 -6.92 -6.03 -5.09
HA DTH A 26 -6.12 -8.69 -4.29
HB DTH A 26 -4.28 -6.28 -3.88
HG21 DTH A 26 -5.74 -6.69 -1.94
HG22 DTH A 26 -4.06 -7.06 -1.55
HG23 DTH A 26 -5.20 -8.36 -1.88
HG1 DTH A 26 -3.61 -9.04 -3.51
N DSG A 27 -5.07 -6.47 -6.45
CA DSG A 27 -4.68 -6.13 -7.80
C DSG A 27 -5.00 -4.66 -7.87
O DSG A 27 -4.93 -4.00 -6.84
CB DSG A 27 -3.18 -6.41 -8.02
CG DSG A 27 -2.67 -5.97 -9.38
OD1 DSG A 27 -3.39 -5.94 -10.36
ND2 DSG A 27 -1.40 -5.66 -9.44
H DSG A 27 -5.13 -5.70 -5.86
HA DSG A 27 -5.30 -6.68 -8.49
HB2 DSG A 27 -2.62 -5.86 -7.26
HB3 DSG A 27 -2.99 -7.46 -7.89
HD21 DSG A 27 -0.85 -5.74 -8.63
HD22 DSG A 27 -1.00 -5.36 -10.30
N DIL A 28 -5.36 -4.16 -9.04
CA DIL A 28 -5.84 -2.75 -9.19
C DIL A 28 -4.67 -1.74 -9.31
O DIL A 28 -4.88 -0.54 -9.50
CB DIL A 28 -6.83 -2.60 -10.42
CG1 DIL A 28 -6.11 -2.62 -11.80
CG2 DIL A 28 -7.72 -1.37 -10.28
CD1 DIL A 28 -5.49 -3.94 -12.19
H DIL A 28 -5.31 -4.73 -9.83
HA DIL A 28 -6.38 -2.47 -8.30
HB DIL A 28 -7.49 -3.44 -10.36
HG12 DIL A 28 -6.84 -2.38 -12.57
HG13 DIL A 28 -5.34 -1.87 -11.80
HG21 DIL A 28 -8.37 -1.30 -11.14
HG22 DIL A 28 -7.10 -0.48 -10.23
HG23 DIL A 28 -8.31 -1.44 -9.38
HD11 DIL A 28 -4.71 -4.20 -11.49
HD12 DIL A 28 -5.05 -3.84 -13.18
HD13 DIL A 28 -6.24 -4.71 -12.21
N DGL A 29 -3.46 -2.20 -9.11
CA DGL A 29 -2.29 -1.35 -9.27
C DGL A 29 -1.86 -0.63 -7.99
O DGL A 29 -0.67 -0.31 -7.86
CB DGL A 29 -1.13 -2.14 -9.80
CG DGL A 29 -1.32 -2.68 -11.19
CD DGL A 29 -0.07 -3.35 -11.66
OE1 DGL A 29 0.82 -2.65 -12.21
OE2 DGL A 29 0.06 -4.57 -11.49
H DGL A 29 -3.37 -3.14 -8.84
HA DGL A 29 -2.55 -0.60 -10.01
HB2 DGL A 29 -0.26 -1.51 -9.81
HB3 DGL A 29 -0.94 -2.98 -9.14
HG2 DGL A 29 -2.12 -3.40 -11.18
HG3 DGL A 29 -1.55 -1.87 -11.85
N DLY A 30 -2.81 -0.35 -7.07
CA DLY A 30 -2.50 0.38 -5.81
C DLY A 30 -1.57 -0.41 -4.89
O DLY A 30 -0.33 -0.41 -5.06
CB DLY A 30 -1.87 1.76 -6.09
CG DLY A 30 -2.80 2.88 -6.51
CD DLY A 30 -3.46 3.50 -5.29
CE DLY A 30 -4.08 4.86 -5.64
NZ DLY A 30 -4.60 5.54 -4.44
H DLY A 30 -3.72 -0.66 -7.23
HA DLY A 30 -3.43 0.53 -5.29
HB2 DLY A 30 -1.40 2.07 -5.18
HB3 DLY A 30 -1.11 1.63 -6.85
HG2 DLY A 30 -2.21 3.63 -7.02
HG3 DLY A 30 -3.55 2.49 -7.17
HD2 DLY A 30 -4.25 2.85 -4.95
HD3 DLY A 30 -2.74 3.64 -4.51
HE2 DLY A 30 -3.31 5.48 -6.07
HE3 DLY A 30 -4.87 4.73 -6.36
HZ1 DLY A 30 -3.84 5.69 -3.74
HZ2 DLY A 30 -5.37 5.01 -3.98
HZ3 DLY A 30 -4.99 6.47 -4.68
N DAR A 31 -2.15 -1.10 -3.94
CA DAR A 31 -1.36 -1.88 -3.02
CB DAR A 31 -1.51 -3.40 -3.28
CG DAR A 31 -1.24 -3.83 -4.72
CD DAR A 31 -1.17 -5.34 -4.83
NE DAR A 31 0.07 -5.87 -4.26
CZ DAR A 31 0.28 -7.13 -3.86
NH1 DAR A 31 -0.73 -8.01 -3.80
NH2 DAR A 31 1.49 -7.51 -3.51
C DAR A 31 -1.76 -1.58 -1.59
O DAR A 31 -2.97 -1.54 -1.27
H DAR A 31 -3.12 -1.04 -3.82
HA DAR A 31 -0.32 -1.61 -3.15
HB2 DAR A 31 -0.81 -3.92 -2.64
HB3 DAR A 31 -2.51 -3.69 -3.02
HG2 DAR A 31 -2.04 -3.46 -5.34
HG3 DAR A 31 -0.31 -3.40 -5.04
HD2 DAR A 31 -2.01 -5.77 -4.31
HD3 DAR A 31 -1.22 -5.61 -5.88
HE DAR A 31 0.82 -5.23 -4.25
HH11 DAR A 31 -1.68 -7.80 -4.03
HH12 DAR A 31 -0.55 -8.96 -3.51
HH21 DAR A 31 2.26 -6.88 -3.53
HH22 DAR A 31 1.68 -8.44 -3.19
N DCY A 32 -0.80 -1.36 -0.75
CA DCY A 32 -1.03 -1.14 0.66
C DCY A 32 -1.18 -2.48 1.34
O DCY A 32 -0.61 -3.47 0.88
CB DCY A 32 0.11 -0.30 1.28
SG DCY A 32 0.19 1.41 0.63
H DCY A 32 0.13 -1.37 -1.08
HA DCY A 32 -1.96 -0.60 0.76
HB2 DCY A 32 -0.05 -0.24 2.35
HB3 DCY A 32 1.05 -0.78 1.08
N DAR A 33 -1.97 -2.54 2.39
CA DAR A 33 -2.23 -3.78 3.08
CB DAR A 33 -3.40 -4.51 2.42
CG DAR A 33 -4.75 -3.86 2.60
CD DAR A 33 -5.66 -4.22 1.46
NE DAR A 33 -5.17 -3.61 0.23
CZ DAR A 33 -5.81 -3.55 -0.93
NH1 DAR A 33 -7.01 -4.09 -1.04
NH2 DAR A 33 -5.26 -2.94 -1.95
C DAR A 33 -2.55 -3.46 4.51
O DAR A 33 -2.31 -4.28 5.39
OXT DAR A 33 -2.98 -2.32 4.76
H DAR A 33 -2.40 -1.74 2.78
HA DAR A 33 -1.34 -4.39 3.05
HB2 DAR A 33 -3.19 -4.59 1.36
HB3 DAR A 33 -3.44 -5.51 2.83
HG2 DAR A 33 -5.18 -4.20 3.53
HG3 DAR A 33 -4.62 -2.79 2.62
HD2 DAR A 33 -5.69 -5.30 1.34
HD3 DAR A 33 -6.66 -3.85 1.66
HE DAR A 33 -4.29 -3.19 0.32
HH11 DAR A 33 -7.48 -4.56 -0.30
HH12 DAR A 33 -7.53 -4.01 -1.91
HH21 DAR A 33 -4.35 -2.49 -1.88
HH22 DAR A 33 -5.74 -2.85 -2.83
N GLY A 1 13.57 0.74 7.78
CA GLY A 1 12.31 1.45 7.63
C GLY A 1 12.07 1.85 6.20
N DAS A 2 11.83 3.12 5.97
CA DAS A 2 11.62 3.62 4.62
C DAS A 2 10.20 3.99 4.41
O DAS A 2 9.80 5.16 4.52
CB DAS A 2 12.57 4.75 4.22
CG DAS A 2 13.97 4.26 4.03
OD1 DAS A 2 14.73 4.22 5.03
OD2 DAS A 2 14.33 3.89 2.92
H DAS A 2 11.78 3.75 6.72
HA DAS A 2 11.81 2.78 3.98
HB2 DAS A 2 12.23 5.19 3.30
HB3 DAS A 2 12.56 5.51 5.00
N DCY A 3 9.43 2.99 4.16
CA DCY A 3 8.04 3.08 3.86
C DCY A 3 7.65 1.75 3.26
O DCY A 3 8.36 0.76 3.48
CB DCY A 3 7.20 3.42 5.12
SG DCY A 3 7.49 2.32 6.56
H DCY A 3 9.79 2.08 4.17
HA DCY A 3 7.90 3.85 3.11
HB2 DCY A 3 7.43 4.43 5.43
HB3 DCY A 3 6.15 3.36 4.87
N DLE A 4 6.59 1.72 2.51
CA DLE A 4 6.20 0.51 1.85
CB DLE A 4 5.46 0.85 0.56
CG DLE A 4 6.29 1.67 -0.44
CD1 DLE A 4 7.49 0.87 -0.94
CD2 DLE A 4 5.46 2.15 -1.60
C DLE A 4 5.39 -0.38 2.79
O DLE A 4 4.59 0.14 3.58
H DLE A 4 6.03 2.52 2.39
HA DLE A 4 7.12 0.00 1.60
HB2 DLE A 4 5.15 -0.07 0.08
HB3 DLE A 4 4.58 1.43 0.81
HG DLE A 4 6.68 2.53 0.08
HD11 DLE A 4 8.13 0.61 -0.10
HD12 DLE A 4 8.05 1.47 -1.63
HD13 DLE A 4 7.14 -0.04 -1.42
HD21 DLE A 4 4.98 1.32 -2.08
HD22 DLE A 4 6.09 2.66 -2.30
HD23 DLE A 4 4.71 2.83 -1.23
N DPR A 5 5.59 -1.70 2.77
CA DPR A 5 4.91 -2.63 3.68
CB DPR A 5 5.85 -3.86 3.67
CG DPR A 5 6.96 -3.54 2.72
CD DPR A 5 6.46 -2.44 1.84
C DPR A 5 3.51 -3.01 3.17
O DPR A 5 3.13 -2.66 2.05
HA DPR A 5 4.84 -2.23 4.67
HB2 DPR A 5 6.22 -4.03 4.67
HB3 DPR A 5 5.29 -4.73 3.35
HG2 DPR A 5 7.83 -3.21 3.27
HG3 DPR A 5 7.20 -4.41 2.13
HD2 DPR A 5 7.27 -1.86 1.44
HD3 DPR A 5 5.88 -2.85 1.03
N DHI A 6 2.74 -3.74 3.97
CA DHI A 6 1.41 -4.10 3.54
C DHI A 6 1.46 -5.41 2.75
O DHI A 6 2.33 -6.27 3.01
CB DHI A 6 0.34 -4.10 4.67
CG DHI A 6 0.18 -5.35 5.49
ND1 DHI A 6 -0.94 -6.14 5.40
CD2 DHI A 6 0.96 -5.94 6.44
CE1 DHI A 6 -0.85 -7.14 6.23
NE2 DHI A 6 0.29 -7.05 6.88
H DHI A 6 3.11 -4.06 4.83
HA DHI A 6 1.15 -3.34 2.82
HB2 DHI A 6 0.59 -3.31 5.37
HB3 DHI A 6 -0.62 -3.86 4.23
HD1 DHI A 6 -1.73 -5.94 4.83
HD2 DHI A 6 1.91 -5.58 6.80
HE1 DHI A 6 -1.59 -7.92 6.36
HE2 DHI A 6 0.40 -7.45 7.77
N DLE A 7 0.57 -5.52 1.78
CA DLE A 7 0.51 -6.58 0.76
CB DLE A 7 0.66 -8.00 1.33
CG DLE A 7 -0.61 -8.69 1.85
CD1 DLE A 7 -0.27 -9.94 2.61
CD2 DLE A 7 -1.49 -7.78 2.68
C DLE A 7 1.50 -6.26 -0.34
O DLE A 7 1.90 -7.13 -1.14
H DLE A 7 -0.11 -4.82 1.70
HA DLE A 7 -0.47 -6.49 0.31
HB2 DLE A 7 1.08 -8.63 0.54
HB3 DLE A 7 1.37 -7.96 2.14
HG DLE A 7 -1.19 -9.02 0.99
HD11 DLE A 7 -1.18 -10.39 3.00
HD12 DLE A 7 0.39 -9.69 3.44
HD13 DLE A 7 0.23 -10.64 1.97
HD21 DLE A 7 -0.92 -7.42 3.53
HD22 DLE A 7 -2.35 -8.33 3.02
HD23 DLE A 7 -1.80 -6.94 2.08
N DLY A 8 1.86 -4.99 -0.42
CA DLY A 8 2.83 -4.45 -1.38
C DLY A 8 2.26 -3.19 -1.98
O DLY A 8 1.18 -2.76 -1.59
CB DLY A 8 4.21 -4.15 -0.74
CG DLY A 8 5.12 -5.35 -0.41
CD DLY A 8 4.60 -6.24 0.70
CE DLY A 8 5.55 -7.38 0.99
NZ DLY A 8 5.03 -8.30 2.03
H DLY A 8 1.41 -4.35 0.17
HA DLY A 8 2.95 -5.19 -2.16
HB2 DLY A 8 4.76 -3.50 -1.41
HB3 DLY A 8 4.03 -3.61 0.19
HG2 DLY A 8 5.22 -5.96 -1.30
HG3 DLY A 8 6.10 -4.98 -0.13
HD2 DLY A 8 4.48 -5.64 1.60
HD3 DLY A 8 3.64 -6.64 0.41
HE2 DLY A 8 5.72 -7.94 0.08
HE3 DLY A 8 6.48 -6.96 1.33
HZ1 DLY A 8 5.74 -9.03 2.23
HZ2 DLY A 8 4.18 -8.82 1.71
HZ3 DLY A 8 4.82 -7.79 2.90
N DLE A 9 2.98 -2.58 -2.89
CA DLE A 9 2.49 -1.39 -3.58
CB DLE A 9 3.10 -1.22 -5.01
CG DLE A 9 4.65 -1.37 -5.25
CD1 DLE A 9 5.52 -0.66 -4.21
CD2 DLE A 9 5.06 -2.84 -5.44
C DLE A 9 2.63 -0.13 -2.74
O DLE A 9 3.21 -0.13 -1.67
H DLE A 9 3.88 -2.92 -3.07
HA DLE A 9 1.43 -1.54 -3.70
HB2 DLE A 9 2.62 -1.92 -5.66
HB3 DLE A 9 2.82 -0.22 -5.35
HG DLE A 9 4.86 -0.86 -6.18
HD11 DLE A 9 5.30 0.40 -4.23
HD12 DLE A 9 6.56 -0.82 -4.45
HD13 DLE A 9 5.32 -1.04 -3.23
HD21 DLE A 9 4.53 -3.25 -6.29
HD22 DLE A 9 4.82 -3.43 -4.56
HD23 DLE A 9 6.12 -2.88 -5.62
N DCY A 10 2.05 0.94 -3.24
CA DCY A 10 2.10 2.24 -2.63
C DCY A 10 2.16 3.25 -3.70
O DCY A 10 1.60 3.05 -4.77
CB DCY A 10 0.83 2.54 -1.85
SG DCY A 10 0.59 1.60 -0.35
H DCY A 10 1.55 0.89 -4.08
HA DCY A 10 2.95 2.30 -1.98
HB2 DCY A 10 0.84 3.59 -1.57
HB3 DCY A 10 -0.02 2.37 -2.49
N DLY A 11 2.85 4.31 -3.45
CA DLY A 11 2.76 5.43 -4.31
C DLY A 11 1.95 6.52 -3.62
O DLY A 11 1.51 7.47 -4.24
CB DLY A 11 4.15 5.90 -4.79
CG DLY A 11 5.12 6.31 -3.71
CD DLY A 11 6.44 6.75 -4.31
CE DLY A 11 7.47 7.13 -3.25
NZ DLY A 11 7.85 6.00 -2.39
H DLY A 11 3.47 4.32 -2.69
HA DLY A 11 2.19 5.09 -5.17
HB2 DLY A 11 4.58 5.05 -5.31
HB3 DLY A 11 4.01 6.71 -5.48
HG2 DLY A 11 4.69 7.13 -3.14
HG3 DLY A 11 5.29 5.47 -3.05
HD2 DLY A 11 6.84 5.94 -4.89
HD3 DLY A 11 6.27 7.59 -4.95
HE2 DLY A 11 8.35 7.50 -3.74
HE3 DLY A 11 7.05 7.91 -2.64
HZ1 DLY A 11 8.25 5.20 -2.93
HZ2 DLY A 11 7.03 5.64 -1.83
HZ3 DLY A 11 8.56 6.30 -1.70
N DGL A 12 1.72 6.32 -2.31
CA DGL A 12 0.92 7.19 -1.48
C DGL A 12 0.60 6.43 -0.17
O DGL A 12 1.40 5.58 0.28
CB DGL A 12 1.68 8.52 -1.18
CG DGL A 12 0.90 9.51 -0.32
CD DGL A 12 1.59 10.84 -0.16
OE1 DGL A 12 1.29 11.78 -0.95
OE2 DGL A 12 2.41 11.00 0.75
H DGL A 12 2.12 5.53 -1.87
HA DGL A 12 0.00 7.40 -2.00
HB2 DGL A 12 2.59 8.28 -0.67
HB3 DGL A 12 1.91 8.99 -2.12
HG2 DGL A 12 -0.06 9.69 -0.79
HG3 DGL A 12 0.74 9.08 0.65
N DSG A 13 -0.58 6.69 0.42
CA DSG A 13 -0.97 6.02 1.69
C DSG A 13 0.01 6.33 2.76
O DSG A 13 0.47 5.46 3.47
CB DSG A 13 -2.39 6.42 2.18
CG DSG A 13 -3.53 5.80 1.40
OD1 DSG A 13 -4.00 4.72 1.74
ND2 DSG A 13 -4.00 6.46 0.39
H DSG A 13 -1.18 7.36 0.03
HA DSG A 13 -0.95 4.95 1.51
HB2 DSG A 13 -2.49 6.10 3.20
HB3 DSG A 13 -2.48 7.49 2.14
HD21 DSG A 13 -3.61 7.33 0.15
HD22 DSG A 13 -4.76 6.10 -0.13
N DLY A 14 0.41 7.59 2.81
CA DLY A 14 1.35 8.08 3.81
C DLY A 14 2.75 7.54 3.56
O DLY A 14 3.65 7.68 4.40
CB DLY A 14 1.36 9.61 3.76
CG DLY A 14 0.01 10.25 4.06
CD DLY A 14 0.02 11.75 3.84
CE DLY A 14 1.02 12.45 4.74
NZ DLY A 14 1.07 13.91 4.51
H DLY A 14 0.05 8.22 2.15
HA DLY A 14 1.01 7.76 4.78
HB2 DLY A 14 2.06 9.97 4.50
HB3 DLY A 14 1.68 9.93 2.78
HG2 DLY A 14 -0.74 9.81 3.42
HG3 DLY A 14 -0.25 10.05 5.10
HD2 DLY A 14 0.28 11.95 2.82
HD3 DLY A 14 -0.96 12.15 4.04
HE2 DLY A 14 0.75 12.27 5.77
HE3 DLY A 14 2.01 12.04 4.56
HZ1 DLY A 14 0.13 14.34 4.68
HZ2 DLY A 14 1.32 14.12 3.52
HZ3 DLY A 14 1.76 14.38 5.12
N DAS A 15 2.95 6.94 2.40
CA DAS A 15 4.23 6.37 2.03
C DAS A 15 4.28 4.91 2.46
O DAS A 15 5.36 4.35 2.66
CB DAS A 15 4.46 6.52 0.51
CG DAS A 15 5.82 6.07 0.06
OD1 DAS A 15 5.90 5.18 -0.80
OD2 DAS A 15 6.83 6.63 0.51
H DAS A 15 2.19 6.85 1.79
HA DAS A 15 5.00 6.91 2.56
HB2 DAS A 15 3.72 5.95 -0.01
HB3 DAS A 15 4.34 7.57 0.26
N DCY A 16 3.13 4.29 2.61
CA DCY A 16 3.07 2.95 3.21
C DCY A 16 3.16 3.07 4.73
O DCY A 16 2.60 3.99 5.33
CB DCY A 16 1.78 2.18 2.85
SG DCY A 16 1.59 0.63 3.85
H DCY A 16 2.31 4.73 2.29
HA DCY A 16 3.93 2.40 2.86
HB2 DCY A 16 0.93 2.80 3.03
HB3 DCY A 16 1.82 1.90 1.80
N DCY A 17 3.82 2.10 5.35
CA DCY A 17 4.01 2.06 6.80
C DCY A 17 2.64 1.94 7.49
O DCY A 17 2.39 2.57 8.51
CB DCY A 17 4.87 0.87 7.19
SG DCY A 17 6.40 0.66 6.19
H DCY A 17 4.18 1.37 4.79
HA DCY A 17 4.49 2.98 7.11
HB2 DCY A 17 5.17 0.97 8.22
HB3 DCY A 17 4.28 -0.04 7.07
N DSN A 18 1.78 1.14 6.89
CA DSN A 18 0.47 0.87 7.43
C DSN A 18 -0.54 1.95 7.01
O DSN A 18 -1.61 2.06 7.61
CB DSN A 18 0.02 -0.49 6.96
OG DSN A 18 0.98 -1.49 7.33
H DSN A 18 2.02 0.70 6.05
HA DSN A 18 0.55 0.86 8.51
HB2 DSN A 18 -0.94 -0.73 7.40
HB3 DSN A 18 -0.07 -0.49 5.89
HG DSN A 18 0.48 -2.32 7.39
N DLY A 19 -0.17 2.74 5.99
CA DLY A 19 -1.02 3.82 5.46
C DLY A 19 -2.42 3.31 5.01
O DLY A 19 -3.44 4.00 5.11
CB DLY A 19 -1.11 4.93 6.54
CG DLY A 19 -1.73 6.25 6.09
CD DLY A 19 -1.72 7.25 7.21
CE DLY A 19 -2.28 8.58 6.78
NZ DLY A 19 -2.20 9.60 7.85
H DLY A 19 0.72 2.63 5.60
HA DLY A 19 -0.52 4.23 4.60
HB2 DLY A 19 -1.70 4.55 7.36
HB3 DLY A 19 -0.11 5.13 6.89
HG2 DLY A 19 -1.16 6.64 5.26
HG3 DLY A 19 -2.75 6.06 5.78
HD2 DLY A 19 -2.32 6.86 8.03
HD3 DLY A 19 -0.70 7.39 7.55
HE2 DLY A 19 -1.74 8.93 5.91
HE3 DLY A 19 -3.32 8.44 6.51
HZ1 DLY A 19 -1.21 9.75 8.11
HZ2 DLY A 19 -2.73 9.32 8.69
HZ3 DLY A 19 -2.59 10.51 7.51
N DLY A 20 -2.46 2.11 4.47
CA DLY A 20 -3.72 1.49 4.02
C DLY A 20 -3.61 1.06 2.57
O DLY A 20 -3.59 -0.14 2.26
CB DLY A 20 -4.07 0.27 4.90
CG DLY A 20 -4.27 0.59 6.39
CD DLY A 20 -4.52 -0.67 7.22
CE DLY A 20 -5.76 -1.41 6.76
NZ DLY A 20 -6.04 -2.61 7.57
H DLY A 20 -1.63 1.60 4.34
HA DLY A 20 -4.50 2.23 4.12
HB2 DLY A 20 -4.98 -0.16 4.52
HB3 DLY A 20 -3.27 -0.46 4.82
HG2 DLY A 20 -3.39 1.09 6.76
HG3 DLY A 20 -5.13 1.25 6.48
HD2 DLY A 20 -3.67 -1.33 7.12
HD3 DLY A 20 -4.64 -0.39 8.26
HE2 DLY A 20 -6.61 -0.75 6.82
HE3 DLY A 20 -5.62 -1.71 5.73
HZ1 DLY A 20 -6.28 -2.37 8.56
HZ2 DLY A 20 -5.22 -3.24 7.60
HZ3 DLY A 20 -6.83 -3.15 7.16
N DCY A 21 -3.55 2.02 1.68
CA DCY A 21 -3.33 1.75 0.28
C DCY A 21 -4.61 1.92 -0.55
O DCY A 21 -5.19 3.00 -0.59
CB DCY A 21 -2.26 2.69 -0.26
SG DCY A 21 -0.72 2.71 0.72
H DCY A 21 -3.68 2.95 1.96
HA DCY A 21 -2.99 0.73 0.15
HB2 DCY A 21 -2.00 2.38 -1.27
HB3 DCY A 21 -2.65 3.69 -0.29
N DLY A 22 -5.01 0.86 -1.19
CA DLY A 22 -6.16 0.84 -2.08
C DLY A 22 -5.81 0.02 -3.32
O DLY A 22 -4.94 -0.84 -3.27
CB DLY A 22 -7.41 0.29 -1.38
CG DLY A 22 -7.95 1.20 -0.28
CD DLY A 22 -9.24 0.67 0.36
CE DLY A 22 -9.03 -0.65 1.09
NZ DLY A 22 -10.25 -1.09 1.78
H DLY A 22 -4.49 0.02 -1.10
HA DLY A 22 -6.34 1.86 -2.40
HB2 DLY A 22 -8.19 0.16 -2.13
HB3 DLY A 22 -7.17 -0.67 -0.96
HG2 DLY A 22 -7.20 1.28 0.49
HG3 DLY A 22 -8.14 2.17 -0.70
HD2 DLY A 22 -9.59 1.40 1.07
HD3 DLY A 22 -9.98 0.54 -0.41
HE2 DLY A 22 -8.75 -1.40 0.37
HE3 DLY A 22 -8.23 -0.51 1.80
HZ1 DLY A 22 -11.04 -1.17 1.12
HZ2 DLY A 22 -10.54 -0.40 2.51
HZ3 DLY A 22 -10.13 -2.00 2.25
N DAR A 23 -6.44 0.31 -4.42
CA DAR A 23 -6.18 -0.42 -5.65
CB DAR A 23 -5.73 0.52 -6.78
CG DAR A 23 -6.65 1.66 -7.12
CD DAR A 23 -6.00 2.61 -8.10
NE DAR A 23 -5.60 1.98 -9.37
CZ DAR A 23 -5.07 2.64 -10.42
NH1 DAR A 23 -4.81 3.95 -10.32
NH2 DAR A 23 -4.79 1.99 -11.54
C DAR A 23 -7.35 -1.30 -6.04
O DAR A 23 -8.35 -1.30 -5.34
H DAR A 23 -7.13 1.01 -4.42
HA DAR A 23 -5.35 -1.08 -5.43
HB2 DAR A 23 -4.77 0.95 -6.54
HB3 DAR A 23 -5.61 -0.08 -7.68
HG2 DAR A 23 -7.58 1.29 -7.54
HG3 DAR A 23 -6.87 2.20 -6.22
HD2 DAR A 23 -6.70 3.40 -8.34
HD3 DAR A 23 -5.13 3.03 -7.64
HE DAR A 23 -5.73 1.01 -9.44
HH11 DAR A 23 -4.98 4.48 -9.50
HH12 DAR A 23 -4.42 4.46 -11.10
HH21 DAR A 23 -4.96 1.01 -11.63
HH22 DAR A 23 -4.38 2.45 -12.35
N DAR A 24 -7.20 -2.05 -7.13
CA DAR A 24 -8.20 -3.03 -7.65
CB DAR A 24 -9.64 -2.47 -7.84
CG DAR A 24 -9.85 -1.51 -9.01
CD DAR A 24 -9.24 -0.15 -8.77
NE DAR A 24 -9.45 0.73 -9.92
CZ DAR A 24 -9.70 2.04 -9.86
NH1 DAR A 24 -9.86 2.66 -8.69
NH2 DAR A 24 -9.84 2.72 -10.99
C DAR A 24 -8.27 -4.29 -6.79
O DAR A 24 -7.72 -4.34 -5.68
H DAR A 24 -6.34 -2.01 -7.61
HA DAR A 24 -7.83 -3.33 -8.61
HB2 DAR A 24 -10.32 -3.30 -7.97
HB3 DAR A 24 -9.92 -1.95 -6.93
HG2 DAR A 24 -9.39 -1.93 -9.89
HG3 DAR A 24 -10.91 -1.40 -9.18
HD2 DAR A 24 -9.69 0.28 -7.89
HD3 DAR A 24 -8.18 -0.28 -8.61
HE DAR A 24 -9.38 0.29 -10.80
HH11 DAR A 24 -9.80 2.18 -7.81
HH12 DAR A 24 -10.05 3.65 -8.65
HH21 DAR A 24 -9.77 2.26 -11.87
HH22 DAR A 24 -10.02 3.70 -11.02
N GLY A 25 -8.88 -5.33 -7.33
CA GLY A 25 -9.11 -6.56 -6.61
C GLY A 25 -7.88 -7.44 -6.53
N DTH A 26 -7.00 -7.11 -5.62
CA DTH A 26 -5.81 -7.89 -5.38
CB DTH A 26 -5.24 -7.56 -3.97
CG2 DTH A 26 -6.31 -7.63 -2.91
OG1 DTH A 26 -4.17 -8.45 -3.62
C DTH A 26 -4.77 -7.61 -6.46
O DTH A 26 -3.96 -8.48 -6.83
H DTH A 26 -7.18 -6.30 -5.11
HA DTH A 26 -6.08 -8.94 -5.40
HB DTH A 26 -4.84 -6.55 -4.00
HG21 DTH A 26 -5.87 -7.43 -1.94
HG22 DTH A 26 -6.76 -8.61 -2.91
HG23 DTH A 26 -7.06 -6.88 -3.12
HG1 DTH A 26 -4.51 -9.11 -3.00
N DSG A 27 -4.83 -6.40 -6.99
CA DSG A 27 -3.91 -5.92 -8.00
C DSG A 27 -4.42 -4.57 -8.47
O DSG A 27 -5.08 -3.88 -7.69
CB DSG A 27 -2.48 -5.79 -7.41
CG DSG A 27 -1.43 -5.30 -8.41
OD1 DSG A 27 -1.23 -4.12 -8.55
ND2 DSG A 27 -0.74 -6.18 -9.05
H DSG A 27 -5.54 -5.78 -6.73
HA DSG A 27 -3.90 -6.62 -8.83
HB2 DSG A 27 -2.50 -5.09 -6.59
HB3 DSG A 27 -2.17 -6.75 -7.04
HD21 DSG A 27 -0.90 -7.14 -8.87
HD22 DSG A 27 -0.06 -5.87 -9.70
N DIL A 28 -4.15 -4.22 -9.71
CA DIL A 28 -4.62 -2.97 -10.31
C DIL A 28 -3.99 -1.73 -9.65
O DIL A 28 -4.64 -0.67 -9.55
CB DIL A 28 -4.34 -2.95 -11.86
CG1 DIL A 28 -2.82 -3.02 -12.14
CG2 DIL A 28 -4.98 -1.74 -12.52
CD1 DIL A 28 -2.47 -3.00 -13.61
H DIL A 28 -3.61 -4.83 -10.26
HA DIL A 28 -5.69 -2.90 -10.16
HB DIL A 28 -4.82 -3.83 -12.27
HG12 DIL A 28 -2.34 -2.19 -11.68
HG13 DIL A 28 -2.44 -3.94 -11.72
HG21 DIL A 28 -4.57 -0.83 -12.09
HG22 DIL A 28 -6.05 -1.75 -12.37
HG23 DIL A 28 -4.77 -1.75 -13.58
HD11 DIL A 28 -2.79 -2.06 -14.04
HD12 DIL A 28 -2.96 -3.81 -14.12
HD13 DIL A 28 -1.40 -3.10 -13.72
N DGL A 29 -2.78 -1.89 -9.16
CA DGL A 29 -2.03 -0.79 -8.59
C DGL A 29 -2.47 -0.51 -7.18
O DGL A 29 -3.16 -1.32 -6.54
CB DGL A 29 -0.53 -1.07 -8.59
CG DGL A 29 0.07 -1.34 -9.95
CD DGL A 29 1.56 -1.44 -9.87
OE1 DGL A 29 2.08 -2.51 -9.50
OE2 DGL A 29 2.24 -0.44 -10.17
H DGL A 29 -2.35 -2.77 -9.16
HA DGL A 29 -2.22 0.09 -9.20
HB2 DGL A 29 -0.03 -0.22 -8.16
HB3 DGL A 29 -0.35 -1.93 -7.96
HG2 DGL A 29 -0.32 -2.27 -10.33
HG3 DGL A 29 -0.19 -0.53 -10.62
N DLY A 30 -2.08 0.64 -6.71
CA DLY A 30 -2.38 1.09 -5.39
C DLY A 30 -1.55 0.25 -4.43
O DLY A 30 -0.32 0.37 -4.42
CB DLY A 30 -1.94 2.56 -5.28
CG DLY A 30 -2.59 3.34 -4.15
CD DLY A 30 -4.04 3.63 -4.47
CE DLY A 30 -4.64 4.57 -3.43
NZ DLY A 30 -5.99 5.04 -3.83
H DLY A 30 -1.53 1.20 -7.30
HA DLY A 30 -3.42 0.99 -5.16
HB2 DLY A 30 -0.88 2.59 -5.13
HB3 DLY A 30 -2.18 3.05 -6.21
HG2 DLY A 30 -2.54 2.75 -3.24
HG3 DLY A 30 -2.05 4.26 -4.01
HD2 DLY A 30 -4.10 4.10 -5.44
HD3 DLY A 30 -4.60 2.72 -4.47
HE2 DLY A 30 -4.72 4.04 -2.49
HE3 DLY A 30 -3.99 5.42 -3.32
HZ1 DLY A 30 -6.68 4.26 -3.88
HZ2 DLY A 30 -5.96 5.54 -4.74
HZ3 DLY A 30 -6.32 5.72 -3.12
N DAR A 31 -2.18 -0.62 -3.69
CA DAR A 31 -1.46 -1.45 -2.77
CB DAR A 31 -1.58 -2.94 -3.08
CG DAR A 31 -0.77 -3.43 -4.24
CD DAR A 31 -0.65 -4.94 -4.21
NE DAR A 31 0.29 -5.41 -5.22
CZ DAR A 31 0.87 -6.62 -5.23
NH1 DAR A 31 0.63 -7.50 -4.28
NH2 DAR A 31 1.70 -6.92 -6.21
C DAR A 31 -1.86 -1.22 -1.36
O DAR A 31 -3.04 -1.04 -1.05
H DAR A 31 -3.15 -0.71 -3.74
HA DAR A 31 -0.41 -1.18 -2.86
HB2 DAR A 31 -1.27 -3.50 -2.20
HB3 DAR A 31 -2.63 -3.17 -3.27
HG2 DAR A 31 -1.23 -3.12 -5.16
HG3 DAR A 31 0.23 -3.00 -4.18
HD2 DAR A 31 -0.32 -5.24 -3.24
HD3 DAR A 31 -1.62 -5.36 -4.41
HE DAR A 31 0.51 -4.76 -5.92
HH11 DAR A 31 0.01 -7.31 -3.50
HH12 DAR A 31 1.05 -8.41 -4.27
HH21 DAR A 31 1.90 -6.25 -6.94
HH22 DAR A 31 2.18 -7.81 -6.31
N DCY A 32 -0.89 -1.22 -0.50
CA DCY A 32 -1.13 -1.20 0.89
C DCY A 32 -1.41 -2.62 1.20
O DCY A 32 -0.70 -3.47 0.69
CB DCY A 32 0.12 -0.75 1.65
SG DCY A 32 -0.19 -0.16 3.34
H DCY A 32 0.04 -1.32 -0.82
HA DCY A 32 -1.98 -0.59 1.13
HB2 DCY A 32 0.84 -1.56 1.72
HB3 DCY A 32 0.60 0.07 1.13
N DAR A 33 -2.45 -2.91 1.92
CA DAR A 33 -2.83 -4.27 2.16
CB DAR A 33 -3.49 -4.89 0.90
CG DAR A 33 -4.69 -4.15 0.40
CD DAR A 33 -5.12 -4.67 -0.93
NE DAR A 33 -6.37 -4.05 -1.33
CZ DAR A 33 -6.75 -3.76 -2.59
NH1 DAR A 33 -5.87 -3.86 -3.59
NH2 DAR A 33 -7.98 -3.35 -2.83
C DAR A 33 -3.65 -4.43 3.41
O DAR A 33 -3.11 -4.94 4.39
OXT DAR A 33 -4.83 -4.00 3.43
H DAR A 33 -2.99 -2.18 2.30
HA DAR A 33 -1.91 -4.81 2.31
HB2 DAR A 33 -2.75 -4.92 0.11
HB3 DAR A 33 -3.78 -5.91 1.13
HG2 DAR A 33 -5.50 -4.28 1.11
HG3 DAR A 33 -4.44 -3.10 0.31
HD2 DAR A 33 -4.36 -4.44 -1.66
HD3 DAR A 33 -5.26 -5.74 -0.86
HE DAR A 33 -6.97 -3.90 -0.57
HH11 DAR A 33 -4.92 -4.14 -3.44
HH12 DAR A 33 -6.16 -3.67 -4.54
HH21 DAR A 33 -8.64 -3.23 -2.08
HH22 DAR A 33 -8.31 -3.13 -3.75
#